data_9MH0
#
_entry.id   9MH0
#
_cell.length_a   1.00
_cell.length_b   1.00
_cell.length_c   1.00
_cell.angle_alpha   90.00
_cell.angle_beta   90.00
_cell.angle_gamma   90.00
#
_symmetry.space_group_name_H-M   'P 1'
#
loop_
_entity.id
_entity.type
_entity.pdbx_description
1 polymer 'Chlorophyll a-b binding protein, chloroplastic'
2 polymer LHCA2
3 polymer LHCA3
4 polymer LHCA7
5 polymer LHCA8
6 polymer LHCA9
7 polymer 'Photosystem I P700 chlorophyll a apoprotein A1'
8 polymer 'Photosystem I P700 chlorophyll a apoprotein A2'
9 polymer 'Photosystem I iron-sulfur center'
10 polymer PSAD1
11 polymer PSAE1
12 polymer PSAF1
13 polymer PSAG1
14 polymer PSAH1
15 polymer PSAI1
16 polymer 'Photosystem I reaction center subunit IX'
17 polymer PSAK1
18 polymer PSAL1
19 non-polymer 'CHLOROPHYLL B'
20 non-polymer 'CHLOROPHYLL A'
21 non-polymer "(3R,3'R,6S)-4,5-DIDEHYDRO-5,6-DIHYDRO-BETA,BETA-CAROTENE-3,3'-DIOL"
22 non-polymer "(3S,5R,6S,3'S,5'R,6'S)-5,6,5',6'-DIEPOXY-5,6,5',6'- TETRAHYDRO-BETA,BETA-CAROTENE-3,3'-DIOL"
23 non-polymer BETA-CAROTENE
24 non-polymer 1,2-DIPALMITOYL-PHOSPHATIDYL-GLYCEROLE
25 non-polymer PHOSPHATIDYLETHANOLAMINE
26 non-polymer 1,2-DI-O-ACYL-3-O-[6-DEOXY-6-SULFO-ALPHA-D-GLUCOPYRANOSYL]-SN-GLYCEROL
27 non-polymer 1,2-DIACYL-GLYCEROL-3-SN-PHOSPHATE
28 non-polymer 1,2-DISTEAROYL-MONOGALACTOSYL-DIGLYCERIDE
29 non-polymer 'DIGALACTOSYL DIACYL GLYCEROL (DGDG)'
30 non-polymer trimethyl-[(2~{R})-1-oxidanyl-1-oxidanylidene-4-[(2~{S})-2-[(1~{S})-1-oxidanyloctadecoxy]-3-[(1~{R})-1-oxidanyloctadecoxy]propoxy]butan-2-yl]azanium
31 non-polymer DODECYL-ALPHA-D-MALTOSIDE
32 non-polymer 'CHLOROPHYLL A ISOMER'
33 non-polymer PHYLLOQUINONE
34 non-polymer 'IRON/SULFUR CLUSTER'
35 non-polymer octadecanal
36 non-polymer Tripalmitoylglycerol
#
loop_
_entity_poly.entity_id
_entity_poly.type
_entity_poly.pdbx_seq_one_letter_code
_entity_poly.pdbx_strand_id
1 'polypeptide(L)'
;MQVMQKTLGASPVHKQAVNRSVVRPCVRVHATRAGNFAPGSEPKDYLEGLPGNYNFDPLELGKEKGTLQRYREAELIHCR
WAMLGAAGCLAVEVLGLGNWYDAPLWAVTGDKPTWFGIEVPFDIATILGVEVVAMAVAEGLRNENQDMEKRLYPGGAFDP
LGFSKDPKSFEDKKLKELKNGRLAMVACLGFAGQHAATGKPILAALGDHLSSPFFNNFATNGVSVPGL
;
1
2 'polypeptide(L)'
;MSALLMNKGIAGASSCALKAGTRSVGRITPAPARRNVAAQAGREMWYPGATPPPHLDGSMLGDYGFDPLRLGTNPDRLKW
FREAELMNGRWAMAAVVGILFTDLVGLPKWWEAGAQTYPIDNQTLLIIEIAVFSFLESKRYEGYKKTGGTGFAFFFPFDP
MGMRSQDKELKELKNGRLAMLAFLGFASTAAVNGQGPIESLQTHLADPAHNNIFTSSVGKESCVFVAVLSILPMLIEANK
ALGKGQESVPLFPWNEEWEKVAK
;
2
3 'polypeptide(L)'
;MASLFSKQAALQGLTAPKSLSRRQVVVRAEGEQQPPPAAPKVAPKAAAPEAKAAAPAAEAKAAPKAAPKAAPKAAPKEQT
SVAKIDRSKDFLYVGSDAAALKYLDGTLPGDYGFDPLGLLDPSVSGGKGEGGFVNPRWLQYSEVIHARWAMLGAAGCIAP
EILGKAGVIPAETAVDWFRTGVIPPAGVYKNFWADPFTLFFIEVVAIQFAELKRLQDYKNPGSQSRQYFLGLEGLFKGSD
NPAYPGGPFFNFANFGKTEEEMKKLKLNEIKNGRLAMLAMFGYGAQAVITGDGPFDNLLAHLADPTGNNLITNLGGKFGQ
;
3
4 'polypeptide(L)'
;MSALMNKSVSLQAASKAPLAARSIAPRSVASRTRNVALRAGADRPLWSPGSEPPAWLDGSLAGDYGFDPLHLSEEPEMRK
WMVQAELVHARWAMLGVAGILFTSIAAKTGAPFPDWYDAGKEAIKTSPAPLGSLIFTELLLFGWVETKRLYDLRNPGSQG
DGSFLGITDGLKGKENGYPGGLFDPMGMSKNEASYKEAKVKEIKNGRLAMLAFVGFIAQHHATHKSPIDNLLDHVADPFH
VTFATNGVSIPHFTEF
;
7
5 'polypeptide(L)'
;MQVTQKQMMRASGVKAPLSRRGVTVKASMQGNWLPGSQTPAHLKDLKMAGNFGFDPLNLGAEPQALRWYQQAELVHSRTA
MMGVAGILIPGIFTKLGALNVPQWYEAGKVYIEGEGAIPFGTLLMTTLFSYAFVEGKRWQDFRKPGSQAEPGTFFGLESQ
FKGTENGYPGGIFDPLGYSKTSPEKLDELKLKEIKNGRLAMVAFLGFAGQYGATGKGPIDNLADHLADPWHNTFAENGIS
VPGLSAVEQAAANL
;
8
6 'polypeptide(L)'
;MAVLTSKMSTKLTSSGVRPVKPTTRASRMVMKASNRPLWLPDVIPPPHLNGTLPGDSGFDPLGLGLNEERLKWYVEAEKM
NGRWAMMAVTGIMGQELLGVPVKWFEAGAAEYDLPVQAQVPILFLVMGFLETKRFQGFRETGTSGFINSYPFDPVGLNSP
KHAVNEVKNGRLAMVAFVGFAVQALVTRTQPIEGLQKHLADPFGKNITYYLTHTPEVIAGTA
;
9
7 'polypeptide(L)'
;MTISSPEREAKKVKIAVDRNPVETNFEKWAKPGHFSRALAKGPNTTTWIWNLHADAHDFDNHTSDLEEISRKVFSAHFGQ
LGIILIWLSGMYFHGARFSNYEGWLSDPTHIKPSAQVVWPIVGQEILNGDVGGGFQGIQITSGFFQLWRASGITSELQLY
STAIGGLVLAAACFFAGWFHYHKAAPKLEWFQNVESMLNHHLAGLLGLGSLAWAGHQIHVSLPVNKLLDAGVDPKEIPLP
HEFLLNQSIIADLYPSFSKGLAPFFTLNWAEYSDFLTFKGGLNPVTGGLWLSDTAHHHLAIAVLFLVAGHQYRTNWGIGH
SIKDILESHKGPFTGNGHAGLYEILTTSWHAQLAINLALFGSLSIIVAHHMYAMPPYPYLATDYGTQLSLFTHHMWIGGF
CVVGAGAHAAIFMVRDYDPTNNYNNLLDRVIRHRDAIISHLNWVSIFLGFHSFGLYIHNDTMSALGRPQDMFSDTAIQLQ
PVFAQWIQNTHFTAPQLTAPNALAATSLTWGGDVVAVGGKVAMMPIALGTSDFLVHHIHAFTIHVTVLILLKGVLFARSS
RLIPDKANLGFRFPCDGPGRGGTCQVSAWDHVFLGLFWMYNSLSIVIFHFSWKMQSDVWGTVTDSGVSHITGGNFAQSAN
TINGWLRDFLWAQSSQVIQSYGSALSAYGLMFLGAHFVWAFSLMFLFSGRGYWQELIESIVWAHNKLRVAPSIQPRALSI
TQGRAVGVAHYLLGGIATTWSFFLARIIAVG
;
A
8 'polypeptide(L)'
;MATKLFPKFSQGLAQDPSTRRIWYGLATAHDFESHDGMTEENLYQKIFASHFGQLAIIFLWTSGNLFHVAWQGNFEQWVT
DPIHVRPIAHAIWDPHFGQPAVEAFTRGGASGPVNIATSGVYQWWYTIGLRSNQELYVSSVFLALVSAVFLFAGWLHLQP
NFQPSLSWFKDAESRLNHHLAGLFGVSSLAWTGHLVHVAIPESRGQHVGWDNFLSVLPHPQGLTPFWSGNWAAYAQNPDT
ASHAFGTADGSGTAILTFLGGFHPQTQSLWLSDMAHHHLAIAVLFIVAGHMYRTNFGIGHRLEAILEAHTPPAGGLGAGH
KGLFHTVNNSLHFQLGLALASVGTITSLVAQHMYSLPPYAYLAVDFTTQASLYTHHQYIAGFIMCGAFAHGAIFFIRDYD
PEQNKGNVLARVLDHKEAIISHLSWVSLFLGFHTLGLYVHNDVVQAFGTPEKQILIEPVFAQWIQAAQGKSLYGFDLLLA
SSSSPAYSAGQSLWLPGWLEAINNNQNSLFLTIGPGDFLVHHAIALGLHTTTLILVKGALDARGSKLMPDKKDFGYSFPC
DGPGRGGTCDISAYDAFYLAVFWMLNTIGWVTFYWHWKHLTLWQGNVSQFDESSTYLMGWLRDYLWLNSSQLINGYNPFG
MNSLSVWAWTFLFGHLVYATGFMFLISWRGYWQELIETLVWAHEKTPLANLVYWKDKPVALSIVQARLVGLAHFSVGYIF
TYAAFLIASTAGRFG
;
B
9 'polypeptide(L)'
;MAHVVKIYDTCIGCTQCVRACPLDVLEMVPWDGCKAAQMASSPRTEDCVGCKRCETACPTDFLSVRVYLGNESTRSLGLA
Y
;
C
10 'polypeptide(L)'
;MQALRSTSAASRVSCRPGREARRSVLVRAEAAPPAAGAPPEPKAAGAPPAAPKKKAPPPPWKQPELDPDTPSPIFGGSTG
GLLRKAQVEEFYVTTWESPKEQIFEMPTGGAAIMRKGPNLLKLARKEHCLALTTQLRTKFRMSPCFYRVYADGKVEYLHP
KDGVYPEKVNAGRVGVNQNMRSIGKNVDPIKVKFTGSEPFEI
;
D
11 'polypeptide(L)'
;MAMLSASRISCRPSVSAKPQRTRLIVRAEGEAPPAAPKQAPAEAKAAPKGEAKAAPKKKEIGPKRGSLVKVLRPESYWYN
QVGKVVSVDQSGIRYPVVVRFENQNYAGVSTNNYALDEVTDPPSK
;
E
12 'polypeptide(L)'
;MASLTQMNLRSAPVARAPAARPVARRTATVARAHQQEQPAQNLGAVACATALALTMGLTADVQPASADIAGLTPCSESKA
YNKLERKELKVLDKRLKKYEPGSAPYLALQATKERTENRFKTYAKQGLLCGNDGLPHLISDPGLALRFNHAGEVFIPTFG
FLYVAGYIGHVGRQYIILSKEDAKPTDKEIILDVPLALKLAFQGWAWPLASIQELRNGSLLEKDENITVSPR
;
F
13 'polypeptide(L)'
;MALSSKANIQQFSRQATQSRAVVSRPASRQAVKTNALIAAPVAIGGSTAALLALGRFVFLPYQRRRTDMEVGPGRLGPKT
TGDTFFDRLQKPASFVETKSKDPSGFGLIDVLGWGALGHVFGYFLLACSSLQDAGIEPFPR
;
G
14 'polypeptide(L)'
;MALLAKTGAQTLASRRPAACRAPAPVRRNVKVCAKYGEQSKYFDLQDLENTTGAWDLYGVDEKKRYPGLQEEFFQRATDA
VSRREALNGFVALTGVASIALFGLKGASTLELPITKGPRMEKTENGKGGILRSRI
;
H
15 'polypeptide(L)'
;MLAQKNIVAKPCVRAAKPTAMPVKPMAMQKKQQAAGKVALSAGAVGLASAFAAAPVEAANIVANVASATEGYPFVPPDWA
PALFVPLTGLVLPAVGMAWAFTYIQKERQ
;
I
16 'polypeptide(L)' MKDFTTYLSTAPVVGLGWAIFTSGLLIEINRFFPDPLVFSF J
17 'polypeptide(L)'
;MALSLTRAPKVLPTRTQRAAPCPKVQQPRSRKAMVCKADASFIGSPTNLIMVSSIGACLFASRFGLAPSVRKVAQPLKLS
DREVLQTTGDPAGFTATDVLAMGAAGHAIGVGIVLGLKGIGQL
;
K
18 'polypeptide(L)'
;MMMLQKNVALQKSAVRSSVKPAGLPKFSRTPRGLTIRAANEEKKPQQVIQPINGDPFVGMLETPVTSAPIVANYLSNLPA
YRTGVAPNLRGVEIGLAHGFLLAGPFIKLGPLRDVPGTAEVVGCMSAAGLVLILALCLSLYGNAAFQNQPSMGKKTLSGR
PLPQDPLMSEEGWAKFAAGFTVGGLSGVAWAYILTQILPYYS
;
L
#
# COMPACT_ATOMS: atom_id res chain seq x y z
N THR A 32 60.98 -33.87 -1.27
CA THR A 32 61.50 -32.51 -1.12
C THR A 32 60.64 -31.69 -0.18
N ARG A 33 59.62 -32.33 0.40
CA ARG A 33 58.73 -31.67 1.34
C ARG A 33 59.47 -31.41 2.65
N ALA A 34 59.49 -30.15 3.08
CA ALA A 34 60.21 -29.79 4.30
C ALA A 34 59.52 -30.34 5.54
N GLY A 35 58.20 -30.23 5.60
CA GLY A 35 57.48 -30.68 6.77
C GLY A 35 56.00 -30.49 6.59
N ASN A 36 55.28 -30.52 7.71
CA ASN A 36 53.85 -30.33 7.73
C ASN A 36 53.49 -29.30 8.78
N PHE A 37 52.69 -28.30 8.40
CA PHE A 37 52.24 -27.30 9.36
C PHE A 37 51.25 -27.87 10.35
N ALA A 38 50.57 -28.96 9.99
CA ALA A 38 49.65 -29.68 10.85
C ALA A 38 49.82 -31.17 10.58
N PRO A 39 50.32 -31.94 11.55
CA PRO A 39 50.66 -33.35 11.30
C PRO A 39 49.44 -34.19 10.97
N GLY A 40 49.38 -34.70 9.75
CA GLY A 40 48.21 -35.40 9.26
C GLY A 40 47.37 -34.65 8.26
N SER A 41 47.88 -33.56 7.71
CA SER A 41 47.13 -32.75 6.77
C SER A 41 46.95 -33.47 5.44
N GLU A 42 45.93 -33.05 4.70
CA GLU A 42 45.67 -33.62 3.38
C GLU A 42 46.75 -33.18 2.41
N PRO A 43 47.35 -34.10 1.65
CA PRO A 43 48.41 -33.71 0.71
C PRO A 43 47.89 -32.93 -0.48
N LYS A 44 48.27 -31.66 -0.57
CA LYS A 44 47.87 -30.80 -1.69
C LYS A 44 48.90 -30.91 -2.80
N ASP A 45 48.46 -31.28 -3.99
CA ASP A 45 49.36 -31.59 -5.09
C ASP A 45 49.90 -30.37 -5.81
N TYR A 46 49.32 -29.19 -5.60
CA TYR A 46 49.78 -27.99 -6.31
C TYR A 46 50.96 -27.32 -5.65
N LEU A 47 51.38 -27.80 -4.47
CA LEU A 47 52.55 -27.26 -3.77
C LEU A 47 53.74 -28.19 -3.84
N GLU A 48 53.68 -29.22 -4.69
CA GLU A 48 54.76 -30.20 -4.76
C GLU A 48 55.96 -29.62 -5.50
N GLY A 49 57.14 -29.79 -4.91
CA GLY A 49 58.39 -29.40 -5.54
C GLY A 49 58.82 -27.97 -5.27
N LEU A 50 57.98 -27.14 -4.68
CA LEU A 50 58.35 -25.77 -4.41
C LEU A 50 59.33 -25.71 -3.23
N PRO A 51 60.23 -24.73 -3.22
CA PRO A 51 61.14 -24.57 -2.06
C PRO A 51 60.37 -24.14 -0.82
N GLY A 52 60.87 -24.59 0.33
CA GLY A 52 60.20 -24.32 1.59
C GLY A 52 58.81 -24.92 1.68
N ASN A 53 58.68 -26.19 1.30
CA ASN A 53 57.37 -26.82 1.11
C ASN A 53 56.88 -27.44 2.41
N TYR A 54 55.98 -26.74 3.08
CA TYR A 54 55.07 -27.35 4.04
C TYR A 54 53.72 -27.54 3.35
N ASN A 55 52.84 -28.27 4.00
CA ASN A 55 51.48 -28.43 3.47
C ASN A 55 50.56 -27.32 3.95
N PHE A 56 51.01 -26.07 3.79
CA PHE A 56 50.28 -24.90 4.23
C PHE A 56 49.19 -24.54 3.24
N ASP A 57 48.67 -23.31 3.33
CA ASP A 57 47.57 -22.77 2.54
C ASP A 57 46.28 -23.57 2.72
N PRO A 58 45.60 -23.46 3.86
CA PRO A 58 44.26 -24.08 3.97
C PRO A 58 43.25 -23.56 2.97
N LEU A 59 43.30 -22.27 2.63
CA LEU A 59 42.25 -21.65 1.83
C LEU A 59 42.47 -21.81 0.32
N GLU A 60 43.38 -22.70 -0.06
CA GLU A 60 43.62 -23.08 -1.46
C GLU A 60 43.97 -21.87 -2.33
N LEU A 61 44.76 -20.95 -1.77
CA LEU A 61 45.18 -19.77 -2.52
C LEU A 61 46.30 -20.13 -3.49
N GLY A 62 46.13 -19.73 -4.74
CA GLY A 62 47.11 -20.07 -5.76
C GLY A 62 47.17 -21.56 -6.05
N LYS A 63 46.00 -22.18 -6.17
CA LYS A 63 45.88 -23.60 -6.46
C LYS A 63 45.90 -23.89 -7.96
N GLU A 64 45.46 -22.94 -8.77
CA GLU A 64 45.29 -23.11 -10.22
C GLU A 64 46.53 -22.67 -10.98
N LYS A 65 47.71 -22.80 -10.35
CA LYS A 65 48.97 -22.23 -10.80
C LYS A 65 48.79 -20.74 -11.04
N GLY A 66 49.42 -20.20 -12.09
CA GLY A 66 49.22 -18.80 -12.41
C GLY A 66 49.72 -17.88 -11.32
N THR A 67 48.77 -17.36 -10.53
CA THR A 67 49.03 -16.51 -9.37
C THR A 67 49.92 -17.17 -8.32
N LEU A 68 50.00 -18.51 -8.34
CA LEU A 68 50.94 -19.21 -7.47
C LEU A 68 52.38 -18.80 -7.76
N GLN A 69 52.72 -18.64 -9.04
CA GLN A 69 54.02 -18.07 -9.40
C GLN A 69 54.13 -16.63 -8.93
N ARG A 70 53.05 -15.85 -9.06
CA ARG A 70 53.01 -14.50 -8.52
C ARG A 70 53.14 -14.51 -7.00
N TYR A 71 52.46 -15.46 -6.35
CA TYR A 71 52.58 -15.58 -4.89
C TYR A 71 54.00 -15.92 -4.47
N ARG A 72 54.67 -16.81 -5.21
CA ARG A 72 56.05 -17.16 -4.88
C ARG A 72 56.99 -15.98 -5.09
N GLU A 73 56.85 -15.28 -6.22
CA GLU A 73 57.72 -14.13 -6.49
C GLU A 73 57.42 -12.94 -5.59
N ALA A 74 56.24 -12.90 -4.97
CA ALA A 74 55.96 -11.83 -4.03
C ALA A 74 56.43 -12.20 -2.62
N GLU A 75 56.24 -13.45 -2.21
CA GLU A 75 56.70 -13.90 -0.90
C GLU A 75 58.22 -13.89 -0.81
N LEU A 76 58.90 -14.29 -1.89
CA LEU A 76 60.36 -14.36 -1.88
C LEU A 76 61.01 -13.00 -1.80
N ILE A 77 60.27 -11.90 -1.98
CA ILE A 77 60.82 -10.57 -1.79
C ILE A 77 60.23 -9.85 -0.58
N HIS A 78 58.98 -10.17 -0.19
CA HIS A 78 58.49 -9.72 1.11
C HIS A 78 59.35 -10.28 2.23
N CYS A 79 59.82 -11.53 2.09
CA CYS A 79 60.73 -12.13 3.07
C CYS A 79 62.02 -11.34 3.17
N ARG A 80 62.60 -10.96 2.04
CA ARG A 80 63.86 -10.23 2.06
C ARG A 80 63.69 -8.82 2.60
N TRP A 81 62.57 -8.17 2.28
CA TRP A 81 62.33 -6.84 2.82
C TRP A 81 62.12 -6.87 4.33
N ALA A 82 61.37 -7.86 4.83
CA ALA A 82 61.21 -8.00 6.28
C ALA A 82 62.54 -8.37 6.94
N MET A 83 63.36 -9.17 6.24
CA MET A 83 64.69 -9.51 6.74
C MET A 83 65.54 -8.25 6.92
N LEU A 84 65.52 -7.38 5.90
CA LEU A 84 66.24 -6.12 5.97
C LEU A 84 65.72 -5.23 7.09
N GLY A 85 64.40 -5.15 7.24
CA GLY A 85 63.82 -4.30 8.28
C GLY A 85 64.13 -4.76 9.68
N ALA A 86 63.97 -6.06 9.94
CA ALA A 86 64.27 -6.58 11.27
C ALA A 86 65.76 -6.55 11.55
N ALA A 87 66.59 -6.70 10.51
CA ALA A 87 68.03 -6.52 10.68
C ALA A 87 68.35 -5.08 11.08
N GLY A 88 67.68 -4.11 10.46
CA GLY A 88 67.89 -2.72 10.83
C GLY A 88 67.48 -2.44 12.26
N CYS A 89 66.33 -2.98 12.68
CA CYS A 89 65.88 -2.79 14.07
C CYS A 89 66.85 -3.45 15.06
N LEU A 90 67.29 -4.68 14.78
CA LEU A 90 68.21 -5.34 15.68
C LEU A 90 69.58 -4.66 15.70
N ALA A 91 70.01 -4.12 14.56
CA ALA A 91 71.29 -3.41 14.53
C ALA A 91 71.23 -2.08 15.26
N VAL A 92 70.10 -1.38 15.18
CA VAL A 92 69.99 -0.14 15.95
C VAL A 92 69.76 -0.42 17.43
N GLU A 93 69.35 -1.65 17.77
CA GLU A 93 69.14 -1.96 19.19
C GLU A 93 70.39 -2.53 19.86
N VAL A 94 70.96 -3.62 19.33
CA VAL A 94 72.01 -4.33 20.05
C VAL A 94 73.32 -3.55 20.05
N LEU A 95 73.51 -2.64 19.09
CA LEU A 95 74.67 -1.77 19.12
C LEU A 95 74.43 -0.50 19.92
N GLY A 96 73.23 -0.29 20.43
CA GLY A 96 72.91 0.83 21.29
C GLY A 96 73.02 2.20 20.62
N LEU A 97 72.57 2.31 19.38
CA LEU A 97 72.65 3.55 18.62
C LEU A 97 71.31 4.24 18.48
N GLY A 98 70.29 3.78 19.17
CA GLY A 98 68.98 4.41 19.14
C GLY A 98 67.88 3.38 19.20
N ASN A 99 66.67 3.83 18.89
CA ASN A 99 65.49 2.98 18.86
C ASN A 99 64.93 3.02 17.45
N TRP A 100 64.36 1.90 17.01
CA TRP A 100 63.84 1.80 15.64
C TRP A 100 62.64 2.73 15.45
N TYR A 101 61.79 2.87 16.46
CA TYR A 101 60.65 3.76 16.34
C TYR A 101 61.05 5.23 16.43
N ASP A 102 62.10 5.53 17.20
CA ASP A 102 62.62 6.88 17.32
C ASP A 102 63.63 7.22 16.24
N ALA A 103 64.01 6.24 15.42
CA ALA A 103 64.93 6.51 14.31
C ALA A 103 64.36 7.48 13.26
N PRO A 104 63.06 7.32 12.75
CA PRO A 104 62.53 8.31 11.79
C PRO A 104 61.95 9.55 12.47
N LEU A 105 62.70 10.11 13.41
CA LEU A 105 62.30 11.31 14.11
C LEU A 105 63.22 12.50 13.86
N TRP A 106 64.25 12.34 13.02
CA TRP A 106 65.12 13.47 12.72
C TRP A 106 64.46 14.43 11.75
N ALA A 107 63.55 13.94 10.91
CA ALA A 107 62.79 14.82 10.01
C ALA A 107 61.93 15.79 10.82
N VAL A 108 61.29 15.29 11.88
CA VAL A 108 60.60 16.17 12.81
C VAL A 108 61.64 16.90 13.66
N THR A 109 61.34 18.15 14.00
CA THR A 109 62.12 19.08 14.83
C THR A 109 63.43 19.52 14.19
N GLY A 110 63.78 19.02 13.00
CA GLY A 110 64.88 19.56 12.21
C GLY A 110 66.28 19.46 12.77
N ASP A 111 66.66 18.29 13.29
CA ASP A 111 68.04 18.03 13.66
C ASP A 111 68.66 17.09 12.64
N LYS A 112 70.00 17.07 12.59
CA LYS A 112 70.71 16.39 11.52
C LYS A 112 70.57 14.88 11.66
N PRO A 113 70.40 14.14 10.56
CA PRO A 113 70.36 12.68 10.65
C PRO A 113 71.73 12.09 10.96
N THR A 114 71.72 10.99 11.72
CA THR A 114 72.93 10.28 12.10
C THR A 114 72.78 8.82 11.72
N TRP A 115 73.73 8.30 10.96
CA TRP A 115 73.82 6.87 10.68
C TRP A 115 75.10 6.32 11.30
N PHE A 116 74.97 5.25 12.09
CA PHE A 116 76.07 4.60 12.81
C PHE A 116 76.79 5.58 13.73
N GLY A 117 76.08 6.59 14.25
CA GLY A 117 76.69 7.63 15.04
C GLY A 117 77.20 8.79 14.21
N ILE A 118 77.65 8.49 12.99
CA ILE A 118 78.21 9.53 12.11
C ILE A 118 77.07 10.36 11.54
N GLU A 119 77.20 11.69 11.63
CA GLU A 119 76.19 12.60 11.13
C GLU A 119 76.10 12.52 9.61
N VAL A 120 74.88 12.40 9.10
CA VAL A 120 74.64 12.34 7.65
C VAL A 120 74.46 13.75 7.12
N PRO A 121 75.26 14.17 6.13
CA PRO A 121 75.14 15.55 5.62
C PRO A 121 73.99 15.77 4.66
N PHE A 122 73.19 14.74 4.35
CA PHE A 122 72.12 14.86 3.39
C PHE A 122 70.92 15.59 3.99
N ASP A 123 69.98 15.93 3.13
CA ASP A 123 68.77 16.66 3.48
C ASP A 123 67.55 15.75 3.24
N ILE A 124 66.45 16.07 3.92
CA ILE A 124 65.24 15.23 3.88
C ILE A 124 64.68 15.20 2.46
N ALA A 125 64.63 16.35 1.80
CA ALA A 125 64.15 16.39 0.41
C ALA A 125 65.07 15.58 -0.50
N THR A 126 66.37 15.69 -0.29
CA THR A 126 67.35 14.95 -1.09
C THR A 126 67.22 13.45 -0.91
N ILE A 127 67.07 13.00 0.34
CA ILE A 127 66.98 11.56 0.62
C ILE A 127 65.66 11.03 0.06
N LEU A 128 64.60 11.84 0.14
CA LEU A 128 63.34 11.46 -0.48
C LEU A 128 63.49 11.31 -1.98
N GLY A 129 64.18 12.26 -2.63
CA GLY A 129 64.36 12.17 -4.07
C GLY A 129 65.13 10.95 -4.49
N VAL A 130 66.27 10.68 -3.83
CA VAL A 130 67.08 9.54 -4.25
C VAL A 130 66.34 8.24 -3.95
N GLU A 131 65.56 8.19 -2.86
CA GLU A 131 64.81 6.97 -2.55
C GLU A 131 63.73 6.69 -3.59
N VAL A 132 62.89 7.69 -3.90
CA VAL A 132 61.80 7.43 -4.83
C VAL A 132 62.27 7.28 -6.27
N VAL A 133 63.46 7.76 -6.64
CA VAL A 133 63.94 7.40 -7.97
C VAL A 133 64.73 6.08 -7.97
N ALA A 134 65.43 5.75 -6.88
CA ALA A 134 66.24 4.54 -6.86
C ALA A 134 65.38 3.29 -6.73
N MET A 135 64.36 3.33 -5.87
CA MET A 135 63.46 2.19 -5.81
C MET A 135 62.65 2.06 -7.08
N ALA A 136 62.33 3.18 -7.73
CA ALA A 136 61.64 3.14 -9.00
C ALA A 136 62.47 2.45 -10.07
N VAL A 137 63.74 2.83 -10.21
CA VAL A 137 64.57 2.18 -11.23
C VAL A 137 64.82 0.71 -10.87
N ALA A 138 64.96 0.40 -9.57
CA ALA A 138 65.18 -0.98 -9.17
C ALA A 138 64.00 -1.87 -9.53
N GLU A 139 62.79 -1.47 -9.12
CA GLU A 139 61.61 -2.26 -9.44
C GLU A 139 61.31 -2.26 -10.93
N GLY A 140 61.61 -1.17 -11.63
CA GLY A 140 61.39 -1.11 -13.06
C GLY A 140 62.24 -2.08 -13.83
N LEU A 141 63.56 -2.09 -13.59
CA LEU A 141 64.39 -3.10 -14.25
C LEU A 141 64.17 -4.50 -13.70
N ARG A 142 63.62 -4.63 -12.49
CA ARG A 142 63.20 -5.94 -12.02
C ARG A 142 62.02 -6.47 -12.83
N ASN A 143 61.09 -5.59 -13.18
CA ASN A 143 59.81 -6.01 -13.76
C ASN A 143 59.95 -6.58 -15.16
N GLU A 144 61.03 -6.30 -15.87
CA GLU A 144 61.19 -6.75 -17.26
C GLU A 144 62.04 -8.01 -17.37
N ASN A 145 61.92 -8.94 -16.41
CA ASN A 145 62.66 -10.19 -16.52
C ASN A 145 62.06 -11.11 -17.58
N GLN A 146 60.73 -11.18 -17.63
CA GLN A 146 59.94 -11.96 -18.60
C GLN A 146 60.21 -13.47 -18.52
N ASP A 147 60.86 -13.95 -17.47
CA ASP A 147 61.00 -15.38 -17.23
C ASP A 147 60.90 -15.62 -15.73
N MET A 148 60.22 -16.71 -15.37
CA MET A 148 59.80 -16.90 -13.97
C MET A 148 60.97 -17.27 -13.08
N GLU A 149 61.90 -18.09 -13.59
CA GLU A 149 63.02 -18.56 -12.77
C GLU A 149 63.95 -17.42 -12.37
N LYS A 150 64.26 -16.53 -13.32
CA LYS A 150 65.08 -15.38 -13.00
C LYS A 150 64.31 -14.36 -12.17
N ARG A 151 62.98 -14.32 -12.34
CA ARG A 151 62.15 -13.44 -11.52
C ARG A 151 62.19 -13.88 -10.06
N LEU A 152 62.18 -15.19 -9.81
CA LEU A 152 62.30 -15.71 -8.46
C LEU A 152 63.74 -15.59 -7.96
N TYR A 153 64.67 -16.20 -8.69
CA TYR A 153 66.08 -16.29 -8.28
C TYR A 153 66.93 -15.80 -9.44
N PRO A 154 67.31 -14.51 -9.44
CA PRO A 154 68.08 -13.96 -10.58
C PRO A 154 69.43 -14.62 -10.82
N GLY A 155 70.30 -14.61 -9.83
CA GLY A 155 71.64 -15.13 -10.03
C GLY A 155 72.45 -14.24 -10.95
N GLY A 156 73.56 -14.79 -11.43
CA GLY A 156 74.43 -14.07 -12.35
C GLY A 156 75.06 -12.85 -11.71
N ALA A 157 74.58 -11.67 -12.10
CA ALA A 157 75.03 -10.43 -11.48
C ALA A 157 74.61 -10.35 -10.02
N PHE A 158 73.51 -10.99 -9.65
CA PHE A 158 73.08 -11.09 -8.25
C PHE A 158 73.64 -12.34 -7.59
N ASP A 159 74.94 -12.56 -7.74
CA ASP A 159 75.65 -13.69 -7.15
C ASP A 159 77.15 -13.42 -7.15
N PRO A 160 77.64 -12.46 -6.33
CA PRO A 160 79.06 -12.12 -6.37
C PRO A 160 79.98 -13.24 -5.89
N LEU A 161 79.70 -13.77 -4.69
CA LEU A 161 80.51 -14.86 -4.16
C LEU A 161 80.12 -16.20 -4.76
N GLY A 162 78.90 -16.35 -5.26
CA GLY A 162 78.50 -17.54 -5.99
C GLY A 162 78.41 -18.81 -5.17
N PHE A 163 77.52 -18.83 -4.18
CA PHE A 163 77.23 -20.04 -3.43
C PHE A 163 76.03 -20.80 -3.97
N SER A 164 75.43 -20.32 -5.06
CA SER A 164 74.29 -20.96 -5.69
C SER A 164 74.70 -21.90 -6.82
N LYS A 165 76.01 -22.11 -7.03
CA LYS A 165 76.46 -22.93 -8.15
C LYS A 165 76.11 -24.40 -7.92
N ASP A 166 76.30 -24.89 -6.70
CA ASP A 166 75.99 -26.28 -6.40
C ASP A 166 74.48 -26.45 -6.27
N PRO A 167 73.84 -27.30 -7.08
CA PRO A 167 72.37 -27.42 -7.00
C PRO A 167 71.86 -27.96 -5.68
N LYS A 168 72.60 -28.88 -5.04
CA LYS A 168 72.20 -29.35 -3.72
C LYS A 168 72.30 -28.23 -2.70
N SER A 169 73.39 -27.47 -2.73
CA SER A 169 73.51 -26.30 -1.87
C SER A 169 72.52 -25.22 -2.27
N PHE A 170 72.15 -25.16 -3.55
CA PHE A 170 71.13 -24.22 -4.00
C PHE A 170 69.78 -24.53 -3.36
N GLU A 171 69.38 -25.80 -3.37
CA GLU A 171 68.13 -26.18 -2.72
C GLU A 171 68.22 -26.04 -1.20
N ASP A 172 69.40 -26.29 -0.63
CA ASP A 172 69.60 -26.12 0.81
C ASP A 172 69.44 -24.67 1.21
N LYS A 173 69.99 -23.75 0.42
CA LYS A 173 69.86 -22.32 0.70
C LYS A 173 68.51 -21.76 0.25
N LYS A 174 67.76 -22.49 -0.58
CA LYS A 174 66.39 -22.11 -0.89
C LYS A 174 65.41 -22.53 0.19
N LEU A 175 65.66 -23.68 0.84
CA LEU A 175 64.92 -24.01 2.05
C LEU A 175 65.22 -23.01 3.17
N LYS A 176 66.49 -22.61 3.28
CA LYS A 176 66.84 -21.47 4.10
C LYS A 176 66.39 -20.18 3.42
N GLU A 177 66.38 -19.08 4.20
CA GLU A 177 65.98 -17.73 3.81
C GLU A 177 64.46 -17.65 3.63
N LEU A 178 63.79 -18.80 3.62
CA LEU A 178 62.33 -18.85 3.64
C LEU A 178 61.83 -19.11 5.04
N LYS A 179 62.43 -20.07 5.75
CA LYS A 179 62.11 -20.28 7.16
C LYS A 179 62.47 -19.05 7.98
N ASN A 180 63.71 -18.59 7.86
CA ASN A 180 64.12 -17.34 8.50
C ASN A 180 63.43 -16.14 7.86
N GLY A 181 63.03 -16.23 6.60
CA GLY A 181 62.24 -15.16 5.98
C GLY A 181 60.81 -15.04 6.49
N ARG A 182 60.12 -16.19 6.64
CA ARG A 182 58.80 -16.17 7.24
C ARG A 182 58.89 -15.74 8.70
N LEU A 183 59.93 -16.20 9.41
CA LEU A 183 60.17 -15.74 10.77
C LEU A 183 60.46 -14.25 10.81
N ALA A 184 61.13 -13.73 9.77
CA ALA A 184 61.38 -12.30 9.67
C ALA A 184 60.08 -11.51 9.49
N MET A 185 59.18 -12.00 8.65
CA MET A 185 57.91 -11.32 8.47
C MET A 185 57.09 -11.32 9.76
N VAL A 186 57.05 -12.47 10.44
CA VAL A 186 56.36 -12.55 11.73
C VAL A 186 57.02 -11.63 12.75
N ALA A 187 58.35 -11.53 12.73
CA ALA A 187 59.06 -10.67 13.65
C ALA A 187 58.80 -9.20 13.38
N CYS A 188 58.71 -8.80 12.11
CA CYS A 188 58.39 -7.42 11.79
C CYS A 188 56.99 -7.05 12.23
N LEU A 189 56.03 -7.96 12.01
CA LEU A 189 54.68 -7.75 12.51
C LEU A 189 54.67 -7.67 14.03
N GLY A 190 55.50 -8.49 14.69
CA GLY A 190 55.58 -8.46 16.14
C GLY A 190 56.19 -7.17 16.67
N PHE A 191 57.21 -6.65 15.99
CA PHE A 191 57.80 -5.37 16.37
C PHE A 191 56.79 -4.25 16.27
N ALA A 192 56.06 -4.22 15.14
CA ALA A 192 55.05 -3.18 14.95
C ALA A 192 53.93 -3.29 15.98
N GLY A 193 53.46 -4.51 16.25
CA GLY A 193 52.40 -4.69 17.23
C GLY A 193 52.85 -4.39 18.66
N GLN A 194 54.07 -4.77 19.00
CA GLN A 194 54.60 -4.51 20.34
C GLN A 194 54.78 -3.02 20.58
N HIS A 195 55.30 -2.28 19.60
CA HIS A 195 55.39 -0.85 19.80
C HIS A 195 54.06 -0.13 19.61
N ALA A 196 53.06 -0.80 19.02
CA ALA A 196 51.73 -0.21 18.95
C ALA A 196 51.05 -0.18 20.31
N ALA A 197 51.17 -1.25 21.10
CA ALA A 197 50.52 -1.33 22.40
C ALA A 197 51.34 -0.60 23.46
N THR A 198 52.57 -1.05 23.70
CA THR A 198 53.45 -0.42 24.68
C THR A 198 54.58 0.30 23.95
N GLY A 199 54.67 1.61 24.16
CA GLY A 199 55.70 2.41 23.51
C GLY A 199 57.07 2.24 24.14
N LYS A 200 57.64 1.06 23.99
CA LYS A 200 58.93 0.73 24.60
C LYS A 200 59.82 0.10 23.55
N PRO A 201 61.15 0.21 23.70
CA PRO A 201 62.06 -0.50 22.81
C PRO A 201 61.87 -2.01 22.89
N ILE A 202 62.09 -2.68 21.76
CA ILE A 202 61.84 -4.12 21.67
C ILE A 202 62.81 -4.89 22.56
N LEU A 203 64.06 -4.40 22.66
CA LEU A 203 65.02 -5.04 23.56
C LEU A 203 64.58 -4.93 25.02
N ALA A 204 63.97 -3.80 25.39
CA ALA A 204 63.43 -3.65 26.73
C ALA A 204 62.26 -4.61 26.97
N ALA A 205 61.44 -4.84 25.95
CA ALA A 205 60.35 -5.79 26.09
C ALA A 205 60.88 -7.22 26.21
N LEU A 206 61.95 -7.54 25.49
CA LEU A 206 62.59 -8.84 25.61
C LEU A 206 63.16 -9.03 27.01
N GLY A 207 63.79 -7.98 27.55
CA GLY A 207 64.26 -8.04 28.93
C GLY A 207 63.13 -8.17 29.93
N ASP A 208 61.98 -7.56 29.65
CA ASP A 208 60.81 -7.70 30.51
C ASP A 208 60.28 -9.12 30.52
N HIS A 209 60.21 -9.76 29.33
CA HIS A 209 59.77 -11.16 29.29
C HIS A 209 60.81 -12.09 29.87
N LEU A 210 62.10 -11.72 29.82
CA LEU A 210 63.12 -12.54 30.46
C LEU A 210 63.05 -12.42 31.98
N SER A 211 62.76 -11.23 32.50
CA SER A 211 62.77 -11.03 33.95
C SER A 211 61.55 -11.63 34.61
N SER A 212 60.36 -11.16 34.25
CA SER A 212 59.10 -11.64 34.82
C SER A 212 58.17 -12.02 33.67
N PRO A 213 58.34 -13.21 33.11
CA PRO A 213 57.50 -13.61 31.97
C PRO A 213 56.02 -13.74 32.29
N PHE A 214 55.68 -14.19 33.50
CA PHE A 214 54.28 -14.34 33.87
C PHE A 214 53.63 -13.02 34.25
N PHE A 215 54.42 -11.96 34.44
CA PHE A 215 53.89 -10.63 34.73
C PHE A 215 54.06 -9.65 33.59
N ASN A 216 55.00 -9.90 32.67
CA ASN A 216 55.24 -9.04 31.52
C ASN A 216 55.09 -9.89 30.26
N ASN A 217 53.86 -10.01 29.77
CA ASN A 217 53.57 -10.74 28.55
C ASN A 217 52.57 -9.93 27.74
N PHE A 218 52.05 -10.53 26.67
CA PHE A 218 51.12 -9.81 25.80
C PHE A 218 49.76 -9.61 26.45
N ALA A 219 49.41 -10.43 27.44
CA ALA A 219 48.11 -10.30 28.10
C ALA A 219 48.13 -9.28 29.24
N THR A 220 49.27 -8.66 29.53
CA THR A 220 49.40 -7.74 30.64
C THR A 220 49.54 -6.27 30.21
N ASN A 221 49.66 -6.01 28.92
CA ASN A 221 49.80 -4.63 28.43
C ASN A 221 48.47 -3.90 28.34
N GLY A 222 47.35 -4.60 28.51
CA GLY A 222 46.04 -4.00 28.38
C GLY A 222 45.45 -4.12 26.98
N VAL A 223 45.96 -3.34 26.03
CA VAL A 223 45.38 -3.34 24.67
C VAL A 223 46.20 -4.36 23.86
N SER A 224 45.84 -5.61 24.02
CA SER A 224 46.14 -6.69 23.08
C SER A 224 44.92 -7.56 22.82
N VAL A 225 44.11 -7.80 23.84
CA VAL A 225 42.86 -8.53 23.76
C VAL A 225 41.81 -7.75 24.54
N PRO A 226 40.57 -7.68 24.08
CA PRO A 226 39.55 -6.96 24.85
C PRO A 226 39.17 -7.73 26.11
N GLY A 227 38.93 -6.99 27.18
CA GLY A 227 38.51 -7.58 28.44
C GLY A 227 39.61 -8.18 29.28
N LEU A 228 40.87 -8.04 28.87
CA LEU A 228 42.05 -8.59 29.56
C LEU A 228 41.93 -10.10 29.79
N ALA B 41 9.23 36.65 -55.84
CA ALA B 41 8.74 37.71 -54.96
C ALA B 41 9.46 39.03 -55.26
N GLY B 42 9.71 39.28 -56.54
CA GLY B 42 10.42 40.47 -56.95
C GLY B 42 11.92 40.30 -56.83
N ARG B 43 12.66 40.78 -57.83
CA ARG B 43 14.11 40.65 -57.79
C ARG B 43 14.72 41.49 -56.65
N GLU B 44 14.20 42.68 -56.42
CA GLU B 44 14.54 43.43 -55.22
C GLU B 44 13.82 42.80 -54.04
N MET B 45 14.54 42.58 -52.94
CA MET B 45 14.06 41.75 -51.85
C MET B 45 14.18 42.50 -50.53
N TRP B 46 13.59 41.90 -49.48
CA TRP B 46 13.60 42.55 -48.17
C TRP B 46 15.00 42.59 -47.56
N TYR B 47 15.79 41.54 -47.74
CA TYR B 47 17.22 41.65 -47.58
C TYR B 47 17.87 41.01 -48.80
N PRO B 48 19.04 41.51 -49.23
CA PRO B 48 19.64 40.98 -50.46
C PRO B 48 20.12 39.54 -50.28
N GLY B 49 19.78 38.70 -51.25
CA GLY B 49 20.11 37.29 -51.20
C GLY B 49 19.03 36.40 -50.63
N ALA B 50 17.85 36.95 -50.33
CA ALA B 50 16.78 36.17 -49.72
C ALA B 50 16.12 35.26 -50.76
N THR B 51 15.50 34.19 -50.27
CA THR B 51 14.68 33.30 -51.08
C THR B 51 13.20 33.63 -50.88
N PRO B 52 12.41 33.59 -51.94
CA PRO B 52 10.98 33.90 -51.80
C PRO B 52 10.24 32.80 -51.05
N PRO B 53 9.20 33.14 -50.30
CA PRO B 53 8.32 32.13 -49.74
C PRO B 53 7.61 31.37 -50.86
N PRO B 54 7.27 30.09 -50.64
CA PRO B 54 6.62 29.31 -51.71
C PRO B 54 5.31 29.88 -52.21
N HIS B 55 4.51 30.47 -51.31
CA HIS B 55 3.27 31.12 -51.74
C HIS B 55 3.49 32.52 -52.28
N LEU B 56 4.63 33.14 -51.98
CA LEU B 56 4.94 34.49 -52.46
C LEU B 56 5.75 34.37 -53.74
N ASP B 57 5.05 34.01 -54.83
CA ASP B 57 5.70 33.84 -56.12
C ASP B 57 5.98 35.17 -56.80
N GLY B 58 5.40 36.26 -56.33
CA GLY B 58 5.58 37.56 -56.94
C GLY B 58 4.52 37.97 -57.93
N SER B 59 3.40 37.25 -58.00
CA SER B 59 2.33 37.63 -58.91
C SER B 59 1.69 38.95 -58.52
N MET B 60 1.47 39.16 -57.22
CA MET B 60 0.94 40.42 -56.73
C MET B 60 2.07 41.43 -56.58
N LEU B 61 1.76 42.71 -56.83
CA LEU B 61 2.76 43.76 -56.79
C LEU B 61 3.14 44.10 -55.36
N GLY B 62 4.22 44.86 -55.23
CA GLY B 62 4.74 45.22 -53.92
C GLY B 62 5.45 44.10 -53.19
N ASP B 63 5.72 43.00 -53.87
CA ASP B 63 6.33 41.84 -53.22
C ASP B 63 7.82 42.05 -53.03
N TYR B 64 8.30 41.77 -51.82
CA TYR B 64 9.72 41.88 -51.51
C TYR B 64 10.22 40.66 -50.74
N GLY B 65 9.46 39.57 -50.70
CA GLY B 65 9.87 38.38 -50.00
C GLY B 65 9.78 38.47 -48.50
N PHE B 66 9.16 39.51 -47.96
CA PHE B 66 9.11 39.74 -46.51
C PHE B 66 7.89 39.02 -45.95
N ASP B 67 8.09 37.77 -45.53
CA ASP B 67 7.05 37.00 -44.83
C ASP B 67 7.73 36.04 -43.86
N PRO B 68 8.24 36.55 -42.74
CA PRO B 68 8.94 35.67 -41.79
C PRO B 68 8.03 34.67 -41.11
N LEU B 69 6.92 35.14 -40.52
CA LEU B 69 5.97 34.26 -39.86
C LEU B 69 4.98 33.64 -40.84
N ARG B 70 4.91 34.15 -42.07
CA ARG B 70 4.01 33.66 -43.11
C ARG B 70 2.55 33.70 -42.65
N LEU B 71 2.08 34.92 -42.39
CA LEU B 71 0.74 35.13 -41.88
C LEU B 71 -0.31 34.71 -42.91
N GLY B 72 -0.19 35.20 -44.14
CA GLY B 72 -1.14 34.86 -45.18
C GLY B 72 -0.61 33.87 -46.19
N THR B 73 -1.09 32.64 -46.15
CA THR B 73 -0.67 31.58 -47.08
C THR B 73 -1.78 31.13 -48.02
N ASN B 74 -2.95 31.76 -47.98
CA ASN B 74 -4.07 31.46 -48.85
C ASN B 74 -4.30 32.64 -49.78
N PRO B 75 -4.55 32.39 -51.08
CA PRO B 75 -4.76 33.52 -52.01
C PRO B 75 -5.92 34.43 -51.63
N ASP B 76 -7.02 33.88 -51.12
CA ASP B 76 -8.07 34.72 -50.57
C ASP B 76 -7.58 35.48 -49.34
N ARG B 77 -6.84 34.81 -48.46
CA ARG B 77 -6.25 35.47 -47.32
C ARG B 77 -5.22 36.51 -47.76
N LEU B 78 -4.44 36.19 -48.79
CA LEU B 78 -3.43 37.12 -49.28
C LEU B 78 -4.06 38.38 -49.86
N LYS B 79 -5.13 38.23 -50.64
CA LYS B 79 -5.76 39.42 -51.22
C LYS B 79 -6.53 40.21 -50.16
N TRP B 80 -7.12 39.55 -49.16
CA TRP B 80 -7.74 40.29 -48.07
C TRP B 80 -6.71 41.04 -47.26
N PHE B 81 -5.54 40.44 -47.02
CA PHE B 81 -4.48 41.13 -46.30
C PHE B 81 -3.92 42.29 -47.13
N ARG B 82 -3.86 42.14 -48.46
CA ARG B 82 -3.44 43.26 -49.30
C ARG B 82 -4.45 44.40 -49.23
N GLU B 83 -5.75 44.08 -49.25
CA GLU B 83 -6.76 45.12 -49.13
C GLU B 83 -6.70 45.80 -47.76
N ALA B 84 -6.48 45.02 -46.70
CA ALA B 84 -6.36 45.60 -45.36
C ALA B 84 -5.10 46.45 -45.22
N GLU B 85 -4.00 46.01 -45.84
CA GLU B 85 -2.78 46.80 -45.86
C GLU B 85 -3.00 48.11 -46.58
N LEU B 86 -3.72 48.07 -47.71
CA LEU B 86 -3.99 49.30 -48.46
C LEU B 86 -4.91 50.24 -47.67
N MET B 87 -5.89 49.68 -46.95
CA MET B 87 -6.76 50.49 -46.11
C MET B 87 -5.99 51.18 -44.98
N ASN B 88 -5.21 50.41 -44.22
CA ASN B 88 -4.44 50.97 -43.11
C ASN B 88 -3.39 51.95 -43.63
N GLY B 89 -2.79 51.65 -44.79
CA GLY B 89 -1.81 52.57 -45.37
C GLY B 89 -2.43 53.87 -45.86
N ARG B 90 -3.61 53.80 -46.47
CA ARG B 90 -4.30 55.01 -46.91
C ARG B 90 -4.70 55.89 -45.73
N TRP B 91 -5.21 55.27 -44.65
CA TRP B 91 -5.50 56.05 -43.46
C TRP B 91 -4.23 56.61 -42.82
N ALA B 92 -3.13 55.86 -42.88
CA ALA B 92 -1.86 56.37 -42.38
C ALA B 92 -1.39 57.57 -43.21
N MET B 93 -1.56 57.50 -44.54
CA MET B 93 -1.18 58.63 -45.40
C MET B 93 -1.99 59.86 -45.07
N ALA B 94 -3.31 59.70 -44.96
CA ALA B 94 -4.18 60.85 -44.64
C ALA B 94 -3.85 61.43 -43.27
N ALA B 95 -3.67 60.56 -42.27
CA ALA B 95 -3.36 61.01 -40.93
C ALA B 95 -2.01 61.72 -40.88
N VAL B 96 -1.01 61.18 -41.57
CA VAL B 96 0.33 61.77 -41.54
C VAL B 96 0.35 63.13 -42.24
N VAL B 97 -0.30 63.24 -43.41
CA VAL B 97 -0.30 64.53 -44.09
C VAL B 97 -1.12 65.55 -43.30
N GLY B 98 -2.16 65.11 -42.59
CA GLY B 98 -2.86 66.01 -41.68
C GLY B 98 -1.98 66.43 -40.52
N ILE B 99 -1.11 65.53 -40.04
CA ILE B 99 -0.21 65.85 -38.94
C ILE B 99 0.79 66.91 -39.36
N LEU B 100 1.42 66.73 -40.53
CA LEU B 100 2.35 67.74 -41.04
C LEU B 100 1.66 69.07 -41.30
N PHE B 101 0.43 69.05 -41.84
CA PHE B 101 -0.29 70.30 -42.06
C PHE B 101 -0.60 71.01 -40.75
N THR B 102 -1.09 70.27 -39.75
CA THR B 102 -1.45 70.89 -38.47
C THR B 102 -0.22 71.37 -37.71
N ASP B 103 0.90 70.69 -37.84
CA ASP B 103 2.13 71.17 -37.20
C ASP B 103 2.71 72.36 -37.94
N LEU B 104 2.53 72.43 -39.26
CA LEU B 104 3.02 73.57 -40.02
C LEU B 104 2.20 74.83 -39.73
N VAL B 105 0.88 74.69 -39.64
CA VAL B 105 0.04 75.87 -39.43
C VAL B 105 0.03 76.35 -37.99
N GLY B 106 0.59 75.58 -37.06
CA GLY B 106 0.70 76.01 -35.68
C GLY B 106 -0.39 75.54 -34.74
N LEU B 107 -1.24 74.61 -35.17
CA LEU B 107 -2.27 74.07 -34.31
C LEU B 107 -1.64 73.24 -33.20
N PRO B 108 -2.28 73.14 -32.01
CA PRO B 108 -1.64 72.43 -30.89
C PRO B 108 -1.54 70.92 -31.08
N LYS B 109 -1.03 70.25 -30.06
CA LYS B 109 -0.55 68.88 -30.20
C LYS B 109 -1.72 67.91 -30.43
N TRP B 110 -1.45 66.87 -31.22
CA TRP B 110 -2.52 65.99 -31.70
C TRP B 110 -3.02 65.06 -30.61
N TRP B 111 -2.12 64.52 -29.78
CA TRP B 111 -2.58 63.61 -28.73
C TRP B 111 -3.29 64.36 -27.61
N GLU B 112 -3.06 65.66 -27.48
CA GLU B 112 -3.83 66.51 -26.59
C GLU B 112 -4.99 67.20 -27.28
N ALA B 113 -5.17 66.98 -28.59
CA ALA B 113 -6.26 67.62 -29.32
C ALA B 113 -7.61 67.00 -29.02
N GLY B 114 -7.65 65.79 -28.47
CA GLY B 114 -8.91 65.17 -28.10
C GLY B 114 -9.59 65.83 -26.92
N ALA B 115 -8.81 66.49 -26.05
CA ALA B 115 -9.36 67.19 -24.90
C ALA B 115 -9.64 68.66 -25.16
N GLN B 116 -9.32 69.16 -26.35
CA GLN B 116 -9.55 70.57 -26.66
C GLN B 116 -11.04 70.81 -26.92
N THR B 117 -11.44 72.08 -26.82
CA THR B 117 -12.82 72.45 -27.08
C THR B 117 -13.13 72.37 -28.57
N TYR B 118 -14.31 71.84 -28.89
CA TYR B 118 -14.72 71.68 -30.28
C TYR B 118 -16.21 71.91 -30.40
N PRO B 119 -16.68 72.47 -31.52
CA PRO B 119 -18.12 72.50 -31.77
C PRO B 119 -18.67 71.10 -32.02
N ILE B 120 -19.96 70.92 -31.71
CA ILE B 120 -20.67 69.65 -31.71
C ILE B 120 -20.09 68.69 -30.68
N ASP B 121 -20.94 68.18 -29.78
CA ASP B 121 -20.49 67.28 -28.72
C ASP B 121 -19.98 65.96 -29.30
N ASN B 122 -19.02 65.36 -28.60
CA ASN B 122 -18.35 64.18 -29.12
C ASN B 122 -19.27 62.96 -29.16
N GLN B 123 -20.33 62.97 -28.37
CA GLN B 123 -21.29 61.87 -28.36
C GLN B 123 -22.02 61.76 -29.69
N THR B 124 -22.70 62.84 -30.08
CA THR B 124 -23.42 62.83 -31.35
C THR B 124 -22.45 62.88 -32.54
N LEU B 125 -21.26 63.43 -32.36
CA LEU B 125 -20.23 63.33 -33.40
C LEU B 125 -19.83 61.88 -33.65
N LEU B 126 -19.62 61.12 -32.59
CA LEU B 126 -19.33 59.71 -32.72
C LEU B 126 -20.51 58.96 -33.33
N ILE B 127 -21.73 59.33 -32.93
CA ILE B 127 -22.93 58.65 -33.44
C ILE B 127 -23.08 58.88 -34.94
N ILE B 128 -22.86 60.11 -35.41
CA ILE B 128 -22.98 60.35 -36.85
C ILE B 128 -21.78 59.76 -37.58
N GLU B 129 -20.64 59.61 -36.91
CA GLU B 129 -19.49 58.94 -37.53
C GLU B 129 -19.80 57.47 -37.82
N ILE B 130 -20.35 56.76 -36.83
CA ILE B 130 -20.79 55.38 -37.10
C ILE B 130 -21.94 55.36 -38.09
N ALA B 131 -22.82 56.37 -38.05
CA ALA B 131 -23.95 56.40 -38.97
C ALA B 131 -23.50 56.50 -40.43
N VAL B 132 -22.48 57.31 -40.69
CA VAL B 132 -22.00 57.42 -42.07
C VAL B 132 -21.05 56.27 -42.43
N PHE B 133 -20.31 55.73 -41.45
CA PHE B 133 -19.37 54.66 -41.78
C PHE B 133 -20.07 53.31 -41.96
N SER B 134 -21.22 53.09 -41.32
CA SER B 134 -21.99 51.89 -41.55
C SER B 134 -22.56 51.81 -42.96
N PHE B 135 -22.56 52.92 -43.69
CA PHE B 135 -22.88 52.96 -45.11
C PHE B 135 -21.64 52.95 -45.99
N LEU B 136 -20.61 53.72 -45.61
CA LEU B 136 -19.39 53.80 -46.42
C LEU B 136 -18.65 52.47 -46.46
N GLU B 137 -18.39 51.88 -45.29
CA GLU B 137 -17.70 50.59 -45.25
C GLU B 137 -18.57 49.47 -45.79
N SER B 138 -19.89 49.60 -45.70
CA SER B 138 -20.78 48.63 -46.33
C SER B 138 -20.64 48.65 -47.84
N LYS B 139 -20.65 49.85 -48.43
CA LYS B 139 -20.44 49.96 -49.87
C LYS B 139 -19.06 49.47 -50.27
N ARG B 140 -18.04 49.76 -49.45
CA ARG B 140 -16.69 49.30 -49.72
C ARG B 140 -16.61 47.77 -49.73
N TYR B 141 -17.22 47.14 -48.72
CA TYR B 141 -17.18 45.68 -48.62
C TYR B 141 -17.98 45.03 -49.74
N GLU B 142 -19.15 45.60 -50.09
CA GLU B 142 -19.94 45.03 -51.19
C GLU B 142 -19.22 45.17 -52.52
N GLY B 143 -18.58 46.32 -52.77
CA GLY B 143 -17.79 46.47 -53.97
C GLY B 143 -16.58 45.57 -54.02
N TYR B 144 -15.95 45.32 -52.87
CA TYR B 144 -14.86 44.36 -52.81
C TYR B 144 -15.36 42.94 -53.08
N LYS B 145 -16.58 42.62 -52.64
CA LYS B 145 -17.18 41.32 -52.95
C LYS B 145 -17.44 41.18 -54.44
N LYS B 146 -18.00 42.22 -55.07
CA LYS B 146 -18.38 42.09 -56.47
C LYS B 146 -17.25 42.41 -57.44
N THR B 147 -16.34 43.31 -57.08
CA THR B 147 -15.25 43.71 -57.97
C THR B 147 -13.87 43.48 -57.39
N GLY B 148 -13.68 43.72 -56.09
CA GLY B 148 -12.37 43.66 -55.49
C GLY B 148 -11.63 44.98 -55.44
N GLY B 149 -12.15 46.01 -56.10
CA GLY B 149 -11.50 47.30 -56.09
C GLY B 149 -11.77 48.09 -54.82
N THR B 150 -10.94 49.09 -54.59
CA THR B 150 -11.05 49.97 -53.43
C THR B 150 -11.82 51.24 -53.74
N GLY B 151 -13.04 51.09 -54.26
CA GLY B 151 -13.84 52.23 -54.64
C GLY B 151 -14.45 52.96 -53.45
N PHE B 152 -15.06 54.10 -53.74
CA PHE B 152 -15.70 54.94 -52.74
C PHE B 152 -17.17 55.10 -53.07
N ALA B 153 -18.01 54.92 -52.04
CA ALA B 153 -19.47 55.05 -52.12
C ALA B 153 -20.06 54.19 -53.23
N PHE B 154 -20.77 54.82 -54.17
CA PHE B 154 -21.37 54.13 -55.30
C PHE B 154 -20.43 54.01 -56.49
N PHE B 155 -19.26 54.63 -56.42
CA PHE B 155 -18.31 54.64 -57.54
C PHE B 155 -17.28 53.54 -57.32
N PHE B 156 -17.35 52.49 -58.12
CA PHE B 156 -16.41 51.37 -58.04
C PHE B 156 -15.93 51.01 -59.44
N PRO B 157 -14.68 51.30 -59.79
CA PRO B 157 -13.67 52.02 -58.99
C PRO B 157 -13.88 53.53 -59.03
N PHE B 158 -13.62 54.22 -57.93
CA PHE B 158 -13.76 55.68 -57.86
C PHE B 158 -12.47 56.30 -58.42
N ASP B 159 -12.39 56.34 -59.75
CA ASP B 159 -11.28 56.97 -60.45
C ASP B 159 -11.81 57.88 -61.55
N PRO B 160 -12.31 59.06 -61.18
CA PRO B 160 -12.81 59.99 -62.22
C PRO B 160 -11.73 60.55 -63.12
N MET B 161 -10.53 60.81 -62.58
CA MET B 161 -9.43 61.28 -63.43
C MET B 161 -8.94 60.17 -64.36
N GLY B 162 -8.71 58.98 -63.82
CA GLY B 162 -8.39 57.83 -64.65
C GLY B 162 -6.92 57.50 -64.80
N MET B 163 -6.11 57.70 -63.75
CA MET B 163 -4.70 57.32 -63.79
C MET B 163 -4.52 55.90 -63.22
N ARG B 164 -5.31 54.99 -63.74
CA ARG B 164 -5.31 53.59 -63.30
C ARG B 164 -4.15 52.87 -63.98
N SER B 165 -3.11 52.58 -63.22
CA SER B 165 -1.96 51.85 -63.72
C SER B 165 -1.31 51.08 -62.58
N GLN B 166 -0.59 50.01 -62.93
CA GLN B 166 0.05 49.17 -61.92
C GLN B 166 1.14 49.93 -61.19
N ASP B 167 1.86 50.81 -61.89
CA ASP B 167 2.88 51.64 -61.26
C ASP B 167 2.28 52.57 -60.22
N LYS B 168 1.07 53.07 -60.48
CA LYS B 168 0.38 53.90 -59.50
C LYS B 168 0.07 53.10 -58.23
N GLU B 169 -0.35 51.84 -58.40
CA GLU B 169 -0.61 50.99 -57.24
C GLU B 169 0.68 50.72 -56.46
N LEU B 170 1.79 50.50 -57.16
CA LEU B 170 3.06 50.24 -56.50
C LEU B 170 3.54 51.46 -55.72
N LYS B 171 3.42 52.65 -56.34
CA LYS B 171 3.79 53.89 -55.66
C LYS B 171 2.90 54.13 -54.45
N GLU B 172 1.60 53.86 -54.59
CA GLU B 172 0.68 54.00 -53.47
C GLU B 172 1.03 53.07 -52.33
N LEU B 173 1.39 51.82 -52.65
CA LEU B 173 1.76 50.85 -51.62
C LEU B 173 3.02 51.27 -50.88
N LYS B 174 4.03 51.75 -51.64
CA LYS B 174 5.28 52.18 -51.01
C LYS B 174 5.07 53.41 -50.13
N ASN B 175 4.40 54.43 -50.65
CA ASN B 175 4.14 55.62 -49.85
C ASN B 175 3.23 55.31 -48.67
N GLY B 176 2.31 54.34 -48.84
CA GLY B 176 1.46 53.94 -47.75
C GLY B 176 2.23 53.28 -46.62
N ARG B 177 3.12 52.34 -46.96
CA ARG B 177 3.94 51.70 -45.94
C ARG B 177 4.86 52.68 -45.24
N LEU B 178 5.42 53.63 -46.02
CA LEU B 178 6.23 54.68 -45.42
C LEU B 178 5.40 55.54 -44.47
N ALA B 179 4.15 55.81 -44.80
CA ALA B 179 3.28 56.57 -43.88
C ALA B 179 2.89 55.75 -42.66
N MET B 180 2.76 54.42 -42.82
CA MET B 180 2.53 53.54 -41.68
C MET B 180 3.66 53.66 -40.68
N LEU B 181 4.91 53.53 -41.16
CA LEU B 181 6.08 53.68 -40.31
C LEU B 181 6.18 55.08 -39.74
N ALA B 182 5.80 56.08 -40.54
CA ALA B 182 5.84 57.47 -40.09
C ALA B 182 4.86 57.72 -38.97
N PHE B 183 3.66 57.15 -39.04
CA PHE B 183 2.71 57.31 -37.95
C PHE B 183 3.18 56.59 -36.69
N LEU B 184 3.81 55.42 -36.85
CA LEU B 184 4.38 54.76 -35.68
C LEU B 184 5.47 55.61 -35.03
N GLY B 185 6.33 56.22 -35.86
CA GLY B 185 7.33 57.12 -35.32
C GLY B 185 6.74 58.36 -34.68
N PHE B 186 5.64 58.87 -35.24
CA PHE B 186 4.95 60.02 -34.66
C PHE B 186 4.39 59.68 -33.29
N ALA B 187 3.77 58.50 -33.17
CA ALA B 187 3.24 58.07 -31.88
C ALA B 187 4.35 57.88 -30.87
N SER B 188 5.48 57.30 -31.29
CA SER B 188 6.61 57.10 -30.39
C SER B 188 7.19 58.42 -29.91
N THR B 189 7.36 59.39 -30.82
CA THR B 189 7.94 60.67 -30.42
C THR B 189 6.93 61.55 -29.69
N ALA B 190 5.63 61.25 -29.81
CA ALA B 190 4.66 61.88 -28.95
C ALA B 190 4.67 61.27 -27.56
N ALA B 191 4.97 59.97 -27.47
CA ALA B 191 4.98 59.28 -26.18
C ALA B 191 6.20 59.65 -25.35
N VAL B 192 7.40 59.39 -25.88
CA VAL B 192 8.61 59.54 -25.05
C VAL B 192 9.17 60.96 -25.12
N ASN B 193 9.24 61.56 -26.32
CA ASN B 193 9.78 62.91 -26.42
C ASN B 193 8.76 63.95 -25.98
N GLY B 194 7.48 63.70 -26.23
CA GLY B 194 6.46 64.68 -25.92
C GLY B 194 6.44 65.87 -26.84
N GLN B 195 6.97 65.73 -28.06
CA GLN B 195 7.03 66.82 -29.02
C GLN B 195 6.56 66.32 -30.38
N GLY B 196 6.19 67.27 -31.24
CA GLY B 196 5.69 66.95 -32.55
C GLY B 196 6.80 66.56 -33.51
N PRO B 197 6.40 66.16 -34.72
CA PRO B 197 7.39 65.81 -35.75
C PRO B 197 8.31 66.95 -36.13
N ILE B 198 7.81 68.18 -36.17
CA ILE B 198 8.63 69.33 -36.55
C ILE B 198 9.66 69.62 -35.46
N GLU B 199 9.24 69.54 -34.19
CA GLU B 199 10.18 69.75 -33.08
C GLU B 199 11.21 68.63 -33.03
N SER B 200 10.79 67.39 -33.33
CA SER B 200 11.74 66.28 -33.38
C SER B 200 12.75 66.46 -34.50
N LEU B 201 12.29 66.93 -35.66
CA LEU B 201 13.21 67.19 -36.76
C LEU B 201 14.19 68.31 -36.42
N GLN B 202 13.72 69.33 -35.72
CA GLN B 202 14.62 70.42 -35.31
C GLN B 202 15.63 69.95 -34.27
N THR B 203 15.22 69.05 -33.36
CA THR B 203 16.17 68.51 -32.40
C THR B 203 17.19 67.58 -33.08
N HIS B 204 16.77 66.85 -34.11
CA HIS B 204 17.73 66.03 -34.85
C HIS B 204 18.70 66.91 -35.65
N LEU B 205 18.22 68.01 -36.22
CA LEU B 205 19.12 68.89 -36.96
C LEU B 205 20.03 69.69 -36.04
N ALA B 206 19.58 69.96 -34.81
CA ALA B 206 20.39 70.76 -33.90
C ALA B 206 21.59 69.99 -33.38
N ASP B 207 21.39 68.74 -32.97
CA ASP B 207 22.48 67.91 -32.45
C ASP B 207 22.14 66.46 -32.75
N PRO B 208 22.49 65.98 -33.95
CA PRO B 208 22.12 64.62 -34.33
C PRO B 208 22.89 63.54 -33.58
N ALA B 209 24.03 63.87 -32.97
CA ALA B 209 24.81 62.85 -32.28
C ALA B 209 24.14 62.37 -31.00
N HIS B 210 23.41 63.25 -30.32
CA HIS B 210 22.83 62.91 -29.03
C HIS B 210 21.30 63.01 -28.97
N ASN B 211 20.68 63.78 -29.85
CA ASN B 211 19.22 63.95 -29.84
C ASN B 211 18.56 62.95 -30.79
N ASN B 212 18.93 61.69 -30.62
CA ASN B 212 18.41 60.57 -31.40
C ASN B 212 17.58 59.65 -30.49
N ILE B 213 17.06 58.58 -31.09
CA ILE B 213 16.29 57.61 -30.32
C ILE B 213 17.20 56.84 -29.36
N PHE B 214 18.43 56.55 -29.80
CA PHE B 214 19.31 55.63 -29.09
C PHE B 214 19.92 56.22 -27.82
N THR B 215 19.75 57.52 -27.58
CA THR B 215 20.17 58.15 -26.34
C THR B 215 19.00 58.47 -25.42
N SER B 216 17.79 58.05 -25.78
CA SER B 216 16.60 58.32 -24.99
C SER B 216 16.36 57.18 -24.00
N SER B 217 15.19 57.18 -23.35
CA SER B 217 14.86 56.11 -22.42
C SER B 217 14.53 54.81 -23.14
N VAL B 218 14.15 54.88 -24.41
CA VAL B 218 13.88 53.71 -25.22
C VAL B 218 15.08 53.46 -26.12
N GLY B 219 16.24 53.96 -25.70
CA GLY B 219 17.44 53.91 -26.51
C GLY B 219 18.05 52.54 -26.68
N LYS B 220 18.55 51.96 -25.60
CA LYS B 220 19.20 50.65 -25.68
C LYS B 220 18.21 49.54 -26.01
N GLU B 221 16.93 49.73 -25.71
CA GLU B 221 15.89 48.84 -26.23
C GLU B 221 15.93 48.80 -27.75
N SER B 222 15.95 49.98 -28.37
CA SER B 222 16.02 50.06 -29.83
C SER B 222 17.36 49.55 -30.35
N CYS B 223 18.44 49.74 -29.59
CA CYS B 223 19.74 49.22 -30.00
C CYS B 223 19.74 47.69 -30.06
N VAL B 224 19.21 47.05 -29.02
CA VAL B 224 19.12 45.59 -28.99
C VAL B 224 18.16 45.10 -30.08
N PHE B 225 17.05 45.82 -30.28
CA PHE B 225 16.09 45.42 -31.31
C PHE B 225 16.68 45.50 -32.71
N VAL B 226 17.43 46.57 -33.01
CA VAL B 226 18.01 46.69 -34.34
C VAL B 226 19.21 45.77 -34.49
N ALA B 227 19.91 45.43 -33.41
CA ALA B 227 20.96 44.41 -33.49
C ALA B 227 20.37 43.04 -33.80
N VAL B 228 19.23 42.73 -33.19
CA VAL B 228 18.53 41.48 -33.49
C VAL B 228 18.05 41.49 -34.94
N LEU B 229 17.55 42.63 -35.42
CA LEU B 229 17.12 42.74 -36.81
C LEU B 229 18.28 42.62 -37.78
N SER B 230 19.48 43.06 -37.38
CA SER B 230 20.65 42.90 -38.24
C SER B 230 21.13 41.45 -38.25
N ILE B 231 21.04 40.77 -37.09
CA ILE B 231 21.39 39.35 -37.02
C ILE B 231 20.37 38.51 -37.79
N LEU B 232 19.13 38.99 -37.90
CA LEU B 232 18.02 38.19 -38.41
C LEU B 232 18.20 37.65 -39.83
N PRO B 233 18.67 38.41 -40.84
CA PRO B 233 18.89 37.78 -42.16
C PRO B 233 19.96 36.72 -42.16
N MET B 234 20.96 36.81 -41.27
CA MET B 234 22.01 35.79 -41.24
C MET B 234 21.50 34.47 -40.68
N LEU B 235 20.61 34.51 -39.68
CA LEU B 235 20.05 33.26 -39.18
C LEU B 235 19.15 32.61 -40.23
N ILE B 236 18.43 33.42 -41.00
CA ILE B 236 17.64 32.90 -42.11
C ILE B 236 18.54 32.28 -43.18
N GLU B 237 19.66 32.95 -43.48
CA GLU B 237 20.64 32.40 -44.43
C GLU B 237 21.24 31.10 -43.91
N ALA B 238 21.51 31.03 -42.61
CA ALA B 238 22.06 29.81 -42.02
C ALA B 238 21.05 28.66 -42.10
N ASN B 239 19.77 28.97 -41.86
CA ASN B 239 18.73 27.95 -42.01
C ASN B 239 18.64 27.46 -43.46
N LYS B 240 18.78 28.39 -44.42
CA LYS B 240 18.76 27.99 -45.82
C LYS B 240 20.00 27.19 -46.21
N ALA B 241 21.16 27.53 -45.64
CA ALA B 241 22.41 26.85 -45.97
C ALA B 241 22.42 25.43 -45.41
N LEU B 242 22.05 25.27 -44.13
CA LEU B 242 21.98 23.94 -43.55
C LEU B 242 20.81 23.15 -44.12
N GLY B 243 19.64 23.78 -44.21
CA GLY B 243 18.49 23.13 -44.82
C GLY B 243 18.51 23.26 -46.33
N LYS B 244 19.38 22.47 -46.98
CA LYS B 244 19.56 22.58 -48.42
C LYS B 244 18.32 22.11 -49.18
N GLY B 245 17.70 21.02 -48.74
CA GLY B 245 16.57 20.48 -49.46
C GLY B 245 15.29 20.40 -48.66
N GLN B 246 15.36 20.70 -47.37
CA GLN B 246 14.18 20.63 -46.51
C GLN B 246 13.25 21.81 -46.76
N GLU B 247 11.98 21.64 -46.39
CA GLU B 247 11.00 22.71 -46.51
C GLU B 247 11.33 23.85 -45.54
N SER B 248 11.56 23.51 -44.27
CA SER B 248 11.91 24.46 -43.20
C SER B 248 10.87 25.57 -43.06
N VAL B 249 9.61 25.21 -43.27
CA VAL B 249 8.50 26.17 -43.20
C VAL B 249 8.28 26.57 -41.74
N PRO B 250 8.04 27.85 -41.45
CA PRO B 250 7.73 28.24 -40.07
C PRO B 250 6.33 27.82 -39.66
N LEU B 251 6.23 26.78 -38.84
CA LEU B 251 4.93 26.26 -38.44
C LEU B 251 4.44 27.07 -37.24
N PHE B 252 3.23 27.59 -37.37
CA PHE B 252 2.69 28.56 -36.41
C PHE B 252 1.19 28.38 -36.35
N PRO B 253 0.55 28.80 -35.25
CA PRO B 253 -0.91 28.63 -35.14
C PRO B 253 -1.71 29.41 -36.18
N TRP B 254 -1.17 30.50 -36.72
CA TRP B 254 -1.94 31.31 -37.65
C TRP B 254 -1.99 30.74 -39.07
N ASN B 255 -1.24 29.69 -39.37
CA ASN B 255 -1.24 29.13 -40.71
C ASN B 255 -1.19 27.60 -40.64
N GLU B 256 -1.75 26.96 -41.68
CA GLU B 256 -1.79 25.51 -41.77
C GLU B 256 -0.62 24.94 -42.57
N GLU B 257 0.53 25.63 -42.58
CA GLU B 257 1.71 25.09 -43.25
C GLU B 257 2.32 23.90 -42.53
N TRP B 258 1.92 23.65 -41.28
CA TRP B 258 2.41 22.48 -40.55
C TRP B 258 1.70 21.20 -40.95
N GLU B 259 0.61 21.28 -41.72
CA GLU B 259 -0.06 20.06 -42.17
C GLU B 259 0.81 19.26 -43.12
N LYS B 260 1.63 19.93 -43.93
CA LYS B 260 2.56 19.25 -44.81
C LYS B 260 3.82 18.78 -44.09
N VAL B 261 4.08 19.27 -42.87
CA VAL B 261 5.24 18.82 -42.11
C VAL B 261 5.04 17.37 -41.67
N ALA B 262 3.87 17.06 -41.12
CA ALA B 262 3.57 15.71 -40.66
C ALA B 262 2.57 15.03 -41.58
N TYR C 112 -63.30 -39.46 15.01
CA TYR C 112 -64.55 -38.75 14.73
C TYR C 112 -64.42 -37.89 13.49
N GLY C 113 -63.22 -37.87 12.90
CA GLY C 113 -62.99 -37.11 11.69
C GLY C 113 -62.75 -35.63 11.89
N PHE C 114 -62.52 -35.19 13.12
CA PHE C 114 -62.29 -33.78 13.42
C PHE C 114 -60.80 -33.51 13.28
N ASP C 115 -60.36 -33.24 12.06
CA ASP C 115 -58.97 -32.86 11.77
C ASP C 115 -58.97 -31.69 10.80
N PRO C 116 -59.26 -30.48 11.29
CA PRO C 116 -59.30 -29.33 10.37
C PRO C 116 -57.93 -28.91 9.89
N LEU C 117 -56.95 -28.84 10.78
CA LEU C 117 -55.60 -28.44 10.38
C LEU C 117 -54.93 -29.54 9.56
N GLY C 118 -54.99 -30.78 10.05
CA GLY C 118 -54.42 -31.90 9.33
C GLY C 118 -53.07 -32.30 9.87
N LEU C 119 -53.05 -33.34 10.71
CA LEU C 119 -51.81 -33.85 11.28
C LEU C 119 -51.72 -35.37 11.28
N LEU C 120 -52.78 -36.07 10.86
CA LEU C 120 -52.78 -37.52 10.82
C LEU C 120 -52.52 -38.06 9.42
N ASP C 121 -52.08 -37.22 8.50
CA ASP C 121 -51.80 -37.67 7.14
C ASP C 121 -50.58 -38.57 7.13
N PRO C 122 -50.65 -39.76 6.52
CA PRO C 122 -49.46 -40.61 6.42
C PRO C 122 -48.34 -40.02 5.59
N SER C 123 -48.63 -39.06 4.71
CA SER C 123 -47.59 -38.39 3.94
C SER C 123 -46.67 -37.54 4.82
N VAL C 124 -47.16 -37.11 5.99
CA VAL C 124 -46.32 -36.37 6.93
C VAL C 124 -45.31 -37.32 7.54
N SER C 125 -44.03 -36.90 7.56
CA SER C 125 -42.91 -37.68 8.08
C SER C 125 -42.79 -39.02 7.37
N GLY C 126 -42.62 -38.95 6.06
CA GLY C 126 -42.48 -40.13 5.22
C GLY C 126 -41.04 -40.36 4.82
N GLY C 127 -40.61 -41.62 4.90
CA GLY C 127 -39.24 -41.96 4.56
C GLY C 127 -38.70 -43.09 5.40
N LYS C 128 -37.53 -42.87 6.02
CA LYS C 128 -36.88 -43.88 6.84
C LYS C 128 -36.52 -43.28 8.20
N GLY C 129 -36.17 -44.16 9.12
CA GLY C 129 -35.72 -43.73 10.44
C GLY C 129 -36.86 -43.52 11.42
N GLU C 130 -36.46 -43.14 12.63
CA GLU C 130 -37.42 -42.94 13.71
C GLU C 130 -38.25 -41.68 13.51
N GLY C 131 -37.71 -40.68 12.83
CA GLY C 131 -38.52 -39.58 12.35
C GLY C 131 -38.93 -38.59 13.44
N GLY C 132 -39.93 -37.76 13.11
CA GLY C 132 -40.40 -36.73 13.99
C GLY C 132 -41.68 -37.10 14.72
N PHE C 133 -42.15 -36.14 15.53
CA PHE C 133 -43.30 -36.38 16.41
C PHE C 133 -44.64 -36.31 15.68
N VAL C 134 -44.71 -35.66 14.53
CA VAL C 134 -45.97 -35.51 13.81
C VAL C 134 -46.15 -36.77 12.96
N ASN C 135 -46.75 -37.79 13.56
CA ASN C 135 -47.07 -39.05 12.90
C ASN C 135 -48.20 -39.70 13.67
N PRO C 136 -49.05 -40.51 13.02
CA PRO C 136 -50.24 -41.02 13.71
C PRO C 136 -49.96 -41.87 14.95
N ARG C 137 -48.87 -42.64 14.96
CA ARG C 137 -48.58 -43.49 16.10
C ARG C 137 -48.26 -42.68 17.35
N TRP C 138 -47.33 -41.73 17.22
CA TRP C 138 -47.00 -40.87 18.35
C TRP C 138 -48.16 -39.95 18.72
N LEU C 139 -48.95 -39.53 17.72
CA LEU C 139 -50.10 -38.67 18.01
C LEU C 139 -51.15 -39.41 18.84
N GLN C 140 -51.45 -40.65 18.49
CA GLN C 140 -52.40 -41.43 19.30
C GLN C 140 -51.82 -41.75 20.67
N TYR C 141 -50.53 -42.08 20.73
CA TYR C 141 -49.86 -42.35 22.00
C TYR C 141 -49.95 -41.14 22.94
N SER C 142 -49.57 -39.97 22.45
CA SER C 142 -49.63 -38.77 23.26
C SER C 142 -51.05 -38.34 23.55
N GLU C 143 -52.00 -38.64 22.66
CA GLU C 143 -53.40 -38.34 22.92
C GLU C 143 -53.92 -39.12 24.11
N VAL C 144 -53.68 -40.44 24.13
CA VAL C 144 -54.19 -41.23 25.24
C VAL C 144 -53.39 -40.94 26.52
N ILE C 145 -52.11 -40.57 26.41
CA ILE C 145 -51.34 -40.24 27.60
C ILE C 145 -51.83 -38.93 28.21
N HIS C 146 -52.04 -37.91 27.37
CA HIS C 146 -52.66 -36.66 27.82
C HIS C 146 -54.05 -36.90 28.37
N ALA C 147 -54.79 -37.85 27.79
CA ALA C 147 -56.13 -38.16 28.26
C ALA C 147 -56.12 -38.75 29.66
N ARG C 148 -55.24 -39.74 29.89
CA ARG C 148 -55.18 -40.35 31.21
C ARG C 148 -54.62 -39.39 32.25
N TRP C 149 -53.62 -38.58 31.87
CA TRP C 149 -53.10 -37.59 32.79
C TRP C 149 -54.12 -36.52 33.12
N ALA C 150 -54.91 -36.08 32.12
CA ALA C 150 -55.96 -35.11 32.37
C ALA C 150 -57.09 -35.68 33.20
N MET C 151 -57.41 -36.97 33.04
CA MET C 151 -58.44 -37.57 33.88
C MET C 151 -57.97 -37.69 35.32
N LEU C 152 -56.70 -38.09 35.53
CA LEU C 152 -56.15 -38.12 36.88
C LEU C 152 -56.11 -36.72 37.49
N GLY C 153 -55.72 -35.72 36.70
CA GLY C 153 -55.68 -34.36 37.21
C GLY C 153 -57.05 -33.80 37.53
N ALA C 154 -58.05 -34.08 36.67
CA ALA C 154 -59.40 -33.60 36.92
C ALA C 154 -60.02 -34.31 38.11
N ALA C 155 -59.64 -35.56 38.37
CA ALA C 155 -60.07 -36.22 39.59
C ALA C 155 -59.43 -35.59 40.82
N GLY C 156 -58.11 -35.35 40.76
CA GLY C 156 -57.40 -34.85 41.92
C GLY C 156 -57.57 -33.37 42.19
N CYS C 157 -58.02 -32.60 41.21
CA CYS C 157 -58.24 -31.17 41.42
C CYS C 157 -59.52 -30.90 42.21
N ILE C 158 -60.57 -31.67 41.93
CA ILE C 158 -61.87 -31.42 42.55
C ILE C 158 -62.24 -32.46 43.61
N ALA C 159 -61.50 -33.58 43.69
CA ALA C 159 -61.78 -34.58 44.71
C ALA C 159 -61.62 -34.08 46.14
N PRO C 160 -60.56 -33.34 46.52
CA PRO C 160 -60.55 -32.79 47.89
C PRO C 160 -61.62 -31.73 48.14
N GLU C 161 -62.07 -31.03 47.11
CA GLU C 161 -63.02 -29.93 47.32
C GLU C 161 -64.40 -30.43 47.72
N ILE C 162 -64.93 -31.42 47.01
CA ILE C 162 -66.26 -31.94 47.32
C ILE C 162 -66.25 -32.64 48.68
N LEU C 163 -65.19 -33.40 48.97
CA LEU C 163 -65.08 -34.04 50.27
C LEU C 163 -64.82 -33.04 51.39
N GLY C 164 -64.29 -31.86 51.08
CA GLY C 164 -64.11 -30.82 52.07
C GLY C 164 -65.39 -30.06 52.36
N LYS C 165 -66.20 -29.84 51.32
CA LYS C 165 -67.52 -29.25 51.54
C LYS C 165 -68.45 -30.20 52.27
N ALA C 166 -68.36 -31.50 51.99
CA ALA C 166 -69.18 -32.51 52.65
C ALA C 166 -68.58 -32.98 53.96
N GLY C 167 -67.34 -32.61 54.26
CA GLY C 167 -66.72 -33.01 55.51
C GLY C 167 -66.31 -34.46 55.58
N VAL C 168 -66.16 -35.13 54.43
CA VAL C 168 -65.72 -36.51 54.42
C VAL C 168 -64.28 -36.62 54.90
N ILE C 169 -63.43 -35.74 54.40
CA ILE C 169 -62.03 -35.66 54.82
C ILE C 169 -61.85 -34.34 55.55
N PRO C 170 -60.84 -34.19 56.44
CA PRO C 170 -60.66 -32.93 57.16
C PRO C 170 -60.47 -31.71 56.26
N ALA C 171 -61.25 -30.66 56.52
CA ALA C 171 -61.22 -29.47 55.68
C ALA C 171 -59.93 -28.68 55.82
N GLU C 172 -59.15 -28.91 56.88
CA GLU C 172 -57.87 -28.24 57.03
C GLU C 172 -56.86 -28.75 56.01
N THR C 173 -57.09 -29.94 55.46
CA THR C 173 -56.27 -30.48 54.38
C THR C 173 -56.90 -30.19 53.01
N ALA C 174 -58.24 -30.11 52.97
CA ALA C 174 -58.93 -29.79 51.73
C ALA C 174 -58.67 -28.36 51.31
N VAL C 175 -57.85 -28.18 50.27
CA VAL C 175 -57.47 -26.88 49.78
C VAL C 175 -57.58 -26.90 48.26
N ASP C 176 -57.58 -25.71 47.66
CA ASP C 176 -57.62 -25.60 46.21
C ASP C 176 -56.39 -26.24 45.58
N TRP C 177 -56.58 -26.82 44.39
CA TRP C 177 -55.55 -27.66 43.79
C TRP C 177 -54.30 -26.87 43.45
N PHE C 178 -54.44 -25.59 43.17
CA PHE C 178 -53.29 -24.74 42.88
C PHE C 178 -52.62 -24.17 44.12
N ARG C 179 -53.18 -24.44 45.31
CA ARG C 179 -52.60 -23.97 46.57
C ARG C 179 -51.94 -25.08 47.37
N THR C 180 -51.83 -26.28 46.80
CA THR C 180 -51.22 -27.40 47.51
C THR C 180 -49.70 -27.33 47.54
N GLY C 181 -49.09 -26.52 46.69
CA GLY C 181 -47.64 -26.46 46.63
C GLY C 181 -47.12 -26.50 45.21
N VAL C 182 -48.02 -26.74 44.26
CA VAL C 182 -47.65 -26.69 42.85
C VAL C 182 -47.28 -25.26 42.45
N ILE C 183 -48.05 -24.28 42.92
CA ILE C 183 -47.72 -22.87 42.73
C ILE C 183 -47.58 -22.23 44.11
N PRO C 184 -46.38 -22.18 44.67
CA PRO C 184 -46.17 -21.50 45.96
C PRO C 184 -46.52 -20.02 45.95
N PRO C 185 -46.45 -19.31 44.80
CA PRO C 185 -47.12 -18.00 44.77
C PRO C 185 -48.60 -18.06 45.09
N ALA C 186 -49.32 -19.08 44.62
CA ALA C 186 -50.72 -19.24 44.98
C ALA C 186 -50.86 -19.74 46.41
N GLY C 187 -50.05 -20.71 46.80
CA GLY C 187 -50.11 -21.27 48.14
C GLY C 187 -49.37 -22.59 48.24
N VAL C 188 -48.79 -22.87 49.41
CA VAL C 188 -48.07 -24.10 49.66
C VAL C 188 -48.56 -24.68 50.99
N TYR C 189 -48.92 -25.96 50.99
CA TYR C 189 -49.42 -26.61 52.19
C TYR C 189 -48.26 -26.92 53.12
N LYS C 190 -48.28 -26.34 54.32
CA LYS C 190 -47.20 -26.53 55.27
C LYS C 190 -47.24 -27.88 55.96
N ASN C 191 -48.44 -28.42 56.20
CA ASN C 191 -48.60 -29.63 57.02
C ASN C 191 -48.44 -30.90 56.18
N PHE C 192 -47.25 -31.03 55.59
CA PHE C 192 -46.88 -32.22 54.84
C PHE C 192 -45.77 -32.96 55.57
N TRP C 193 -45.64 -34.25 55.27
CA TRP C 193 -44.60 -35.05 55.91
C TRP C 193 -43.22 -34.67 55.39
N ALA C 194 -43.13 -34.08 54.20
CA ALA C 194 -41.87 -33.66 53.63
C ALA C 194 -42.05 -32.30 52.96
N ASP C 195 -40.93 -31.62 52.75
CA ASP C 195 -40.96 -30.36 52.01
C ASP C 195 -41.33 -30.64 50.56
N PRO C 196 -41.96 -29.67 49.86
CA PRO C 196 -42.38 -29.89 48.48
C PRO C 196 -41.25 -30.24 47.51
N PHE C 197 -40.04 -29.77 47.79
CA PHE C 197 -38.91 -30.10 46.91
C PHE C 197 -38.44 -31.53 47.14
N THR C 198 -38.56 -32.04 48.37
CA THR C 198 -38.24 -33.45 48.63
C THR C 198 -39.22 -34.36 47.91
N LEU C 199 -40.51 -34.03 47.98
CA LEU C 199 -41.52 -34.76 47.21
C LEU C 199 -41.30 -34.59 45.71
N PHE C 200 -40.78 -33.44 45.30
CA PHE C 200 -40.46 -33.23 43.89
C PHE C 200 -39.33 -34.14 43.44
N PHE C 201 -38.30 -34.32 44.28
CA PHE C 201 -37.21 -35.22 43.93
C PHE C 201 -37.67 -36.67 43.89
N ILE C 202 -38.54 -37.06 44.84
CA ILE C 202 -39.13 -38.39 44.81
C ILE C 202 -39.93 -38.59 43.53
N GLU C 203 -40.71 -37.58 43.16
CA GLU C 203 -41.46 -37.58 41.90
C GLU C 203 -40.53 -37.74 40.71
N VAL C 204 -39.43 -36.98 40.69
CA VAL C 204 -38.49 -37.01 39.57
C VAL C 204 -37.90 -38.40 39.40
N VAL C 205 -37.45 -39.01 40.51
CA VAL C 205 -36.84 -40.33 40.44
C VAL C 205 -37.86 -41.36 39.96
N ALA C 206 -39.03 -41.40 40.61
CA ALA C 206 -40.01 -42.44 40.33
C ALA C 206 -40.60 -42.30 38.93
N ILE C 207 -41.03 -41.10 38.56
CA ILE C 207 -41.66 -40.93 37.27
C ILE C 207 -40.62 -40.86 36.15
N GLN C 208 -39.35 -40.52 36.43
CA GLN C 208 -38.33 -40.68 35.42
C GLN C 208 -38.11 -42.15 35.11
N PHE C 209 -38.09 -42.99 36.14
CA PHE C 209 -38.05 -44.44 35.92
C PHE C 209 -39.23 -44.89 35.08
N ALA C 210 -40.44 -44.48 35.46
CA ALA C 210 -41.66 -44.93 34.78
C ALA C 210 -41.68 -44.48 33.31
N GLU C 211 -41.45 -43.19 33.06
CA GLU C 211 -41.56 -42.66 31.71
C GLU C 211 -40.40 -43.11 30.83
N LEU C 212 -39.23 -43.36 31.43
CA LEU C 212 -38.12 -43.86 30.62
C LEU C 212 -38.33 -45.32 30.25
N LYS C 213 -38.93 -46.12 31.14
CA LYS C 213 -39.33 -47.47 30.77
C LYS C 213 -40.38 -47.44 29.67
N ARG C 214 -41.33 -46.50 29.78
CA ARG C 214 -42.34 -46.35 28.73
C ARG C 214 -41.72 -45.97 27.39
N LEU C 215 -40.75 -45.05 27.41
CA LEU C 215 -40.09 -44.63 26.17
C LEU C 215 -39.26 -45.75 25.57
N GLN C 216 -38.57 -46.53 26.41
CA GLN C 216 -37.77 -47.63 25.91
C GLN C 216 -38.64 -48.74 25.34
N ASP C 217 -39.81 -48.97 25.93
CA ASP C 217 -40.76 -49.91 25.34
C ASP C 217 -41.38 -49.35 24.06
N TYR C 218 -41.53 -48.03 23.99
CA TYR C 218 -42.07 -47.40 22.79
C TYR C 218 -41.11 -47.55 21.62
N LYS C 219 -39.81 -47.38 21.87
CA LYS C 219 -38.82 -47.57 20.82
C LYS C 219 -38.70 -49.03 20.42
N ASN C 220 -38.64 -49.92 21.41
CA ASN C 220 -38.56 -51.36 21.17
C ASN C 220 -39.69 -52.07 21.91
N PRO C 221 -40.73 -52.53 21.21
CA PRO C 221 -41.87 -53.14 21.92
C PRO C 221 -41.49 -54.47 22.54
N GLY C 222 -41.91 -54.66 23.79
CA GLY C 222 -41.63 -55.88 24.52
C GLY C 222 -40.24 -55.97 25.10
N SER C 223 -39.42 -54.93 24.95
CA SER C 223 -38.03 -54.99 25.38
C SER C 223 -37.88 -54.87 26.89
N GLN C 224 -38.87 -54.33 27.59
CA GLN C 224 -38.79 -54.19 29.04
C GLN C 224 -39.07 -55.50 29.77
N SER C 225 -39.55 -56.52 29.07
CA SER C 225 -39.76 -57.84 29.66
C SER C 225 -38.52 -58.72 29.60
N ARG C 226 -37.43 -58.23 29.02
CA ARG C 226 -36.21 -59.00 28.85
C ARG C 226 -35.14 -58.65 29.88
N GLN C 227 -34.95 -57.37 30.17
CA GLN C 227 -34.01 -56.96 31.20
C GLN C 227 -34.66 -57.07 32.56
N TYR C 228 -33.92 -57.64 33.51
CA TYR C 228 -34.47 -57.95 34.83
C TYR C 228 -34.81 -56.68 35.60
N PHE C 229 -36.06 -56.59 36.09
CA PHE C 229 -36.52 -55.47 36.90
C PHE C 229 -37.39 -56.02 38.02
N LEU C 230 -36.72 -56.39 39.13
CA LEU C 230 -37.36 -56.87 40.38
C LEU C 230 -38.35 -58.01 40.15
N GLY C 231 -38.14 -58.78 39.09
CA GLY C 231 -39.08 -59.83 38.75
C GLY C 231 -40.42 -59.32 38.24
N LEU C 232 -40.47 -58.06 37.78
CA LEU C 232 -41.68 -57.48 37.24
C LEU C 232 -41.73 -57.51 35.73
N GLU C 233 -40.90 -58.34 35.09
CA GLU C 233 -40.84 -58.38 33.63
C GLU C 233 -42.10 -59.00 33.03
N GLY C 234 -42.81 -59.81 33.81
CA GLY C 234 -44.05 -60.39 33.32
C GLY C 234 -45.12 -59.34 33.07
N LEU C 235 -45.15 -58.29 33.88
CA LEU C 235 -46.10 -57.21 33.72
C LEU C 235 -45.71 -56.22 32.64
N PHE C 236 -44.43 -56.21 32.24
CA PHE C 236 -43.88 -55.14 31.41
C PHE C 236 -43.68 -55.55 29.95
N LYS C 237 -44.48 -56.49 29.46
CA LYS C 237 -44.36 -56.93 28.07
C LYS C 237 -45.02 -55.94 27.12
N GLY C 238 -46.32 -55.73 27.29
CA GLY C 238 -47.08 -54.84 26.43
C GLY C 238 -47.66 -55.58 25.24
N SER C 239 -48.34 -54.81 24.39
CA SER C 239 -49.01 -55.32 23.21
C SER C 239 -48.41 -54.66 21.96
N ASP C 240 -49.05 -54.90 20.82
CA ASP C 240 -48.62 -54.28 19.57
C ASP C 240 -48.77 -52.76 19.62
N ASN C 241 -49.85 -52.28 20.20
CA ASN C 241 -50.00 -50.86 20.45
C ASN C 241 -49.22 -50.48 21.69
N PRO C 242 -48.21 -49.60 21.59
CA PRO C 242 -47.48 -49.18 22.80
C PRO C 242 -48.34 -48.40 23.77
N ALA C 243 -49.42 -47.80 23.29
CA ALA C 243 -50.33 -47.05 24.15
C ALA C 243 -51.16 -47.98 25.03
N TYR C 244 -51.34 -49.23 24.61
CA TYR C 244 -52.28 -50.17 25.24
C TYR C 244 -51.47 -51.40 25.68
N PRO C 245 -50.73 -51.28 26.78
CA PRO C 245 -49.84 -52.40 27.18
C PRO C 245 -50.58 -53.64 27.64
N GLY C 246 -51.52 -53.49 28.58
CA GLY C 246 -52.19 -54.65 29.12
C GLY C 246 -51.24 -55.49 29.98
N GLY C 247 -51.63 -56.75 30.16
CA GLY C 247 -50.80 -57.68 30.88
C GLY C 247 -51.29 -57.98 32.28
N PRO C 248 -50.46 -58.62 33.08
CA PRO C 248 -50.87 -59.02 34.43
C PRO C 248 -50.99 -57.88 35.42
N PHE C 249 -50.51 -56.68 35.10
CA PHE C 249 -50.68 -55.56 36.01
C PHE C 249 -51.50 -54.43 35.40
N PHE C 250 -51.12 -53.98 34.19
CA PHE C 250 -51.80 -52.85 33.55
C PHE C 250 -53.24 -53.19 33.22
N ASN C 251 -53.54 -54.48 33.06
CA ASN C 251 -54.90 -54.98 32.91
C ASN C 251 -55.11 -56.16 33.85
N PHE C 252 -54.77 -55.98 35.13
CA PHE C 252 -54.73 -57.07 36.10
C PHE C 252 -56.09 -57.73 36.28
N ALA C 253 -57.17 -56.94 36.32
CA ALA C 253 -58.49 -57.47 36.07
C ALA C 253 -58.67 -57.55 34.56
N ASN C 254 -59.09 -58.71 34.06
CA ASN C 254 -59.13 -58.96 32.62
C ASN C 254 -60.05 -57.99 31.90
N PHE C 255 -61.31 -57.90 32.37
CA PHE C 255 -62.24 -56.83 32.02
C PHE C 255 -62.42 -56.68 30.51
N GLY C 256 -61.47 -56.01 29.86
CA GLY C 256 -61.48 -55.84 28.42
C GLY C 256 -60.92 -57.02 27.67
N LYS C 257 -61.69 -58.10 27.54
CA LYS C 257 -61.21 -59.32 26.90
C LYS C 257 -61.72 -59.37 25.48
N THR C 258 -63.04 -59.36 25.25
CA THR C 258 -63.58 -59.50 23.91
C THR C 258 -63.45 -58.20 23.13
N GLU C 259 -63.12 -58.31 21.84
CA GLU C 259 -62.75 -57.15 21.03
C GLU C 259 -63.87 -56.12 20.86
N GLU C 260 -65.12 -56.54 20.86
CA GLU C 260 -66.22 -55.59 20.75
C GLU C 260 -66.30 -54.68 21.98
N GLU C 261 -66.34 -55.29 23.17
CA GLU C 261 -66.40 -54.48 24.38
C GLU C 261 -65.05 -53.84 24.67
N MET C 262 -63.96 -54.41 24.16
CA MET C 262 -62.67 -53.74 24.23
C MET C 262 -62.69 -52.43 23.43
N LYS C 263 -63.25 -52.46 22.22
CA LYS C 263 -63.31 -51.26 21.41
C LYS C 263 -64.32 -50.26 21.99
N LYS C 264 -65.37 -50.77 22.63
CA LYS C 264 -66.30 -49.90 23.34
C LYS C 264 -65.60 -49.19 24.50
N LEU C 265 -64.78 -49.93 25.24
CA LEU C 265 -64.00 -49.33 26.33
C LEU C 265 -62.96 -48.36 25.79
N LYS C 266 -62.41 -48.64 24.60
CA LYS C 266 -61.49 -47.70 23.96
C LYS C 266 -62.18 -46.38 23.66
N LEU C 267 -63.37 -46.44 23.04
CA LEU C 267 -64.11 -45.24 22.72
C LEU C 267 -64.51 -44.48 23.98
N ASN C 268 -64.93 -45.22 25.02
CA ASN C 268 -65.31 -44.57 26.28
C ASN C 268 -64.13 -43.89 26.94
N GLU C 269 -62.97 -44.55 26.94
CA GLU C 269 -61.77 -43.98 27.56
C GLU C 269 -61.33 -42.72 26.81
N ILE C 270 -61.32 -42.79 25.48
CA ILE C 270 -60.87 -41.63 24.71
C ILE C 270 -61.89 -40.48 24.83
N LYS C 271 -63.18 -40.79 24.96
CA LYS C 271 -64.17 -39.73 25.10
C LYS C 271 -64.10 -39.06 26.46
N ASN C 272 -63.96 -39.85 27.53
CA ASN C 272 -63.81 -39.25 28.86
C ASN C 272 -62.49 -38.51 28.99
N GLY C 273 -61.44 -38.98 28.33
CA GLY C 273 -60.19 -38.22 28.33
C GLY C 273 -60.27 -36.92 27.55
N ARG C 274 -60.99 -36.92 26.42
CA ARG C 274 -61.22 -35.68 25.69
C ARG C 274 -62.09 -34.72 26.47
N LEU C 275 -63.01 -35.25 27.29
CA LEU C 275 -63.74 -34.39 28.22
C LEU C 275 -62.82 -33.82 29.28
N ALA C 276 -61.89 -34.62 29.79
CA ALA C 276 -60.98 -34.16 30.83
C ALA C 276 -59.97 -33.15 30.30
N MET C 277 -59.69 -33.17 28.99
CA MET C 277 -58.96 -32.08 28.34
C MET C 277 -59.57 -30.74 28.69
N LEU C 278 -60.85 -30.57 28.31
CA LEU C 278 -61.57 -29.33 28.57
C LEU C 278 -61.78 -29.12 30.06
N ALA C 279 -61.88 -30.21 30.84
CA ALA C 279 -62.06 -30.08 32.28
C ALA C 279 -60.84 -29.43 32.94
N MET C 280 -59.64 -29.93 32.62
CA MET C 280 -58.43 -29.33 33.18
C MET C 280 -58.16 -27.95 32.60
N PHE C 281 -58.51 -27.74 31.33
CA PHE C 281 -58.40 -26.41 30.73
C PHE C 281 -59.27 -25.41 31.48
N GLY C 282 -60.52 -25.77 31.74
CA GLY C 282 -61.40 -24.93 32.54
C GLY C 282 -60.97 -24.79 33.97
N TYR C 283 -60.36 -25.84 34.54
CA TYR C 283 -59.86 -25.76 35.91
C TYR C 283 -58.77 -24.69 36.02
N GLY C 284 -57.80 -24.73 35.12
CA GLY C 284 -56.76 -23.70 35.12
C GLY C 284 -57.29 -22.32 34.82
N ALA C 285 -58.20 -22.22 33.84
CA ALA C 285 -58.76 -20.93 33.45
C ALA C 285 -59.58 -20.31 34.58
N GLN C 286 -60.42 -21.10 35.23
CA GLN C 286 -61.21 -20.62 36.36
C GLN C 286 -60.31 -20.29 37.54
N ALA C 287 -59.23 -21.06 37.74
CA ALA C 287 -58.30 -20.77 38.82
C ALA C 287 -57.62 -19.43 38.63
N VAL C 288 -57.26 -19.09 37.39
CA VAL C 288 -56.60 -17.80 37.20
C VAL C 288 -57.60 -16.64 37.15
N ILE C 289 -58.81 -16.84 36.63
CA ILE C 289 -59.72 -15.69 36.50
C ILE C 289 -60.38 -15.40 37.85
N THR C 290 -60.58 -16.43 38.68
CA THR C 290 -61.30 -16.24 39.93
C THR C 290 -60.45 -16.39 41.18
N GLY C 291 -59.50 -17.33 41.20
CA GLY C 291 -58.67 -17.54 42.38
C GLY C 291 -59.21 -18.52 43.39
N ASP C 292 -60.37 -19.12 43.14
CA ASP C 292 -60.93 -20.13 44.04
C ASP C 292 -61.02 -21.47 43.31
N GLY C 293 -61.54 -22.47 44.02
CA GLY C 293 -61.66 -23.80 43.48
C GLY C 293 -62.73 -23.93 42.43
N PRO C 294 -62.61 -24.96 41.59
CA PRO C 294 -63.63 -25.18 40.55
C PRO C 294 -65.01 -25.49 41.08
N PHE C 295 -65.11 -26.18 42.22
CA PHE C 295 -66.42 -26.47 42.80
C PHE C 295 -67.08 -25.21 43.33
N ASP C 296 -66.28 -24.26 43.83
CA ASP C 296 -66.81 -22.96 44.22
C ASP C 296 -67.37 -22.22 43.00
N ASN C 297 -66.69 -22.33 41.86
CA ASN C 297 -67.20 -21.73 40.62
C ASN C 297 -68.49 -22.40 40.18
N LEU C 298 -68.59 -23.72 40.34
CA LEU C 298 -69.82 -24.43 40.00
C LEU C 298 -70.97 -24.00 40.91
N LEU C 299 -70.69 -23.85 42.20
CA LEU C 299 -71.72 -23.37 43.13
C LEU C 299 -72.14 -21.95 42.82
N ALA C 300 -71.19 -21.09 42.41
CA ALA C 300 -71.52 -19.73 42.03
C ALA C 300 -72.38 -19.69 40.77
N HIS C 301 -72.07 -20.55 39.79
CA HIS C 301 -72.87 -20.61 38.58
C HIS C 301 -74.26 -21.19 38.86
N LEU C 302 -74.36 -22.11 39.82
CA LEU C 302 -75.66 -22.69 40.17
C LEU C 302 -76.52 -21.70 40.94
N ALA C 303 -75.92 -20.94 41.86
CA ALA C 303 -76.68 -20.02 42.69
C ALA C 303 -77.18 -18.83 41.89
N ASP C 304 -76.32 -18.22 41.08
CA ASP C 304 -76.68 -17.07 40.25
C ASP C 304 -75.94 -17.26 38.94
N PRO C 305 -76.61 -17.78 37.91
CA PRO C 305 -75.93 -18.02 36.62
C PRO C 305 -75.51 -16.74 35.92
N THR C 306 -76.41 -15.76 35.82
CA THR C 306 -76.10 -14.52 35.13
C THR C 306 -75.09 -13.69 35.92
N GLY C 307 -75.21 -13.65 37.24
CA GLY C 307 -74.30 -12.86 38.04
C GLY C 307 -72.93 -13.48 38.19
N ASN C 308 -72.83 -14.80 38.04
CA ASN C 308 -71.56 -15.51 38.15
C ASN C 308 -71.37 -16.35 36.89
N ASN C 309 -70.79 -15.73 35.86
CA ASN C 309 -70.42 -16.43 34.64
C ASN C 309 -69.16 -15.75 34.10
N LEU C 310 -68.80 -16.11 32.87
CA LEU C 310 -67.60 -15.58 32.22
C LEU C 310 -67.69 -14.06 32.05
N ILE C 311 -68.85 -13.58 31.62
CA ILE C 311 -69.07 -12.17 31.29
C ILE C 311 -68.85 -11.31 32.52
N THR C 312 -69.40 -11.74 33.66
CA THR C 312 -69.25 -10.96 34.88
C THR C 312 -67.86 -11.13 35.48
N ASN C 313 -67.28 -12.33 35.37
CA ASN C 313 -66.01 -12.60 36.06
C ASN C 313 -64.82 -11.98 35.33
N LEU C 314 -64.94 -11.76 34.01
CA LEU C 314 -63.83 -11.11 33.30
C LEU C 314 -63.70 -9.64 33.70
N GLY C 315 -64.78 -9.02 34.17
CA GLY C 315 -64.73 -7.64 34.62
C GLY C 315 -64.56 -7.51 36.11
N GLY C 316 -64.19 -8.61 36.78
CA GLY C 316 -64.03 -8.63 38.21
C GLY C 316 -62.57 -8.56 38.65
N LYS C 317 -62.38 -8.81 39.94
CA LYS C 317 -61.05 -8.78 40.52
C LYS C 317 -60.26 -10.02 40.14
N PHE C 318 -58.93 -9.86 40.02
CA PHE C 318 -57.99 -10.92 39.68
C PHE C 318 -58.34 -11.59 38.34
N GLY C 319 -58.81 -10.78 37.40
CA GLY C 319 -59.19 -11.29 36.09
C GLY C 319 -59.91 -10.26 35.24
N ASP D 43 -28.73 -60.08 26.17
CA ASP D 43 -27.66 -61.02 26.45
C ASP D 43 -26.99 -60.72 27.79
N ARG D 44 -27.12 -59.47 28.23
CA ARG D 44 -26.55 -59.03 29.50
C ARG D 44 -27.35 -57.83 29.98
N PRO D 45 -27.36 -57.56 31.29
CA PRO D 45 -28.02 -56.34 31.78
C PRO D 45 -27.30 -55.09 31.30
N LEU D 46 -28.07 -54.19 30.69
CA LEU D 46 -27.54 -52.96 30.14
C LEU D 46 -27.87 -51.78 31.05
N TRP D 47 -27.23 -50.64 30.77
CA TRP D 47 -27.49 -49.43 31.53
C TRP D 47 -28.90 -48.90 31.29
N SER D 48 -29.50 -49.21 30.15
CA SER D 48 -30.88 -48.89 29.85
C SER D 48 -31.57 -50.15 29.37
N PRO D 49 -32.68 -50.55 29.97
CA PRO D 49 -33.38 -51.76 29.52
C PRO D 49 -33.95 -51.56 28.11
N GLY D 50 -33.66 -52.51 27.23
CA GLY D 50 -34.12 -52.44 25.86
C GLY D 50 -33.28 -51.60 24.94
N SER D 51 -32.15 -51.08 25.41
CA SER D 51 -31.28 -50.28 24.56
C SER D 51 -30.39 -51.19 23.70
N GLU D 52 -29.64 -50.57 22.81
CA GLU D 52 -28.68 -51.28 21.96
C GLU D 52 -27.27 -51.02 22.46
N PRO D 53 -26.53 -52.05 22.88
CA PRO D 53 -25.17 -51.83 23.36
C PRO D 53 -24.25 -51.46 22.21
N PRO D 54 -23.17 -50.72 22.49
CA PRO D 54 -22.21 -50.40 21.43
C PRO D 54 -21.49 -51.65 20.93
N ALA D 55 -21.04 -51.59 19.68
CA ALA D 55 -20.35 -52.72 19.07
C ALA D 55 -19.02 -53.00 19.75
N TRP D 56 -18.30 -51.95 20.15
CA TRP D 56 -17.02 -52.12 20.81
C TRP D 56 -17.16 -52.58 22.25
N LEU D 57 -18.37 -52.47 22.83
CA LEU D 57 -18.64 -52.97 24.17
C LEU D 57 -19.42 -54.27 24.03
N ASP D 58 -18.70 -55.38 23.88
CA ASP D 58 -19.30 -56.69 23.67
C ASP D 58 -19.51 -57.47 24.96
N GLY D 59 -19.12 -56.91 26.10
CA GLY D 59 -19.28 -57.58 27.37
C GLY D 59 -18.04 -58.26 27.91
N SER D 60 -16.92 -58.19 27.18
CA SER D 60 -15.70 -58.86 27.62
C SER D 60 -15.00 -58.12 28.76
N LEU D 61 -15.36 -56.87 29.03
CA LEU D 61 -14.74 -56.08 30.08
C LEU D 61 -15.52 -56.20 31.37
N ALA D 62 -14.86 -55.87 32.48
CA ALA D 62 -15.52 -55.89 33.78
C ALA D 62 -16.47 -54.72 33.90
N GLY D 63 -17.70 -54.99 34.33
CA GLY D 63 -18.72 -53.96 34.41
C GLY D 63 -19.14 -53.41 33.07
N ASP D 64 -19.21 -54.26 32.05
CA ASP D 64 -19.55 -53.83 30.70
C ASP D 64 -21.07 -53.82 30.58
N TYR D 65 -21.67 -52.69 30.94
CA TYR D 65 -23.11 -52.49 30.84
C TYR D 65 -23.51 -51.82 29.54
N GLY D 66 -22.56 -51.58 28.64
CA GLY D 66 -22.85 -50.96 27.36
C GLY D 66 -23.30 -49.52 27.45
N PHE D 67 -22.74 -48.75 28.37
CA PHE D 67 -23.07 -47.33 28.51
C PHE D 67 -21.93 -46.52 27.88
N ASP D 68 -22.17 -46.05 26.66
CA ASP D 68 -21.18 -45.25 25.95
C ASP D 68 -21.85 -44.41 24.87
N PRO D 69 -22.56 -43.33 25.22
CA PRO D 69 -23.21 -42.51 24.19
C PRO D 69 -22.26 -41.60 23.44
N LEU D 70 -21.08 -41.31 23.99
CA LEU D 70 -20.12 -40.40 23.36
C LEU D 70 -19.09 -41.14 22.52
N HIS D 71 -19.27 -42.44 22.31
CA HIS D 71 -18.44 -43.28 21.43
C HIS D 71 -16.97 -43.29 21.84
N LEU D 72 -16.66 -43.03 23.11
CA LEU D 72 -15.29 -43.10 23.57
C LEU D 72 -14.83 -44.55 23.69
N SER D 73 -13.51 -44.73 23.71
CA SER D 73 -12.87 -46.04 23.78
C SER D 73 -13.31 -46.95 22.63
N GLU D 74 -13.46 -46.36 21.44
CA GLU D 74 -13.82 -47.15 20.27
C GLU D 74 -12.60 -47.82 19.64
N GLU D 75 -11.50 -47.09 19.52
CA GLU D 75 -10.26 -47.68 19.04
C GLU D 75 -9.69 -48.61 20.11
N PRO D 76 -9.13 -49.75 19.73
CA PRO D 76 -8.59 -50.69 20.75
C PRO D 76 -7.50 -50.09 21.63
N GLU D 77 -6.61 -49.27 21.07
CA GLU D 77 -5.61 -48.60 21.90
C GLU D 77 -6.28 -47.62 22.86
N MET D 78 -7.25 -46.85 22.36
CA MET D 78 -7.98 -45.93 23.22
C MET D 78 -8.88 -46.70 24.20
N ARG D 79 -9.35 -47.88 23.79
CA ARG D 79 -10.10 -48.73 24.70
C ARG D 79 -9.25 -49.19 25.87
N LYS D 80 -8.01 -49.63 25.58
CA LYS D 80 -7.10 -50.04 26.64
C LYS D 80 -6.73 -48.87 27.54
N TRP D 81 -6.50 -47.70 26.95
CA TRP D 81 -6.17 -46.51 27.74
C TRP D 81 -7.34 -46.11 28.64
N MET D 82 -8.56 -46.18 28.12
CA MET D 82 -9.73 -45.84 28.92
C MET D 82 -9.96 -46.86 30.03
N VAL D 83 -9.70 -48.14 29.76
CA VAL D 83 -9.82 -49.16 30.79
C VAL D 83 -8.81 -48.92 31.90
N GLN D 84 -7.56 -48.62 31.54
CA GLN D 84 -6.54 -48.34 32.54
C GLN D 84 -6.89 -47.09 33.34
N ALA D 85 -7.38 -46.04 32.68
CA ALA D 85 -7.76 -44.83 33.38
C ALA D 85 -8.93 -45.07 34.34
N GLU D 86 -9.91 -45.86 33.90
CA GLU D 86 -11.04 -46.18 34.78
C GLU D 86 -10.59 -46.97 35.99
N LEU D 87 -9.71 -47.95 35.81
CA LEU D 87 -9.24 -48.73 36.95
C LEU D 87 -8.40 -47.90 37.91
N VAL D 88 -7.51 -47.04 37.41
CA VAL D 88 -6.69 -46.26 38.33
C VAL D 88 -7.52 -45.19 39.06
N HIS D 89 -8.43 -44.52 38.33
CA HIS D 89 -9.35 -43.58 38.98
C HIS D 89 -10.23 -44.30 39.99
N ALA D 90 -10.63 -45.54 39.68
CA ALA D 90 -11.44 -46.33 40.59
C ALA D 90 -10.70 -46.63 41.87
N ARG D 91 -9.48 -47.17 41.75
CA ARG D 91 -8.72 -47.57 42.92
C ARG D 91 -8.38 -46.38 43.80
N TRP D 92 -8.05 -45.24 43.17
CA TRP D 92 -7.81 -44.05 43.96
C TRP D 92 -9.08 -43.53 44.60
N ALA D 93 -10.23 -43.69 43.94
CA ALA D 93 -11.51 -43.28 44.52
C ALA D 93 -11.87 -44.11 45.74
N MET D 94 -11.73 -45.44 45.66
CA MET D 94 -12.03 -46.28 46.81
C MET D 94 -11.05 -46.01 47.96
N LEU D 95 -9.77 -45.81 47.64
CA LEU D 95 -8.79 -45.51 48.68
C LEU D 95 -9.11 -44.19 49.38
N GLY D 96 -9.39 -43.13 48.60
CA GLY D 96 -9.66 -41.84 49.20
C GLY D 96 -10.98 -41.82 49.97
N VAL D 97 -12.00 -42.49 49.45
CA VAL D 97 -13.29 -42.52 50.13
C VAL D 97 -13.20 -43.33 51.42
N ALA D 98 -12.44 -44.44 51.41
CA ALA D 98 -12.23 -45.21 52.61
C ALA D 98 -11.47 -44.42 53.66
N GLY D 99 -10.44 -43.68 53.24
CA GLY D 99 -9.72 -42.83 54.17
C GLY D 99 -10.59 -41.72 54.76
N ILE D 100 -11.42 -41.10 53.90
CA ILE D 100 -12.33 -40.06 54.36
C ILE D 100 -13.33 -40.61 55.36
N LEU D 101 -13.90 -41.79 55.07
CA LEU D 101 -14.87 -42.40 55.97
C LEU D 101 -14.23 -42.81 57.29
N PHE D 102 -13.01 -43.34 57.24
CA PHE D 102 -12.32 -43.72 58.47
C PHE D 102 -12.02 -42.50 59.34
N THR D 103 -11.54 -41.42 58.72
CA THR D 103 -11.25 -40.20 59.48
C THR D 103 -12.52 -39.59 60.06
N SER D 104 -13.61 -39.59 59.29
CA SER D 104 -14.87 -39.03 59.77
C SER D 104 -15.46 -39.87 60.91
N ILE D 105 -15.38 -41.20 60.79
CA ILE D 105 -15.86 -42.08 61.85
C ILE D 105 -15.04 -41.89 63.12
N ALA D 106 -13.72 -41.81 62.99
CA ALA D 106 -12.86 -41.58 64.15
C ALA D 106 -13.12 -40.23 64.79
N ALA D 107 -13.39 -39.19 63.99
CA ALA D 107 -13.76 -37.89 64.55
C ALA D 107 -15.10 -37.94 65.24
N LYS D 108 -16.04 -38.76 64.72
CA LYS D 108 -17.34 -38.90 65.36
C LYS D 108 -17.24 -39.63 66.69
N THR D 109 -16.34 -40.61 66.78
CA THR D 109 -16.15 -41.32 68.05
C THR D 109 -15.58 -40.40 69.12
N GLY D 110 -14.66 -39.52 68.74
CA GLY D 110 -14.07 -38.59 69.69
C GLY D 110 -12.59 -38.36 69.51
N ALA D 111 -11.99 -39.08 68.56
CA ALA D 111 -10.58 -38.88 68.28
C ALA D 111 -10.35 -37.52 67.63
N PRO D 112 -9.21 -36.88 67.88
CA PRO D 112 -8.96 -35.56 67.29
C PRO D 112 -8.61 -35.62 65.81
N PHE D 113 -9.55 -36.08 65.00
CA PHE D 113 -9.39 -36.21 63.55
C PHE D 113 -10.08 -35.04 62.85
N PRO D 114 -9.47 -34.46 61.83
CA PRO D 114 -10.06 -33.31 61.15
C PRO D 114 -11.19 -33.75 60.22
N ASP D 115 -11.82 -32.73 59.62
CA ASP D 115 -12.79 -32.98 58.56
C ASP D 115 -12.06 -33.50 57.32
N TRP D 116 -12.83 -34.16 56.44
CA TRP D 116 -12.27 -34.62 55.17
C TRP D 116 -11.77 -33.45 54.33
N TYR D 117 -12.39 -32.29 54.45
CA TYR D 117 -11.85 -31.07 53.89
C TYR D 117 -10.86 -30.46 54.88
N ASP D 118 -9.94 -29.65 54.33
CA ASP D 118 -8.82 -28.99 55.03
C ASP D 118 -8.12 -29.88 56.04
N ALA D 119 -7.98 -31.17 55.74
CA ALA D 119 -7.22 -32.06 56.61
C ALA D 119 -5.73 -31.80 56.49
N GLY D 120 -5.23 -31.62 55.26
CA GLY D 120 -3.83 -31.32 55.05
C GLY D 120 -3.41 -29.96 55.58
N LYS D 121 -4.35 -29.01 55.63
CA LYS D 121 -4.03 -27.66 56.11
C LYS D 121 -3.60 -27.69 57.57
N GLU D 122 -4.27 -28.49 58.40
CA GLU D 122 -3.83 -28.67 59.77
C GLU D 122 -2.82 -29.81 59.92
N ALA D 123 -2.71 -30.68 58.91
CA ALA D 123 -1.74 -31.77 59.00
C ALA D 123 -0.31 -31.27 58.79
N ILE D 124 -0.13 -30.29 57.89
CA ILE D 124 1.22 -29.79 57.61
C ILE D 124 1.79 -29.05 58.81
N LYS D 125 0.94 -28.52 59.68
CA LYS D 125 1.44 -27.81 60.86
C LYS D 125 2.09 -28.76 61.85
N THR D 126 1.64 -30.01 61.88
CA THR D 126 2.25 -31.04 62.72
C THR D 126 3.09 -32.03 61.94
N SER D 127 3.14 -31.92 60.62
CA SER D 127 3.92 -32.85 59.81
C SER D 127 5.39 -32.52 59.91
N PRO D 128 6.26 -33.51 60.17
CA PRO D 128 7.71 -33.26 60.06
C PRO D 128 8.13 -32.88 58.66
N ALA D 129 7.47 -33.41 57.64
CA ALA D 129 7.78 -33.06 56.27
C ALA D 129 7.08 -31.75 55.90
N PRO D 130 7.81 -30.72 55.49
CA PRO D 130 7.16 -29.47 55.10
C PRO D 130 6.50 -29.61 53.73
N LEU D 131 5.64 -28.64 53.42
CA LEU D 131 5.04 -28.60 52.09
C LEU D 131 6.11 -28.28 51.06
N GLY D 132 5.89 -28.77 49.84
CA GLY D 132 6.89 -28.63 48.79
C GLY D 132 7.77 -29.86 48.69
N SER D 133 8.49 -30.18 49.76
CA SER D 133 9.28 -31.41 49.79
C SER D 133 8.38 -32.63 49.73
N LEU D 134 7.24 -32.57 50.42
CA LEU D 134 6.29 -33.68 50.41
C LEU D 134 5.73 -33.92 49.02
N ILE D 135 5.25 -32.86 48.36
CA ILE D 135 4.62 -33.03 47.06
C ILE D 135 5.64 -33.44 46.01
N PHE D 136 6.88 -32.98 46.13
CA PHE D 136 7.89 -33.35 45.14
C PHE D 136 8.41 -34.77 45.37
N THR D 137 8.50 -35.21 46.62
CA THR D 137 8.81 -36.60 46.89
C THR D 137 7.72 -37.52 46.33
N GLU D 138 6.46 -37.12 46.55
CA GLU D 138 5.33 -37.85 45.97
C GLU D 138 5.39 -37.85 44.45
N LEU D 139 5.77 -36.72 43.85
CA LEU D 139 5.86 -36.61 42.41
C LEU D 139 6.94 -37.51 41.85
N LEU D 140 8.09 -37.59 42.53
CA LEU D 140 9.18 -38.45 42.06
C LEU D 140 8.79 -39.92 42.15
N LEU D 141 8.27 -40.34 43.31
CA LEU D 141 7.87 -41.73 43.49
C LEU D 141 6.76 -42.11 42.51
N PHE D 142 5.77 -41.24 42.35
CA PHE D 142 4.67 -41.54 41.45
C PHE D 142 5.10 -41.47 40.00
N GLY D 143 6.11 -40.66 39.67
CA GLY D 143 6.66 -40.67 38.33
C GLY D 143 7.31 -42.01 38.01
N TRP D 144 8.10 -42.54 38.95
CA TRP D 144 8.69 -43.86 38.77
C TRP D 144 7.61 -44.93 38.57
N VAL D 145 6.66 -44.99 39.50
CA VAL D 145 5.62 -46.02 39.46
C VAL D 145 4.75 -45.89 38.22
N GLU D 146 4.33 -44.67 37.88
CA GLU D 146 3.37 -44.50 36.81
C GLU D 146 4.01 -44.60 35.44
N THR D 147 5.28 -44.20 35.29
CA THR D 147 5.98 -44.50 34.05
C THR D 147 6.21 -45.99 33.88
N LYS D 148 6.49 -46.70 34.98
CA LYS D 148 6.61 -48.16 34.92
C LYS D 148 5.32 -48.80 34.46
N ARG D 149 4.19 -48.40 35.05
CA ARG D 149 2.91 -49.01 34.67
C ARG D 149 2.45 -48.55 33.29
N LEU D 150 2.83 -47.34 32.87
CA LEU D 150 2.49 -46.87 31.53
C LEU D 150 3.25 -47.65 30.47
N TYR D 151 4.54 -47.88 30.67
CA TYR D 151 5.30 -48.68 29.72
C TYR D 151 4.96 -50.16 29.81
N ASP D 152 4.37 -50.61 30.93
CA ASP D 152 3.78 -51.94 30.94
C ASP D 152 2.48 -51.97 30.14
N LEU D 153 1.72 -50.87 30.17
CA LEU D 153 0.49 -50.80 29.38
C LEU D 153 0.78 -50.79 27.89
N ARG D 154 1.77 -49.99 27.47
CA ARG D 154 2.12 -49.95 26.04
C ARG D 154 2.77 -51.26 25.60
N ASN D 155 3.70 -51.77 26.39
CA ASN D 155 4.35 -53.05 26.11
C ASN D 155 4.04 -54.02 27.24
N PRO D 156 3.14 -54.97 27.04
CA PRO D 156 2.81 -55.92 28.12
C PRO D 156 4.00 -56.81 28.46
N GLY D 157 4.25 -56.96 29.75
CA GLY D 157 5.37 -57.75 30.23
C GLY D 157 6.73 -57.10 30.10
N SER D 158 6.78 -55.80 29.79
CA SER D 158 8.05 -55.13 29.58
C SER D 158 8.81 -54.94 30.89
N GLN D 159 8.11 -54.71 31.99
CA GLN D 159 8.74 -54.52 33.29
C GLN D 159 9.07 -55.83 33.98
N GLY D 160 8.70 -56.96 33.38
CA GLY D 160 9.01 -58.26 33.96
C GLY D 160 10.27 -58.87 33.39
N ASP D 161 11.18 -58.02 32.89
CA ASP D 161 12.43 -58.47 32.31
C ASP D 161 13.56 -58.55 33.34
N GLY D 162 13.28 -58.26 34.59
CA GLY D 162 14.32 -58.24 35.61
C GLY D 162 15.16 -56.99 35.62
N SER D 163 14.75 -55.94 34.91
CA SER D 163 15.53 -54.70 34.90
C SER D 163 15.51 -54.02 36.26
N PHE D 164 14.37 -54.05 36.95
CA PHE D 164 14.23 -53.42 38.26
C PHE D 164 14.40 -54.48 39.33
N LEU D 165 15.61 -54.54 39.92
CA LEU D 165 15.92 -55.38 41.09
C LEU D 165 15.74 -56.87 40.80
N GLY D 166 15.82 -57.24 39.52
CA GLY D 166 15.76 -58.63 39.10
C GLY D 166 14.47 -59.35 39.42
N ILE D 167 13.33 -58.71 39.14
CA ILE D 167 12.02 -59.29 39.40
C ILE D 167 11.39 -59.63 38.05
N THR D 168 11.22 -60.92 37.78
CA THR D 168 10.72 -61.38 36.48
C THR D 168 9.22 -61.63 36.50
N ASP D 169 8.76 -62.55 37.34
CA ASP D 169 7.34 -62.89 37.39
C ASP D 169 6.52 -61.74 37.96
N GLY D 170 7.02 -61.13 39.04
CA GLY D 170 6.42 -59.91 39.53
C GLY D 170 6.70 -58.74 38.59
N LEU D 171 5.90 -57.69 38.77
CA LEU D 171 5.92 -56.47 37.96
C LEU D 171 5.59 -56.72 36.49
N LYS D 172 5.08 -57.89 36.16
CA LYS D 172 4.64 -58.22 34.81
C LYS D 172 3.13 -58.27 34.80
N GLY D 173 2.52 -57.56 33.84
CA GLY D 173 1.07 -57.47 33.81
C GLY D 173 0.42 -58.79 33.44
N LYS D 174 -0.78 -58.99 33.99
CA LYS D 174 -1.61 -60.16 33.68
C LYS D 174 -2.70 -59.83 32.67
N GLU D 175 -3.28 -58.66 32.75
CA GLU D 175 -4.34 -58.24 31.85
C GLU D 175 -4.13 -56.77 31.48
N ASN D 176 -5.18 -56.17 30.92
CA ASN D 176 -5.15 -54.79 30.44
C ASN D 176 -4.74 -53.79 31.53
N GLY D 177 -5.56 -53.66 32.56
CA GLY D 177 -5.24 -52.83 33.70
C GLY D 177 -4.97 -53.59 34.99
N TYR D 178 -4.80 -54.90 34.92
CA TYR D 178 -4.70 -55.73 36.13
C TYR D 178 -3.31 -56.37 36.20
N PRO D 179 -2.44 -55.90 37.09
CA PRO D 179 -1.11 -56.52 37.20
C PRO D 179 -1.14 -57.82 38.00
N GLY D 180 0.03 -58.37 38.30
CA GLY D 180 0.09 -59.59 39.07
C GLY D 180 1.39 -59.67 39.84
N GLY D 181 1.67 -60.86 40.37
CA GLY D 181 2.90 -61.09 41.09
C GLY D 181 2.96 -60.42 42.45
N LEU D 182 3.77 -59.37 42.56
CA LEU D 182 3.93 -58.67 43.83
C LEU D 182 2.66 -57.94 44.25
N PHE D 183 1.80 -57.60 43.28
CA PHE D 183 0.54 -56.94 43.57
C PHE D 183 -0.57 -57.91 43.95
N ASP D 184 -0.29 -59.22 43.94
CA ASP D 184 -1.26 -60.25 44.30
C ASP D 184 -0.63 -61.17 45.34
N PRO D 185 -0.46 -60.70 46.60
CA PRO D 185 0.24 -61.51 47.60
C PRO D 185 -0.53 -62.74 48.03
N MET D 186 -1.78 -62.55 48.46
CA MET D 186 -2.61 -63.70 48.83
C MET D 186 -3.00 -64.50 47.61
N GLY D 187 -3.21 -63.84 46.47
CA GLY D 187 -3.38 -64.51 45.20
C GLY D 187 -4.65 -65.30 45.02
N MET D 188 -5.81 -64.71 45.33
CA MET D 188 -7.10 -65.32 45.02
C MET D 188 -7.61 -64.95 43.63
N SER D 189 -6.72 -64.53 42.73
CA SER D 189 -7.07 -64.29 41.34
C SER D 189 -6.65 -65.43 40.42
N LYS D 190 -6.14 -66.53 40.97
CA LYS D 190 -5.72 -67.65 40.14
C LYS D 190 -6.91 -68.35 39.49
N ASN D 191 -7.99 -68.53 40.25
CA ASN D 191 -9.21 -69.15 39.72
C ASN D 191 -9.91 -68.16 38.80
N GLU D 192 -10.23 -68.60 37.59
CA GLU D 192 -10.72 -67.68 36.56
C GLU D 192 -12.10 -67.13 36.91
N ALA D 193 -12.99 -67.99 37.42
CA ALA D 193 -14.33 -67.55 37.80
C ALA D 193 -14.28 -66.56 38.97
N SER D 194 -13.46 -66.89 39.97
CA SER D 194 -13.29 -65.98 41.11
C SER D 194 -12.63 -64.68 40.68
N TYR D 195 -11.68 -64.76 39.74
CA TYR D 195 -11.02 -63.56 39.24
C TYR D 195 -12.01 -62.66 38.50
N LYS D 196 -12.87 -63.25 37.67
CA LYS D 196 -13.87 -62.46 36.96
C LYS D 196 -14.88 -61.84 37.91
N GLU D 197 -15.33 -62.62 38.91
CA GLU D 197 -16.26 -62.09 39.90
C GLU D 197 -15.63 -60.95 40.69
N ALA D 198 -14.36 -61.10 41.08
CA ALA D 198 -13.66 -60.04 41.79
C ALA D 198 -13.45 -58.81 40.90
N LYS D 199 -13.25 -59.02 39.59
CA LYS D 199 -13.14 -57.89 38.66
C LYS D 199 -14.44 -57.10 38.61
N VAL D 200 -15.57 -57.80 38.51
CA VAL D 200 -16.86 -57.14 38.48
C VAL D 200 -17.14 -56.41 39.80
N LYS D 201 -16.82 -57.07 40.92
CA LYS D 201 -16.98 -56.44 42.22
C LYS D 201 -16.11 -55.20 42.36
N GLU D 202 -14.86 -55.27 41.89
CA GLU D 202 -13.95 -54.14 41.98
C GLU D 202 -14.44 -52.96 41.16
N ILE D 203 -14.87 -53.21 39.92
CA ILE D 203 -15.30 -52.09 39.09
C ILE D 203 -16.61 -51.50 39.59
N LYS D 204 -17.52 -52.32 40.14
CA LYS D 204 -18.77 -51.79 40.65
C LYS D 204 -18.56 -50.95 41.91
N ASN D 205 -17.76 -51.47 42.86
CA ASN D 205 -17.44 -50.70 44.06
C ASN D 205 -16.63 -49.46 43.72
N GLY D 206 -15.80 -49.53 42.68
CA GLY D 206 -15.06 -48.35 42.24
C GLY D 206 -15.94 -47.26 41.67
N ARG D 207 -16.90 -47.63 40.82
CA ARG D 207 -17.85 -46.65 40.29
C ARG D 207 -18.70 -46.05 41.41
N LEU D 208 -19.12 -46.89 42.36
CA LEU D 208 -19.76 -46.38 43.58
C LEU D 208 -18.83 -45.45 44.34
N ALA D 209 -17.51 -45.67 44.26
CA ALA D 209 -16.56 -44.80 44.93
C ALA D 209 -16.41 -43.45 44.21
N MET D 210 -16.47 -43.44 42.87
CA MET D 210 -16.53 -42.16 42.15
C MET D 210 -17.76 -41.38 42.58
N LEU D 211 -18.91 -42.04 42.62
CA LEU D 211 -20.14 -41.36 43.01
C LEU D 211 -20.07 -40.91 44.47
N ALA D 212 -19.39 -41.69 45.32
CA ALA D 212 -19.22 -41.31 46.71
C ALA D 212 -18.37 -40.07 46.87
N PHE D 213 -17.27 -39.96 46.09
CA PHE D 213 -16.43 -38.78 46.19
C PHE D 213 -17.15 -37.54 45.68
N VAL D 214 -17.90 -37.68 44.57
CA VAL D 214 -18.67 -36.56 44.06
C VAL D 214 -19.73 -36.12 45.07
N GLY D 215 -20.40 -37.10 45.68
CA GLY D 215 -21.34 -36.78 46.75
C GLY D 215 -20.67 -36.11 47.93
N PHE D 216 -19.46 -36.56 48.28
CA PHE D 216 -18.71 -35.99 49.40
C PHE D 216 -18.45 -34.51 49.18
N ILE D 217 -17.90 -34.15 48.02
CA ILE D 217 -17.59 -32.75 47.75
C ILE D 217 -18.88 -31.92 47.62
N ALA D 218 -19.91 -32.50 46.99
CA ALA D 218 -21.16 -31.78 46.78
C ALA D 218 -21.85 -31.45 48.11
N GLN D 219 -22.06 -32.45 48.96
CA GLN D 219 -22.75 -32.13 50.21
C GLN D 219 -21.83 -31.56 51.27
N HIS D 220 -20.50 -31.56 51.06
CA HIS D 220 -19.66 -30.72 51.91
C HIS D 220 -19.81 -29.26 51.54
N HIS D 221 -19.87 -28.96 50.24
CA HIS D 221 -20.16 -27.58 49.83
C HIS D 221 -21.57 -27.17 50.24
N ALA D 222 -22.50 -28.13 50.29
CA ALA D 222 -23.87 -27.82 50.69
C ALA D 222 -24.00 -27.59 52.19
N THR D 223 -23.36 -28.44 53.01
CA THR D 223 -23.63 -28.46 54.43
C THR D 223 -22.48 -28.02 55.32
N HIS D 224 -21.24 -28.03 54.80
CA HIS D 224 -20.03 -27.70 55.57
C HIS D 224 -19.89 -28.60 56.80
N LYS D 225 -20.20 -29.87 56.64
CA LYS D 225 -20.12 -30.84 57.72
C LYS D 225 -19.53 -32.14 57.20
N SER D 226 -19.20 -33.03 58.13
CA SER D 226 -18.61 -34.31 57.76
C SER D 226 -19.65 -35.21 57.10
N PRO D 227 -19.20 -36.14 56.24
CA PRO D 227 -20.15 -37.09 55.65
C PRO D 227 -20.85 -37.97 56.67
N ILE D 228 -20.17 -38.34 57.75
CA ILE D 228 -20.82 -39.10 58.82
C ILE D 228 -21.84 -38.22 59.55
N ASP D 229 -21.53 -36.92 59.69
CA ASP D 229 -22.50 -35.99 60.25
C ASP D 229 -23.76 -35.90 59.38
N ASN D 230 -23.57 -35.83 58.06
CA ASN D 230 -24.71 -35.80 57.14
C ASN D 230 -25.51 -37.09 57.19
N LEU D 231 -24.82 -38.24 57.30
CA LEU D 231 -25.50 -39.52 57.39
C LEU D 231 -26.32 -39.63 58.68
N LEU D 232 -25.75 -39.16 59.80
CA LEU D 232 -26.47 -39.22 61.06
C LEU D 232 -27.64 -38.23 61.08
N ASP D 233 -27.47 -37.08 60.43
CA ASP D 233 -28.58 -36.15 60.30
C ASP D 233 -29.69 -36.71 59.41
N HIS D 234 -29.33 -37.46 58.37
CA HIS D 234 -30.35 -38.05 57.50
C HIS D 234 -31.08 -39.18 58.21
N VAL D 235 -30.38 -39.99 58.99
CA VAL D 235 -31.09 -41.09 59.66
C VAL D 235 -31.84 -40.59 60.89
N ALA D 236 -31.42 -39.47 61.47
CA ALA D 236 -32.14 -38.92 62.61
C ALA D 236 -33.46 -38.28 62.20
N ASP D 237 -33.44 -37.47 61.15
CA ASP D 237 -34.61 -36.75 60.66
C ASP D 237 -34.69 -36.93 59.15
N PRO D 238 -35.18 -38.08 58.68
CA PRO D 238 -35.23 -38.31 57.22
C PRO D 238 -36.30 -37.51 56.52
N PHE D 239 -37.42 -37.24 57.19
CA PHE D 239 -38.55 -36.60 56.52
C PHE D 239 -38.32 -35.11 56.27
N HIS D 240 -37.39 -34.49 57.00
CA HIS D 240 -37.14 -33.06 56.86
C HIS D 240 -35.73 -32.74 56.41
N VAL D 241 -34.72 -33.34 57.03
CA VAL D 241 -33.34 -33.06 56.67
C VAL D 241 -32.99 -33.84 55.41
N THR D 242 -32.69 -33.11 54.34
CA THR D 242 -32.38 -33.71 53.05
C THR D 242 -31.58 -32.70 52.24
N PHE D 243 -31.45 -32.94 50.93
CA PHE D 243 -30.71 -32.05 50.06
C PHE D 243 -31.49 -30.79 49.70
N ALA D 244 -32.77 -30.71 50.08
CA ALA D 244 -33.61 -29.56 49.74
C ALA D 244 -33.71 -28.53 50.85
N THR D 245 -33.55 -28.94 52.11
CA THR D 245 -33.69 -28.05 53.24
C THR D 245 -32.34 -27.68 53.86
N ASN D 246 -31.28 -27.66 53.05
CA ASN D 246 -29.97 -27.27 53.50
C ASN D 246 -29.67 -25.79 53.24
N GLY D 247 -30.65 -25.04 52.75
CA GLY D 247 -30.45 -23.63 52.45
C GLY D 247 -29.92 -23.40 51.07
N VAL D 248 -28.66 -23.77 50.84
CA VAL D 248 -28.03 -23.60 49.53
C VAL D 248 -28.43 -24.75 48.62
N SER D 249 -28.13 -24.59 47.32
CA SER D 249 -28.30 -25.56 46.24
C SER D 249 -29.76 -25.78 45.86
N ILE D 250 -30.68 -25.24 46.65
CA ILE D 250 -32.12 -25.19 46.37
C ILE D 250 -32.56 -23.80 46.80
N PRO D 251 -32.67 -22.83 45.87
CA PRO D 251 -33.02 -21.45 46.21
C PRO D 251 -34.49 -21.27 46.61
N SER E 28 27.77 -54.82 23.46
CA SER E 28 26.53 -54.80 22.67
C SER E 28 25.44 -54.01 23.37
N MET E 29 24.28 -54.64 23.55
CA MET E 29 23.13 -54.02 24.21
C MET E 29 23.16 -54.43 25.67
N GLN E 30 23.54 -53.50 26.55
CA GLN E 30 23.68 -53.78 27.98
C GLN E 30 22.66 -52.93 28.74
N GLY E 31 21.68 -53.59 29.34
CA GLY E 31 20.68 -52.88 30.10
C GLY E 31 19.74 -52.07 29.21
N ASN E 32 19.05 -51.13 29.85
CA ASN E 32 18.15 -50.22 29.14
C ASN E 32 17.92 -49.00 30.01
N TRP E 33 18.00 -47.81 29.41
CA TRP E 33 17.70 -46.59 30.15
C TRP E 33 16.23 -46.50 30.52
N LEU E 34 15.37 -47.15 29.73
CA LEU E 34 13.92 -47.12 29.96
C LEU E 34 13.38 -48.46 29.50
N PRO E 35 13.03 -49.35 30.43
CA PRO E 35 12.50 -50.66 30.04
C PRO E 35 11.13 -50.53 29.37
N GLY E 36 10.99 -51.20 28.23
CA GLY E 36 9.79 -51.10 27.44
C GLY E 36 9.82 -50.05 26.35
N SER E 37 10.79 -49.14 26.39
CA SER E 37 10.92 -48.14 25.34
C SER E 37 11.47 -48.78 24.06
N GLN E 38 11.10 -48.20 22.93
CA GLN E 38 11.58 -48.67 21.64
C GLN E 38 12.99 -48.16 21.41
N THR E 39 13.98 -49.04 21.57
CA THR E 39 15.36 -48.65 21.38
C THR E 39 15.62 -48.31 19.91
N PRO E 40 16.46 -47.32 19.63
CA PRO E 40 16.74 -46.94 18.24
C PRO E 40 17.47 -48.03 17.49
N ALA E 41 17.29 -48.02 16.16
CA ALA E 41 17.86 -49.07 15.32
C ALA E 41 19.38 -49.00 15.25
N HIS E 42 19.96 -47.83 15.49
CA HIS E 42 21.41 -47.67 15.49
C HIS E 42 22.03 -48.01 16.84
N LEU E 43 21.22 -48.42 17.82
CA LEU E 43 21.72 -48.80 19.14
C LEU E 43 21.46 -50.25 19.48
N LYS E 44 20.78 -51.00 18.61
CA LYS E 44 20.42 -52.39 18.93
C LYS E 44 21.65 -53.29 18.91
N ASP E 45 22.46 -53.20 17.88
CA ASP E 45 23.60 -54.08 17.68
C ASP E 45 24.92 -53.31 17.61
N LEU E 46 25.05 -52.27 18.43
CA LEU E 46 26.20 -51.38 18.39
C LEU E 46 27.11 -51.66 19.58
N LYS E 47 28.37 -51.95 19.31
CA LYS E 47 29.36 -52.21 20.36
C LYS E 47 29.86 -50.88 20.90
N MET E 48 29.39 -50.50 22.08
CA MET E 48 29.77 -49.23 22.69
C MET E 48 29.92 -49.40 24.19
N ALA E 49 30.63 -48.46 24.81
CA ALA E 49 30.82 -48.45 26.25
C ALA E 49 29.67 -47.68 26.88
N GLY E 50 28.94 -48.33 27.78
CA GLY E 50 27.80 -47.72 28.43
C GLY E 50 26.64 -47.43 27.49
N ASN E 51 26.32 -48.37 26.60
CA ASN E 51 25.19 -48.23 25.70
C ASN E 51 23.94 -48.72 26.41
N PHE E 52 23.02 -47.79 26.68
CA PHE E 52 21.76 -48.13 27.35
C PHE E 52 20.54 -47.79 26.49
N GLY E 53 20.74 -47.51 25.20
CA GLY E 53 19.64 -47.15 24.33
C GLY E 53 19.10 -45.75 24.51
N PHE E 54 19.83 -44.88 25.21
CA PHE E 54 19.34 -43.53 25.52
C PHE E 54 19.70 -42.60 24.37
N ASP E 55 18.83 -42.60 23.35
CA ASP E 55 18.87 -41.61 22.28
C ASP E 55 17.48 -41.45 21.70
N PRO E 56 16.57 -40.78 22.43
CA PRO E 56 15.23 -40.54 21.88
C PRO E 56 15.21 -39.56 20.72
N LEU E 57 16.21 -38.67 20.64
CA LEU E 57 16.26 -37.69 19.56
C LEU E 57 16.97 -38.22 18.33
N ASN E 58 17.55 -39.42 18.40
CA ASN E 58 18.24 -40.08 17.28
C ASN E 58 19.37 -39.22 16.72
N LEU E 59 20.15 -38.60 17.62
CA LEU E 59 21.30 -37.82 17.19
C LEU E 59 22.47 -38.70 16.75
N GLY E 60 22.49 -39.96 17.19
CA GLY E 60 23.54 -40.89 16.82
C GLY E 60 23.21 -41.83 15.69
N ALA E 61 22.20 -41.51 14.87
CA ALA E 61 21.82 -42.39 13.76
C ALA E 61 22.94 -42.49 12.73
N GLU E 62 23.58 -41.36 12.44
CA GLU E 62 24.70 -41.34 11.50
C GLU E 62 25.97 -41.82 12.21
N PRO E 63 26.77 -42.68 11.57
CA PRO E 63 27.93 -43.27 12.29
C PRO E 63 29.01 -42.28 12.67
N GLN E 64 29.44 -41.43 11.72
CA GLN E 64 30.49 -40.46 12.03
C GLN E 64 30.00 -39.43 13.04
N ALA E 65 28.71 -39.11 12.99
CA ALA E 65 28.08 -38.31 14.02
C ALA E 65 28.23 -38.95 15.39
N LEU E 66 27.99 -40.26 15.47
CA LEU E 66 28.13 -40.99 16.72
C LEU E 66 29.58 -41.01 17.19
N ARG E 67 30.52 -41.10 16.26
CA ARG E 67 31.94 -41.07 16.63
C ARG E 67 32.32 -39.72 17.24
N TRP E 68 31.89 -38.63 16.60
CA TRP E 68 32.18 -37.30 17.13
C TRP E 68 31.52 -37.07 18.48
N TYR E 69 30.26 -37.51 18.63
CA TYR E 69 29.58 -37.39 19.91
C TYR E 69 30.22 -38.24 20.99
N GLN E 70 30.72 -39.43 20.64
CA GLN E 70 31.43 -40.27 21.60
C GLN E 70 32.71 -39.60 22.08
N GLN E 71 33.46 -39.00 21.15
CA GLN E 71 34.67 -38.28 21.55
C GLN E 71 34.34 -37.09 22.44
N ALA E 72 33.28 -36.34 22.09
CA ALA E 72 32.87 -35.19 22.89
C ALA E 72 32.43 -35.61 24.29
N GLU E 73 31.66 -36.70 24.38
CA GLU E 73 31.25 -37.23 25.68
C GLU E 73 32.46 -37.66 26.49
N LEU E 74 33.45 -38.27 25.85
CA LEU E 74 34.65 -38.71 26.56
C LEU E 74 35.43 -37.53 27.13
N VAL E 75 35.64 -36.47 26.34
CA VAL E 75 36.43 -35.36 26.86
C VAL E 75 35.66 -34.59 27.93
N HIS E 76 34.34 -34.37 27.71
CA HIS E 76 33.51 -33.74 28.73
C HIS E 76 33.53 -34.54 30.02
N SER E 77 33.43 -35.87 29.93
CA SER E 77 33.41 -36.72 31.11
C SER E 77 34.74 -36.71 31.84
N ARG E 78 35.85 -36.74 31.11
CA ARG E 78 37.17 -36.77 31.75
C ARG E 78 37.48 -35.45 32.46
N THR E 79 37.21 -34.32 31.79
CA THR E 79 37.39 -33.06 32.49
C THR E 79 36.35 -32.87 33.60
N ALA E 80 35.21 -33.59 33.53
CA ALA E 80 34.29 -33.59 34.65
C ALA E 80 34.83 -34.37 35.84
N MET E 81 35.51 -35.50 35.59
CA MET E 81 36.22 -36.19 36.67
C MET E 81 37.20 -35.25 37.36
N MET E 82 38.03 -34.57 36.56
CA MET E 82 39.01 -33.65 37.15
C MET E 82 38.33 -32.53 37.93
N GLY E 83 37.29 -31.92 37.35
CA GLY E 83 36.61 -30.83 38.02
C GLY E 83 35.93 -31.26 39.30
N VAL E 84 35.18 -32.37 39.25
CA VAL E 84 34.43 -32.83 40.41
C VAL E 84 35.37 -33.33 41.51
N ALA E 85 36.50 -33.95 41.14
CA ALA E 85 37.50 -34.29 42.15
C ALA E 85 38.05 -33.04 42.82
N GLY E 86 38.31 -31.99 42.04
CA GLY E 86 38.71 -30.72 42.62
C GLY E 86 37.64 -30.09 43.50
N ILE E 87 36.37 -30.35 43.19
CA ILE E 87 35.29 -29.89 44.07
C ILE E 87 35.31 -30.66 45.38
N LEU E 88 35.42 -31.98 45.30
CA LEU E 88 35.10 -32.87 46.40
C LEU E 88 36.26 -33.09 47.36
N ILE E 89 37.43 -33.52 46.85
CA ILE E 89 38.53 -33.90 47.73
C ILE E 89 39.05 -32.72 48.54
N PRO E 90 39.31 -31.53 47.96
CA PRO E 90 39.59 -30.36 48.82
C PRO E 90 38.44 -30.01 49.75
N GLY E 91 37.19 -30.17 49.30
CA GLY E 91 36.06 -29.91 50.17
C GLY E 91 35.96 -30.89 51.32
N ILE E 92 36.21 -32.18 51.04
CA ILE E 92 36.19 -33.19 52.08
C ILE E 92 37.31 -32.93 53.09
N PHE E 93 38.50 -32.59 52.61
CA PHE E 93 39.62 -32.31 53.51
C PHE E 93 39.40 -31.02 54.28
N THR E 94 38.67 -30.05 53.72
CA THR E 94 38.32 -28.85 54.47
C THR E 94 37.31 -29.16 55.56
N LYS E 95 36.34 -30.04 55.26
CA LYS E 95 35.39 -30.47 56.28
C LYS E 95 36.10 -31.24 57.40
N LEU E 96 37.12 -32.02 57.04
CA LEU E 96 37.92 -32.72 58.05
C LEU E 96 38.90 -31.79 58.75
N GLY E 97 39.08 -30.56 58.28
CA GLY E 97 39.96 -29.61 58.92
C GLY E 97 41.43 -29.76 58.61
N ALA E 98 41.78 -30.56 57.61
CA ALA E 98 43.20 -30.75 57.27
C ALA E 98 43.77 -29.50 56.61
N LEU E 99 43.04 -28.92 55.67
CA LEU E 99 43.51 -27.73 54.95
C LEU E 99 42.42 -26.67 54.95
N ASN E 100 42.86 -25.42 54.85
CA ASN E 100 41.98 -24.25 54.81
C ASN E 100 41.55 -23.86 53.39
N VAL E 101 41.66 -24.80 52.44
CA VAL E 101 41.30 -24.52 51.03
C VAL E 101 39.82 -24.19 50.94
N PRO E 102 39.45 -23.06 50.35
CA PRO E 102 38.05 -22.62 50.36
C PRO E 102 37.21 -23.39 49.35
N GLN E 103 35.92 -23.06 49.32
CA GLN E 103 35.02 -23.66 48.35
C GLN E 103 35.33 -23.13 46.95
N TRP E 104 34.80 -23.84 45.95
CA TRP E 104 35.22 -23.60 44.57
C TRP E 104 34.69 -22.29 44.01
N TYR E 105 33.55 -21.81 44.50
CA TYR E 105 32.92 -20.65 43.88
C TYR E 105 33.66 -19.36 44.24
N GLU E 106 34.34 -19.32 45.38
CA GLU E 106 35.14 -18.17 45.77
C GLU E 106 36.63 -18.42 45.66
N ALA E 107 37.04 -19.63 45.25
CA ALA E 107 38.45 -19.95 45.10
C ALA E 107 39.10 -19.13 43.99
N GLY E 108 38.35 -18.82 42.94
CA GLY E 108 38.87 -17.96 41.90
C GLY E 108 39.20 -16.57 42.40
N LYS E 109 38.29 -15.98 43.17
CA LYS E 109 38.55 -14.68 43.78
C LYS E 109 39.68 -14.76 44.80
N VAL E 110 39.79 -15.89 45.51
CA VAL E 110 40.87 -16.08 46.48
C VAL E 110 42.22 -16.06 45.79
N TYR E 111 42.34 -16.76 44.65
CA TYR E 111 43.62 -16.76 43.95
C TYR E 111 43.87 -15.44 43.22
N ILE E 112 42.81 -14.80 42.70
CA ILE E 112 42.98 -13.50 42.05
C ILE E 112 43.48 -12.46 43.04
N GLU E 113 42.95 -12.48 44.27
CA GLU E 113 43.34 -11.52 45.30
C GLU E 113 44.60 -11.92 46.04
N GLY E 114 45.23 -13.02 45.67
CA GLY E 114 46.44 -13.47 46.34
C GLY E 114 47.64 -12.61 46.00
N GLU E 115 48.72 -12.85 46.75
CA GLU E 115 49.95 -12.06 46.59
C GLU E 115 50.78 -12.56 45.42
N GLY E 116 51.22 -13.82 45.49
CA GLY E 116 52.03 -14.38 44.43
C GLY E 116 51.17 -15.03 43.36
N ALA E 117 50.38 -14.22 42.66
CA ALA E 117 49.39 -14.72 41.72
C ALA E 117 49.74 -14.28 40.31
N ILE E 118 49.76 -15.24 39.39
CA ILE E 118 49.81 -14.90 37.96
C ILE E 118 48.51 -14.20 37.58
N PRO E 119 48.56 -13.13 36.79
CA PRO E 119 47.32 -12.41 36.44
C PRO E 119 46.35 -13.27 35.64
N PHE E 120 45.07 -12.89 35.71
CA PHE E 120 43.99 -13.68 35.11
C PHE E 120 44.13 -13.79 33.60
N GLY E 121 44.52 -12.68 32.95
CA GLY E 121 44.72 -12.72 31.51
C GLY E 121 45.81 -13.67 31.08
N THR E 122 46.95 -13.65 31.79
CA THR E 122 48.05 -14.55 31.47
C THR E 122 47.66 -16.01 31.65
N LEU E 123 46.98 -16.32 32.76
CA LEU E 123 46.53 -17.68 33.02
C LEU E 123 45.53 -18.16 31.97
N LEU E 124 44.56 -17.30 31.62
CA LEU E 124 43.56 -17.65 30.63
C LEU E 124 44.20 -17.87 29.26
N MET E 125 45.16 -17.02 28.90
CA MET E 125 45.77 -17.16 27.57
C MET E 125 46.68 -18.38 27.51
N THR E 126 47.40 -18.67 28.59
CA THR E 126 48.22 -19.88 28.64
C THR E 126 47.36 -21.14 28.56
N THR E 127 46.24 -21.15 29.30
CA THR E 127 45.31 -22.28 29.24
C THR E 127 44.75 -22.45 27.84
N LEU E 128 44.33 -21.35 27.21
CA LEU E 128 43.76 -21.43 25.87
C LEU E 128 44.79 -21.89 24.85
N PHE E 129 46.04 -21.43 24.97
CA PHE E 129 47.08 -21.82 24.03
C PHE E 129 47.40 -23.32 24.15
N SER E 130 47.63 -23.78 25.39
CA SER E 130 47.95 -25.20 25.60
C SER E 130 46.80 -26.11 25.20
N TYR E 131 45.57 -25.71 25.54
CA TYR E 131 44.42 -26.52 25.18
C TYR E 131 44.16 -26.49 23.68
N ALA E 132 44.42 -25.35 23.02
CA ALA E 132 44.29 -25.30 21.56
C ALA E 132 45.29 -26.24 20.90
N PHE E 133 46.53 -26.28 21.42
CA PHE E 133 47.53 -27.19 20.88
C PHE E 133 47.11 -28.65 21.04
N VAL E 134 46.76 -29.05 22.27
CA VAL E 134 46.45 -30.46 22.50
C VAL E 134 45.13 -30.85 21.83
N GLU E 135 44.18 -29.91 21.70
CA GLU E 135 42.92 -30.23 21.07
C GLU E 135 43.04 -30.23 19.55
N GLY E 136 43.98 -29.47 18.98
CA GLY E 136 44.30 -29.66 17.58
C GLY E 136 44.94 -31.01 17.33
N LYS E 137 45.80 -31.46 18.25
CA LYS E 137 46.35 -32.81 18.16
C LYS E 137 45.24 -33.86 18.17
N ARG E 138 44.32 -33.77 19.13
CA ARG E 138 43.23 -34.73 19.23
C ARG E 138 42.28 -34.62 18.03
N TRP E 139 42.09 -33.40 17.51
CA TRP E 139 41.23 -33.18 16.37
C TRP E 139 41.80 -33.85 15.12
N GLN E 140 43.09 -33.65 14.85
CA GLN E 140 43.72 -34.31 13.72
C GLN E 140 43.83 -35.82 13.91
N ASP E 141 43.86 -36.29 15.16
CA ASP E 141 43.69 -37.72 15.39
C ASP E 141 42.30 -38.17 14.97
N PHE E 142 41.28 -37.38 15.30
CA PHE E 142 39.90 -37.75 15.01
C PHE E 142 39.61 -37.81 13.53
N ARG E 143 39.97 -36.75 12.78
CA ARG E 143 39.63 -36.71 11.36
C ARG E 143 40.38 -37.76 10.56
N LYS E 144 41.69 -37.87 10.80
CA LYS E 144 42.52 -38.91 10.18
C LYS E 144 43.07 -39.79 11.29
N PRO E 145 42.62 -41.03 11.41
CA PRO E 145 43.06 -41.89 12.53
C PRO E 145 44.54 -42.25 12.43
N GLY E 146 45.26 -42.03 13.52
CA GLY E 146 46.68 -42.37 13.55
C GLY E 146 47.54 -41.43 12.75
N SER E 147 47.04 -40.22 12.47
CA SER E 147 47.78 -39.26 11.69
C SER E 147 48.82 -38.50 12.50
N GLN E 148 48.75 -38.57 13.83
CA GLN E 148 49.75 -37.93 14.67
C GLN E 148 51.03 -38.75 14.76
N ALA E 149 51.05 -39.96 14.20
CA ALA E 149 52.23 -40.79 14.15
C ALA E 149 53.09 -40.55 12.92
N GLU E 150 53.01 -39.37 12.32
CA GLU E 150 53.86 -39.01 11.19
C GLU E 150 55.31 -38.94 11.65
N PRO E 151 56.22 -39.69 11.03
CA PRO E 151 57.59 -39.80 11.57
C PRO E 151 58.35 -38.48 11.55
N GLY E 152 59.08 -38.22 12.63
CA GLY E 152 59.88 -37.01 12.72
C GLY E 152 59.08 -35.74 12.79
N THR E 153 57.97 -35.72 13.53
CA THR E 153 57.12 -34.55 13.61
C THR E 153 57.05 -33.94 15.01
N PHE E 154 57.09 -34.76 16.06
CA PHE E 154 57.11 -34.27 17.43
C PHE E 154 58.27 -34.94 18.18
N PHE E 155 59.48 -34.42 17.96
CA PHE E 155 60.71 -34.78 18.70
C PHE E 155 60.97 -36.28 18.76
N GLY E 156 60.43 -37.05 17.80
CA GLY E 156 60.60 -38.48 17.79
C GLY E 156 59.70 -39.25 18.73
N LEU E 157 59.02 -38.58 19.66
CA LEU E 157 58.12 -39.23 20.61
C LEU E 157 56.72 -39.42 20.04
N GLU E 158 56.47 -38.97 18.81
CA GLU E 158 55.16 -39.08 18.19
C GLU E 158 54.88 -40.47 17.63
N SER E 159 55.86 -41.37 17.67
CA SER E 159 55.64 -42.73 17.17
C SER E 159 54.60 -43.48 18.02
N GLN E 160 54.46 -43.08 19.27
CA GLN E 160 53.47 -43.64 20.17
C GLN E 160 52.19 -42.82 20.24
N PHE E 161 52.03 -41.84 19.35
CA PHE E 161 50.84 -41.00 19.31
C PHE E 161 49.74 -41.58 18.41
N LYS E 162 49.89 -42.82 17.97
CA LYS E 162 48.83 -43.47 17.20
C LYS E 162 47.65 -43.78 18.09
N GLY E 163 46.44 -43.54 17.57
CA GLY E 163 45.24 -43.73 18.36
C GLY E 163 44.71 -45.16 18.23
N THR E 164 44.46 -45.79 19.37
CA THR E 164 43.88 -47.14 19.35
C THR E 164 42.42 -47.10 18.91
N GLU E 165 41.66 -46.13 19.40
CA GLU E 165 40.25 -46.03 19.11
C GLU E 165 39.83 -44.58 19.32
N ASN E 166 38.60 -44.27 18.92
CA ASN E 166 38.06 -42.92 19.08
C ASN E 166 37.98 -42.56 20.56
N GLY E 167 38.76 -41.57 20.97
CA GLY E 167 38.81 -41.16 22.35
C GLY E 167 39.70 -42.00 23.25
N TYR E 168 40.39 -43.00 22.71
CA TYR E 168 41.28 -43.87 23.47
C TYR E 168 42.64 -43.86 22.78
N PRO E 169 43.46 -42.83 23.01
CA PRO E 169 44.73 -42.71 22.27
C PRO E 169 45.78 -43.74 22.66
N GLY E 170 45.99 -43.97 23.95
CA GLY E 170 47.05 -44.87 24.37
C GLY E 170 48.40 -44.19 24.33
N GLY E 171 49.45 -45.01 24.26
CA GLY E 171 50.80 -44.47 24.24
C GLY E 171 51.22 -44.01 25.62
N ILE E 172 51.70 -42.77 25.71
CA ILE E 172 52.05 -42.19 27.00
C ILE E 172 50.83 -41.84 27.83
N PHE E 173 49.64 -41.84 27.23
CA PHE E 173 48.40 -41.65 27.97
C PHE E 173 48.03 -42.86 28.82
N ASP E 174 48.71 -44.00 28.63
CA ASP E 174 48.60 -45.15 29.50
C ASP E 174 49.99 -45.59 29.92
N PRO E 175 50.67 -44.82 30.78
CA PRO E 175 52.04 -45.15 31.15
C PRO E 175 52.17 -46.30 32.14
N LEU E 176 51.07 -46.72 32.77
CA LEU E 176 51.11 -47.81 33.73
C LEU E 176 50.73 -49.14 33.09
N GLY E 177 50.42 -49.16 31.80
CA GLY E 177 50.13 -50.38 31.08
C GLY E 177 48.88 -51.11 31.55
N TYR E 178 47.80 -50.37 31.79
CA TYR E 178 46.56 -50.94 32.29
C TYR E 178 45.54 -51.20 31.19
N SER E 179 45.93 -51.09 29.92
CA SER E 179 44.98 -51.24 28.82
C SER E 179 45.37 -52.29 27.79
N LYS E 180 46.61 -52.78 27.81
CA LYS E 180 47.08 -53.72 26.79
C LYS E 180 46.87 -55.15 27.27
N THR E 181 45.63 -55.46 27.63
CA THR E 181 45.25 -56.79 28.10
C THR E 181 44.08 -57.28 27.26
N SER E 182 43.43 -58.34 27.76
CA SER E 182 42.27 -58.95 27.12
C SER E 182 41.14 -57.94 26.99
N PRO E 183 40.34 -58.04 25.93
CA PRO E 183 39.28 -57.02 25.70
C PRO E 183 38.20 -56.99 26.75
N GLU E 184 38.02 -58.05 27.54
CA GLU E 184 36.93 -58.08 28.52
C GLU E 184 37.12 -57.05 29.62
N LYS E 185 38.30 -57.03 30.25
CA LYS E 185 38.52 -56.01 31.27
C LYS E 185 38.67 -54.64 30.62
N LEU E 186 39.10 -54.61 29.36
CA LEU E 186 39.25 -53.34 28.65
C LEU E 186 37.91 -52.64 28.45
N ASP E 187 36.91 -53.34 27.90
CA ASP E 187 35.63 -52.66 27.73
C ASP E 187 34.82 -52.62 29.01
N GLU E 188 35.13 -53.48 30.01
CA GLU E 188 34.58 -53.27 31.35
C GLU E 188 35.09 -51.95 31.94
N LEU E 189 36.37 -51.67 31.77
CA LEU E 189 36.95 -50.41 32.24
C LEU E 189 36.40 -49.23 31.45
N LYS E 190 36.16 -49.42 30.15
CA LYS E 190 35.54 -48.37 29.36
C LYS E 190 34.12 -48.07 29.85
N LEU E 191 33.36 -49.11 30.17
CA LEU E 191 32.02 -48.93 30.74
C LEU E 191 32.08 -48.23 32.08
N LYS E 192 33.04 -48.63 32.93
CA LYS E 192 33.20 -47.98 34.23
C LYS E 192 33.59 -46.51 34.08
N GLU E 193 34.47 -46.22 33.11
CA GLU E 193 34.89 -44.85 32.85
C GLU E 193 33.72 -43.99 32.40
N ILE E 194 32.91 -44.52 31.47
CA ILE E 194 31.79 -43.73 30.97
C ILE E 194 30.71 -43.58 32.05
N LYS E 195 30.57 -44.57 32.93
CA LYS E 195 29.59 -44.47 34.00
C LYS E 195 29.99 -43.41 35.03
N ASN E 196 31.25 -43.47 35.50
CA ASN E 196 31.72 -42.46 36.45
C ASN E 196 31.80 -41.09 35.78
N GLY E 197 31.98 -41.05 34.46
CA GLY E 197 32.03 -39.76 33.77
C GLY E 197 30.66 -39.12 33.64
N ARG E 198 29.65 -39.92 33.30
CA ARG E 198 28.28 -39.40 33.28
C ARG E 198 27.86 -38.95 34.68
N LEU E 199 28.24 -39.74 35.70
CA LEU E 199 27.93 -39.37 37.07
C LEU E 199 28.63 -38.06 37.46
N ALA E 200 29.88 -37.88 37.02
CA ALA E 200 30.61 -36.66 37.35
C ALA E 200 30.05 -35.46 36.60
N MET E 201 29.59 -35.65 35.37
CA MET E 201 28.97 -34.56 34.61
C MET E 201 27.67 -34.09 35.26
N VAL E 202 26.82 -35.04 35.66
CA VAL E 202 25.61 -34.64 36.40
C VAL E 202 25.98 -34.07 37.76
N ALA E 203 27.07 -34.55 38.36
CA ALA E 203 27.52 -34.03 39.65
C ALA E 203 27.98 -32.59 39.54
N PHE E 204 28.69 -32.24 38.45
CA PHE E 204 29.14 -30.86 38.31
C PHE E 204 27.99 -29.93 37.95
N LEU E 205 27.04 -30.41 37.14
CA LEU E 205 25.82 -29.65 36.92
C LEU E 205 25.10 -29.42 38.24
N GLY E 206 25.11 -30.43 39.11
CA GLY E 206 24.55 -30.26 40.45
C GLY E 206 25.32 -29.25 41.28
N PHE E 207 26.65 -29.28 41.21
CA PHE E 207 27.45 -28.33 41.99
C PHE E 207 27.15 -26.90 41.56
N ALA E 208 27.07 -26.67 40.25
CA ALA E 208 26.70 -25.34 39.75
C ALA E 208 25.31 -24.94 40.21
N GLY E 209 24.34 -25.85 40.10
CA GLY E 209 22.98 -25.53 40.49
C GLY E 209 22.81 -25.28 41.98
N GLN E 210 23.57 -26.01 42.81
CA GLN E 210 23.35 -25.95 44.25
C GLN E 210 24.24 -24.88 44.86
N TYR E 211 25.19 -24.34 44.09
CA TYR E 211 25.73 -23.02 44.42
C TYR E 211 24.77 -21.92 43.98
N GLY E 212 24.11 -22.10 42.85
CA GLY E 212 23.20 -21.06 42.36
C GLY E 212 21.98 -20.88 43.25
N ALA E 213 21.51 -21.96 43.85
CA ALA E 213 20.31 -21.89 44.69
C ALA E 213 20.66 -21.68 46.15
N THR E 214 21.44 -22.60 46.74
CA THR E 214 21.70 -22.54 48.16
C THR E 214 22.82 -21.56 48.51
N GLY E 215 23.78 -21.37 47.60
CA GLY E 215 24.88 -20.46 47.88
C GLY E 215 25.94 -21.01 48.78
N LYS E 216 26.02 -22.34 48.91
CA LYS E 216 27.00 -22.98 49.77
C LYS E 216 27.65 -24.14 49.03
N GLY E 217 28.74 -24.64 49.61
CA GLY E 217 29.47 -25.74 49.03
C GLY E 217 28.68 -27.04 49.08
N PRO E 218 29.02 -27.98 48.18
CA PRO E 218 28.30 -29.25 48.15
C PRO E 218 28.46 -30.09 49.40
N ILE E 219 29.61 -30.00 50.07
CA ILE E 219 29.82 -30.74 51.32
C ILE E 219 28.89 -30.21 52.40
N ASP E 220 28.74 -28.89 52.48
CA ASP E 220 27.81 -28.30 53.43
C ASP E 220 26.37 -28.67 53.10
N ASN E 221 26.03 -28.73 51.81
CA ASN E 221 24.69 -29.16 51.41
C ASN E 221 24.44 -30.61 51.79
N LEU E 222 25.45 -31.47 51.62
CA LEU E 222 25.31 -32.87 52.02
C LEU E 222 25.17 -33.00 53.53
N ALA E 223 25.90 -32.17 54.28
CA ALA E 223 25.77 -32.17 55.74
C ALA E 223 24.37 -31.72 56.16
N ASP E 224 23.83 -30.70 55.50
CA ASP E 224 22.48 -30.23 55.81
C ASP E 224 21.44 -31.30 55.47
N HIS E 225 21.59 -31.98 54.33
CA HIS E 225 20.64 -33.02 53.97
C HIS E 225 20.76 -34.25 54.87
N LEU E 226 21.95 -34.56 55.36
CA LEU E 226 22.10 -35.71 56.26
C LEU E 226 21.56 -35.37 57.65
N ALA E 227 21.85 -34.18 58.15
CA ALA E 227 21.40 -33.79 59.49
C ALA E 227 19.92 -33.42 59.50
N ASP E 228 19.42 -32.84 58.41
CA ASP E 228 18.05 -32.34 58.37
C ASP E 228 17.50 -32.52 56.95
N PRO E 229 16.99 -33.70 56.64
CA PRO E 229 16.63 -33.99 55.24
C PRO E 229 15.36 -33.31 54.77
N TRP E 230 14.36 -33.22 55.63
CA TRP E 230 13.06 -32.71 55.19
C TRP E 230 13.09 -31.19 55.01
N HIS E 231 13.76 -30.47 55.90
CA HIS E 231 13.78 -29.01 55.81
C HIS E 231 14.88 -28.48 54.90
N ASN E 232 15.73 -29.34 54.35
CA ASN E 232 16.82 -28.93 53.46
C ASN E 232 16.73 -29.77 52.19
N THR E 233 16.11 -29.20 51.15
CA THR E 233 15.91 -29.90 49.89
C THR E 233 15.75 -28.85 48.78
N PHE E 234 15.62 -29.34 47.54
CA PHE E 234 15.50 -28.42 46.41
C PHE E 234 14.14 -27.74 46.41
N ALA E 235 13.12 -28.38 47.00
CA ALA E 235 11.79 -27.82 46.98
C ALA E 235 11.63 -26.66 47.96
N GLU E 236 12.29 -26.75 49.12
CA GLU E 236 12.14 -25.70 50.13
C GLU E 236 12.82 -24.42 49.70
N ASN E 237 13.84 -24.52 48.85
CA ASN E 237 14.53 -23.32 48.37
C ASN E 237 13.75 -22.72 47.21
N GLY E 238 13.48 -21.41 47.30
CA GLY E 238 12.55 -20.80 46.37
C GLY E 238 13.14 -20.54 44.99
N ILE E 239 14.47 -20.59 44.88
CA ILE E 239 15.11 -20.34 43.60
C ILE E 239 14.85 -21.50 42.64
N SER E 240 14.89 -22.73 43.16
CA SER E 240 14.77 -23.92 42.31
C SER E 240 13.39 -24.03 41.68
N VAL E 241 12.35 -23.93 42.51
CA VAL E 241 10.97 -23.94 42.04
C VAL E 241 10.31 -22.65 42.53
N PRO E 242 10.27 -21.60 41.72
CA PRO E 242 9.61 -20.36 42.15
C PRO E 242 8.12 -20.55 42.36
N GLY E 243 7.57 -19.81 43.31
CA GLY E 243 6.17 -19.87 43.64
C GLY E 243 5.81 -20.95 44.64
N LEU E 244 6.73 -21.84 44.96
CA LEU E 244 6.46 -22.87 45.96
C LEU E 244 6.42 -22.28 47.36
N SER E 245 7.28 -21.28 47.62
CA SER E 245 7.29 -20.64 48.94
C SER E 245 5.99 -19.90 49.20
N ALA E 246 5.43 -19.26 48.17
CA ALA E 246 4.14 -18.61 48.32
C ALA E 246 3.03 -19.62 48.59
N VAL E 247 3.10 -20.79 47.95
CA VAL E 247 2.12 -21.85 48.19
C VAL E 247 2.22 -22.36 49.63
N GLU E 248 3.45 -22.55 50.12
CA GLU E 248 3.64 -23.00 51.49
C GLU E 248 3.16 -21.95 52.48
N GLN E 249 3.41 -20.67 52.21
CA GLN E 249 2.96 -19.60 53.09
C GLN E 249 1.45 -19.50 53.11
N ALA E 250 0.81 -19.67 51.95
CA ALA E 250 -0.65 -19.63 51.89
C ALA E 250 -1.26 -20.83 52.61
N ALA E 251 -0.63 -22.00 52.50
CA ALA E 251 -1.13 -23.18 53.19
C ALA E 251 -0.90 -23.09 54.69
N ALA E 252 0.14 -22.39 55.12
CA ALA E 252 0.39 -22.21 56.54
C ALA E 252 -0.66 -21.30 57.17
N ASN E 253 -1.09 -20.27 56.45
CA ASN E 253 -2.10 -19.35 56.95
C ASN E 253 -3.49 -19.97 56.89
N ASN F 35 57.93 17.11 -49.51
CA ASN F 35 58.04 18.15 -50.53
C ASN F 35 57.73 19.53 -49.95
N ARG F 36 57.11 19.55 -48.78
CA ARG F 36 56.68 20.78 -48.13
C ARG F 36 57.69 21.21 -47.09
N PRO F 37 57.76 22.51 -46.78
CA PRO F 37 58.58 22.97 -45.64
C PRO F 37 58.11 22.42 -44.30
N LEU F 38 56.84 22.01 -44.19
CA LEU F 38 56.33 21.15 -43.13
C LEU F 38 56.30 21.83 -41.77
N TRP F 39 55.97 21.07 -40.73
CA TRP F 39 55.69 21.58 -39.39
C TRP F 39 56.64 20.91 -38.41
N LEU F 40 57.12 21.68 -37.38
CA LEU F 40 57.96 21.24 -36.25
C LEU F 40 59.26 20.66 -36.85
N PRO F 41 60.09 19.76 -36.15
CA PRO F 41 61.29 19.23 -36.83
C PRO F 41 61.10 18.64 -38.22
N ASP F 42 60.36 17.52 -38.36
CA ASP F 42 60.44 16.77 -39.61
C ASP F 42 59.18 15.93 -39.94
N VAL F 43 59.20 14.61 -39.85
CA VAL F 43 58.16 13.82 -40.51
C VAL F 43 56.89 13.80 -39.69
N ILE F 44 55.82 14.39 -40.22
CA ILE F 44 54.47 14.32 -39.66
C ILE F 44 53.48 14.35 -40.80
N PRO F 45 53.26 13.23 -41.50
CA PRO F 45 52.49 13.25 -42.75
C PRO F 45 51.00 13.46 -42.49
N PRO F 46 50.41 14.50 -43.09
CA PRO F 46 48.97 14.72 -42.94
C PRO F 46 48.19 14.01 -44.02
N PRO F 47 47.13 13.27 -43.65
CA PRO F 47 46.36 12.55 -44.67
C PRO F 47 45.47 13.45 -45.50
N HIS F 48 44.81 14.43 -44.89
CA HIS F 48 43.87 15.29 -45.58
C HIS F 48 44.46 16.62 -46.01
N LEU F 49 45.75 16.84 -45.79
CA LEU F 49 46.44 18.05 -46.21
C LEU F 49 47.53 17.64 -47.22
N ASN F 50 47.16 17.63 -48.50
CA ASN F 50 48.09 17.21 -49.53
C ASN F 50 49.19 18.25 -49.74
N GLY F 51 48.84 19.53 -49.72
CA GLY F 51 49.82 20.58 -49.91
C GLY F 51 49.37 21.63 -50.92
N THR F 52 48.25 21.38 -51.58
CA THR F 52 47.71 22.34 -52.53
C THR F 52 47.08 23.55 -51.82
N LEU F 53 46.78 23.42 -50.54
CA LEU F 53 46.17 24.51 -49.80
C LEU F 53 47.20 25.62 -49.56
N PRO F 54 46.79 26.88 -49.59
CA PRO F 54 47.73 27.98 -49.32
C PRO F 54 48.17 27.98 -47.87
N GLY F 55 49.49 28.06 -47.66
CA GLY F 55 50.04 28.01 -46.32
C GLY F 55 49.87 26.67 -45.64
N ASP F 56 49.98 25.57 -46.39
CA ASP F 56 49.78 24.24 -45.85
C ASP F 56 51.11 23.69 -45.32
N SER F 57 51.12 23.31 -44.04
CA SER F 57 52.30 22.72 -43.43
C SER F 57 52.01 21.43 -42.69
N GLY F 58 50.76 20.96 -42.68
CA GLY F 58 50.41 19.72 -42.01
C GLY F 58 50.06 19.84 -40.55
N PHE F 59 49.83 21.05 -40.05
CA PHE F 59 49.53 21.26 -38.64
C PHE F 59 48.08 20.83 -38.38
N ASP F 60 47.91 19.55 -38.07
CA ASP F 60 46.63 19.04 -37.58
C ASP F 60 46.90 17.86 -36.65
N PRO F 61 47.37 18.15 -35.43
CA PRO F 61 47.67 17.05 -34.50
C PRO F 61 46.45 16.33 -33.97
N LEU F 62 45.26 16.93 -34.07
CA LEU F 62 44.05 16.33 -33.54
C LEU F 62 43.03 15.98 -34.61
N GLY F 63 43.18 16.45 -35.84
CA GLY F 63 42.30 16.05 -36.91
C GLY F 63 40.92 16.66 -36.86
N LEU F 64 40.82 17.97 -37.10
CA LEU F 64 39.54 18.66 -37.07
C LEU F 64 38.99 18.97 -38.46
N GLY F 65 39.82 18.95 -39.50
CA GLY F 65 39.37 19.36 -40.81
C GLY F 65 39.29 18.27 -41.85
N LEU F 66 38.79 17.09 -41.48
CA LEU F 66 38.68 16.00 -42.45
C LEU F 66 37.60 16.26 -43.49
N ASN F 67 36.46 16.83 -43.08
CA ASN F 67 35.38 17.11 -44.02
C ASN F 67 35.78 18.23 -44.97
N GLU F 68 35.52 18.01 -46.27
CA GLU F 68 35.99 18.93 -47.30
C GLU F 68 35.25 20.27 -47.24
N GLU F 69 33.93 20.23 -47.07
CA GLU F 69 33.17 21.47 -46.91
C GLU F 69 33.58 22.21 -45.65
N ARG F 70 33.77 21.47 -44.55
CA ARG F 70 34.31 22.07 -43.35
C ARG F 70 35.74 22.56 -43.58
N LEU F 71 36.51 21.87 -44.42
CA LEU F 71 37.89 22.30 -44.69
C LEU F 71 37.91 23.66 -45.39
N LYS F 72 37.09 23.84 -46.42
CA LYS F 72 37.10 25.12 -47.12
C LYS F 72 36.47 26.22 -46.26
N TRP F 73 35.45 25.88 -45.48
CA TRP F 73 34.88 26.87 -44.56
C TRP F 73 35.89 27.30 -43.50
N TYR F 74 36.68 26.37 -42.99
CA TYR F 74 37.71 26.72 -42.01
C TYR F 74 38.88 27.46 -42.66
N VAL F 75 39.17 27.21 -43.94
CA VAL F 75 40.14 28.02 -44.67
C VAL F 75 39.67 29.47 -44.71
N GLU F 76 38.41 29.68 -45.11
CA GLU F 76 37.88 31.03 -45.22
C GLU F 76 37.80 31.70 -43.84
N ALA F 77 37.45 30.94 -42.82
CA ALA F 77 37.34 31.52 -41.47
C ALA F 77 38.70 31.82 -40.87
N GLU F 78 39.71 30.99 -41.17
CA GLU F 78 41.08 31.29 -40.77
C GLU F 78 41.56 32.57 -41.43
N LYS F 79 41.26 32.73 -42.72
CA LYS F 79 41.60 33.97 -43.40
C LYS F 79 40.86 35.16 -42.80
N MET F 80 39.61 34.96 -42.37
CA MET F 80 38.86 36.05 -41.75
C MET F 80 39.44 36.48 -40.39
N ASN F 81 39.67 35.52 -39.49
CA ASN F 81 40.27 35.90 -38.21
C ASN F 81 41.68 36.45 -38.41
N GLY F 82 42.39 35.96 -39.43
CA GLY F 82 43.72 36.52 -39.74
C GLY F 82 43.66 37.95 -40.25
N ARG F 83 42.72 38.25 -41.13
CA ARG F 83 42.57 39.61 -41.65
C ARG F 83 42.15 40.57 -40.53
N TRP F 84 41.20 40.14 -39.70
CA TRP F 84 40.79 40.99 -38.58
C TRP F 84 41.92 41.15 -37.57
N ALA F 85 42.75 40.12 -37.38
CA ALA F 85 43.94 40.25 -36.54
C ALA F 85 44.94 41.24 -37.14
N MET F 86 45.12 41.20 -38.47
CA MET F 86 45.98 42.18 -39.15
C MET F 86 45.54 43.59 -38.84
N MET F 87 44.26 43.88 -39.10
CA MET F 87 43.79 45.25 -38.96
C MET F 87 43.73 45.66 -37.49
N ALA F 88 43.48 44.71 -36.59
CA ALA F 88 43.50 45.00 -35.16
C ALA F 88 44.89 45.41 -34.70
N VAL F 89 45.90 44.59 -35.01
CA VAL F 89 47.24 44.90 -34.49
C VAL F 89 47.79 46.16 -35.15
N THR F 90 47.52 46.36 -36.46
CA THR F 90 47.98 47.58 -37.12
C THR F 90 47.31 48.81 -36.56
N GLY F 91 46.02 48.71 -36.24
CA GLY F 91 45.36 49.81 -35.56
C GLY F 91 45.97 50.09 -34.18
N ILE F 92 46.36 49.03 -33.48
CA ILE F 92 46.93 49.19 -32.15
C ILE F 92 48.28 49.90 -32.22
N MET F 93 49.21 49.43 -33.08
CA MET F 93 50.47 50.15 -33.09
C MET F 93 50.39 51.49 -33.81
N GLY F 94 49.45 51.66 -34.75
CA GLY F 94 49.27 52.99 -35.33
C GLY F 94 48.73 53.99 -34.34
N GLN F 95 47.79 53.57 -33.49
CA GLN F 95 47.28 54.44 -32.43
C GLN F 95 48.36 54.76 -31.42
N GLU F 96 49.21 53.79 -31.08
CA GLU F 96 50.26 54.06 -30.12
C GLU F 96 51.37 54.93 -30.71
N LEU F 97 51.69 54.73 -31.99
CA LEU F 97 52.77 55.48 -32.62
C LEU F 97 52.34 56.91 -32.95
N LEU F 98 51.06 57.11 -33.29
CA LEU F 98 50.58 58.45 -33.58
C LEU F 98 50.24 59.25 -32.34
N GLY F 99 50.52 58.71 -31.15
CA GLY F 99 50.40 59.45 -29.90
C GLY F 99 48.99 59.81 -29.48
N VAL F 100 48.04 58.89 -29.63
CA VAL F 100 46.70 59.14 -29.07
C VAL F 100 46.78 59.03 -27.55
N PRO F 101 45.96 59.77 -26.80
CA PRO F 101 46.09 59.72 -25.34
C PRO F 101 45.53 58.44 -24.73
N VAL F 102 44.36 57.98 -25.20
CA VAL F 102 43.73 56.82 -24.60
C VAL F 102 44.42 55.55 -25.10
N LYS F 103 44.46 54.54 -24.24
CA LYS F 103 45.06 53.26 -24.63
C LYS F 103 44.03 52.40 -25.35
N TRP F 104 44.53 51.37 -26.05
CA TRP F 104 43.66 50.57 -26.89
C TRP F 104 42.70 49.71 -26.09
N PHE F 105 43.10 49.30 -24.87
CA PHE F 105 42.21 48.52 -24.03
C PHE F 105 41.26 49.37 -23.21
N GLU F 106 41.51 50.68 -23.11
CA GLU F 106 40.62 51.60 -22.41
C GLU F 106 39.89 52.54 -23.37
N ALA F 107 39.83 52.20 -24.66
CA ALA F 107 39.23 53.09 -25.64
C ALA F 107 37.71 53.12 -25.55
N GLY F 108 37.09 52.12 -24.92
CA GLY F 108 35.64 52.07 -24.86
C GLY F 108 35.03 53.20 -24.04
N ALA F 109 35.60 53.47 -22.86
CA ALA F 109 35.03 54.47 -21.96
C ALA F 109 35.86 55.75 -22.02
N ALA F 110 35.54 56.59 -23.00
CA ALA F 110 36.09 57.92 -23.09
C ALA F 110 35.09 58.78 -23.86
N GLU F 111 35.23 60.10 -23.71
CA GLU F 111 34.30 61.03 -24.32
C GLU F 111 34.65 61.20 -25.80
N TYR F 112 33.77 60.69 -26.67
CA TYR F 112 33.93 60.88 -28.10
C TYR F 112 32.72 61.63 -28.64
N ASP F 113 32.78 61.94 -29.94
CA ASP F 113 31.73 62.76 -30.56
C ASP F 113 30.43 61.98 -30.74
N LEU F 114 30.51 60.66 -30.87
CA LEU F 114 29.34 59.81 -30.96
C LEU F 114 29.36 58.84 -29.80
N PRO F 115 28.28 58.77 -29.00
CA PRO F 115 28.30 57.90 -27.82
C PRO F 115 28.24 56.42 -28.21
N VAL F 116 28.54 55.57 -27.22
CA VAL F 116 28.59 54.13 -27.44
C VAL F 116 27.20 53.59 -27.77
N GLN F 117 26.14 54.25 -27.30
CA GLN F 117 24.79 53.84 -27.65
C GLN F 117 24.46 54.13 -29.12
N ALA F 118 25.30 54.92 -29.81
CA ALA F 118 25.01 55.35 -31.17
C ALA F 118 25.79 54.60 -32.24
N GLN F 119 26.83 53.85 -31.87
CA GLN F 119 27.49 53.01 -32.88
C GLN F 119 26.68 51.75 -33.11
N VAL F 120 26.42 50.99 -32.04
CA VAL F 120 25.86 49.65 -32.10
C VAL F 120 24.55 49.51 -32.87
N PRO F 121 23.72 50.57 -33.13
CA PRO F 121 22.73 50.41 -34.20
C PRO F 121 23.34 50.25 -35.58
N ILE F 122 24.09 51.24 -36.05
CA ILE F 122 24.59 51.15 -37.43
C ILE F 122 25.87 50.33 -37.52
N LEU F 123 26.60 50.18 -36.41
CA LEU F 123 27.72 49.24 -36.35
C LEU F 123 27.26 47.82 -36.65
N PHE F 124 26.16 47.41 -36.04
CA PHE F 124 25.59 46.11 -36.34
C PHE F 124 24.93 46.10 -37.72
N LEU F 125 24.27 47.19 -38.10
CA LEU F 125 23.48 47.20 -39.33
C LEU F 125 24.37 47.07 -40.57
N VAL F 126 25.40 47.90 -40.68
CA VAL F 126 26.18 47.92 -41.91
C VAL F 126 27.01 46.65 -42.05
N MET F 127 27.54 46.12 -40.95
CA MET F 127 28.31 44.88 -41.04
C MET F 127 27.41 43.67 -41.19
N GLY F 128 26.19 43.70 -40.67
CA GLY F 128 25.24 42.65 -41.00
C GLY F 128 24.91 42.63 -42.47
N PHE F 129 24.72 43.80 -43.07
CA PHE F 129 24.51 43.90 -44.51
C PHE F 129 25.70 43.35 -45.28
N LEU F 130 26.91 43.76 -44.89
CA LEU F 130 28.11 43.34 -45.61
C LEU F 130 28.34 41.84 -45.49
N GLU F 131 28.17 41.27 -44.29
CA GLU F 131 28.39 39.85 -44.11
C GLU F 131 27.28 39.02 -44.74
N THR F 132 26.05 39.53 -44.78
CA THR F 132 24.98 38.82 -45.47
C THR F 132 25.21 38.79 -46.97
N LYS F 133 25.65 39.93 -47.54
CA LYS F 133 26.02 39.95 -48.96
C LYS F 133 27.17 38.99 -49.24
N ARG F 134 28.17 38.97 -48.36
CA ARG F 134 29.32 38.11 -48.62
C ARG F 134 28.95 36.63 -48.43
N PHE F 135 27.97 36.34 -47.58
CA PHE F 135 27.56 34.94 -47.42
C PHE F 135 26.73 34.49 -48.62
N GLN F 136 25.83 35.35 -49.10
CA GLN F 136 25.04 35.00 -50.27
C GLN F 136 25.88 34.97 -51.55
N GLY F 137 27.07 35.57 -51.53
CA GLY F 137 28.00 35.38 -52.62
C GLY F 137 28.90 34.17 -52.45
N PHE F 138 29.28 33.88 -51.20
CA PHE F 138 30.12 32.73 -50.87
C PHE F 138 29.36 31.41 -51.05
N ARG F 139 28.03 31.46 -51.08
CA ARG F 139 27.24 30.27 -51.37
C ARG F 139 27.57 29.67 -52.73
N GLU F 140 27.95 30.49 -53.70
CA GLU F 140 28.26 30.01 -55.04
C GLU F 140 29.68 30.31 -55.51
N THR F 141 30.39 31.22 -54.86
CA THR F 141 31.74 31.57 -55.33
C THR F 141 32.83 30.79 -54.59
N GLY F 142 32.74 30.71 -53.26
CA GLY F 142 33.74 30.00 -52.49
C GLY F 142 34.99 30.78 -52.18
N THR F 143 34.96 32.11 -52.27
CA THR F 143 36.09 32.96 -51.95
C THR F 143 35.61 34.15 -51.14
N SER F 144 36.54 35.05 -50.82
CA SER F 144 36.20 36.28 -50.14
C SER F 144 35.77 37.34 -51.14
N GLY F 145 35.27 38.46 -50.63
CA GLY F 145 34.85 39.56 -51.47
C GLY F 145 34.10 40.65 -50.74
N PHE F 146 34.41 41.91 -51.05
CA PHE F 146 33.77 43.06 -50.40
C PHE F 146 32.28 43.13 -50.72
N ILE F 147 31.94 43.51 -51.95
CA ILE F 147 30.55 43.69 -52.41
C ILE F 147 30.52 43.36 -53.90
N ASN F 148 29.69 42.38 -54.27
CA ASN F 148 29.44 42.00 -55.67
C ASN F 148 30.69 41.53 -56.40
N SER F 149 31.67 42.43 -56.57
CA SER F 149 32.92 42.10 -57.26
C SER F 149 33.74 41.18 -56.37
N TYR F 150 33.53 39.89 -56.56
CA TYR F 150 34.12 38.89 -55.67
C TYR F 150 35.63 38.69 -55.86
N PRO F 151 36.22 38.79 -57.06
CA PRO F 151 37.69 38.89 -57.11
C PRO F 151 38.25 40.03 -56.27
N PHE F 152 37.58 41.18 -56.26
CA PHE F 152 37.95 42.35 -55.45
C PHE F 152 39.41 42.75 -55.68
N ASP F 153 39.74 42.93 -56.96
CA ASP F 153 41.11 43.22 -57.38
C ASP F 153 41.12 44.46 -58.28
N PRO F 154 41.01 45.65 -57.70
CA PRO F 154 41.27 46.87 -58.50
C PRO F 154 42.70 46.94 -58.99
N VAL F 155 43.65 46.40 -58.22
CA VAL F 155 45.05 46.42 -58.64
C VAL F 155 45.54 45.05 -59.12
N GLY F 156 44.74 44.01 -58.96
CA GLY F 156 45.13 42.69 -59.42
C GLY F 156 46.13 42.00 -58.51
N LEU F 157 47.22 41.51 -59.11
CA LEU F 157 48.32 40.79 -58.45
C LEU F 157 47.84 39.69 -57.50
N ASN F 158 46.94 38.83 -57.99
CA ASN F 158 46.44 37.69 -57.24
C ASN F 158 47.28 36.48 -57.59
N SER F 159 48.30 36.21 -56.78
CA SER F 159 49.21 35.09 -56.97
C SER F 159 49.11 34.13 -55.79
N PRO F 160 49.42 32.84 -56.02
CA PRO F 160 49.47 31.90 -54.89
C PRO F 160 50.51 32.25 -53.85
N LYS F 161 51.63 32.86 -54.27
CA LYS F 161 52.60 33.35 -53.31
C LYS F 161 52.00 34.43 -52.42
N HIS F 162 51.19 35.32 -53.00
CA HIS F 162 50.49 36.33 -52.21
C HIS F 162 49.50 35.69 -51.24
N ALA F 163 48.85 34.60 -51.65
CA ALA F 163 47.91 33.91 -50.76
C ALA F 163 48.64 33.26 -49.58
N VAL F 164 49.78 32.61 -49.85
CA VAL F 164 50.57 32.01 -48.78
C VAL F 164 51.09 33.09 -47.83
N ASN F 165 51.53 34.22 -48.39
CA ASN F 165 51.98 35.34 -47.57
C ASN F 165 50.85 35.88 -46.72
N GLU F 166 49.64 35.99 -47.29
CA GLU F 166 48.48 36.47 -46.53
C GLU F 166 48.18 35.53 -45.37
N VAL F 167 48.17 34.22 -45.63
CA VAL F 167 47.83 33.26 -44.59
C VAL F 167 48.87 33.27 -43.47
N LYS F 168 50.16 33.28 -43.83
CA LYS F 168 51.20 33.16 -42.81
C LYS F 168 51.35 34.46 -42.02
N ASN F 169 51.31 35.62 -42.70
CA ASN F 169 51.33 36.88 -41.99
C ASN F 169 50.06 37.07 -41.16
N GLY F 170 48.95 36.45 -41.59
CA GLY F 170 47.75 36.45 -40.78
C GLY F 170 47.91 35.66 -39.49
N ARG F 171 48.51 34.48 -39.59
CA ARG F 171 48.80 33.69 -38.38
C ARG F 171 49.71 34.45 -37.44
N LEU F 172 50.71 35.14 -37.99
CA LEU F 172 51.55 36.03 -37.19
C LEU F 172 50.72 37.13 -36.54
N ALA F 173 49.71 37.62 -37.24
CA ALA F 173 48.84 38.66 -36.67
C ALA F 173 47.99 38.11 -35.52
N MET F 174 47.51 36.87 -35.63
CA MET F 174 46.79 36.26 -34.51
C MET F 174 47.69 36.10 -33.29
N VAL F 175 48.91 35.62 -33.51
CA VAL F 175 49.86 35.47 -32.40
C VAL F 175 50.17 36.82 -31.79
N ALA F 176 50.34 37.85 -32.64
CA ALA F 176 50.62 39.20 -32.16
C ALA F 176 49.45 39.78 -31.36
N PHE F 177 48.21 39.54 -31.79
CA PHE F 177 47.08 40.08 -31.06
C PHE F 177 46.87 39.35 -29.74
N VAL F 178 47.13 38.05 -29.72
CA VAL F 178 47.10 37.32 -28.45
C VAL F 178 48.17 37.86 -27.51
N GLY F 179 49.37 38.12 -28.04
CA GLY F 179 50.40 38.74 -27.24
C GLY F 179 50.00 40.10 -26.72
N PHE F 180 49.33 40.90 -27.55
CA PHE F 180 48.88 42.24 -27.12
C PHE F 180 47.84 42.15 -26.02
N ALA F 181 46.89 41.21 -26.17
CA ALA F 181 45.86 41.03 -25.15
C ALA F 181 46.46 40.58 -23.83
N VAL F 182 47.45 39.68 -23.88
CA VAL F 182 48.09 39.27 -22.64
C VAL F 182 49.02 40.36 -22.09
N GLN F 183 49.56 41.25 -22.93
CA GLN F 183 50.23 42.43 -22.41
C GLN F 183 49.25 43.29 -21.62
N ALA F 184 48.08 43.53 -22.19
CA ALA F 184 47.06 44.32 -21.52
C ALA F 184 46.58 43.67 -20.23
N LEU F 185 46.52 42.34 -20.20
CA LEU F 185 46.10 41.64 -19.00
C LEU F 185 47.19 41.65 -17.92
N VAL F 186 48.36 41.08 -18.23
CA VAL F 186 49.41 40.89 -17.24
C VAL F 186 50.23 42.15 -17.07
N THR F 187 50.85 42.63 -18.15
CA THR F 187 51.75 43.77 -18.02
C THR F 187 50.98 45.07 -17.83
N ARG F 188 49.74 45.13 -18.33
CA ARG F 188 48.86 46.30 -18.22
C ARG F 188 49.51 47.55 -18.79
N THR F 189 50.26 47.37 -19.88
CA THR F 189 50.94 48.47 -20.55
C THR F 189 50.76 48.34 -22.05
N GLN F 190 51.14 49.40 -22.75
CA GLN F 190 51.01 49.46 -24.20
C GLN F 190 51.99 48.49 -24.86
N PRO F 191 51.67 48.01 -26.07
CA PRO F 191 52.54 47.01 -26.71
C PRO F 191 53.94 47.53 -27.05
N ILE F 192 54.03 48.66 -27.75
CA ILE F 192 55.35 49.20 -28.08
C ILE F 192 56.06 49.70 -26.82
N GLU F 193 55.29 50.14 -25.81
CA GLU F 193 55.90 50.48 -24.52
C GLU F 193 56.52 49.25 -23.87
N GLY F 194 55.84 48.10 -23.94
CA GLY F 194 56.44 46.87 -23.44
C GLY F 194 57.64 46.44 -24.27
N LEU F 195 57.60 46.68 -25.57
CA LEU F 195 58.75 46.42 -26.43
C LEU F 195 59.95 47.25 -26.01
N GLN F 196 59.72 48.55 -25.77
CA GLN F 196 60.79 49.43 -25.31
C GLN F 196 61.29 49.03 -23.92
N LYS F 197 60.40 48.51 -23.08
CA LYS F 197 60.83 47.99 -21.79
C LYS F 197 61.73 46.76 -21.95
N HIS F 198 61.41 45.89 -22.93
CA HIS F 198 62.26 44.73 -23.18
C HIS F 198 63.61 45.14 -23.76
N LEU F 199 63.65 46.17 -24.60
CA LEU F 199 64.94 46.64 -25.12
C LEU F 199 65.76 47.34 -24.03
N ALA F 200 65.10 48.12 -23.17
CA ALA F 200 65.83 48.90 -22.18
C ALA F 200 66.43 48.00 -21.10
N ASP F 201 65.63 47.08 -20.55
CA ASP F 201 66.08 46.16 -19.51
C ASP F 201 65.69 44.75 -19.93
N PRO F 202 66.51 44.11 -20.77
CA PRO F 202 66.17 42.74 -21.23
C PRO F 202 66.11 41.72 -20.11
N PHE F 203 66.97 41.83 -19.12
CA PHE F 203 66.99 40.94 -17.97
C PHE F 203 66.53 41.75 -16.75
N GLY F 204 65.24 41.69 -16.47
CA GLY F 204 64.62 42.53 -15.47
C GLY F 204 63.23 42.95 -15.92
N LYS F 205 62.91 42.65 -17.18
CA LYS F 205 61.57 42.80 -17.72
C LYS F 205 61.12 41.54 -18.45
N ASN F 206 61.67 40.39 -18.06
CA ASN F 206 61.35 39.11 -18.70
C ASN F 206 60.03 38.58 -18.14
N ILE F 207 59.74 37.30 -18.41
CA ILE F 207 58.47 36.73 -17.97
C ILE F 207 58.45 36.53 -16.46
N THR F 208 59.62 36.34 -15.83
CA THR F 208 59.65 36.07 -14.39
C THR F 208 59.32 37.33 -13.59
N TYR F 209 59.94 38.45 -13.96
CA TYR F 209 59.64 39.72 -13.30
C TYR F 209 58.18 40.10 -13.46
N TYR F 210 57.66 40.05 -14.68
CA TYR F 210 56.29 40.45 -14.96
C TYR F 210 55.27 39.41 -14.56
N LEU F 211 55.69 38.22 -14.12
CA LEU F 211 54.74 37.24 -13.62
C LEU F 211 54.78 37.09 -12.10
N THR F 212 55.87 37.47 -11.45
CA THR F 212 55.96 37.36 -10.00
C THR F 212 56.08 38.71 -9.29
N HIS F 213 57.00 39.57 -9.71
CA HIS F 213 57.32 40.79 -8.98
C HIS F 213 56.25 41.85 -9.22
N THR F 214 55.62 41.85 -10.38
CA THR F 214 54.67 42.90 -10.75
C THR F 214 53.25 42.81 -10.18
N PRO F 215 52.56 41.60 -10.11
CA PRO F 215 51.09 41.62 -9.91
C PRO F 215 50.60 42.29 -8.64
N GLU F 216 51.46 42.45 -7.64
CA GLU F 216 51.09 43.22 -6.45
C GLU F 216 51.44 44.70 -6.63
N VAL F 217 52.23 45.02 -7.66
CA VAL F 217 52.69 46.39 -7.84
C VAL F 217 51.90 47.08 -8.96
N ILE F 218 51.56 46.35 -10.02
CA ILE F 218 50.91 46.95 -11.18
C ILE F 218 49.51 47.45 -10.82
N ALA F 219 48.84 46.78 -9.89
CA ALA F 219 47.55 47.22 -9.43
C ALA F 219 47.73 48.49 -8.60
N GLY F 220 47.65 49.65 -9.26
CA GLY F 220 47.99 50.90 -8.63
C GLY F 220 49.49 51.14 -8.65
N THR F 221 50.07 51.17 -9.84
CA THR F 221 51.51 51.36 -9.99
C THR F 221 51.87 52.85 -10.07
N LYS G 12 -54.72 -27.77 1.11
CA LYS G 12 -53.59 -27.79 0.20
C LYS G 12 -52.28 -27.61 0.96
N VAL G 13 -52.26 -26.68 1.90
CA VAL G 13 -51.07 -26.43 2.71
C VAL G 13 -50.99 -27.51 3.79
N LYS G 14 -49.87 -28.22 3.81
CA LYS G 14 -49.67 -29.31 4.75
C LYS G 14 -48.20 -29.33 5.17
N ILE G 15 -47.87 -30.23 6.09
CA ILE G 15 -46.52 -30.35 6.63
C ILE G 15 -45.87 -31.54 5.93
N ALA G 16 -45.14 -31.28 4.85
CA ALA G 16 -44.43 -32.31 4.11
C ALA G 16 -43.00 -32.37 4.65
N VAL G 17 -42.65 -33.49 5.26
CA VAL G 17 -41.36 -33.66 5.93
C VAL G 17 -40.79 -35.03 5.55
N ASP G 18 -39.52 -35.04 5.14
CA ASP G 18 -38.79 -36.29 4.93
C ASP G 18 -37.97 -36.61 6.17
N ARG G 19 -38.08 -37.84 6.65
CA ARG G 19 -37.42 -38.27 7.88
C ARG G 19 -36.10 -38.95 7.56
N ASN G 20 -35.05 -38.53 8.29
CA ASN G 20 -33.68 -39.02 8.20
C ASN G 20 -33.13 -39.03 6.77
N PRO G 21 -32.88 -37.86 6.15
CA PRO G 21 -32.22 -37.86 4.84
C PRO G 21 -30.70 -37.91 4.95
N VAL G 22 -30.16 -37.39 6.06
CA VAL G 22 -28.72 -37.29 6.26
C VAL G 22 -28.37 -37.97 7.57
N GLU G 23 -27.44 -38.91 7.52
CA GLU G 23 -26.95 -39.56 8.73
C GLU G 23 -26.13 -38.59 9.56
N THR G 24 -26.24 -38.70 10.89
CA THR G 24 -25.50 -37.83 11.80
C THR G 24 -24.21 -38.54 12.19
N ASN G 25 -23.11 -38.15 11.52
CA ASN G 25 -21.81 -38.73 11.81
C ASN G 25 -20.74 -37.73 11.39
N PHE G 26 -19.50 -38.04 11.75
CA PHE G 26 -18.35 -37.19 11.46
C PHE G 26 -17.58 -37.65 10.24
N GLU G 27 -18.23 -38.36 9.31
CA GLU G 27 -17.55 -38.80 8.09
C GLU G 27 -17.18 -37.63 7.20
N LYS G 28 -18.11 -36.69 7.01
CA LYS G 28 -17.81 -35.49 6.23
C LYS G 28 -17.05 -34.44 7.02
N TRP G 29 -16.93 -34.61 8.34
CA TRP G 29 -16.08 -33.73 9.13
C TRP G 29 -14.60 -34.06 8.93
N ALA G 30 -14.29 -35.33 8.66
CA ALA G 30 -12.91 -35.73 8.45
C ALA G 30 -12.35 -35.13 7.17
N LYS G 31 -13.16 -35.06 6.11
CA LYS G 31 -12.73 -34.48 4.86
C LYS G 31 -13.30 -33.08 4.74
N PRO G 32 -12.47 -32.03 4.89
CA PRO G 32 -13.00 -30.66 4.83
C PRO G 32 -13.64 -30.29 3.51
N GLY G 33 -13.12 -30.79 2.40
CA GLY G 33 -13.74 -30.54 1.11
C GLY G 33 -14.70 -31.63 0.74
N HIS G 34 -16.00 -31.42 1.01
CA HIS G 34 -17.02 -32.41 0.68
C HIS G 34 -18.26 -31.83 0.03
N PHE G 35 -18.52 -30.52 0.17
CA PHE G 35 -19.73 -29.94 -0.41
C PHE G 35 -19.60 -29.79 -1.93
N SER G 36 -18.39 -29.60 -2.43
CA SER G 36 -18.16 -29.37 -3.85
C SER G 36 -17.34 -30.51 -4.42
N ARG G 37 -17.69 -30.94 -5.64
CA ARG G 37 -16.93 -32.00 -6.29
C ARG G 37 -15.55 -31.53 -6.71
N ALA G 38 -15.39 -30.23 -6.97
CA ALA G 38 -14.09 -29.70 -7.33
C ALA G 38 -13.13 -29.70 -6.14
N LEU G 39 -13.66 -29.45 -4.94
CA LEU G 39 -12.85 -29.44 -3.74
C LEU G 39 -12.80 -30.80 -3.03
N ALA G 40 -13.49 -31.81 -3.58
CA ALA G 40 -13.51 -33.13 -2.96
C ALA G 40 -12.30 -33.98 -3.32
N LYS G 41 -11.43 -33.50 -4.21
CA LYS G 41 -10.27 -34.29 -4.62
C LYS G 41 -9.12 -34.10 -3.63
N GLY G 42 -8.65 -32.86 -3.46
CA GLY G 42 -7.57 -32.59 -2.55
C GLY G 42 -7.00 -31.20 -2.74
N PRO G 43 -6.20 -30.74 -1.77
CA PRO G 43 -5.57 -29.40 -1.83
C PRO G 43 -4.21 -29.40 -2.52
N ASN G 44 -4.23 -29.48 -3.86
CA ASN G 44 -2.99 -29.44 -4.63
C ASN G 44 -2.34 -28.07 -4.54
N THR G 45 -3.14 -27.00 -4.57
CA THR G 45 -2.65 -25.63 -4.46
C THR G 45 -3.21 -24.99 -3.19
N THR G 46 -2.60 -23.88 -2.80
CA THR G 46 -3.04 -23.17 -1.59
C THR G 46 -4.34 -22.41 -1.80
N THR G 47 -4.80 -22.24 -3.05
CA THR G 47 -6.10 -21.63 -3.30
C THR G 47 -7.25 -22.56 -2.98
N TRP G 48 -6.97 -23.85 -2.72
CA TRP G 48 -8.02 -24.78 -2.32
C TRP G 48 -8.61 -24.39 -0.96
N ILE G 49 -7.76 -23.91 -0.05
CA ILE G 49 -8.23 -23.51 1.28
C ILE G 49 -9.14 -22.30 1.17
N TRP G 50 -8.77 -21.31 0.35
CA TRP G 50 -9.62 -20.14 0.17
C TRP G 50 -10.91 -20.50 -0.55
N ASN G 51 -10.85 -21.44 -1.50
CA ASN G 51 -12.07 -21.93 -2.13
C ASN G 51 -12.90 -22.75 -1.15
N LEU G 52 -12.26 -23.42 -0.19
CA LEU G 52 -12.98 -24.15 0.83
C LEU G 52 -13.75 -23.21 1.75
N HIS G 53 -13.09 -22.15 2.21
CA HIS G 53 -13.74 -21.19 3.10
C HIS G 53 -14.60 -20.19 2.36
N ALA G 54 -14.55 -20.15 1.03
CA ALA G 54 -15.37 -19.24 0.22
C ALA G 54 -16.65 -19.90 -0.28
N ASP G 55 -16.55 -21.12 -0.83
CA ASP G 55 -17.70 -21.87 -1.28
C ASP G 55 -18.31 -22.72 -0.18
N ALA G 56 -18.08 -22.35 1.08
CA ALA G 56 -18.56 -23.16 2.20
C ALA G 56 -20.08 -23.11 2.31
N HIS G 57 -20.65 -21.92 2.23
CA HIS G 57 -22.09 -21.74 2.38
C HIS G 57 -22.80 -21.44 1.07
N ASP G 58 -22.07 -21.41 -0.05
CA ASP G 58 -22.70 -21.27 -1.35
C ASP G 58 -23.37 -22.60 -1.72
N PHE G 59 -24.66 -22.72 -1.42
CA PHE G 59 -25.36 -23.98 -1.59
C PHE G 59 -25.89 -24.18 -3.01
N ASP G 60 -25.74 -23.19 -3.89
CA ASP G 60 -26.27 -23.33 -5.25
C ASP G 60 -25.42 -24.29 -6.08
N ASN G 61 -24.10 -24.20 -6.00
CA ASN G 61 -23.23 -25.07 -6.75
C ASN G 61 -22.87 -26.34 -6.01
N HIS G 62 -23.30 -26.50 -4.76
CA HIS G 62 -23.15 -27.78 -4.07
C HIS G 62 -24.06 -28.84 -4.70
N THR G 63 -25.32 -28.48 -4.93
CA THR G 63 -26.28 -29.37 -5.56
C THR G 63 -27.32 -28.54 -6.30
N SER G 64 -27.94 -29.14 -7.31
CA SER G 64 -28.93 -28.47 -8.12
C SER G 64 -30.36 -28.66 -7.60
N ASP G 65 -30.52 -29.41 -6.51
CA ASP G 65 -31.85 -29.63 -5.95
C ASP G 65 -32.23 -28.50 -5.01
N LEU G 66 -33.41 -27.92 -5.22
CA LEU G 66 -33.85 -26.81 -4.39
C LEU G 66 -34.24 -27.26 -2.99
N GLU G 67 -34.68 -28.51 -2.84
CA GLU G 67 -35.11 -29.01 -1.54
C GLU G 67 -33.94 -29.10 -0.56
N GLU G 68 -32.81 -29.63 -1.02
CA GLU G 68 -31.63 -29.71 -0.16
C GLU G 68 -31.10 -28.33 0.19
N ILE G 69 -31.16 -27.39 -0.76
CA ILE G 69 -30.75 -26.01 -0.50
C ILE G 69 -31.66 -25.39 0.55
N SER G 70 -32.97 -25.64 0.45
CA SER G 70 -33.91 -25.09 1.42
C SER G 70 -33.66 -25.65 2.81
N ARG G 71 -33.39 -26.95 2.91
CA ARG G 71 -33.08 -27.53 4.22
C ARG G 71 -31.78 -26.97 4.77
N LYS G 72 -30.77 -26.80 3.91
CA LYS G 72 -29.49 -26.24 4.33
C LYS G 72 -29.65 -24.84 4.87
N VAL G 73 -30.41 -23.99 4.17
CA VAL G 73 -30.56 -22.61 4.63
C VAL G 73 -31.47 -22.55 5.85
N PHE G 74 -32.42 -23.48 5.99
CA PHE G 74 -33.25 -23.54 7.19
C PHE G 74 -32.41 -23.82 8.43
N SER G 75 -31.55 -24.83 8.36
CA SER G 75 -30.69 -25.11 9.50
C SER G 75 -29.58 -24.07 9.66
N ALA G 76 -29.19 -23.39 8.58
CA ALA G 76 -28.26 -22.27 8.72
C ALA G 76 -28.88 -21.12 9.50
N HIS G 77 -30.16 -20.81 9.23
CA HIS G 77 -30.85 -19.78 10.00
C HIS G 77 -31.03 -20.22 11.45
N PHE G 78 -31.27 -21.52 11.67
CA PHE G 78 -31.36 -22.03 13.03
C PHE G 78 -30.04 -21.86 13.77
N GLY G 79 -28.92 -22.15 13.10
CA GLY G 79 -27.61 -21.97 13.71
C GLY G 79 -27.30 -20.51 14.00
N GLN G 80 -27.67 -19.62 13.08
CA GLN G 80 -27.47 -18.18 13.33
C GLN G 80 -28.33 -17.70 14.49
N LEU G 81 -29.56 -18.21 14.60
CA LEU G 81 -30.42 -17.87 15.74
C LEU G 81 -29.81 -18.36 17.04
N GLY G 82 -29.25 -19.57 17.04
CA GLY G 82 -28.58 -20.07 18.23
C GLY G 82 -27.37 -19.24 18.61
N ILE G 83 -26.60 -18.80 17.60
CA ILE G 83 -25.43 -17.95 17.85
C ILE G 83 -25.86 -16.61 18.45
N ILE G 84 -26.92 -16.00 17.89
CA ILE G 84 -27.41 -14.73 18.40
C ILE G 84 -27.94 -14.88 19.83
N LEU G 85 -28.62 -15.99 20.11
CA LEU G 85 -29.11 -16.23 21.47
C LEU G 85 -27.96 -16.47 22.44
N ILE G 86 -26.90 -17.15 21.99
CA ILE G 86 -25.70 -17.32 22.82
C ILE G 86 -25.08 -15.97 23.15
N TRP G 87 -24.98 -15.09 22.15
CA TRP G 87 -24.38 -13.78 22.36
C TRP G 87 -25.25 -12.92 23.30
N LEU G 88 -26.57 -12.96 23.12
CA LEU G 88 -27.47 -12.21 23.98
C LEU G 88 -27.43 -12.73 25.42
N SER G 89 -27.38 -14.05 25.59
CA SER G 89 -27.26 -14.63 26.92
C SER G 89 -25.92 -14.26 27.56
N GLY G 90 -24.87 -14.17 26.76
CA GLY G 90 -23.59 -13.72 27.27
C GLY G 90 -23.62 -12.28 27.73
N MET G 91 -24.32 -11.43 26.98
CA MET G 91 -24.46 -10.03 27.41
C MET G 91 -25.26 -9.92 28.71
N TYR G 92 -26.32 -10.72 28.84
CA TYR G 92 -27.09 -10.73 30.07
C TYR G 92 -26.26 -11.26 31.24
N PHE G 93 -25.43 -12.28 30.98
CA PHE G 93 -24.54 -12.80 32.03
C PHE G 93 -23.51 -11.76 32.43
N HIS G 94 -22.98 -10.99 31.47
CA HIS G 94 -22.03 -9.94 31.80
C HIS G 94 -22.69 -8.83 32.62
N GLY G 95 -23.93 -8.48 32.28
CA GLY G 95 -24.67 -7.54 33.11
C GLY G 95 -24.97 -8.09 34.49
N ALA G 96 -25.13 -9.41 34.61
CA ALA G 96 -25.42 -10.00 35.91
C ALA G 96 -24.18 -10.09 36.79
N ARG G 97 -23.01 -10.37 36.21
CA ARG G 97 -21.82 -10.67 37.00
C ARG G 97 -20.81 -9.53 37.00
N PHE G 98 -20.32 -9.11 35.83
CA PHE G 98 -19.33 -8.04 35.75
C PHE G 98 -20.02 -6.76 35.27
N SER G 99 -20.68 -6.07 36.20
CA SER G 99 -21.37 -4.83 35.87
C SER G 99 -21.63 -4.05 37.15
N ASN G 100 -21.96 -2.78 36.96
CA ASN G 100 -22.41 -1.90 38.04
C ASN G 100 -23.87 -1.49 37.82
N TYR G 101 -24.69 -2.45 37.38
CA TYR G 101 -26.08 -2.15 37.04
C TYR G 101 -26.88 -1.77 38.27
N GLU G 102 -26.61 -2.40 39.41
CA GLU G 102 -27.29 -2.04 40.65
C GLU G 102 -26.92 -0.62 41.07
N GLY G 103 -25.64 -0.25 40.94
CA GLY G 103 -25.25 1.12 41.21
C GLY G 103 -25.80 2.10 40.20
N TRP G 104 -25.86 1.69 38.93
CA TRP G 104 -26.37 2.57 37.89
C TRP G 104 -27.87 2.82 38.04
N LEU G 105 -28.60 1.86 38.60
CA LEU G 105 -30.03 2.06 38.80
C LEU G 105 -30.30 3.13 39.84
N SER G 106 -29.46 3.21 40.87
CA SER G 106 -29.63 4.22 41.92
C SER G 106 -29.10 5.59 41.50
N ASP G 107 -28.27 5.66 40.46
CA ASP G 107 -27.72 6.93 40.00
C ASP G 107 -27.36 6.84 38.52
N PRO G 108 -28.33 6.98 37.61
CA PRO G 108 -28.01 6.88 36.18
C PRO G 108 -27.38 8.12 35.60
N THR G 109 -27.56 9.28 36.23
CA THR G 109 -27.03 10.54 35.69
C THR G 109 -25.60 10.82 36.13
N HIS G 110 -25.05 10.04 37.07
CA HIS G 110 -23.71 10.28 37.56
C HIS G 110 -22.78 9.07 37.46
N ILE G 111 -23.30 7.86 37.25
CA ILE G 111 -22.50 6.66 37.16
C ILE G 111 -22.51 6.19 35.71
N LYS G 112 -21.33 6.10 35.11
CA LYS G 112 -21.25 5.65 33.73
C LYS G 112 -21.49 4.14 33.66
N PRO G 113 -22.23 3.67 32.65
CA PRO G 113 -22.48 2.23 32.53
C PRO G 113 -21.21 1.46 32.26
N SER G 114 -21.15 0.23 32.78
CA SER G 114 -20.01 -0.63 32.60
C SER G 114 -20.46 -2.09 32.68
N ALA G 115 -20.07 -2.90 31.69
CA ALA G 115 -20.44 -4.30 31.67
C ALA G 115 -19.33 -5.22 31.22
N GLN G 116 -18.12 -4.72 30.97
CA GLN G 116 -16.99 -5.56 30.62
C GLN G 116 -15.84 -5.27 31.57
N VAL G 117 -15.33 -6.30 32.22
CA VAL G 117 -14.23 -6.18 33.18
C VAL G 117 -13.03 -6.93 32.62
N VAL G 118 -11.91 -6.23 32.47
CA VAL G 118 -10.69 -6.83 31.94
C VAL G 118 -9.89 -7.43 33.08
N TRP G 119 -8.93 -8.25 32.75
CA TRP G 119 -8.06 -8.92 33.70
C TRP G 119 -6.85 -8.04 34.04
N PRO G 120 -6.29 -8.21 35.24
CA PRO G 120 -5.11 -7.40 35.63
C PRO G 120 -3.79 -7.92 35.10
N ILE G 121 -3.84 -8.72 34.03
CA ILE G 121 -2.70 -9.52 33.59
C ILE G 121 -1.52 -8.62 33.21
N VAL G 122 -1.67 -7.80 32.17
CA VAL G 122 -0.57 -6.97 31.69
C VAL G 122 -1.10 -5.59 31.35
N GLY G 123 -0.84 -4.62 32.23
CA GLY G 123 -1.15 -3.22 31.99
C GLY G 123 -2.60 -2.86 31.74
N GLN G 124 -3.50 -3.85 31.78
CA GLN G 124 -4.90 -3.62 31.49
C GLN G 124 -5.67 -3.05 32.68
N GLU G 125 -5.03 -2.95 33.85
CA GLU G 125 -5.67 -2.33 35.01
C GLU G 125 -5.97 -0.85 34.77
N ILE G 126 -5.26 -0.21 33.85
CA ILE G 126 -5.60 1.16 33.47
C ILE G 126 -6.86 1.21 32.63
N LEU G 127 -7.23 0.10 31.98
CA LEU G 127 -8.46 0.07 31.20
C LEU G 127 -9.70 -0.06 32.06
N ASN G 128 -9.55 -0.51 33.31
CA ASN G 128 -10.66 -0.57 34.25
C ASN G 128 -10.86 0.82 34.84
N GLY G 129 -11.54 1.66 34.07
CA GLY G 129 -11.71 3.05 34.46
C GLY G 129 -12.71 3.23 35.59
N ASP G 130 -12.56 4.34 36.30
CA ASP G 130 -13.42 4.68 37.42
C ASP G 130 -14.76 5.17 36.89
N VAL G 131 -15.67 4.22 36.66
CA VAL G 131 -16.99 4.54 36.13
C VAL G 131 -17.98 4.94 37.22
N GLY G 132 -17.56 4.95 38.48
CA GLY G 132 -18.42 5.34 39.57
C GLY G 132 -19.15 4.17 40.21
N GLY G 133 -19.72 4.45 41.38
CA GLY G 133 -20.44 3.42 42.11
C GLY G 133 -19.56 2.38 42.76
N GLY G 134 -18.31 2.71 43.04
CA GLY G 134 -17.39 1.74 43.59
C GLY G 134 -17.07 0.60 42.65
N PHE G 135 -17.02 0.88 41.35
CA PHE G 135 -16.82 -0.15 40.34
C PHE G 135 -15.82 0.35 39.31
N GLN G 136 -15.01 -0.56 38.78
CA GLN G 136 -14.05 -0.23 37.73
C GLN G 136 -14.21 -1.22 36.59
N GLY G 137 -14.14 -0.71 35.36
CA GLY G 137 -14.31 -1.54 34.20
C GLY G 137 -14.42 -0.70 32.94
N ILE G 138 -14.72 -1.37 31.84
CA ILE G 138 -14.87 -0.71 30.56
C ILE G 138 -16.22 0.00 30.52
N GLN G 139 -16.21 1.28 30.20
CA GLN G 139 -17.44 2.03 30.02
C GLN G 139 -18.11 1.57 28.73
N ILE G 140 -19.20 0.82 28.87
CA ILE G 140 -19.87 0.22 27.72
C ILE G 140 -20.62 1.28 26.94
N THR G 141 -21.04 0.94 25.73
CA THR G 141 -21.68 1.89 24.84
C THR G 141 -22.91 1.32 24.13
N SER G 142 -23.26 0.06 24.37
CA SER G 142 -24.40 -0.56 23.71
C SER G 142 -25.74 -0.10 24.28
N GLY G 143 -25.74 0.60 25.42
CA GLY G 143 -26.99 1.04 25.99
C GLY G 143 -27.79 -0.03 26.69
N PHE G 144 -27.15 -1.14 27.07
CA PHE G 144 -27.87 -2.25 27.69
C PHE G 144 -28.47 -1.88 29.04
N PHE G 145 -27.84 -0.97 29.77
CA PHE G 145 -28.40 -0.54 31.05
C PHE G 145 -29.71 0.21 30.85
N GLN G 146 -29.79 1.02 29.78
CA GLN G 146 -31.02 1.71 29.45
C GLN G 146 -32.13 0.73 29.08
N LEU G 147 -31.78 -0.31 28.30
CA LEU G 147 -32.77 -1.33 27.94
C LEU G 147 -33.23 -2.11 29.16
N TRP G 148 -32.32 -2.44 30.07
CA TRP G 148 -32.67 -3.14 31.29
C TRP G 148 -33.35 -2.25 32.31
N ARG G 149 -33.34 -0.94 32.12
CA ARG G 149 -34.20 -0.06 32.90
C ARG G 149 -35.56 0.14 32.26
N ALA G 150 -35.67 0.04 30.94
CA ALA G 150 -36.96 0.14 30.28
C ALA G 150 -37.83 -1.07 30.61
N SER G 151 -37.37 -2.26 30.24
CA SER G 151 -37.98 -3.48 30.77
C SER G 151 -37.64 -3.57 32.26
N GLY G 152 -38.66 -3.78 33.10
CA GLY G 152 -38.45 -3.74 34.53
C GLY G 152 -37.49 -4.81 35.04
N ILE G 153 -36.27 -4.39 35.36
CA ILE G 153 -35.22 -5.28 35.84
C ILE G 153 -34.49 -4.55 36.96
N THR G 154 -34.47 -5.13 38.15
CA THR G 154 -33.91 -4.50 39.33
C THR G 154 -32.59 -5.10 39.77
N SER G 155 -32.54 -6.41 39.97
CA SER G 155 -31.38 -7.09 40.51
C SER G 155 -30.66 -7.86 39.42
N GLU G 156 -29.43 -8.28 39.76
CA GLU G 156 -28.64 -9.11 38.86
C GLU G 156 -29.17 -10.54 38.78
N LEU G 157 -30.03 -10.94 39.72
CA LEU G 157 -30.61 -12.28 39.68
C LEU G 157 -31.51 -12.46 38.47
N GLN G 158 -32.29 -11.43 38.14
CA GLN G 158 -33.15 -11.48 36.96
C GLN G 158 -32.32 -11.51 35.67
N LEU G 159 -31.19 -10.79 35.65
CA LEU G 159 -30.28 -10.88 34.51
C LEU G 159 -29.66 -12.27 34.40
N TYR G 160 -29.33 -12.90 35.54
CA TYR G 160 -28.84 -14.27 35.53
C TYR G 160 -29.87 -15.22 34.96
N SER G 161 -31.13 -15.07 35.38
CA SER G 161 -32.20 -15.91 34.88
C SER G 161 -32.41 -15.71 33.38
N THR G 162 -32.33 -14.46 32.92
CA THR G 162 -32.45 -14.19 31.48
C THR G 162 -31.29 -14.82 30.71
N ALA G 163 -30.08 -14.77 31.26
CA ALA G 163 -28.92 -15.39 30.60
C ALA G 163 -29.08 -16.90 30.52
N ILE G 164 -29.53 -17.54 31.61
CA ILE G 164 -29.71 -18.98 31.60
C ILE G 164 -30.82 -19.39 30.62
N GLY G 165 -31.91 -18.62 30.59
CA GLY G 165 -32.96 -18.90 29.63
C GLY G 165 -32.51 -18.71 28.19
N GLY G 166 -31.68 -17.70 27.95
CA GLY G 166 -31.13 -17.49 26.61
C GLY G 166 -30.21 -18.63 26.20
N LEU G 167 -29.39 -19.13 27.12
CA LEU G 167 -28.54 -20.28 26.82
C LEU G 167 -29.38 -21.52 26.52
N VAL G 168 -30.46 -21.72 27.29
CA VAL G 168 -31.33 -22.87 27.06
C VAL G 168 -32.00 -22.76 25.69
N LEU G 169 -32.47 -21.56 25.34
CA LEU G 169 -33.10 -21.38 24.03
C LEU G 169 -32.09 -21.50 22.89
N ALA G 170 -30.84 -21.11 23.12
CA ALA G 170 -29.81 -21.30 22.11
C ALA G 170 -29.51 -22.77 21.88
N ALA G 171 -29.43 -23.54 22.96
CA ALA G 171 -29.27 -24.99 22.82
C ALA G 171 -30.47 -25.62 22.12
N ALA G 172 -31.67 -25.12 22.44
CA ALA G 172 -32.88 -25.61 21.76
C ALA G 172 -32.87 -25.27 20.28
N CYS G 173 -32.38 -24.09 19.92
CA CYS G 173 -32.31 -23.69 18.52
C CYS G 173 -31.29 -24.52 17.75
N PHE G 174 -30.14 -24.80 18.37
CA PHE G 174 -29.15 -25.65 17.72
C PHE G 174 -29.67 -27.08 17.54
N PHE G 175 -30.34 -27.61 18.57
CA PHE G 175 -30.97 -28.92 18.44
C PHE G 175 -32.06 -28.91 17.37
N ALA G 176 -32.78 -27.79 17.26
CA ALA G 176 -33.80 -27.65 16.24
C ALA G 176 -33.21 -27.68 14.85
N GLY G 177 -32.08 -26.99 14.66
CA GLY G 177 -31.41 -27.05 13.36
C GLY G 177 -30.93 -28.44 13.02
N TRP G 178 -30.32 -29.13 14.00
CA TRP G 178 -29.88 -30.50 13.79
C TRP G 178 -31.05 -31.41 13.45
N PHE G 179 -32.16 -31.28 14.17
CA PHE G 179 -33.32 -32.13 13.92
C PHE G 179 -33.93 -31.83 12.57
N HIS G 180 -34.22 -30.56 12.29
CA HIS G 180 -34.87 -30.16 11.06
C HIS G 180 -34.00 -30.32 9.82
N TYR G 181 -32.69 -30.59 9.96
CA TYR G 181 -31.91 -31.04 8.81
C TYR G 181 -31.68 -32.54 8.80
N HIS G 182 -30.99 -33.07 9.81
CA HIS G 182 -30.54 -34.46 9.76
C HIS G 182 -31.67 -35.44 10.05
N LYS G 183 -32.59 -35.08 10.95
CA LYS G 183 -33.60 -36.02 11.45
C LYS G 183 -34.91 -35.96 10.67
N ALA G 184 -35.55 -34.80 10.64
CA ALA G 184 -36.84 -34.64 9.97
C ALA G 184 -36.76 -33.38 9.11
N ALA G 185 -36.35 -33.54 7.87
CA ALA G 185 -36.16 -32.41 6.96
C ALA G 185 -37.44 -32.13 6.18
N PRO G 186 -37.89 -30.88 6.14
CA PRO G 186 -39.09 -30.56 5.36
C PRO G 186 -38.83 -30.68 3.86
N LYS G 187 -39.90 -30.95 3.13
CA LYS G 187 -39.80 -31.08 1.67
C LYS G 187 -39.86 -29.71 1.02
N LEU G 188 -39.76 -29.70 -0.31
CA LEU G 188 -39.76 -28.43 -1.05
C LEU G 188 -41.13 -27.75 -1.01
N GLU G 189 -42.21 -28.53 -1.04
CA GLU G 189 -43.55 -27.94 -0.99
C GLU G 189 -43.84 -27.31 0.36
N TRP G 190 -43.19 -27.79 1.42
CA TRP G 190 -43.32 -27.16 2.72
C TRP G 190 -42.74 -25.76 2.72
N PHE G 191 -41.58 -25.57 2.09
CA PHE G 191 -40.98 -24.25 1.99
C PHE G 191 -41.71 -23.36 0.99
N GLN G 192 -42.37 -23.95 0.00
CA GLN G 192 -43.05 -23.18 -1.04
C GLN G 192 -44.41 -22.67 -0.61
N ASN G 193 -44.88 -23.03 0.59
CA ASN G 193 -46.14 -22.50 1.13
C ASN G 193 -45.88 -21.08 1.60
N VAL G 194 -45.87 -20.16 0.62
CA VAL G 194 -45.52 -18.77 0.90
C VAL G 194 -46.63 -18.09 1.68
N GLU G 195 -47.90 -18.37 1.35
CA GLU G 195 -49.02 -17.75 2.03
C GLU G 195 -49.05 -18.13 3.50
N SER G 196 -48.83 -19.40 3.81
CA SER G 196 -48.79 -19.85 5.21
C SER G 196 -47.62 -19.22 5.95
N MET G 197 -46.47 -19.12 5.30
CA MET G 197 -45.30 -18.49 5.92
C MET G 197 -45.58 -17.02 6.24
N LEU G 198 -46.19 -16.31 5.30
CA LEU G 198 -46.50 -14.89 5.50
C LEU G 198 -47.54 -14.70 6.59
N ASN G 199 -48.59 -15.53 6.61
CA ASN G 199 -49.60 -15.43 7.65
C ASN G 199 -49.01 -15.73 9.02
N HIS G 200 -48.19 -16.76 9.12
CA HIS G 200 -47.64 -17.18 10.41
C HIS G 200 -46.54 -16.23 10.89
N HIS G 201 -45.86 -15.53 9.98
CA HIS G 201 -44.85 -14.57 10.42
C HIS G 201 -45.39 -13.15 10.49
N LEU G 202 -46.61 -12.91 10.05
CA LEU G 202 -47.27 -11.62 10.26
C LEU G 202 -48.13 -11.65 11.52
N ALA G 203 -49.11 -12.55 11.58
CA ALA G 203 -49.93 -12.66 12.79
C ALA G 203 -49.14 -13.29 13.93
N GLY G 204 -48.45 -14.40 13.65
CA GLY G 204 -47.78 -15.13 14.69
C GLY G 204 -46.54 -14.46 15.25
N LEU G 205 -45.48 -14.38 14.45
CA LEU G 205 -44.20 -13.87 14.93
C LEU G 205 -44.29 -12.41 15.36
N LEU G 206 -44.53 -11.51 14.40
CA LEU G 206 -44.51 -10.07 14.70
C LEU G 206 -45.66 -9.68 15.61
N GLY G 207 -46.87 -10.12 15.28
CA GLY G 207 -48.03 -9.74 16.08
C GLY G 207 -48.02 -10.32 17.47
N LEU G 208 -47.70 -11.62 17.59
CA LEU G 208 -47.65 -12.25 18.91
C LEU G 208 -46.53 -11.68 19.76
N GLY G 209 -45.38 -11.37 19.15
CA GLY G 209 -44.32 -10.74 19.90
C GLY G 209 -44.68 -9.33 20.35
N SER G 210 -45.37 -8.58 19.50
CA SER G 210 -45.81 -7.24 19.88
C SER G 210 -46.83 -7.31 21.01
N LEU G 211 -47.76 -8.27 20.95
CA LEU G 211 -48.73 -8.41 22.03
C LEU G 211 -48.07 -8.86 23.32
N ALA G 212 -47.12 -9.79 23.24
CA ALA G 212 -46.44 -10.25 24.44
C ALA G 212 -45.61 -9.13 25.06
N TRP G 213 -44.95 -8.32 24.24
CA TRP G 213 -44.18 -7.21 24.78
C TRP G 213 -45.09 -6.12 25.34
N ALA G 214 -46.26 -5.90 24.71
CA ALA G 214 -47.23 -4.96 25.26
C ALA G 214 -47.74 -5.42 26.61
N GLY G 215 -48.03 -6.72 26.73
CA GLY G 215 -48.45 -7.26 28.02
C GLY G 215 -47.38 -7.17 29.08
N HIS G 216 -46.12 -7.43 28.69
CA HIS G 216 -45.01 -7.31 29.63
C HIS G 216 -44.83 -5.86 30.06
N GLN G 217 -44.96 -4.92 29.14
CA GLN G 217 -44.83 -3.50 29.49
C GLN G 217 -45.97 -3.05 30.39
N ILE G 218 -47.18 -3.54 30.13
CA ILE G 218 -48.34 -3.11 30.91
C ILE G 218 -48.28 -3.68 32.32
N HIS G 219 -47.95 -4.97 32.44
CA HIS G 219 -48.01 -5.65 33.72
C HIS G 219 -46.70 -5.63 34.50
N VAL G 220 -45.59 -5.27 33.87
CA VAL G 220 -44.27 -5.38 34.50
C VAL G 220 -43.52 -4.05 34.41
N SER G 221 -43.33 -3.55 33.19
CA SER G 221 -42.43 -2.42 32.99
C SER G 221 -43.04 -1.11 33.46
N LEU G 222 -44.35 -0.93 33.26
CA LEU G 222 -45.00 0.31 33.67
C LEU G 222 -44.95 0.57 35.17
N PRO G 223 -45.29 -0.38 36.07
CA PRO G 223 -45.17 -0.05 37.50
C PRO G 223 -43.74 0.13 37.97
N VAL G 224 -42.80 -0.67 37.45
CA VAL G 224 -41.40 -0.54 37.84
C VAL G 224 -40.84 0.80 37.41
N ASN G 225 -41.17 1.23 36.18
CA ASN G 225 -40.69 2.53 35.72
C ASN G 225 -41.41 3.69 36.41
N LYS G 226 -42.68 3.50 36.79
CA LYS G 226 -43.40 4.54 37.52
C LYS G 226 -42.84 4.71 38.92
N LEU G 227 -42.41 3.62 39.56
CA LEU G 227 -41.76 3.73 40.86
C LEU G 227 -40.30 4.15 40.75
N LEU G 228 -39.65 3.93 39.61
CA LEU G 228 -38.23 4.24 39.49
C LEU G 228 -37.98 5.73 39.38
N ASP G 229 -38.80 6.43 38.57
CA ASP G 229 -38.60 7.86 38.38
C ASP G 229 -39.24 8.70 39.48
N ALA G 230 -39.95 8.07 40.41
CA ALA G 230 -40.57 8.77 41.54
C ALA G 230 -39.63 8.93 42.72
N GLY G 231 -38.38 8.47 42.60
CA GLY G 231 -37.42 8.55 43.68
C GLY G 231 -37.38 7.33 44.58
N VAL G 232 -38.21 6.32 44.34
CA VAL G 232 -38.20 5.12 45.16
C VAL G 232 -36.98 4.28 44.80
N ASP G 233 -36.23 3.86 45.82
CA ASP G 233 -35.06 3.02 45.60
C ASP G 233 -35.49 1.66 45.04
N PRO G 234 -34.70 1.07 44.13
CA PRO G 234 -35.08 -0.22 43.55
C PRO G 234 -35.10 -1.37 44.54
N LYS G 235 -34.45 -1.23 45.70
CA LYS G 235 -34.44 -2.30 46.69
C LYS G 235 -35.84 -2.55 47.25
N GLU G 236 -36.59 -1.49 47.52
CA GLU G 236 -37.95 -1.62 48.06
C GLU G 236 -39.02 -1.61 46.97
N ILE G 237 -38.63 -1.55 45.71
CA ILE G 237 -39.61 -1.67 44.62
C ILE G 237 -40.13 -3.10 44.58
N PRO G 238 -41.45 -3.32 44.56
CA PRO G 238 -41.98 -4.69 44.52
C PRO G 238 -41.60 -5.41 43.23
N LEU G 239 -41.43 -6.72 43.35
CA LEU G 239 -41.08 -7.54 42.20
C LEU G 239 -42.27 -7.61 41.23
N PRO G 240 -42.01 -7.77 39.92
CA PRO G 240 -43.10 -7.73 38.94
C PRO G 240 -44.14 -8.82 39.10
N HIS G 241 -43.81 -9.94 39.72
CA HIS G 241 -44.83 -10.96 39.96
C HIS G 241 -45.85 -10.50 41.00
N GLU G 242 -45.44 -9.62 41.92
CA GLU G 242 -46.39 -9.03 42.85
C GLU G 242 -47.39 -8.13 42.12
N PHE G 243 -46.91 -7.37 41.13
CA PHE G 243 -47.82 -6.59 40.29
C PHE G 243 -48.70 -7.50 39.45
N LEU G 244 -48.15 -8.62 39.00
CA LEU G 244 -48.89 -9.53 38.12
C LEU G 244 -50.01 -10.24 38.87
N LEU G 245 -49.74 -10.66 40.11
CA LEU G 245 -50.72 -11.46 40.86
C LEU G 245 -51.71 -10.59 41.61
N ASN G 246 -51.24 -9.53 42.25
CA ASN G 246 -52.07 -8.70 43.12
C ASN G 246 -52.57 -7.49 42.33
N GLN G 247 -53.89 -7.38 42.20
CA GLN G 247 -54.48 -6.22 41.55
C GLN G 247 -54.45 -4.99 42.44
N SER G 248 -54.30 -5.15 43.76
CA SER G 248 -54.30 -4.01 44.66
C SER G 248 -53.05 -3.17 44.50
N ILE G 249 -51.89 -3.81 44.32
CA ILE G 249 -50.64 -3.06 44.17
C ILE G 249 -50.60 -2.34 42.83
N ILE G 250 -51.11 -2.97 41.77
CA ILE G 250 -51.15 -2.32 40.47
C ILE G 250 -52.30 -1.31 40.38
N ALA G 251 -53.26 -1.37 41.31
CA ALA G 251 -54.39 -0.46 41.28
C ALA G 251 -54.03 0.94 41.77
N ASP G 252 -53.12 1.05 42.74
CA ASP G 252 -52.77 2.38 43.26
C ASP G 252 -51.93 3.16 42.26
N LEU G 253 -51.04 2.48 41.53
CA LEU G 253 -50.25 3.16 40.52
C LEU G 253 -51.10 3.50 39.30
N TYR G 254 -52.02 2.62 38.92
CA TYR G 254 -52.91 2.85 37.79
C TYR G 254 -54.34 2.51 38.21
N PRO G 255 -55.21 3.51 38.42
CA PRO G 255 -56.57 3.22 38.89
C PRO G 255 -57.43 2.46 37.89
N SER G 256 -57.05 2.41 36.62
CA SER G 256 -57.82 1.66 35.63
C SER G 256 -57.77 0.16 35.88
N PHE G 257 -56.76 -0.32 36.62
CA PHE G 257 -56.67 -1.74 36.92
C PHE G 257 -57.70 -2.17 37.96
N SER G 258 -58.29 -1.22 38.70
CA SER G 258 -59.34 -1.57 39.65
C SER G 258 -60.59 -2.07 38.94
N LYS G 259 -60.86 -1.58 37.73
CA LYS G 259 -61.97 -2.11 36.95
C LYS G 259 -61.72 -3.57 36.56
N GLY G 260 -60.47 -3.91 36.22
CA GLY G 260 -60.11 -5.28 35.98
C GLY G 260 -60.68 -5.89 34.72
N LEU G 261 -60.21 -5.43 33.56
CA LEU G 261 -60.53 -5.91 32.22
C LEU G 261 -61.99 -5.70 31.82
N ALA G 262 -62.80 -5.04 32.66
CA ALA G 262 -64.15 -4.66 32.24
C ALA G 262 -64.17 -3.65 31.08
N PRO G 263 -63.38 -2.57 31.08
CA PRO G 263 -63.45 -1.64 29.93
C PRO G 263 -62.98 -2.23 28.61
N PHE G 264 -62.20 -3.31 28.63
CA PHE G 264 -61.70 -3.89 27.38
C PHE G 264 -62.83 -4.56 26.61
N PHE G 265 -63.65 -5.36 27.29
CA PHE G 265 -64.71 -6.09 26.61
C PHE G 265 -65.98 -5.27 26.45
N THR G 266 -66.09 -4.13 27.11
CA THR G 266 -67.24 -3.25 26.99
C THR G 266 -66.98 -2.05 26.09
N LEU G 267 -65.84 -2.02 25.40
CA LEU G 267 -65.41 -0.92 24.53
C LEU G 267 -65.40 0.41 25.28
N ASN G 268 -64.84 0.39 26.49
CA ASN G 268 -64.64 1.58 27.30
C ASN G 268 -63.15 1.88 27.44
N TRP G 269 -62.43 1.78 26.32
CA TRP G 269 -60.98 1.87 26.32
C TRP G 269 -60.47 3.24 26.75
N ALA G 270 -61.32 4.27 26.73
CA ALA G 270 -60.94 5.58 27.23
C ALA G 270 -60.65 5.57 28.73
N GLU G 271 -61.17 4.57 29.45
CA GLU G 271 -60.83 4.41 30.85
C GLU G 271 -59.39 3.98 31.06
N TYR G 272 -58.76 3.40 30.05
CA TYR G 272 -57.37 2.97 30.12
C TYR G 272 -56.39 4.08 29.77
N SER G 273 -56.80 5.34 29.88
CA SER G 273 -55.98 6.47 29.46
C SER G 273 -54.91 6.86 30.49
N ASP G 274 -54.66 6.03 31.50
CA ASP G 274 -53.63 6.30 32.48
C ASP G 274 -52.35 5.54 32.22
N PHE G 275 -52.44 4.32 31.69
CA PHE G 275 -51.27 3.52 31.37
C PHE G 275 -51.22 3.12 29.90
N LEU G 276 -52.13 3.61 29.08
CA LEU G 276 -52.09 3.47 27.62
C LEU G 276 -52.20 4.85 26.98
N THR G 277 -51.43 5.80 27.51
CA THR G 277 -51.57 7.20 27.15
C THR G 277 -51.09 7.46 25.73
N PHE G 278 -51.47 8.63 25.22
CA PHE G 278 -51.04 9.14 23.92
C PHE G 278 -50.38 10.49 24.18
N LYS G 279 -49.10 10.47 24.52
CA LYS G 279 -48.36 11.68 24.88
C LYS G 279 -47.22 11.88 23.91
N GLY G 280 -46.94 13.15 23.61
CA GLY G 280 -45.82 13.50 22.76
C GLY G 280 -44.62 13.94 23.58
N GLY G 281 -43.45 13.76 23.01
CA GLY G 281 -42.22 14.14 23.68
C GLY G 281 -41.64 13.03 24.53
N LEU G 282 -40.87 13.44 25.53
CA LEU G 282 -40.14 12.53 26.40
C LEU G 282 -40.51 12.77 27.85
N ASN G 283 -40.26 11.76 28.67
CA ASN G 283 -40.45 11.89 30.11
C ASN G 283 -39.37 12.80 30.68
N PRO G 284 -39.74 13.91 31.33
CA PRO G 284 -38.70 14.84 31.82
C PRO G 284 -37.81 14.27 32.90
N VAL G 285 -38.28 13.28 33.66
CA VAL G 285 -37.49 12.71 34.74
C VAL G 285 -36.33 11.88 34.18
N THR G 286 -36.60 11.09 33.14
CA THR G 286 -35.60 10.18 32.59
C THR G 286 -35.03 10.61 31.25
N GLY G 287 -35.79 11.32 30.43
CA GLY G 287 -35.35 11.72 29.12
C GLY G 287 -35.76 10.80 27.99
N GLY G 288 -36.35 9.64 28.31
CA GLY G 288 -36.84 8.72 27.30
C GLY G 288 -38.33 8.86 27.07
N LEU G 289 -38.82 8.03 26.16
CA LEU G 289 -40.25 8.02 25.84
C LEU G 289 -41.05 7.46 27.02
N TRP G 290 -42.30 7.90 27.11
CA TRP G 290 -43.20 7.39 28.15
C TRP G 290 -43.52 5.92 27.90
N LEU G 291 -43.49 5.13 28.97
CA LEU G 291 -43.70 3.69 28.83
C LEU G 291 -45.16 3.37 28.50
N SER G 292 -46.09 4.23 28.92
CA SER G 292 -47.49 4.04 28.55
C SER G 292 -47.69 4.22 27.05
N ASP G 293 -46.99 5.21 26.47
CA ASP G 293 -47.04 5.40 25.02
C ASP G 293 -46.49 4.19 24.28
N THR G 294 -45.39 3.62 24.77
CA THR G 294 -44.83 2.43 24.15
C THR G 294 -45.75 1.23 24.32
N ALA G 295 -46.47 1.15 25.45
CA ALA G 295 -47.40 0.05 25.67
C ALA G 295 -48.56 0.11 24.69
N HIS G 296 -49.19 1.28 24.57
CA HIS G 296 -50.26 1.45 23.58
C HIS G 296 -49.73 1.28 22.17
N HIS G 297 -48.48 1.67 21.93
CA HIS G 297 -47.85 1.49 20.62
C HIS G 297 -47.75 0.02 20.26
N HIS G 298 -47.17 -0.78 21.15
CA HIS G 298 -46.99 -2.19 20.85
C HIS G 298 -48.31 -2.94 20.82
N LEU G 299 -49.30 -2.48 21.60
CA LEU G 299 -50.64 -3.07 21.51
C LEU G 299 -51.28 -2.78 20.16
N ALA G 300 -51.17 -1.54 19.68
CA ALA G 300 -51.71 -1.19 18.36
C ALA G 300 -50.96 -1.93 17.25
N ILE G 301 -49.65 -2.10 17.40
CA ILE G 301 -48.85 -2.85 16.43
C ILE G 301 -49.28 -4.31 16.41
N ALA G 302 -49.55 -4.88 17.59
CA ALA G 302 -50.02 -6.25 17.68
C ALA G 302 -51.37 -6.43 16.98
N VAL G 303 -52.29 -5.48 17.20
CA VAL G 303 -53.59 -5.56 16.53
C VAL G 303 -53.42 -5.43 15.02
N LEU G 304 -52.59 -4.48 14.59
CA LEU G 304 -52.41 -4.20 13.17
C LEU G 304 -51.70 -5.34 12.46
N PHE G 305 -50.84 -6.08 13.15
CA PHE G 305 -50.20 -7.25 12.56
C PHE G 305 -51.05 -8.50 12.66
N LEU G 306 -51.94 -8.58 13.65
CA LEU G 306 -52.85 -9.72 13.74
C LEU G 306 -53.92 -9.65 12.65
N VAL G 307 -54.41 -8.44 12.34
CA VAL G 307 -55.35 -8.34 11.23
C VAL G 307 -54.62 -8.56 9.90
N ALA G 308 -53.36 -8.12 9.81
CA ALA G 308 -52.61 -8.28 8.58
C ALA G 308 -52.20 -9.72 8.31
N GLY G 309 -52.12 -10.55 9.36
CA GLY G 309 -51.74 -11.93 9.21
C GLY G 309 -52.84 -12.87 8.80
N HIS G 310 -54.04 -12.36 8.55
CA HIS G 310 -55.16 -13.16 8.09
C HIS G 310 -55.60 -12.71 6.70
N GLN G 311 -54.64 -12.34 5.87
CA GLN G 311 -54.91 -11.81 4.54
C GLN G 311 -54.84 -12.86 3.45
N TYR G 312 -53.84 -13.73 3.50
CA TYR G 312 -53.58 -14.66 2.41
C TYR G 312 -54.32 -15.97 2.61
N ARG G 313 -54.63 -16.63 1.48
CA ARG G 313 -55.39 -17.87 1.48
C ARG G 313 -54.44 -19.05 1.59
N THR G 314 -54.66 -19.90 2.61
CA THR G 314 -53.82 -21.07 2.82
C THR G 314 -54.58 -22.38 2.65
N ASN G 315 -55.64 -22.60 3.43
CA ASN G 315 -56.31 -23.90 3.41
C ASN G 315 -57.82 -23.84 3.46
N TRP G 316 -58.44 -22.71 3.77
CA TRP G 316 -59.87 -22.66 4.05
C TRP G 316 -60.59 -21.71 3.11
N GLY G 317 -60.19 -21.71 1.83
CA GLY G 317 -60.92 -20.98 0.81
C GLY G 317 -60.75 -19.47 0.84
N ILE G 318 -61.10 -18.84 1.96
CA ILE G 318 -60.99 -17.40 2.07
C ILE G 318 -59.52 -16.98 2.11
N GLY G 319 -59.29 -15.72 1.78
CA GLY G 319 -57.96 -15.15 1.78
C GLY G 319 -57.58 -14.62 0.41
N HIS G 320 -56.32 -14.20 0.30
CA HIS G 320 -55.78 -13.64 -0.93
C HIS G 320 -54.77 -14.59 -1.54
N SER G 321 -54.82 -14.72 -2.86
CA SER G 321 -53.82 -15.48 -3.60
C SER G 321 -52.78 -14.49 -4.14
N ILE G 322 -51.52 -14.68 -3.75
CA ILE G 322 -50.47 -13.74 -4.12
C ILE G 322 -50.23 -13.77 -5.62
N LYS G 323 -50.29 -14.96 -6.23
CA LYS G 323 -50.15 -15.07 -7.67
C LYS G 323 -51.26 -14.32 -8.40
N ASP G 324 -52.50 -14.44 -7.90
CA ASP G 324 -53.62 -13.72 -8.49
C ASP G 324 -53.46 -12.22 -8.34
N ILE G 325 -52.99 -11.76 -7.17
CA ILE G 325 -52.77 -10.33 -6.94
C ILE G 325 -51.70 -9.79 -7.89
N LEU G 326 -50.60 -10.53 -8.04
CA LEU G 326 -49.52 -10.10 -8.93
C LEU G 326 -49.98 -10.09 -10.38
N GLU G 327 -50.65 -11.16 -10.83
CA GLU G 327 -51.09 -11.23 -12.21
C GLU G 327 -52.25 -10.29 -12.50
N SER G 328 -52.92 -9.77 -11.48
CA SER G 328 -54.06 -8.88 -11.69
C SER G 328 -53.65 -7.42 -11.85
N HIS G 329 -52.48 -7.01 -11.33
CA HIS G 329 -52.02 -5.63 -11.43
C HIS G 329 -51.21 -5.49 -12.72
N LYS G 330 -51.88 -5.09 -13.79
CA LYS G 330 -51.25 -4.92 -15.10
C LYS G 330 -51.67 -3.57 -15.68
N GLY G 331 -50.70 -2.66 -15.83
CA GLY G 331 -50.97 -1.36 -16.38
C GLY G 331 -50.29 -1.13 -17.71
N PRO G 332 -50.91 -0.32 -18.58
CA PRO G 332 -50.59 -0.37 -20.02
C PRO G 332 -49.16 0.01 -20.37
N PHE G 333 -48.52 0.92 -19.65
CA PHE G 333 -47.14 1.25 -19.98
C PHE G 333 -46.15 0.23 -19.46
N THR G 334 -46.61 -0.87 -18.85
CA THR G 334 -45.71 -1.89 -18.33
C THR G 334 -45.90 -3.26 -18.99
N GLY G 335 -46.77 -3.36 -19.99
CA GLY G 335 -47.01 -4.65 -20.63
C GLY G 335 -47.61 -5.64 -19.64
N ASN G 336 -47.01 -6.82 -19.55
CA ASN G 336 -47.38 -7.74 -18.49
C ASN G 336 -46.86 -7.23 -17.16
N GLY G 337 -47.75 -7.17 -16.17
CA GLY G 337 -47.38 -6.64 -14.87
C GLY G 337 -47.35 -7.69 -13.78
N HIS G 338 -46.16 -7.92 -13.20
CA HIS G 338 -45.92 -8.87 -12.14
C HIS G 338 -46.38 -10.29 -12.53
N ALA G 339 -46.18 -10.65 -13.80
CA ALA G 339 -46.71 -11.91 -14.30
C ALA G 339 -45.94 -13.11 -13.75
N GLY G 340 -44.61 -13.03 -13.79
CA GLY G 340 -43.80 -14.17 -13.39
C GLY G 340 -43.01 -13.99 -12.11
N LEU G 341 -43.38 -12.97 -11.32
CA LEU G 341 -42.63 -12.69 -10.11
C LEU G 341 -42.93 -13.70 -9.01
N TYR G 342 -44.16 -14.24 -8.97
CA TYR G 342 -44.49 -15.26 -7.98
C TYR G 342 -43.68 -16.53 -8.21
N GLU G 343 -43.53 -16.95 -9.47
CA GLU G 343 -42.71 -18.12 -9.76
C GLU G 343 -41.23 -17.85 -9.50
N ILE G 344 -40.80 -16.60 -9.68
CA ILE G 344 -39.40 -16.25 -9.41
C ILE G 344 -39.13 -16.34 -7.91
N LEU G 345 -40.00 -15.74 -7.10
CA LEU G 345 -39.75 -15.66 -5.67
C LEU G 345 -40.08 -16.94 -4.92
N THR G 346 -40.78 -17.89 -5.54
CA THR G 346 -41.02 -19.20 -4.95
C THR G 346 -40.02 -20.25 -5.39
N THR G 347 -39.09 -19.90 -6.28
CA THR G 347 -38.08 -20.84 -6.75
C THR G 347 -36.66 -20.33 -6.60
N SER G 348 -36.45 -19.05 -6.33
CA SER G 348 -35.11 -18.48 -6.16
C SER G 348 -34.95 -18.01 -4.72
N TRP G 349 -33.96 -18.57 -4.02
CA TRP G 349 -33.65 -18.08 -2.68
C TRP G 349 -32.94 -16.74 -2.74
N HIS G 350 -32.21 -16.46 -3.82
CA HIS G 350 -31.41 -15.24 -3.89
C HIS G 350 -32.25 -14.00 -4.10
N ALA G 351 -33.34 -14.10 -4.88
CA ALA G 351 -34.22 -12.96 -5.05
C ALA G 351 -34.91 -12.57 -3.74
N GLN G 352 -35.38 -13.58 -3.00
CA GLN G 352 -35.94 -13.34 -1.68
C GLN G 352 -34.89 -12.78 -0.73
N LEU G 353 -33.67 -13.28 -0.82
CA LEU G 353 -32.58 -12.75 0.01
C LEU G 353 -32.31 -11.30 -0.31
N ALA G 354 -32.34 -10.93 -1.59
CA ALA G 354 -32.11 -9.55 -1.98
C ALA G 354 -33.21 -8.63 -1.46
N ILE G 355 -34.48 -9.04 -1.64
CA ILE G 355 -35.59 -8.21 -1.19
C ILE G 355 -35.56 -8.06 0.33
N ASN G 356 -35.37 -9.17 1.05
CA ASN G 356 -35.36 -9.13 2.50
C ASN G 356 -34.17 -8.36 3.04
N LEU G 357 -33.01 -8.49 2.41
CA LEU G 357 -31.83 -7.75 2.86
C LEU G 357 -31.98 -6.26 2.60
N ALA G 358 -32.58 -5.87 1.48
CA ALA G 358 -32.80 -4.46 1.20
C ALA G 358 -33.77 -3.85 2.20
N LEU G 359 -34.86 -4.55 2.48
CA LEU G 359 -35.84 -4.02 3.42
C LEU G 359 -35.32 -4.04 4.85
N PHE G 360 -34.55 -5.07 5.21
CA PHE G 360 -33.93 -5.13 6.53
C PHE G 360 -32.92 -4.00 6.72
N GLY G 361 -32.10 -3.74 5.70
CA GLY G 361 -31.15 -2.65 5.79
C GLY G 361 -31.83 -1.30 5.88
N SER G 362 -32.85 -1.07 5.05
CA SER G 362 -33.59 0.19 5.09
C SER G 362 -34.29 0.37 6.44
N LEU G 363 -34.83 -0.71 7.00
CA LEU G 363 -35.52 -0.60 8.27
C LEU G 363 -34.52 -0.42 9.42
N SER G 364 -33.31 -0.93 9.27
CA SER G 364 -32.26 -0.63 10.23
C SER G 364 -31.85 0.84 10.17
N ILE G 365 -31.83 1.41 8.96
CA ILE G 365 -31.59 2.84 8.81
C ILE G 365 -32.68 3.64 9.50
N ILE G 366 -33.93 3.21 9.30
CA ILE G 366 -35.08 3.83 9.97
C ILE G 366 -34.94 3.72 11.49
N VAL G 367 -34.45 2.57 11.96
CA VAL G 367 -34.24 2.36 13.39
C VAL G 367 -33.21 3.36 13.92
N ALA G 368 -32.10 3.52 13.21
CA ALA G 368 -31.07 4.46 13.65
C ALA G 368 -31.60 5.89 13.72
N HIS G 369 -32.32 6.30 12.66
CA HIS G 369 -32.88 7.66 12.63
C HIS G 369 -33.92 7.86 13.73
N HIS G 370 -34.81 6.90 13.92
CA HIS G 370 -35.93 7.08 14.81
C HIS G 370 -35.60 6.79 16.27
N MET G 371 -34.42 6.24 16.57
CA MET G 371 -33.93 6.24 17.95
C MET G 371 -32.89 7.32 18.23
N TYR G 372 -32.27 7.95 17.24
CA TYR G 372 -31.59 9.19 17.63
C TYR G 372 -32.62 10.28 17.85
N ALA G 373 -33.70 10.27 17.07
CA ALA G 373 -34.71 11.32 17.17
C ALA G 373 -35.53 11.18 18.45
N MET G 374 -36.22 10.04 18.60
CA MET G 374 -37.02 9.78 19.80
C MET G 374 -36.35 8.69 20.60
N PRO G 375 -35.66 9.02 21.70
CA PRO G 375 -35.01 7.99 22.51
C PRO G 375 -36.04 7.16 23.27
N PRO G 376 -36.13 5.87 23.00
CA PRO G 376 -37.16 5.03 23.63
C PRO G 376 -36.75 4.40 24.95
N TYR G 377 -35.63 4.83 25.55
CA TYR G 377 -35.14 4.22 26.76
C TYR G 377 -34.86 5.28 27.81
N PRO G 378 -35.10 4.98 29.09
CA PRO G 378 -34.82 5.96 30.14
C PRO G 378 -33.33 6.20 30.31
N TYR G 379 -32.97 7.48 30.47
CA TYR G 379 -31.58 7.92 30.62
C TYR G 379 -30.71 7.49 29.45
N LEU G 380 -31.28 7.52 28.25
CA LEU G 380 -30.57 7.20 27.02
C LEU G 380 -30.16 8.43 26.23
N ALA G 381 -31.02 9.47 26.22
CA ALA G 381 -30.70 10.70 25.51
C ALA G 381 -29.52 11.42 26.14
N THR G 382 -29.46 11.45 27.48
CA THR G 382 -28.34 12.10 28.15
C THR G 382 -27.06 11.31 27.99
N ASP G 383 -27.15 9.99 27.90
CA ASP G 383 -25.99 9.15 27.62
C ASP G 383 -25.68 9.30 26.14
N TYR G 384 -24.83 10.30 25.82
CA TYR G 384 -24.53 10.60 24.43
C TYR G 384 -23.77 9.46 23.75
N GLY G 385 -22.93 8.75 24.50
CA GLY G 385 -22.17 7.67 23.92
C GLY G 385 -23.03 6.53 23.43
N THR G 386 -24.02 6.13 24.21
CA THR G 386 -24.91 5.05 23.80
C THR G 386 -25.72 5.42 22.58
N GLN G 387 -26.24 6.66 22.54
CA GLN G 387 -27.04 7.11 21.39
C GLN G 387 -26.19 7.18 20.13
N LEU G 388 -24.99 7.76 20.23
CA LEU G 388 -24.11 7.86 19.07
C LEU G 388 -23.69 6.49 18.58
N SER G 389 -23.34 5.59 19.50
CA SER G 389 -22.93 4.24 19.12
C SER G 389 -24.07 3.47 18.48
N LEU G 390 -25.28 3.58 19.02
CA LEU G 390 -26.43 2.89 18.44
C LEU G 390 -26.74 3.41 17.05
N PHE G 391 -26.73 4.73 16.88
CA PHE G 391 -27.02 5.33 15.57
C PHE G 391 -25.99 4.89 14.54
N THR G 392 -24.70 4.99 14.89
CA THR G 392 -23.64 4.61 13.96
C THR G 392 -23.67 3.11 13.65
N HIS G 393 -23.90 2.29 14.66
CA HIS G 393 -23.90 0.84 14.46
C HIS G 393 -25.03 0.41 13.55
N HIS G 394 -26.25 0.90 13.79
CA HIS G 394 -27.36 0.50 12.94
C HIS G 394 -27.28 1.16 11.57
N MET G 395 -26.65 2.34 11.48
CA MET G 395 -26.28 2.94 10.21
C MET G 395 -25.47 1.97 9.36
N TRP G 396 -24.38 1.45 9.96
CA TRP G 396 -23.47 0.60 9.21
C TRP G 396 -24.08 -0.76 8.91
N ILE G 397 -24.85 -1.32 9.84
CA ILE G 397 -25.50 -2.59 9.59
C ILE G 397 -26.51 -2.48 8.45
N GLY G 398 -27.29 -1.39 8.44
CA GLY G 398 -28.23 -1.18 7.34
C GLY G 398 -27.54 -1.00 6.00
N GLY G 399 -26.45 -0.23 5.98
CA GLY G 399 -25.72 -0.05 4.73
C GLY G 399 -25.12 -1.34 4.21
N PHE G 400 -24.54 -2.15 5.11
CA PHE G 400 -23.99 -3.44 4.72
C PHE G 400 -25.09 -4.37 4.20
N CYS G 401 -26.25 -4.36 4.84
CA CYS G 401 -27.36 -5.20 4.39
C CYS G 401 -27.87 -4.76 3.03
N VAL G 402 -27.88 -3.45 2.76
CA VAL G 402 -28.32 -2.97 1.46
C VAL G 402 -27.33 -3.36 0.36
N VAL G 403 -26.04 -3.25 0.63
CA VAL G 403 -25.03 -3.67 -0.33
C VAL G 403 -25.13 -5.18 -0.59
N GLY G 404 -25.35 -5.96 0.47
CA GLY G 404 -25.57 -7.38 0.29
C GLY G 404 -26.83 -7.70 -0.48
N ALA G 405 -27.87 -6.87 -0.33
CA ALA G 405 -29.08 -7.02 -1.14
C ALA G 405 -28.76 -6.84 -2.61
N GLY G 406 -27.98 -5.82 -2.94
CA GLY G 406 -27.54 -5.65 -4.32
C GLY G 406 -26.73 -6.83 -4.81
N ALA G 407 -25.84 -7.35 -3.96
CA ALA G 407 -25.01 -8.50 -4.34
C ALA G 407 -25.85 -9.73 -4.64
N HIS G 408 -26.79 -10.04 -3.75
CA HIS G 408 -27.59 -11.24 -3.94
C HIS G 408 -28.65 -11.08 -5.03
N ALA G 409 -29.07 -9.83 -5.31
CA ALA G 409 -29.86 -9.57 -6.50
C ALA G 409 -29.07 -9.87 -7.76
N ALA G 410 -27.80 -9.46 -7.79
CA ALA G 410 -26.94 -9.76 -8.93
C ALA G 410 -26.71 -11.26 -9.06
N ILE G 411 -26.59 -11.96 -7.93
CA ILE G 411 -26.42 -13.41 -7.95
C ILE G 411 -27.66 -14.09 -8.51
N PHE G 412 -28.85 -13.63 -8.09
CA PHE G 412 -30.09 -14.15 -8.69
C PHE G 412 -30.12 -13.87 -10.19
N MET G 413 -29.72 -12.66 -10.59
CA MET G 413 -29.71 -12.29 -12.00
C MET G 413 -28.82 -13.21 -12.81
N VAL G 414 -27.65 -13.55 -12.28
CA VAL G 414 -26.73 -14.44 -12.99
C VAL G 414 -27.27 -15.87 -13.02
N ARG G 415 -27.66 -16.40 -11.86
CA ARG G 415 -27.90 -17.83 -11.73
C ARG G 415 -29.36 -18.21 -11.93
N ASP G 416 -30.25 -17.66 -11.11
CA ASP G 416 -31.63 -18.15 -11.03
C ASP G 416 -32.55 -17.53 -12.07
N TYR G 417 -32.05 -16.59 -12.87
CA TYR G 417 -32.88 -15.97 -13.89
C TYR G 417 -33.02 -16.88 -15.10
N ASP G 418 -34.24 -17.00 -15.61
CA ASP G 418 -34.52 -17.77 -16.81
C ASP G 418 -35.39 -16.93 -17.73
N PRO G 419 -34.99 -16.72 -18.99
CA PRO G 419 -35.77 -15.86 -19.89
C PRO G 419 -37.00 -16.51 -20.48
N THR G 420 -37.20 -17.82 -20.28
CA THR G 420 -38.37 -18.47 -20.84
C THR G 420 -39.63 -18.14 -20.05
N ASN G 421 -39.52 -18.01 -18.72
CA ASN G 421 -40.69 -17.74 -17.90
C ASN G 421 -41.22 -16.33 -18.11
N ASN G 422 -40.33 -15.35 -18.25
CA ASN G 422 -40.72 -13.95 -18.37
C ASN G 422 -40.33 -13.44 -19.75
N TYR G 423 -41.31 -12.92 -20.49
CA TYR G 423 -41.09 -12.36 -21.81
C TYR G 423 -41.33 -10.85 -21.86
N ASN G 424 -42.51 -10.39 -21.43
CA ASN G 424 -42.84 -8.98 -21.44
C ASN G 424 -43.26 -8.50 -20.07
N ASN G 425 -42.68 -9.08 -19.02
CA ASN G 425 -43.03 -8.69 -17.65
C ASN G 425 -42.24 -7.44 -17.27
N LEU G 426 -42.35 -7.04 -16.00
CA LEU G 426 -41.63 -5.86 -15.53
C LEU G 426 -40.13 -6.07 -15.55
N LEU G 427 -39.67 -7.26 -15.14
CA LEU G 427 -38.24 -7.54 -15.07
C LEU G 427 -37.60 -7.53 -16.46
N ASP G 428 -38.27 -8.13 -17.44
CA ASP G 428 -37.74 -8.14 -18.80
C ASP G 428 -37.67 -6.73 -19.37
N ARG G 429 -38.68 -5.90 -19.09
CA ARG G 429 -38.64 -4.52 -19.55
C ARG G 429 -37.60 -3.71 -18.79
N VAL G 430 -37.26 -4.10 -17.57
CA VAL G 430 -36.21 -3.44 -16.83
C VAL G 430 -34.85 -3.75 -17.44
N ILE G 431 -34.62 -5.00 -17.84
CA ILE G 431 -33.41 -5.35 -18.57
C ILE G 431 -33.41 -4.65 -19.94
N ARG G 432 -34.58 -4.52 -20.56
CA ARG G 432 -34.66 -3.96 -21.91
C ARG G 432 -34.21 -2.50 -21.97
N HIS G 433 -34.62 -1.69 -21.00
CA HIS G 433 -34.25 -0.27 -21.00
C HIS G 433 -33.21 0.05 -19.93
N ARG G 434 -32.32 -0.91 -19.65
CA ARG G 434 -31.31 -0.72 -18.61
C ARG G 434 -30.30 0.36 -18.96
N ASP G 435 -30.02 0.56 -20.25
CA ASP G 435 -29.09 1.62 -20.66
C ASP G 435 -29.66 3.00 -20.33
N ALA G 436 -30.97 3.19 -20.54
CA ALA G 436 -31.61 4.46 -20.19
C ALA G 436 -31.55 4.71 -18.70
N ILE G 437 -31.81 3.68 -17.89
CA ILE G 437 -31.77 3.82 -16.43
C ILE G 437 -30.37 4.18 -15.97
N ILE G 438 -29.36 3.47 -16.49
CA ILE G 438 -27.99 3.69 -16.07
C ILE G 438 -27.49 5.06 -16.51
N SER G 439 -27.87 5.48 -17.73
CA SER G 439 -27.45 6.79 -18.22
C SER G 439 -28.09 7.93 -17.43
N HIS G 440 -29.40 7.83 -17.15
CA HIS G 440 -30.06 8.87 -16.37
C HIS G 440 -29.54 8.89 -14.94
N LEU G 441 -29.26 7.71 -14.36
CA LEU G 441 -28.69 7.67 -13.02
C LEU G 441 -27.29 8.25 -12.99
N ASN G 442 -26.48 8.01 -14.03
CA ASN G 442 -25.17 8.62 -14.14
C ASN G 442 -25.29 10.14 -14.26
N TRP G 443 -26.24 10.62 -15.06
CA TRP G 443 -26.43 12.06 -15.22
C TRP G 443 -26.80 12.71 -13.90
N VAL G 444 -27.79 12.15 -13.19
CA VAL G 444 -28.22 12.75 -11.94
C VAL G 444 -27.14 12.60 -10.87
N SER G 445 -26.32 11.54 -10.96
CA SER G 445 -25.21 11.38 -10.03
C SER G 445 -24.18 12.48 -10.25
N ILE G 446 -23.83 12.76 -11.51
CA ILE G 446 -22.84 13.81 -11.80
C ILE G 446 -23.40 15.18 -11.44
N PHE G 447 -24.69 15.40 -11.71
CA PHE G 447 -25.32 16.68 -11.36
C PHE G 447 -25.33 16.89 -9.84
N LEU G 448 -25.68 15.84 -9.09
CA LEU G 448 -25.66 15.92 -7.64
C LEU G 448 -24.25 16.12 -7.11
N GLY G 449 -23.27 15.46 -7.72
CA GLY G 449 -21.89 15.63 -7.29
C GLY G 449 -21.40 17.04 -7.51
N PHE G 450 -21.70 17.62 -8.67
CA PHE G 450 -21.31 18.99 -8.93
C PHE G 450 -22.03 19.96 -7.99
N HIS G 451 -23.36 19.92 -7.95
CA HIS G 451 -24.09 20.88 -7.14
C HIS G 451 -24.23 20.42 -5.69
N SER G 452 -23.35 19.53 -5.23
CA SER G 452 -23.25 19.24 -3.82
C SER G 452 -21.82 19.36 -3.31
N PHE G 453 -20.83 19.16 -4.19
CA PHE G 453 -19.43 19.21 -3.80
C PHE G 453 -18.69 20.42 -4.37
N GLY G 454 -19.05 20.87 -5.58
CA GLY G 454 -18.49 22.11 -6.07
C GLY G 454 -18.90 23.31 -5.25
N LEU G 455 -20.07 23.23 -4.60
CA LEU G 455 -20.43 24.26 -3.63
C LEU G 455 -19.45 24.28 -2.47
N TYR G 456 -19.07 23.10 -1.97
CA TYR G 456 -18.09 23.01 -0.89
C TYR G 456 -16.72 23.52 -1.35
N ILE G 457 -16.31 23.14 -2.56
CA ILE G 457 -15.02 23.57 -3.09
C ILE G 457 -15.02 25.07 -3.33
N HIS G 458 -16.13 25.62 -3.81
CA HIS G 458 -16.26 27.04 -4.03
C HIS G 458 -16.21 27.81 -2.71
N ASN G 459 -16.91 27.32 -1.69
CA ASN G 459 -16.84 27.95 -0.37
C ASN G 459 -15.43 27.88 0.19
N ASP G 460 -14.75 26.76 -0.02
CA ASP G 460 -13.34 26.62 0.35
C ASP G 460 -12.48 27.66 -0.33
N THR G 461 -12.73 27.89 -1.63
CA THR G 461 -11.94 28.85 -2.39
C THR G 461 -12.20 30.28 -1.91
N MET G 462 -13.47 30.68 -1.78
CA MET G 462 -13.75 32.05 -1.36
C MET G 462 -13.35 32.30 0.08
N SER G 463 -13.34 31.27 0.92
CA SER G 463 -12.71 31.41 2.23
C SER G 463 -11.22 31.62 2.08
N ALA G 464 -10.58 30.85 1.19
CA ALA G 464 -9.15 31.01 0.97
C ALA G 464 -8.83 32.25 0.14
N LEU G 465 -9.80 32.77 -0.60
CA LEU G 465 -9.62 34.01 -1.34
C LEU G 465 -9.97 35.24 -0.52
N GLY G 466 -10.32 35.07 0.76
CA GLY G 466 -10.64 36.19 1.60
C GLY G 466 -11.96 36.86 1.29
N ARG G 467 -12.91 36.13 0.72
CA ARG G 467 -14.21 36.67 0.35
C ARG G 467 -15.30 35.84 0.99
N PRO G 468 -15.58 36.04 2.28
CA PRO G 468 -16.65 35.28 2.94
C PRO G 468 -18.04 35.73 2.52
N GLN G 469 -18.18 36.91 1.92
CA GLN G 469 -19.49 37.38 1.46
C GLN G 469 -19.95 36.69 0.19
N ASP G 470 -19.07 35.95 -0.49
CA ASP G 470 -19.42 35.20 -1.69
C ASP G 470 -19.71 33.74 -1.38
N MET G 471 -19.80 33.38 -0.10
CA MET G 471 -19.94 31.99 0.34
C MET G 471 -21.36 31.49 0.07
N PHE G 472 -21.51 30.16 0.14
CA PHE G 472 -22.82 29.53 0.23
C PHE G 472 -23.11 29.20 1.70
N SER G 473 -23.28 30.27 2.48
CA SER G 473 -23.44 30.17 3.92
C SER G 473 -24.62 31.04 4.35
N ASP G 474 -24.92 31.00 5.65
CA ASP G 474 -26.03 31.78 6.18
C ASP G 474 -25.72 33.27 6.20
N THR G 475 -24.49 33.63 6.56
CA THR G 475 -24.12 35.05 6.57
C THR G 475 -24.06 35.62 5.15
N ALA G 476 -23.55 34.84 4.21
CA ALA G 476 -23.53 35.22 2.81
C ALA G 476 -24.86 34.78 2.17
N ILE G 477 -24.91 34.75 0.83
CA ILE G 477 -26.09 34.21 0.15
C ILE G 477 -26.24 32.73 0.49
N GLN G 478 -27.48 32.30 0.69
CA GLN G 478 -27.76 31.05 1.36
C GLN G 478 -28.71 30.19 0.55
N LEU G 479 -28.66 28.89 0.83
CA LEU G 479 -29.61 27.90 0.32
C LEU G 479 -30.38 27.37 1.52
N GLN G 480 -31.44 28.06 1.88
CA GLN G 480 -32.21 27.67 3.06
C GLN G 480 -33.05 26.44 2.76
N PRO G 481 -32.95 25.38 3.56
CA PRO G 481 -33.80 24.21 3.34
C PRO G 481 -35.24 24.47 3.74
N VAL G 482 -35.99 25.12 2.84
CA VAL G 482 -37.34 25.56 3.16
C VAL G 482 -38.30 24.38 3.34
N PHE G 483 -38.11 23.30 2.58
CA PHE G 483 -39.01 22.16 2.68
C PHE G 483 -38.85 21.43 4.03
N ALA G 484 -37.60 21.23 4.47
CA ALA G 484 -37.38 20.58 5.75
C ALA G 484 -37.88 21.43 6.91
N GLN G 485 -37.66 22.75 6.83
CA GLN G 485 -38.15 23.64 7.88
C GLN G 485 -39.68 23.69 7.89
N TRP G 486 -40.30 23.64 6.71
CA TRP G 486 -41.76 23.61 6.65
C TRP G 486 -42.32 22.32 7.22
N ILE G 487 -41.66 21.20 6.95
CA ILE G 487 -42.09 19.93 7.54
C ILE G 487 -41.91 19.95 9.06
N GLN G 488 -40.82 20.56 9.53
CA GLN G 488 -40.61 20.71 10.97
C GLN G 488 -41.70 21.56 11.61
N ASN G 489 -42.08 22.66 10.95
CA ASN G 489 -43.14 23.52 11.48
C ASN G 489 -44.49 22.81 11.45
N THR G 490 -44.75 22.02 10.40
CA THR G 490 -46.00 21.27 10.33
C THR G 490 -46.07 20.22 11.42
N HIS G 491 -44.96 19.52 11.67
CA HIS G 491 -44.95 18.49 12.70
C HIS G 491 -45.00 19.09 14.10
N PHE G 492 -44.47 20.30 14.27
CA PHE G 492 -44.60 21.00 15.55
C PHE G 492 -46.04 21.42 15.80
N THR G 493 -46.73 21.87 14.76
CA THR G 493 -48.13 22.26 14.87
C THR G 493 -49.10 21.12 14.58
N ALA G 494 -48.57 19.92 14.33
CA ALA G 494 -49.45 18.76 14.14
C ALA G 494 -50.33 18.41 15.34
N PRO G 495 -49.85 18.41 16.60
CA PRO G 495 -50.78 18.15 17.71
C PRO G 495 -51.85 19.20 17.89
N GLN G 496 -51.67 20.40 17.36
CA GLN G 496 -52.67 21.45 17.55
C GLN G 496 -53.93 21.18 16.73
N LEU G 497 -53.76 20.80 15.46
CA LEU G 497 -54.88 20.66 14.55
C LEU G 497 -55.06 19.24 14.02
N THR G 498 -54.01 18.66 13.43
CA THR G 498 -54.18 17.39 12.73
C THR G 498 -54.16 16.19 13.64
N ALA G 499 -53.56 16.29 14.82
CA ALA G 499 -53.58 15.22 15.83
C ALA G 499 -53.94 15.83 17.18
N PRO G 500 -55.20 16.24 17.35
CA PRO G 500 -55.57 16.99 18.57
C PRO G 500 -55.47 16.19 19.86
N ASN G 501 -55.46 14.86 19.79
CA ASN G 501 -55.39 14.05 21.00
C ASN G 501 -53.97 13.80 21.47
N ALA G 502 -52.96 14.24 20.73
CA ALA G 502 -51.59 14.13 21.19
C ALA G 502 -51.26 15.25 22.17
N LEU G 503 -50.57 14.89 23.25
CA LEU G 503 -50.25 15.88 24.28
C LEU G 503 -49.19 16.87 23.80
N ALA G 504 -48.19 16.38 23.09
CA ALA G 504 -47.11 17.24 22.58
C ALA G 504 -46.66 16.69 21.23
N ALA G 505 -45.59 17.28 20.69
CA ALA G 505 -45.05 16.85 19.42
C ALA G 505 -44.45 15.46 19.53
N THR G 506 -44.47 14.73 18.41
CA THR G 506 -43.97 13.35 18.39
C THR G 506 -42.48 13.26 18.70
N SER G 507 -41.73 14.34 18.49
CA SER G 507 -40.33 14.40 18.86
C SER G 507 -39.94 15.84 19.11
N LEU G 508 -38.81 16.01 19.80
CA LEU G 508 -38.28 17.33 20.08
C LEU G 508 -37.26 17.78 19.04
N THR G 509 -37.19 17.10 17.89
CA THR G 509 -36.41 17.61 16.77
C THR G 509 -36.99 18.93 16.26
N TRP G 510 -38.32 19.01 16.16
CA TRP G 510 -39.01 20.19 15.67
C TRP G 510 -39.74 20.94 16.78
N GLY G 511 -39.51 20.57 18.03
CA GLY G 511 -40.24 21.15 19.15
C GLY G 511 -39.78 22.54 19.50
N GLY G 512 -40.08 22.94 20.74
CA GLY G 512 -39.70 24.25 21.22
C GLY G 512 -39.23 24.22 22.66
N ASP G 513 -39.16 23.04 23.25
CA ASP G 513 -38.76 22.87 24.64
C ASP G 513 -37.46 22.08 24.71
N VAL G 514 -36.65 22.41 25.71
CA VAL G 514 -35.37 21.74 25.92
C VAL G 514 -35.45 20.89 27.18
N VAL G 515 -35.65 19.59 27.02
CA VAL G 515 -35.64 18.69 28.16
C VAL G 515 -34.19 18.39 28.55
N ALA G 516 -33.95 18.26 29.85
CA ALA G 516 -32.60 18.03 30.34
C ALA G 516 -32.67 17.20 31.61
N VAL G 517 -31.86 16.15 31.69
CA VAL G 517 -31.80 15.27 32.84
C VAL G 517 -30.39 15.31 33.40
N GLY G 518 -30.28 15.62 34.69
CA GLY G 518 -28.97 15.66 35.34
C GLY G 518 -28.10 16.81 34.89
N GLY G 519 -28.71 17.90 34.40
CA GLY G 519 -27.93 19.03 33.93
C GLY G 519 -27.40 18.91 32.53
N LYS G 520 -27.70 17.82 31.83
CA LYS G 520 -27.26 17.59 30.47
C LYS G 520 -28.48 17.52 29.57
N VAL G 521 -28.37 18.12 28.38
CA VAL G 521 -29.49 18.24 27.46
C VAL G 521 -29.87 16.87 26.91
N ALA G 522 -31.09 16.43 27.20
CA ALA G 522 -31.57 15.16 26.65
C ALA G 522 -31.87 15.31 25.16
N MET G 523 -32.79 16.20 24.80
CA MET G 523 -33.06 16.47 23.41
C MET G 523 -33.62 17.88 23.29
N MET G 524 -33.10 18.64 22.33
CA MET G 524 -33.46 20.03 22.12
C MET G 524 -33.78 20.22 20.64
N PRO G 525 -34.54 21.27 20.30
CA PRO G 525 -34.87 21.50 18.88
C PRO G 525 -33.64 21.69 18.01
N ILE G 526 -33.72 21.16 16.79
CA ILE G 526 -32.62 21.19 15.83
C ILE G 526 -32.91 22.23 14.77
N ALA G 527 -31.98 23.16 14.58
CA ALA G 527 -32.10 24.20 13.58
C ALA G 527 -31.36 23.76 12.32
N LEU G 528 -32.02 23.85 11.18
CA LEU G 528 -31.46 23.44 9.89
C LEU G 528 -31.11 24.70 9.09
N GLY G 529 -29.87 24.75 8.61
CA GLY G 529 -29.41 25.90 7.85
C GLY G 529 -28.79 25.52 6.52
N THR G 530 -27.93 26.40 5.99
CA THR G 530 -27.31 26.14 4.69
C THR G 530 -26.38 24.94 4.75
N SER G 531 -25.63 24.79 5.84
CA SER G 531 -24.71 23.66 5.96
C SER G 531 -25.46 22.33 6.01
N ASP G 532 -26.60 22.30 6.71
CA ASP G 532 -27.42 21.10 6.73
C ASP G 532 -27.95 20.76 5.36
N PHE G 533 -28.34 21.78 4.58
CA PHE G 533 -28.75 21.58 3.20
C PHE G 533 -27.63 20.98 2.37
N LEU G 534 -26.42 21.51 2.52
CA LEU G 534 -25.27 21.01 1.77
C LEU G 534 -24.97 19.56 2.11
N VAL G 535 -24.99 19.23 3.40
CA VAL G 535 -24.64 17.86 3.81
C VAL G 535 -25.74 16.87 3.41
N HIS G 536 -27.01 17.27 3.52
CA HIS G 536 -28.10 16.40 3.08
C HIS G 536 -28.04 16.16 1.57
N HIS G 537 -27.71 17.18 0.78
CA HIS G 537 -27.60 16.95 -0.65
C HIS G 537 -26.35 16.15 -1.01
N ILE G 538 -25.28 16.28 -0.21
CA ILE G 538 -24.13 15.39 -0.37
C ILE G 538 -24.52 13.95 -0.08
N HIS G 539 -25.33 13.74 0.95
CA HIS G 539 -25.83 12.40 1.26
C HIS G 539 -26.66 11.84 0.11
N ALA G 540 -27.53 12.68 -0.47
CA ALA G 540 -28.33 12.25 -1.61
C ALA G 540 -27.45 11.89 -2.79
N PHE G 541 -26.41 12.69 -3.05
CA PHE G 541 -25.46 12.40 -4.11
C PHE G 541 -24.76 11.06 -3.88
N THR G 542 -24.29 10.84 -2.65
CA THR G 542 -23.51 9.65 -2.36
C THR G 542 -24.37 8.39 -2.47
N ILE G 543 -25.61 8.47 -1.97
CA ILE G 543 -26.53 7.34 -2.07
C ILE G 543 -26.92 7.09 -3.52
N HIS G 544 -27.10 8.16 -4.30
CA HIS G 544 -27.44 7.98 -5.71
C HIS G 544 -26.30 7.33 -6.49
N VAL G 545 -25.05 7.70 -6.18
CA VAL G 545 -23.93 7.05 -6.86
C VAL G 545 -23.80 5.60 -6.44
N THR G 546 -23.98 5.30 -5.15
CA THR G 546 -23.89 3.92 -4.68
C THR G 546 -24.98 3.05 -5.29
N VAL G 547 -26.20 3.57 -5.38
CA VAL G 547 -27.27 2.80 -5.98
C VAL G 547 -27.06 2.69 -7.49
N LEU G 548 -26.40 3.68 -8.10
CA LEU G 548 -26.02 3.56 -9.51
C LEU G 548 -25.07 2.40 -9.72
N ILE G 549 -24.05 2.29 -8.87
CA ILE G 549 -23.07 1.21 -8.99
C ILE G 549 -23.73 -0.14 -8.78
N LEU G 550 -24.54 -0.26 -7.73
CA LEU G 550 -25.18 -1.54 -7.42
C LEU G 550 -26.19 -1.95 -8.49
N LEU G 551 -26.98 -1.00 -8.99
CA LEU G 551 -27.96 -1.31 -10.02
C LEU G 551 -27.31 -1.62 -11.36
N LYS G 552 -26.20 -0.94 -11.69
CA LYS G 552 -25.47 -1.27 -12.89
C LYS G 552 -24.86 -2.67 -12.80
N GLY G 553 -24.38 -3.03 -11.61
CA GLY G 553 -23.89 -4.39 -11.41
C GLY G 553 -25.00 -5.43 -11.53
N VAL G 554 -26.18 -5.11 -11.01
CA VAL G 554 -27.31 -6.03 -11.11
C VAL G 554 -27.80 -6.13 -12.55
N LEU G 555 -27.95 -5.00 -13.23
CA LEU G 555 -28.55 -4.98 -14.55
C LEU G 555 -27.64 -5.61 -15.60
N PHE G 556 -26.34 -5.32 -15.53
CA PHE G 556 -25.39 -5.82 -16.51
C PHE G 556 -24.74 -7.14 -16.09
N ALA G 557 -25.29 -7.80 -15.08
CA ALA G 557 -24.76 -9.09 -14.65
C ALA G 557 -25.00 -10.17 -15.71
N ARG G 558 -26.16 -10.14 -16.36
CA ARG G 558 -26.49 -11.15 -17.36
C ARG G 558 -25.69 -10.96 -18.63
N SER G 559 -25.79 -9.77 -19.23
CA SER G 559 -25.13 -9.50 -20.50
C SER G 559 -24.87 -8.00 -20.60
N SER G 560 -24.03 -7.63 -21.56
CA SER G 560 -23.68 -6.24 -21.77
C SER G 560 -23.26 -6.05 -23.22
N ARG G 561 -23.18 -4.79 -23.64
CA ARG G 561 -22.69 -4.49 -24.98
C ARG G 561 -21.21 -4.79 -25.12
N LEU G 562 -20.48 -4.81 -24.01
CA LEU G 562 -19.07 -5.20 -24.04
C LEU G 562 -18.92 -6.72 -24.14
N ILE G 563 -19.46 -7.43 -23.14
CA ILE G 563 -19.38 -8.88 -23.08
C ILE G 563 -20.79 -9.44 -23.15
N PRO G 564 -21.22 -9.91 -24.33
CA PRO G 564 -22.59 -10.46 -24.44
C PRO G 564 -22.78 -11.77 -23.71
N ASP G 565 -21.72 -12.53 -23.44
CA ASP G 565 -21.82 -13.83 -22.78
C ASP G 565 -21.37 -13.77 -21.33
N LYS G 566 -21.69 -12.68 -20.63
CA LYS G 566 -21.32 -12.54 -19.23
C LYS G 566 -22.08 -13.51 -18.33
N ALA G 567 -23.23 -14.00 -18.78
CA ALA G 567 -24.00 -14.96 -17.98
C ALA G 567 -23.26 -16.29 -17.85
N ASN G 568 -22.61 -16.73 -18.92
CA ASN G 568 -21.90 -18.00 -18.90
C ASN G 568 -20.60 -17.94 -18.12
N LEU G 569 -20.11 -16.75 -17.79
CA LEU G 569 -18.90 -16.59 -17.01
C LEU G 569 -19.15 -16.66 -15.50
N GLY G 570 -20.41 -16.80 -15.08
CA GLY G 570 -20.73 -16.87 -13.67
C GLY G 570 -20.89 -15.49 -13.06
N PHE G 571 -21.26 -15.49 -11.77
CA PHE G 571 -21.42 -14.24 -11.04
C PHE G 571 -20.07 -13.67 -10.64
N ARG G 572 -19.27 -14.46 -9.95
CA ARG G 572 -17.99 -14.00 -9.41
C ARG G 572 -16.87 -14.57 -10.26
N PHE G 573 -16.45 -13.80 -11.26
CA PHE G 573 -15.27 -14.08 -12.06
C PHE G 573 -14.43 -12.82 -12.10
N PRO G 574 -13.10 -12.96 -12.15
CA PRO G 574 -12.23 -11.77 -12.08
C PRO G 574 -12.34 -10.86 -13.30
N CYS G 575 -12.26 -11.43 -14.49
CA CYS G 575 -12.24 -10.65 -15.72
C CYS G 575 -12.52 -11.58 -16.89
N ASP G 576 -12.59 -10.99 -18.08
CA ASP G 576 -12.61 -11.74 -19.33
C ASP G 576 -11.32 -11.55 -20.13
N GLY G 577 -10.24 -11.14 -19.46
CA GLY G 577 -8.97 -10.92 -20.11
C GLY G 577 -8.77 -9.47 -20.48
N PRO G 578 -7.57 -9.13 -20.95
CA PRO G 578 -7.28 -7.76 -21.38
C PRO G 578 -7.87 -7.37 -22.72
N GLY G 579 -8.76 -8.19 -23.28
CA GLY G 579 -9.39 -7.84 -24.53
C GLY G 579 -10.37 -6.69 -24.38
N ARG G 580 -10.71 -6.11 -25.53
CA ARG G 580 -11.58 -4.93 -25.62
C ARG G 580 -11.04 -3.78 -24.78
N GLY G 581 -9.71 -3.63 -24.77
CA GLY G 581 -9.04 -2.65 -23.95
C GLY G 581 -8.78 -3.08 -22.52
N GLY G 582 -9.32 -4.21 -22.08
CA GLY G 582 -9.18 -4.68 -20.73
C GLY G 582 -10.49 -4.70 -19.97
N THR G 583 -11.05 -5.89 -19.79
CA THR G 583 -12.32 -6.05 -19.08
C THR G 583 -12.11 -6.48 -17.63
N CYS G 584 -11.33 -5.70 -16.88
CA CYS G 584 -11.15 -5.97 -15.47
C CYS G 584 -12.34 -5.45 -14.67
N GLN G 585 -12.66 -6.16 -13.59
CA GLN G 585 -13.74 -5.79 -12.67
C GLN G 585 -15.09 -5.66 -13.38
N VAL G 586 -15.29 -6.47 -14.43
CA VAL G 586 -16.52 -6.39 -15.22
C VAL G 586 -17.64 -7.22 -14.62
N SER G 587 -17.34 -8.11 -13.67
CA SER G 587 -18.38 -8.92 -13.07
C SER G 587 -19.22 -8.09 -12.11
N ALA G 588 -20.40 -8.62 -11.79
CA ALA G 588 -21.27 -7.98 -10.82
C ALA G 588 -20.66 -7.99 -9.42
N TRP G 589 -19.85 -9.01 -9.12
CA TRP G 589 -19.18 -9.09 -7.82
C TRP G 589 -18.25 -7.90 -7.62
N ASP G 590 -17.54 -7.49 -8.66
CA ASP G 590 -16.65 -6.34 -8.53
C ASP G 590 -17.43 -5.03 -8.45
N HIS G 591 -18.61 -4.97 -9.08
CA HIS G 591 -19.50 -3.83 -8.90
C HIS G 591 -19.92 -3.71 -7.44
N VAL G 592 -20.26 -4.84 -6.81
CA VAL G 592 -20.54 -4.83 -5.37
C VAL G 592 -19.29 -4.47 -4.58
N PHE G 593 -18.12 -4.92 -5.05
CA PHE G 593 -16.86 -4.63 -4.37
C PHE G 593 -16.58 -3.14 -4.33
N LEU G 594 -16.90 -2.42 -5.41
CA LEU G 594 -16.84 -0.96 -5.39
C LEU G 594 -17.98 -0.36 -4.56
N GLY G 595 -19.13 -1.02 -4.56
CA GLY G 595 -20.26 -0.54 -3.78
C GLY G 595 -20.02 -0.55 -2.29
N LEU G 596 -19.21 -1.50 -1.81
CA LEU G 596 -18.84 -1.50 -0.39
C LEU G 596 -18.08 -0.23 -0.03
N PHE G 597 -17.12 0.18 -0.86
CA PHE G 597 -16.39 1.43 -0.62
C PHE G 597 -17.30 2.64 -0.68
N TRP G 598 -18.23 2.66 -1.66
CA TRP G 598 -19.07 3.84 -1.79
C TRP G 598 -20.08 3.93 -0.65
N MET G 599 -20.61 2.80 -0.18
CA MET G 599 -21.44 2.82 1.01
C MET G 599 -20.63 3.24 2.23
N TYR G 600 -19.35 2.83 2.29
CA TYR G 600 -18.49 3.25 3.38
C TYR G 600 -18.33 4.76 3.40
N ASN G 601 -18.08 5.36 2.24
CA ASN G 601 -17.95 6.81 2.15
C ASN G 601 -19.25 7.51 2.53
N SER G 602 -20.39 6.99 2.03
CA SER G 602 -21.68 7.59 2.33
C SER G 602 -21.98 7.56 3.83
N LEU G 603 -21.86 6.39 4.44
CA LEU G 603 -22.19 6.27 5.86
C LEU G 603 -21.17 6.96 6.74
N SER G 604 -19.92 7.06 6.31
CA SER G 604 -18.93 7.83 7.07
C SER G 604 -19.28 9.30 7.09
N ILE G 605 -19.68 9.86 5.94
CA ILE G 605 -20.09 11.26 5.91
C ILE G 605 -21.38 11.44 6.72
N VAL G 606 -22.27 10.45 6.68
CA VAL G 606 -23.54 10.54 7.42
C VAL G 606 -23.28 10.59 8.92
N ILE G 607 -22.42 9.69 9.42
CA ILE G 607 -22.18 9.65 10.85
C ILE G 607 -21.31 10.82 11.30
N PHE G 608 -20.47 11.35 10.41
CA PHE G 608 -19.75 12.57 10.72
C PHE G 608 -20.70 13.74 10.88
N HIS G 609 -21.68 13.84 9.97
CA HIS G 609 -22.73 14.84 10.08
C HIS G 609 -23.51 14.69 11.38
N PHE G 610 -23.86 13.45 11.73
CA PHE G 610 -24.61 13.20 12.96
C PHE G 610 -23.84 13.64 14.18
N SER G 611 -22.57 13.21 14.28
CA SER G 611 -21.76 13.53 15.45
C SER G 611 -21.54 15.03 15.59
N TRP G 612 -21.20 15.71 14.48
CA TRP G 612 -20.96 17.14 14.55
C TRP G 612 -22.24 17.91 14.86
N LYS G 613 -23.36 17.52 14.23
CA LYS G 613 -24.62 18.22 14.46
C LYS G 613 -25.10 18.05 15.89
N MET G 614 -25.03 16.83 16.44
CA MET G 614 -25.42 16.63 17.83
C MET G 614 -24.51 17.40 18.78
N GLN G 615 -23.19 17.27 18.61
CA GLN G 615 -22.25 17.92 19.52
C GLN G 615 -22.24 19.43 19.38
N SER G 616 -22.77 19.98 18.28
CA SER G 616 -22.76 21.43 18.10
C SER G 616 -24.11 22.08 18.35
N ASP G 617 -25.22 21.35 18.22
CA ASP G 617 -26.53 21.96 18.32
C ASP G 617 -27.53 21.22 19.21
N VAL G 618 -27.21 20.03 19.71
CA VAL G 618 -28.16 19.31 20.55
C VAL G 618 -27.51 18.96 21.88
N TRP G 619 -26.43 18.18 21.83
CA TRP G 619 -25.80 17.68 23.04
C TRP G 619 -25.03 18.79 23.74
N GLY G 620 -25.11 18.78 25.07
CA GLY G 620 -24.43 19.79 25.85
C GLY G 620 -24.94 19.77 27.29
N THR G 621 -24.44 20.72 28.07
CA THR G 621 -24.83 20.89 29.46
C THR G 621 -25.65 22.16 29.60
N VAL G 622 -26.83 22.02 30.20
CA VAL G 622 -27.72 23.17 30.40
C VAL G 622 -27.25 23.95 31.62
N THR G 623 -27.31 25.28 31.52
CA THR G 623 -26.94 26.18 32.60
C THR G 623 -28.13 27.05 32.97
N ASP G 624 -27.97 27.83 34.03
CA ASP G 624 -29.01 28.78 34.41
C ASP G 624 -29.12 29.92 33.42
N SER G 625 -27.99 30.36 32.85
CA SER G 625 -27.97 31.42 31.85
C SER G 625 -27.72 30.76 30.48
N GLY G 626 -28.80 30.34 29.85
CA GLY G 626 -28.71 29.72 28.54
C GLY G 626 -28.26 28.27 28.59
N VAL G 627 -28.03 27.73 27.40
CA VAL G 627 -27.60 26.34 27.23
C VAL G 627 -26.31 26.33 26.42
N SER G 628 -25.30 25.62 26.93
CA SER G 628 -24.01 25.50 26.28
C SER G 628 -23.86 24.09 25.71
N HIS G 629 -23.48 24.01 24.44
CA HIS G 629 -23.33 22.73 23.77
C HIS G 629 -21.96 22.13 24.07
N ILE G 630 -21.71 20.94 23.49
CA ILE G 630 -20.39 20.33 23.59
C ILE G 630 -19.37 21.16 22.84
N THR G 631 -19.69 21.52 21.59
CA THR G 631 -18.91 22.46 20.81
C THR G 631 -19.73 23.72 20.59
N GLY G 632 -19.08 24.88 20.63
CA GLY G 632 -19.78 26.15 20.66
C GLY G 632 -20.46 26.57 19.37
N GLY G 633 -21.36 25.74 18.86
CA GLY G 633 -22.12 26.09 17.66
C GLY G 633 -21.29 26.25 16.42
N ASN G 634 -20.26 25.41 16.26
CA ASN G 634 -19.36 25.55 15.13
C ASN G 634 -19.89 24.93 13.85
N PHE G 635 -20.99 24.18 13.93
CA PHE G 635 -21.53 23.54 12.72
C PHE G 635 -22.16 24.56 11.78
N ALA G 636 -22.73 25.63 12.35
CA ALA G 636 -23.39 26.63 11.52
C ALA G 636 -22.38 27.43 10.70
N GLN G 637 -21.20 27.70 11.27
CA GLN G 637 -20.22 28.56 10.64
C GLN G 637 -19.00 27.83 10.12
N SER G 638 -18.94 26.50 10.26
CA SER G 638 -17.75 25.75 9.87
C SER G 638 -18.02 24.55 8.98
N ALA G 639 -19.27 24.13 8.82
CA ALA G 639 -19.59 22.98 7.99
C ALA G 639 -19.89 23.35 6.54
N ASN G 640 -19.59 24.59 6.14
CA ASN G 640 -19.78 24.99 4.75
C ASN G 640 -18.55 24.75 3.88
N THR G 641 -17.41 24.46 4.48
CA THR G 641 -16.17 24.24 3.75
C THR G 641 -15.55 22.90 4.16
N ILE G 642 -14.81 22.30 3.22
CA ILE G 642 -14.13 21.04 3.51
C ILE G 642 -13.02 21.26 4.52
N ASN G 643 -12.27 22.35 4.39
CA ASN G 643 -11.23 22.65 5.38
C ASN G 643 -11.83 22.97 6.74
N GLY G 644 -12.97 23.67 6.75
CA GLY G 644 -13.67 23.90 8.00
C GLY G 644 -14.15 22.60 8.64
N TRP G 645 -14.73 21.71 7.82
CA TRP G 645 -15.11 20.38 8.28
C TRP G 645 -13.92 19.66 8.90
N LEU G 646 -12.80 19.65 8.20
CA LEU G 646 -11.58 18.99 8.67
C LEU G 646 -11.12 19.55 10.01
N ARG G 647 -10.82 20.85 10.03
CA ARG G 647 -10.22 21.47 11.20
C ARG G 647 -11.15 21.44 12.41
N ASP G 648 -12.44 21.71 12.21
CA ASP G 648 -13.36 21.83 13.33
C ASP G 648 -14.07 20.52 13.68
N PHE G 649 -13.87 19.44 12.94
CA PHE G 649 -14.44 18.17 13.35
C PHE G 649 -13.40 17.08 13.57
N LEU G 650 -12.49 16.87 12.62
CA LEU G 650 -11.52 15.79 12.76
C LEU G 650 -10.26 16.24 13.50
N TRP G 651 -10.04 17.54 13.62
CA TRP G 651 -8.90 18.08 14.37
C TRP G 651 -9.31 18.75 15.67
N ALA G 652 -10.44 19.45 15.70
CA ALA G 652 -10.94 19.99 16.96
C ALA G 652 -11.30 18.87 17.92
N GLN G 653 -11.93 17.82 17.41
CA GLN G 653 -12.07 16.57 18.14
C GLN G 653 -10.84 15.72 17.87
N SER G 654 -10.86 14.46 18.32
CA SER G 654 -9.74 13.52 18.26
C SER G 654 -8.51 13.98 19.02
N SER G 655 -8.60 15.08 19.77
CA SER G 655 -7.53 15.48 20.66
C SER G 655 -7.52 14.65 21.94
N GLN G 656 -8.64 14.01 22.26
CA GLN G 656 -8.71 13.12 23.41
C GLN G 656 -8.28 11.70 23.07
N VAL G 657 -8.36 11.30 21.80
CA VAL G 657 -7.88 9.98 21.41
C VAL G 657 -6.36 9.92 21.48
N ILE G 658 -5.69 10.97 20.99
CA ILE G 658 -4.24 11.00 21.03
C ILE G 658 -3.74 11.20 22.46
N GLN G 659 -4.49 11.94 23.29
CA GLN G 659 -4.13 12.16 24.67
C GLN G 659 -4.78 11.16 25.63
N SER G 660 -5.24 10.02 25.10
CA SER G 660 -5.87 9.00 25.93
C SER G 660 -4.86 8.10 26.63
N TYR G 661 -3.57 8.23 26.33
CA TYR G 661 -2.58 7.32 26.88
C TYR G 661 -2.36 7.59 28.36
N GLY G 662 -2.21 6.53 29.13
CA GLY G 662 -2.16 6.64 30.57
C GLY G 662 -3.51 6.77 31.24
N SER G 663 -4.59 6.65 30.49
CA SER G 663 -5.94 6.81 31.03
C SER G 663 -6.80 5.59 30.71
N ALA G 664 -8.10 5.68 31.00
CA ALA G 664 -9.00 4.57 30.77
C ALA G 664 -9.32 4.36 29.29
N LEU G 665 -9.09 5.37 28.45
CA LEU G 665 -9.44 5.30 27.04
C LEU G 665 -8.22 5.07 26.16
N SER G 666 -7.10 4.62 26.74
CA SER G 666 -5.91 4.34 25.94
C SER G 666 -6.13 3.21 24.96
N ALA G 667 -6.99 2.25 25.31
CA ALA G 667 -7.34 1.19 24.38
C ALA G 667 -8.04 1.72 23.14
N TYR G 668 -8.76 2.84 23.28
CA TYR G 668 -9.36 3.47 22.10
C TYR G 668 -8.29 4.04 21.18
N GLY G 669 -7.22 4.62 21.74
CA GLY G 669 -6.11 5.07 20.90
C GLY G 669 -5.38 3.91 20.25
N LEU G 670 -5.20 2.81 20.97
CA LEU G 670 -4.61 1.61 20.39
C LEU G 670 -5.47 1.07 19.25
N MET G 671 -6.78 1.05 19.45
CA MET G 671 -7.71 0.60 18.42
C MET G 671 -7.67 1.55 17.22
N PHE G 672 -7.52 2.84 17.49
CA PHE G 672 -7.41 3.86 16.44
C PHE G 672 -6.20 3.62 15.56
N LEU G 673 -5.03 3.42 16.19
CA LEU G 673 -3.82 3.24 15.38
C LEU G 673 -3.78 1.88 14.71
N GLY G 674 -4.30 0.84 15.36
CA GLY G 674 -4.40 -0.45 14.69
C GLY G 674 -5.36 -0.41 13.51
N ALA G 675 -6.43 0.38 13.63
CA ALA G 675 -7.35 0.56 12.52
C ALA G 675 -6.71 1.35 11.39
N HIS G 676 -5.88 2.34 11.73
CA HIS G 676 -5.07 3.02 10.71
C HIS G 676 -4.18 2.03 9.97
N PHE G 677 -3.57 1.12 10.72
CA PHE G 677 -2.71 0.09 10.13
C PHE G 677 -3.50 -0.80 9.18
N VAL G 678 -4.66 -1.30 9.62
CA VAL G 678 -5.42 -2.25 8.82
C VAL G 678 -6.01 -1.56 7.59
N TRP G 679 -6.45 -0.31 7.74
CA TRP G 679 -6.92 0.47 6.59
C TRP G 679 -5.79 0.70 5.59
N ALA G 680 -4.59 0.99 6.09
CA ALA G 680 -3.46 1.23 5.19
C ALA G 680 -2.94 -0.06 4.59
N PHE G 681 -3.00 -1.16 5.34
CA PHE G 681 -2.54 -2.45 4.83
C PHE G 681 -3.41 -2.98 3.70
N SER G 682 -4.66 -2.51 3.62
CA SER G 682 -5.58 -2.99 2.59
C SER G 682 -5.17 -2.54 1.20
N LEU G 683 -4.54 -1.38 1.07
CA LEU G 683 -4.23 -0.81 -0.23
C LEU G 683 -3.18 -1.61 -0.97
N MET G 684 -2.43 -2.47 -0.28
CA MET G 684 -1.57 -3.43 -0.96
C MET G 684 -2.40 -4.41 -1.79
N PHE G 685 -3.46 -4.94 -1.22
CA PHE G 685 -4.32 -5.88 -1.92
C PHE G 685 -5.20 -5.20 -2.96
N LEU G 686 -5.31 -3.88 -2.93
CA LEU G 686 -6.20 -3.14 -3.81
C LEU G 686 -5.50 -2.58 -5.04
N PHE G 687 -4.32 -1.98 -4.87
CA PHE G 687 -3.60 -1.44 -6.02
C PHE G 687 -2.93 -2.55 -6.83
N SER G 688 -2.39 -3.56 -6.15
CA SER G 688 -1.55 -4.56 -6.80
C SER G 688 -2.40 -5.58 -7.54
N GLY G 689 -1.72 -6.48 -8.24
CA GLY G 689 -2.37 -7.57 -8.93
C GLY G 689 -1.93 -8.92 -8.42
N ARG G 690 -1.92 -9.93 -9.28
CA ARG G 690 -1.57 -11.28 -8.88
C ARG G 690 -0.25 -11.77 -9.45
N GLY G 691 0.13 -11.31 -10.65
CA GLY G 691 1.32 -11.82 -11.30
C GLY G 691 2.60 -11.49 -10.55
N TYR G 692 2.71 -10.26 -10.05
CA TYR G 692 3.87 -9.87 -9.26
C TYR G 692 3.98 -10.71 -7.99
N TRP G 693 2.85 -10.87 -7.30
CA TRP G 693 2.85 -11.66 -6.08
C TRP G 693 3.08 -13.13 -6.36
N GLN G 694 2.58 -13.63 -7.49
CA GLN G 694 2.86 -15.01 -7.88
C GLN G 694 4.34 -15.21 -8.16
N GLU G 695 4.99 -14.24 -8.81
CA GLU G 695 6.43 -14.36 -9.07
C GLU G 695 7.24 -14.26 -7.79
N LEU G 696 6.83 -13.39 -6.86
CA LEU G 696 7.49 -13.32 -5.56
C LEU G 696 7.34 -14.63 -4.80
N ILE G 697 6.14 -15.23 -4.85
CA ILE G 697 5.91 -16.53 -4.24
C ILE G 697 6.77 -17.60 -4.93
N GLU G 698 6.99 -17.48 -6.24
CA GLU G 698 7.88 -18.41 -6.93
C GLU G 698 9.31 -18.29 -6.42
N SER G 699 9.78 -17.06 -6.18
CA SER G 699 11.11 -16.88 -5.60
C SER G 699 11.20 -17.46 -4.20
N ILE G 700 10.15 -17.26 -3.39
CA ILE G 700 10.14 -17.83 -2.04
C ILE G 700 10.07 -19.36 -2.10
N VAL G 701 9.36 -19.91 -3.08
CA VAL G 701 9.31 -21.37 -3.28
C VAL G 701 10.68 -21.89 -3.65
N TRP G 702 11.42 -21.16 -4.49
CA TRP G 702 12.81 -21.54 -4.78
C TRP G 702 13.66 -21.52 -3.52
N ALA G 703 13.49 -20.50 -2.68
CA ALA G 703 14.25 -20.40 -1.44
C ALA G 703 13.96 -21.58 -0.52
N HIS G 704 12.69 -21.96 -0.39
CA HIS G 704 12.34 -23.11 0.42
C HIS G 704 12.71 -24.43 -0.25
N ASN G 705 12.89 -24.42 -1.58
CA ASN G 705 13.33 -25.61 -2.30
C ASN G 705 14.82 -25.85 -2.12
N LYS G 706 15.60 -24.79 -1.91
CA LYS G 706 17.05 -24.94 -1.81
C LYS G 706 17.46 -25.80 -0.63
N LEU G 707 16.81 -25.63 0.53
CA LEU G 707 17.11 -26.43 1.70
C LEU G 707 15.99 -27.41 2.03
N ARG G 708 15.15 -27.74 1.05
CA ARG G 708 14.19 -28.85 1.13
C ARG G 708 13.15 -28.64 2.22
N VAL G 709 12.59 -27.44 2.30
CA VAL G 709 11.45 -27.21 3.19
C VAL G 709 10.25 -26.84 2.32
N ALA G 710 10.19 -27.40 1.13
CA ALA G 710 9.07 -27.16 0.23
C ALA G 710 7.80 -27.79 0.76
N PRO G 711 6.72 -27.03 0.95
CA PRO G 711 5.45 -27.65 1.34
C PRO G 711 4.90 -28.52 0.23
N SER G 712 4.20 -29.58 0.64
CA SER G 712 3.55 -30.46 -0.34
C SER G 712 2.45 -29.73 -1.09
N ILE G 713 1.70 -28.88 -0.40
CA ILE G 713 0.73 -28.01 -1.05
C ILE G 713 1.49 -26.84 -1.66
N GLN G 714 1.31 -26.64 -2.96
CA GLN G 714 2.06 -25.61 -3.66
C GLN G 714 1.57 -24.22 -3.25
N PRO G 715 2.45 -23.33 -2.79
CA PRO G 715 2.01 -21.97 -2.46
C PRO G 715 1.63 -21.20 -3.71
N ARG G 716 0.43 -20.61 -3.67
CA ARG G 716 -0.07 -19.81 -4.78
C ARG G 716 -0.53 -18.45 -4.24
N ALA G 717 -0.44 -17.44 -5.10
CA ALA G 717 -0.95 -16.13 -4.74
C ALA G 717 -2.46 -16.17 -4.67
N LEU G 718 -3.02 -15.20 -3.95
CA LEU G 718 -4.47 -15.07 -3.84
C LEU G 718 -5.06 -14.73 -5.21
N SER G 719 -6.27 -15.22 -5.45
CA SER G 719 -6.96 -14.95 -6.70
C SER G 719 -7.31 -13.47 -6.79
N ILE G 720 -7.60 -13.03 -8.03
CA ILE G 720 -7.91 -11.62 -8.27
C ILE G 720 -9.18 -11.23 -7.54
N THR G 721 -10.22 -12.06 -7.63
CA THR G 721 -11.40 -11.85 -6.82
C THR G 721 -11.09 -12.02 -5.34
N GLN G 722 -10.25 -13.01 -5.00
CA GLN G 722 -9.82 -13.18 -3.62
C GLN G 722 -9.03 -11.97 -3.13
N GLY G 723 -8.13 -11.45 -3.97
CA GLY G 723 -7.37 -10.26 -3.58
C GLY G 723 -8.24 -9.04 -3.40
N ARG G 724 -9.22 -8.85 -4.29
CA ARG G 724 -10.17 -7.75 -4.14
C ARG G 724 -11.00 -7.90 -2.87
N ALA G 725 -11.42 -9.13 -2.56
CA ALA G 725 -12.18 -9.37 -1.34
C ALA G 725 -11.37 -9.06 -0.09
N VAL G 726 -10.10 -9.51 -0.07
CA VAL G 726 -9.23 -9.23 1.07
C VAL G 726 -9.00 -7.72 1.21
N GLY G 727 -8.77 -7.04 0.09
CA GLY G 727 -8.54 -5.61 0.13
C GLY G 727 -9.75 -4.84 0.65
N VAL G 728 -10.94 -5.16 0.13
CA VAL G 728 -12.13 -4.44 0.57
C VAL G 728 -12.46 -4.78 2.01
N ALA G 729 -12.22 -6.03 2.44
CA ALA G 729 -12.51 -6.40 3.83
C ALA G 729 -11.58 -5.69 4.80
N HIS G 730 -10.28 -5.65 4.50
CA HIS G 730 -9.34 -4.96 5.37
C HIS G 730 -9.59 -3.45 5.35
N TYR G 731 -9.97 -2.90 4.19
CA TYR G 731 -10.28 -1.47 4.10
C TYR G 731 -11.49 -1.10 4.95
N LEU G 732 -12.56 -1.89 4.82
CA LEU G 732 -13.76 -1.64 5.62
C LEU G 732 -13.49 -1.82 7.10
N LEU G 733 -12.75 -2.86 7.47
CA LEU G 733 -12.45 -3.11 8.87
C LEU G 733 -11.64 -1.95 9.46
N GLY G 734 -10.63 -1.49 8.73
CA GLY G 734 -9.82 -0.38 9.19
C GLY G 734 -10.62 0.92 9.33
N GLY G 735 -11.42 1.24 8.32
CA GLY G 735 -12.21 2.46 8.39
C GLY G 735 -13.27 2.43 9.49
N ILE G 736 -13.96 1.30 9.62
CA ILE G 736 -15.00 1.16 10.64
C ILE G 736 -14.40 1.26 12.02
N ALA G 737 -13.27 0.57 12.25
CA ALA G 737 -12.66 0.62 13.57
C ALA G 737 -12.03 1.98 13.84
N THR G 738 -11.56 2.69 12.81
CA THR G 738 -11.05 4.04 12.98
C THR G 738 -12.15 4.98 13.47
N THR G 739 -13.29 4.97 12.77
CA THR G 739 -14.40 5.83 13.16
C THR G 739 -14.95 5.40 14.52
N TRP G 740 -14.98 4.09 14.79
CA TRP G 740 -15.47 3.59 16.07
C TRP G 740 -14.61 4.09 17.22
N SER G 741 -13.29 3.97 17.10
CA SER G 741 -12.39 4.41 18.15
C SER G 741 -12.46 5.93 18.35
N PHE G 742 -12.44 6.68 17.24
CA PHE G 742 -12.49 8.14 17.34
C PHE G 742 -13.80 8.61 17.98
N PHE G 743 -14.93 8.07 17.50
CA PHE G 743 -16.23 8.46 18.01
C PHE G 743 -16.38 8.11 19.49
N LEU G 744 -15.99 6.89 19.87
CA LEU G 744 -16.19 6.46 21.25
C LEU G 744 -15.26 7.21 22.20
N ALA G 745 -14.00 7.41 21.83
CA ALA G 745 -13.09 8.17 22.70
C ALA G 745 -13.53 9.62 22.85
N ARG G 746 -13.96 10.24 21.75
CA ARG G 746 -14.43 11.63 21.83
C ARG G 746 -15.69 11.75 22.66
N ILE G 747 -16.63 10.82 22.52
CA ILE G 747 -17.90 10.93 23.21
C ILE G 747 -17.81 10.47 24.66
N ILE G 748 -16.79 9.70 25.03
CA ILE G 748 -16.63 9.30 26.42
C ILE G 748 -15.78 10.31 27.18
N ALA G 749 -14.69 10.79 26.58
CA ALA G 749 -13.83 11.74 27.26
C ALA G 749 -14.49 13.11 27.43
N VAL G 750 -15.50 13.43 26.64
CA VAL G 750 -16.19 14.72 26.71
C VAL G 750 -17.62 14.55 27.20
N GLY G 751 -18.45 13.80 26.47
CA GLY G 751 -19.84 13.61 26.83
C GLY G 751 -20.03 12.64 27.98
N THR H 3 -7.87 7.21 -40.64
CA THR H 3 -6.44 7.37 -40.41
C THR H 3 -6.09 8.82 -40.07
N LYS H 4 -5.54 9.03 -38.88
CA LYS H 4 -5.16 10.35 -38.40
C LYS H 4 -3.67 10.56 -38.64
N LEU H 5 -3.16 11.70 -38.15
CA LEU H 5 -1.74 11.98 -38.28
C LEU H 5 -1.11 12.54 -37.02
N PHE H 6 -1.84 12.61 -35.91
CA PHE H 6 -1.23 13.05 -34.65
C PHE H 6 -0.14 12.09 -34.18
N PRO H 7 -0.34 10.74 -34.15
CA PRO H 7 0.86 9.92 -33.87
C PRO H 7 1.65 9.68 -35.15
N LYS H 8 2.46 10.67 -35.53
CA LYS H 8 3.28 10.52 -36.73
C LYS H 8 4.39 9.51 -36.52
N PHE H 9 4.84 9.33 -35.27
CA PHE H 9 5.86 8.33 -34.98
C PHE H 9 5.31 6.90 -35.00
N SER H 10 4.00 6.74 -34.87
CA SER H 10 3.38 5.42 -34.78
C SER H 10 2.18 5.37 -35.74
N GLN H 11 2.38 4.73 -36.89
CA GLN H 11 1.30 4.60 -37.87
C GLN H 11 0.16 3.73 -37.33
N GLY H 12 0.49 2.71 -36.52
CA GLY H 12 -0.54 1.88 -35.92
C GLY H 12 -1.40 2.63 -34.92
N LEU H 13 -0.79 3.56 -34.18
CA LEU H 13 -1.56 4.37 -33.24
C LEU H 13 -2.48 5.34 -33.96
N ALA H 14 -2.07 5.83 -35.12
CA ALA H 14 -2.92 6.73 -35.91
C ALA H 14 -4.15 6.01 -36.46
N GLN H 15 -4.09 4.69 -36.62
CA GLN H 15 -5.23 3.92 -37.09
C GLN H 15 -6.25 3.66 -35.99
N ASP H 16 -5.93 3.98 -34.74
CA ASP H 16 -6.86 3.76 -33.64
C ASP H 16 -7.98 4.78 -33.69
N PRO H 17 -9.24 4.36 -33.81
CA PRO H 17 -10.34 5.33 -33.91
C PRO H 17 -10.93 5.77 -32.59
N SER H 18 -10.33 5.40 -31.46
CA SER H 18 -10.87 5.70 -30.16
C SER H 18 -10.10 6.84 -29.50
N THR H 19 -10.50 7.20 -28.28
CA THR H 19 -9.80 8.20 -27.50
C THR H 19 -8.48 7.68 -26.93
N ARG H 20 -8.25 6.37 -27.00
CA ARG H 20 -6.98 5.78 -26.57
C ARG H 20 -5.80 6.27 -27.41
N ARG H 21 -6.06 6.68 -28.66
CA ARG H 21 -4.99 7.15 -29.54
C ARG H 21 -4.31 8.40 -28.98
N ILE H 22 -5.11 9.34 -28.45
CA ILE H 22 -4.55 10.57 -27.91
C ILE H 22 -3.66 10.27 -26.71
N TRP H 23 -4.16 9.46 -25.78
CA TRP H 23 -3.42 9.16 -24.56
C TRP H 23 -2.16 8.36 -24.86
N TYR H 24 -2.24 7.41 -25.79
CA TYR H 24 -1.07 6.60 -26.12
C TYR H 24 -0.04 7.38 -26.91
N GLY H 25 -0.48 8.30 -27.78
CA GLY H 25 0.46 9.15 -28.48
C GLY H 25 1.17 10.13 -27.55
N LEU H 26 0.43 10.63 -26.55
CA LEU H 26 1.08 11.47 -25.54
C LEU H 26 2.03 10.66 -24.67
N ALA H 27 1.65 9.43 -24.32
CA ALA H 27 2.48 8.62 -23.44
C ALA H 27 3.71 8.08 -24.16
N THR H 28 3.54 7.60 -25.40
CA THR H 28 4.68 7.13 -26.18
C THR H 28 5.24 8.25 -27.06
N ALA H 29 5.51 9.39 -26.45
CA ALA H 29 6.00 10.54 -27.21
C ALA H 29 7.51 10.45 -27.43
N HIS H 30 8.26 10.03 -26.42
CA HIS H 30 9.72 9.96 -26.51
C HIS H 30 10.23 8.54 -26.33
N ASP H 31 9.40 7.55 -26.68
CA ASP H 31 9.85 6.16 -26.74
C ASP H 31 10.30 5.84 -28.17
N PHE H 32 11.48 6.36 -28.51
CA PHE H 32 11.96 6.30 -29.88
C PHE H 32 12.28 4.89 -30.32
N GLU H 33 12.57 3.99 -29.37
CA GLU H 33 12.91 2.62 -29.73
C GLU H 33 11.69 1.85 -30.27
N SER H 34 10.48 2.27 -29.91
CA SER H 34 9.27 1.64 -30.41
C SER H 34 8.62 2.43 -31.55
N HIS H 35 9.26 3.50 -32.01
CA HIS H 35 8.71 4.30 -33.10
C HIS H 35 8.85 3.57 -34.43
N ASP H 36 7.96 3.89 -35.36
CA ASP H 36 7.90 3.19 -36.64
C ASP H 36 9.01 3.63 -37.56
N GLY H 37 9.74 2.67 -38.12
CA GLY H 37 10.72 2.92 -39.16
C GLY H 37 11.89 3.80 -38.75
N MET H 38 12.46 3.54 -37.57
CA MET H 38 13.50 4.37 -36.99
C MET H 38 14.74 3.53 -36.72
N THR H 39 15.90 4.03 -37.15
CA THR H 39 17.15 3.30 -36.99
C THR H 39 17.86 3.73 -35.70
N GLU H 40 19.06 3.18 -35.49
CA GLU H 40 19.81 3.48 -34.27
C GLU H 40 20.42 4.88 -34.34
N GLU H 41 20.99 5.26 -35.49
CA GLU H 41 21.70 6.54 -35.60
C GLU H 41 20.74 7.72 -35.45
N ASN H 42 19.57 7.65 -36.10
CA ASN H 42 18.57 8.70 -35.95
C ASN H 42 18.05 8.76 -34.52
N LEU H 43 17.94 7.61 -33.86
CA LEU H 43 17.52 7.57 -32.46
C LEU H 43 18.54 8.27 -31.56
N TYR H 44 19.83 8.02 -31.79
CA TYR H 44 20.86 8.70 -31.01
C TYR H 44 20.87 10.19 -31.28
N GLN H 45 20.69 10.61 -32.54
CA GLN H 45 20.64 12.03 -32.86
C GLN H 45 19.43 12.70 -32.23
N LYS H 46 18.29 12.02 -32.23
CA LYS H 46 17.10 12.56 -31.57
C LYS H 46 17.32 12.71 -30.07
N ILE H 47 18.01 11.76 -29.44
CA ILE H 47 18.31 11.88 -28.02
C ILE H 47 19.27 13.04 -27.77
N PHE H 48 20.23 13.25 -28.67
CA PHE H 48 21.15 14.39 -28.55
C PHE H 48 20.39 15.71 -28.61
N ALA H 49 19.48 15.84 -29.57
CA ALA H 49 18.67 17.04 -29.68
C ALA H 49 17.75 17.22 -28.47
N SER H 50 17.23 16.12 -27.94
CA SER H 50 16.37 16.19 -26.76
C SER H 50 17.14 16.63 -25.53
N HIS H 51 18.39 16.16 -25.39
CA HIS H 51 19.23 16.58 -24.29
C HIS H 51 19.56 18.07 -24.41
N PHE H 52 19.80 18.54 -25.63
CA PHE H 52 19.95 19.98 -25.85
C PHE H 52 18.70 20.75 -25.46
N GLY H 53 17.52 20.18 -25.76
CA GLY H 53 16.27 20.82 -25.38
C GLY H 53 16.08 20.92 -23.88
N GLN H 54 16.41 19.84 -23.15
CA GLN H 54 16.32 19.89 -21.69
C GLN H 54 17.32 20.87 -21.11
N LEU H 55 18.52 20.97 -21.71
CA LEU H 55 19.49 21.98 -21.27
C LEU H 55 18.95 23.39 -21.48
N ALA H 56 18.34 23.65 -22.63
CA ALA H 56 17.77 24.97 -22.89
C ALA H 56 16.63 25.28 -21.94
N ILE H 57 15.80 24.27 -21.63
CA ILE H 57 14.70 24.46 -20.70
C ILE H 57 15.23 24.78 -19.29
N ILE H 58 16.27 24.06 -18.86
CA ILE H 58 16.85 24.30 -17.53
C ILE H 58 17.42 25.70 -17.44
N PHE H 59 18.15 26.12 -18.47
CA PHE H 59 18.76 27.44 -18.45
C PHE H 59 17.72 28.55 -18.54
N LEU H 60 16.65 28.33 -19.31
CA LEU H 60 15.55 29.29 -19.36
C LEU H 60 14.85 29.39 -18.01
N TRP H 61 14.66 28.25 -17.33
CA TRP H 61 14.01 28.25 -16.03
C TRP H 61 14.82 29.00 -14.97
N THR H 62 16.15 28.77 -14.95
CA THR H 62 16.94 29.49 -13.97
C THR H 62 17.10 30.96 -14.34
N SER H 63 17.10 31.29 -15.64
CA SER H 63 17.09 32.70 -16.04
C SER H 63 15.80 33.38 -15.58
N GLY H 64 14.68 32.66 -15.67
CA GLY H 64 13.43 33.21 -15.16
C GLY H 64 13.43 33.39 -13.65
N ASN H 65 14.07 32.46 -12.94
CA ASN H 65 14.21 32.62 -11.49
C ASN H 65 15.01 33.88 -11.14
N LEU H 66 16.13 34.09 -11.83
CA LEU H 66 16.91 35.33 -11.65
C LEU H 66 16.09 36.56 -12.00
N PHE H 67 15.36 36.51 -13.10
CA PHE H 67 14.59 37.67 -13.54
C PHE H 67 13.49 38.02 -12.54
N HIS H 68 12.78 37.01 -12.04
CA HIS H 68 11.68 37.27 -11.12
C HIS H 68 12.18 37.71 -9.75
N VAL H 69 13.32 37.18 -9.30
CA VAL H 69 13.91 37.64 -8.05
C VAL H 69 14.39 39.08 -8.18
N ALA H 70 15.05 39.41 -9.30
CA ALA H 70 15.52 40.78 -9.50
C ALA H 70 14.37 41.76 -9.68
N TRP H 71 13.25 41.29 -10.22
CA TRP H 71 12.12 42.19 -10.46
C TRP H 71 11.30 42.40 -9.20
N GLN H 72 10.71 41.35 -8.66
CA GLN H 72 9.72 41.49 -7.60
C GLN H 72 10.23 41.07 -6.23
N GLY H 73 11.50 40.69 -6.10
CA GLY H 73 12.05 40.26 -4.84
C GLY H 73 12.55 41.42 -3.99
N ASN H 74 13.08 41.06 -2.82
CA ASN H 74 13.65 42.03 -1.90
C ASN H 74 15.11 41.70 -1.65
N PHE H 75 15.86 41.47 -2.74
CA PHE H 75 17.24 40.99 -2.62
C PHE H 75 18.14 42.02 -1.96
N GLU H 76 17.95 43.31 -2.27
CA GLU H 76 18.73 44.36 -1.61
C GLU H 76 18.40 44.42 -0.12
N GLN H 77 17.12 44.36 0.23
CA GLN H 77 16.72 44.37 1.63
C GLN H 77 17.19 43.11 2.35
N TRP H 78 17.20 41.96 1.65
CA TRP H 78 17.75 40.75 2.23
C TRP H 78 19.24 40.87 2.45
N VAL H 79 19.95 41.54 1.53
CA VAL H 79 21.39 41.75 1.69
C VAL H 79 21.66 42.63 2.90
N THR H 80 20.87 43.69 3.09
CA THR H 80 21.06 44.56 4.24
C THR H 80 20.76 43.84 5.55
N ASP H 81 19.74 42.99 5.58
CA ASP H 81 19.36 42.27 6.79
C ASP H 81 18.87 40.87 6.42
N PRO H 82 19.77 39.88 6.45
CA PRO H 82 19.39 38.51 6.08
C PRO H 82 18.61 37.79 7.17
N ILE H 83 18.92 38.08 8.43
CA ILE H 83 18.29 37.38 9.54
C ILE H 83 16.85 37.84 9.76
N HIS H 84 16.50 39.04 9.31
CA HIS H 84 15.17 39.61 9.52
C HIS H 84 14.31 39.60 8.27
N VAL H 85 14.80 40.16 7.17
CA VAL H 85 14.01 40.27 5.95
C VAL H 85 13.87 38.90 5.32
N ARG H 86 12.64 38.54 4.93
CA ARG H 86 12.34 37.27 4.28
C ARG H 86 12.57 37.37 2.78
N PRO H 87 13.01 36.28 2.14
CA PRO H 87 13.12 36.27 0.68
C PRO H 87 11.75 36.30 0.02
N ILE H 88 11.72 36.84 -1.19
CA ILE H 88 10.49 36.94 -1.98
C ILE H 88 10.72 36.27 -3.33
N ALA H 89 9.84 35.34 -3.68
CA ALA H 89 9.99 34.60 -4.93
C ALA H 89 9.43 35.38 -6.12
N HIS H 90 8.12 35.62 -6.12
CA HIS H 90 7.48 36.36 -7.19
C HIS H 90 6.22 37.02 -6.66
N ALA H 91 5.82 38.10 -7.31
CA ALA H 91 4.59 38.78 -6.92
C ALA H 91 3.37 37.96 -7.32
N ILE H 92 2.26 38.20 -6.63
CA ILE H 92 1.02 37.49 -6.86
C ILE H 92 0.05 38.46 -7.52
N TRP H 93 -0.35 38.15 -8.76
CA TRP H 93 -1.41 38.88 -9.45
C TRP H 93 -2.50 37.87 -9.77
N ASP H 94 -3.42 37.70 -8.84
CA ASP H 94 -4.57 36.83 -9.02
C ASP H 94 -5.83 37.68 -8.98
N PRO H 95 -6.54 37.85 -10.11
CA PRO H 95 -7.77 38.65 -10.08
C PRO H 95 -8.89 38.05 -9.24
N HIS H 96 -8.84 36.75 -8.95
CA HIS H 96 -9.82 36.13 -8.07
C HIS H 96 -9.54 36.41 -6.60
N PHE H 97 -8.42 37.04 -6.27
CA PHE H 97 -8.12 37.40 -4.89
C PHE H 97 -9.10 38.45 -4.37
N GLY H 98 -9.39 38.36 -3.07
CA GLY H 98 -10.19 39.37 -2.41
C GLY H 98 -9.34 40.47 -1.81
N GLN H 99 -10.02 41.45 -1.23
CA GLN H 99 -9.32 42.54 -0.55
C GLN H 99 -8.51 42.06 0.65
N PRO H 100 -9.01 41.20 1.56
CA PRO H 100 -8.10 40.65 2.59
C PRO H 100 -7.00 39.78 2.02
N ALA H 101 -7.23 39.12 0.88
CA ALA H 101 -6.23 38.23 0.32
C ALA H 101 -5.00 39.00 -0.17
N VAL H 102 -5.23 40.16 -0.81
CA VAL H 102 -4.12 41.03 -1.18
C VAL H 102 -3.40 41.54 0.07
N GLU H 103 -4.17 41.90 1.10
CA GLU H 103 -3.57 42.46 2.32
C GLU H 103 -2.78 41.42 3.10
N ALA H 104 -3.06 40.13 2.90
CA ALA H 104 -2.43 39.08 3.68
C ALA H 104 -1.21 38.47 3.01
N PHE H 105 -0.77 39.03 1.88
CA PHE H 105 0.39 38.49 1.16
C PHE H 105 1.42 39.56 0.83
N THR H 106 1.39 40.71 1.49
CA THR H 106 2.41 41.73 1.29
C THR H 106 3.54 41.58 2.31
N ARG H 107 4.11 40.38 2.37
CA ARG H 107 5.15 40.07 3.35
C ARG H 107 6.51 40.56 2.84
N GLY H 108 7.48 40.56 3.75
CA GLY H 108 8.83 40.96 3.39
C GLY H 108 9.02 42.42 3.13
N GLY H 109 8.15 43.28 3.64
CA GLY H 109 8.25 44.71 3.41
C GLY H 109 8.00 45.12 1.97
N ALA H 110 7.06 44.47 1.30
CA ALA H 110 6.73 44.76 -0.09
C ALA H 110 5.40 45.51 -0.16
N SER H 111 5.06 45.96 -1.37
CA SER H 111 3.84 46.72 -1.59
C SER H 111 2.68 45.82 -2.00
N GLY H 112 2.83 45.08 -3.10
CA GLY H 112 1.79 44.22 -3.57
C GLY H 112 1.84 42.84 -2.95
N PRO H 113 0.96 41.96 -3.41
CA PRO H 113 0.95 40.57 -2.93
C PRO H 113 2.17 39.83 -3.46
N VAL H 114 3.00 39.30 -2.56
CA VAL H 114 4.22 38.62 -2.92
C VAL H 114 4.27 37.26 -2.24
N ASN H 115 5.11 36.39 -2.77
CA ASN H 115 5.25 35.03 -2.27
C ASN H 115 6.64 34.85 -1.67
N ILE H 116 6.69 34.34 -0.45
CA ILE H 116 7.94 34.21 0.27
C ILE H 116 8.76 33.07 -0.31
N ALA H 117 10.02 33.36 -0.66
CA ALA H 117 10.87 32.39 -1.33
C ALA H 117 11.54 31.48 -0.31
N THR H 118 11.36 30.17 -0.47
CA THR H 118 12.02 29.16 0.34
C THR H 118 12.89 28.24 -0.52
N SER H 119 13.29 28.71 -1.70
CA SER H 119 14.12 27.94 -2.60
C SER H 119 15.60 28.02 -2.27
N GLY H 120 16.01 28.96 -1.42
CA GLY H 120 17.39 29.07 -1.02
C GLY H 120 18.27 29.88 -1.94
N VAL H 121 17.70 30.48 -2.99
CA VAL H 121 18.53 31.23 -3.93
C VAL H 121 19.06 32.52 -3.34
N TYR H 122 18.39 33.08 -2.32
CA TYR H 122 18.86 34.32 -1.72
C TYR H 122 20.17 34.10 -0.98
N GLN H 123 20.23 33.06 -0.14
CA GLN H 123 21.46 32.74 0.57
C GLN H 123 22.57 32.35 -0.38
N TRP H 124 22.23 31.56 -1.41
CA TRP H 124 23.22 31.12 -2.38
C TRP H 124 23.80 32.30 -3.16
N TRP H 125 22.96 33.23 -3.58
CA TRP H 125 23.45 34.36 -4.36
C TRP H 125 24.16 35.38 -3.49
N TYR H 126 23.77 35.50 -2.21
CA TYR H 126 24.53 36.35 -1.30
C TYR H 126 25.90 35.75 -0.99
N THR H 127 26.01 34.43 -1.00
CA THR H 127 27.28 33.80 -0.71
C THR H 127 28.27 33.92 -1.86
N ILE H 128 27.77 33.92 -3.11
CA ILE H 128 28.65 33.89 -4.28
C ILE H 128 28.94 35.30 -4.78
N GLY H 129 28.54 36.31 -4.01
CA GLY H 129 28.91 37.68 -4.29
C GLY H 129 27.85 38.52 -4.98
N LEU H 130 26.73 37.94 -5.38
CA LEU H 130 25.66 38.73 -5.97
C LEU H 130 25.00 39.58 -4.89
N ARG H 131 24.98 40.90 -5.11
CA ARG H 131 24.50 41.83 -4.10
C ARG H 131 23.30 42.64 -4.56
N SER H 132 23.34 43.18 -5.77
CA SER H 132 22.26 44.02 -6.28
C SER H 132 21.40 43.26 -7.27
N ASN H 133 20.20 43.80 -7.53
CA ASN H 133 19.31 43.20 -8.51
C ASN H 133 19.78 43.46 -9.94
N GLN H 134 20.68 44.44 -10.13
CA GLN H 134 21.27 44.66 -11.45
C GLN H 134 22.08 43.44 -11.89
N GLU H 135 22.88 42.89 -10.97
CA GLU H 135 23.67 41.70 -11.29
C GLU H 135 22.78 40.49 -11.52
N LEU H 136 21.67 40.37 -10.79
CA LEU H 136 20.73 39.29 -11.04
C LEU H 136 20.05 39.45 -12.40
N TYR H 137 19.76 40.69 -12.80
CA TYR H 137 19.21 40.95 -14.12
C TYR H 137 20.19 40.56 -15.22
N VAL H 138 21.47 40.90 -15.04
CA VAL H 138 22.50 40.54 -16.01
C VAL H 138 22.66 39.03 -16.07
N SER H 139 22.60 38.36 -14.92
CA SER H 139 22.65 36.90 -14.89
C SER H 139 21.46 36.29 -15.62
N SER H 140 20.27 36.87 -15.44
CA SER H 140 19.08 36.36 -16.11
C SER H 140 19.19 36.50 -17.63
N VAL H 141 19.64 37.66 -18.10
CA VAL H 141 19.74 37.83 -19.55
C VAL H 141 20.85 36.98 -20.14
N PHE H 142 21.95 36.77 -19.40
CA PHE H 142 23.01 35.90 -19.89
C PHE H 142 22.55 34.44 -19.94
N LEU H 143 21.80 34.00 -18.93
CA LEU H 143 21.31 32.62 -18.94
C LEU H 143 20.26 32.41 -20.01
N ALA H 144 19.45 33.43 -20.31
CA ALA H 144 18.55 33.35 -21.46
C ALA H 144 19.33 33.27 -22.76
N LEU H 145 20.44 34.01 -22.86
CA LEU H 145 21.27 33.97 -24.05
C LEU H 145 21.89 32.59 -24.25
N VAL H 146 22.38 31.97 -23.18
CA VAL H 146 23.01 30.66 -23.33
C VAL H 146 21.94 29.60 -23.55
N SER H 147 20.71 29.81 -23.04
CA SER H 147 19.61 28.93 -23.38
C SER H 147 19.28 29.00 -24.87
N ALA H 148 19.29 30.21 -25.44
CA ALA H 148 19.09 30.34 -26.89
C ALA H 148 20.24 29.71 -27.66
N VAL H 149 21.47 29.81 -27.13
CA VAL H 149 22.62 29.17 -27.76
C VAL H 149 22.45 27.66 -27.78
N PHE H 150 21.98 27.09 -26.67
CA PHE H 150 21.74 25.65 -26.62
C PHE H 150 20.59 25.24 -27.54
N LEU H 151 19.58 26.11 -27.67
CA LEU H 151 18.52 25.88 -28.66
C LEU H 151 19.09 25.79 -30.07
N PHE H 152 19.92 26.75 -30.45
CA PHE H 152 20.46 26.79 -31.80
C PHE H 152 21.41 25.61 -32.03
N ALA H 153 22.15 25.22 -30.99
CA ALA H 153 23.04 24.06 -31.10
C ALA H 153 22.26 22.77 -31.24
N GLY H 154 21.13 22.65 -30.53
CA GLY H 154 20.27 21.48 -30.71
C GLY H 154 19.67 21.42 -32.09
N TRP H 155 19.31 22.58 -32.64
CA TRP H 155 18.91 22.60 -34.05
C TRP H 155 20.10 22.35 -34.97
N LEU H 156 21.31 22.77 -34.56
CA LEU H 156 22.48 22.63 -35.42
C LEU H 156 22.82 21.17 -35.67
N HIS H 157 22.68 20.31 -34.66
CA HIS H 157 22.98 18.89 -34.82
C HIS H 157 21.75 18.10 -35.23
N LEU H 158 21.05 18.61 -36.24
CA LEU H 158 19.98 17.89 -36.91
C LEU H 158 20.02 18.02 -38.42
N GLN H 159 20.82 18.94 -38.96
CA GLN H 159 20.97 19.21 -40.38
C GLN H 159 22.04 18.31 -40.99
N PRO H 160 21.98 18.07 -42.30
CA PRO H 160 23.05 17.30 -42.96
C PRO H 160 24.38 18.02 -42.90
N ASN H 161 25.45 17.23 -42.93
CA ASN H 161 26.86 17.58 -42.73
C ASN H 161 27.10 18.01 -41.29
N PHE H 162 26.11 17.91 -40.41
CA PHE H 162 26.26 18.26 -39.02
C PHE H 162 25.67 17.21 -38.07
N GLN H 163 24.93 16.24 -38.59
CA GLN H 163 24.39 15.17 -37.76
C GLN H 163 25.50 14.20 -37.40
N PRO H 164 25.82 14.02 -36.12
CA PRO H 164 26.89 13.09 -35.76
C PRO H 164 26.52 11.65 -36.06
N SER H 165 27.54 10.86 -36.38
CA SER H 165 27.35 9.46 -36.74
C SER H 165 27.04 8.63 -35.51
N LEU H 166 26.64 7.37 -35.76
CA LEU H 166 26.36 6.45 -34.67
C LEU H 166 27.62 6.14 -33.86
N SER H 167 28.75 5.96 -34.55
CA SER H 167 30.00 5.64 -33.88
C SER H 167 30.54 6.81 -33.06
N TRP H 168 30.16 8.05 -33.40
CA TRP H 168 30.56 9.19 -32.60
C TRP H 168 29.95 9.14 -31.21
N PHE H 169 28.69 8.71 -31.11
CA PHE H 169 28.05 8.56 -29.80
C PHE H 169 28.66 7.41 -29.02
N LYS H 170 29.06 6.34 -29.70
CA LYS H 170 29.60 5.15 -29.04
C LYS H 170 31.06 5.30 -28.64
N ASP H 171 31.69 6.43 -28.95
CA ASP H 171 33.06 6.70 -28.50
C ASP H 171 33.03 6.93 -27.00
N ALA H 172 33.38 5.90 -26.24
CA ALA H 172 33.23 5.97 -24.80
C ALA H 172 34.42 6.62 -24.12
N GLU H 173 35.64 6.22 -24.51
CA GLU H 173 36.85 6.68 -23.83
C GLU H 173 37.05 8.17 -23.99
N SER H 174 36.87 8.69 -25.21
CA SER H 174 37.05 10.12 -25.44
C SER H 174 35.95 10.94 -24.78
N ARG H 175 34.71 10.42 -24.76
CA ARG H 175 33.62 11.10 -24.07
C ARG H 175 33.91 11.23 -22.58
N LEU H 176 34.33 10.12 -21.96
CA LEU H 176 34.63 10.15 -20.53
C LEU H 176 35.83 11.05 -20.23
N ASN H 177 36.87 10.99 -21.07
CA ASN H 177 38.04 11.86 -20.92
C ASN H 177 37.64 13.33 -20.96
N HIS H 178 36.91 13.72 -22.01
CA HIS H 178 36.54 15.11 -22.21
C HIS H 178 35.60 15.61 -21.11
N HIS H 179 34.60 14.80 -20.75
CA HIS H 179 33.64 15.25 -19.75
C HIS H 179 34.29 15.34 -18.37
N LEU H 180 35.12 14.36 -17.99
CA LEU H 180 35.80 14.41 -16.71
C LEU H 180 36.83 15.52 -16.66
N ALA H 181 37.44 15.88 -17.79
CA ALA H 181 38.48 16.90 -17.77
C ALA H 181 37.90 18.31 -17.82
N GLY H 182 36.94 18.55 -18.71
CA GLY H 182 36.38 19.88 -18.89
C GLY H 182 35.06 20.12 -18.19
N LEU H 183 34.12 19.17 -18.31
CA LEU H 183 32.80 19.36 -17.73
C LEU H 183 32.85 19.34 -16.20
N PHE H 184 33.85 18.69 -15.63
CA PHE H 184 34.04 18.64 -14.18
C PHE H 184 35.26 19.46 -13.77
N GLY H 185 36.42 19.14 -14.33
CA GLY H 185 37.68 19.73 -13.91
C GLY H 185 37.82 21.21 -14.17
N VAL H 186 37.87 21.62 -15.44
CA VAL H 186 38.05 23.03 -15.74
C VAL H 186 36.81 23.84 -15.39
N SER H 187 35.64 23.20 -15.31
CA SER H 187 34.45 23.88 -14.82
C SER H 187 34.58 24.23 -13.33
N SER H 188 35.07 23.27 -12.53
CA SER H 188 35.33 23.55 -11.13
C SER H 188 36.47 24.55 -10.96
N LEU H 189 37.44 24.53 -11.87
CA LEU H 189 38.51 25.51 -11.84
C LEU H 189 37.98 26.92 -12.10
N ALA H 190 37.08 27.05 -13.08
CA ALA H 190 36.45 28.34 -13.32
C ALA H 190 35.59 28.77 -12.13
N TRP H 191 34.93 27.81 -11.48
CA TRP H 191 34.11 28.16 -10.33
C TRP H 191 34.95 28.63 -9.16
N THR H 192 36.06 27.96 -8.87
CA THR H 192 36.90 28.42 -7.75
C THR H 192 37.62 29.70 -8.11
N GLY H 193 37.91 29.93 -9.39
CA GLY H 193 38.42 31.23 -9.80
C GLY H 193 37.41 32.34 -9.57
N HIS H 194 36.15 32.09 -9.91
CA HIS H 194 35.10 33.06 -9.62
C HIS H 194 34.95 33.29 -8.13
N LEU H 195 35.01 32.21 -7.33
CA LEU H 195 34.92 32.34 -5.89
C LEU H 195 36.02 33.25 -5.34
N VAL H 196 37.27 32.95 -5.71
CA VAL H 196 38.42 33.71 -5.22
C VAL H 196 38.36 35.17 -5.69
N HIS H 197 37.96 35.39 -6.94
CA HIS H 197 37.98 36.75 -7.48
C HIS H 197 36.84 37.60 -6.94
N VAL H 198 35.65 37.04 -6.82
CA VAL H 198 34.44 37.81 -6.54
C VAL H 198 33.94 37.58 -5.11
N ALA H 199 33.68 36.33 -4.75
CA ALA H 199 32.93 36.06 -3.52
C ALA H 199 33.80 36.32 -2.29
N ILE H 200 35.08 35.97 -2.36
CA ILE H 200 35.98 36.24 -1.24
C ILE H 200 36.14 37.74 -0.95
N PRO H 201 36.35 38.62 -1.94
CA PRO H 201 36.36 40.05 -1.60
C PRO H 201 34.98 40.61 -1.30
N GLU H 202 33.91 40.10 -1.93
CA GLU H 202 32.59 40.66 -1.68
C GLU H 202 32.10 40.34 -0.28
N SER H 203 32.56 39.22 0.30
CA SER H 203 32.26 38.92 1.69
C SER H 203 33.07 39.77 2.66
N ARG H 204 34.08 40.49 2.18
CA ARG H 204 34.93 41.34 3.01
C ARG H 204 34.81 42.81 2.62
N GLY H 205 33.63 43.22 2.16
CA GLY H 205 33.37 44.62 1.88
C GLY H 205 34.06 45.18 0.67
N GLN H 206 34.62 44.34 -0.19
CA GLN H 206 35.32 44.77 -1.39
C GLN H 206 34.48 44.37 -2.60
N HIS H 207 33.83 45.34 -3.23
CA HIS H 207 32.98 45.05 -4.38
C HIS H 207 33.85 44.72 -5.59
N VAL H 208 33.65 43.55 -6.16
CA VAL H 208 34.35 43.11 -7.36
C VAL H 208 33.32 42.91 -8.46
N GLY H 209 33.47 43.67 -9.54
CA GLY H 209 32.56 43.58 -10.66
C GLY H 209 33.31 43.50 -11.98
N TRP H 210 32.59 43.60 -13.10
CA TRP H 210 33.24 43.55 -14.40
C TRP H 210 34.10 44.78 -14.67
N ASP H 211 33.79 45.91 -14.03
CA ASP H 211 34.52 47.13 -14.30
C ASP H 211 35.89 47.15 -13.62
N ASN H 212 36.06 46.45 -12.51
CA ASN H 212 37.26 46.61 -11.69
C ASN H 212 37.92 45.30 -11.25
N PHE H 213 37.50 44.15 -11.79
CA PHE H 213 38.14 42.91 -11.37
C PHE H 213 39.53 42.75 -11.98
N LEU H 214 39.81 43.42 -13.08
CA LEU H 214 41.16 43.42 -13.64
C LEU H 214 42.06 44.42 -12.93
N SER H 215 41.49 45.34 -12.16
CA SER H 215 42.28 46.32 -11.42
C SER H 215 42.50 45.93 -9.97
N VAL H 216 41.64 45.11 -9.39
CA VAL H 216 41.83 44.61 -8.04
C VAL H 216 42.55 43.28 -8.10
N LEU H 217 43.17 42.91 -6.98
CA LEU H 217 43.91 41.67 -6.91
C LEU H 217 43.31 40.75 -5.85
N PRO H 218 43.18 39.46 -6.15
CA PRO H 218 42.54 38.55 -5.18
C PRO H 218 43.38 38.32 -3.94
N HIS H 219 44.69 38.16 -4.09
CA HIS H 219 45.58 37.99 -2.98
C HIS H 219 46.68 39.05 -3.01
N PRO H 220 47.09 39.58 -1.86
CA PRO H 220 48.12 40.63 -1.85
C PRO H 220 49.47 40.18 -2.39
N GLN H 221 49.76 38.88 -2.38
CA GLN H 221 51.00 38.41 -2.99
C GLN H 221 50.92 38.42 -4.51
N GLY H 222 49.74 38.16 -5.07
CA GLY H 222 49.53 38.28 -6.50
C GLY H 222 50.20 37.22 -7.35
N LEU H 223 49.74 35.97 -7.23
CA LEU H 223 50.11 34.83 -8.10
C LEU H 223 51.56 34.38 -7.94
N THR H 224 52.36 35.12 -7.16
CA THR H 224 53.70 34.66 -6.83
C THR H 224 53.71 33.33 -6.07
N PRO H 225 52.80 33.05 -5.12
CA PRO H 225 52.73 31.68 -4.58
C PRO H 225 52.45 30.61 -5.62
N PHE H 226 51.65 30.91 -6.64
CA PHE H 226 51.24 29.86 -7.58
C PHE H 226 52.40 29.41 -8.46
N TRP H 227 53.15 30.35 -9.04
CA TRP H 227 54.28 29.97 -9.89
C TRP H 227 55.42 29.42 -9.05
N SER H 228 55.64 29.97 -7.87
CA SER H 228 56.60 29.41 -6.92
C SER H 228 55.94 28.25 -6.18
N GLY H 229 56.56 27.80 -5.09
CA GLY H 229 55.99 26.70 -4.34
C GLY H 229 55.26 27.11 -3.08
N ASN H 230 55.35 28.40 -2.71
CA ASN H 230 54.88 28.87 -1.41
C ASN H 230 53.37 29.04 -1.37
N TRP H 231 52.66 27.91 -1.53
CA TRP H 231 51.20 27.93 -1.54
C TRP H 231 50.59 28.26 -0.18
N ALA H 232 51.37 28.21 0.89
CA ALA H 232 50.85 28.53 2.22
C ALA H 232 50.67 30.03 2.44
N ALA H 233 51.16 30.87 1.53
CA ALA H 233 50.89 32.30 1.64
C ALA H 233 49.42 32.61 1.44
N TYR H 234 48.71 31.78 0.66
CA TYR H 234 47.27 31.93 0.53
C TYR H 234 46.56 31.61 1.84
N ALA H 235 47.02 30.60 2.56
CA ALA H 235 46.48 30.25 3.87
C ALA H 235 47.33 30.86 4.99
N GLN H 236 47.35 32.19 5.02
CA GLN H 236 48.14 32.92 6.00
C GLN H 236 47.30 33.73 6.96
N ASN H 237 46.36 34.52 6.47
CA ASN H 237 45.52 35.38 7.31
C ASN H 237 44.07 35.14 6.98
N PRO H 238 43.47 34.09 7.54
CA PRO H 238 42.05 33.81 7.29
C PRO H 238 41.15 34.76 8.07
N ASP H 239 39.86 34.70 7.75
CA ASP H 239 38.88 35.51 8.45
C ASP H 239 38.75 35.07 9.89
N THR H 240 38.68 36.04 10.80
CA THR H 240 38.61 35.75 12.22
C THR H 240 37.19 35.35 12.61
N ALA H 241 37.02 34.98 13.88
CA ALA H 241 35.70 34.61 14.37
C ALA H 241 34.75 35.79 14.38
N SER H 242 35.24 36.98 14.76
CA SER H 242 34.42 38.19 14.80
C SER H 242 34.51 38.89 13.44
N HIS H 243 33.89 38.25 12.44
CA HIS H 243 33.87 38.77 11.08
C HIS H 243 32.44 38.82 10.57
N ALA H 244 32.11 39.89 9.87
CA ALA H 244 30.80 40.08 9.26
C ALA H 244 30.89 39.79 7.77
N PHE H 245 29.87 39.11 7.24
CA PHE H 245 29.86 38.71 5.85
C PHE H 245 29.63 39.86 4.88
N GLY H 246 29.28 41.04 5.37
CA GLY H 246 29.04 42.16 4.49
C GLY H 246 30.16 43.19 4.52
N THR H 247 30.82 43.33 5.66
CA THR H 247 31.86 44.32 5.87
C THR H 247 33.22 43.64 6.01
N ALA H 248 34.24 44.44 6.32
CA ALA H 248 35.60 43.94 6.54
C ALA H 248 36.01 44.07 8.00
N ASP H 249 35.05 43.90 8.92
CA ASP H 249 35.33 44.05 10.34
C ASP H 249 36.03 42.79 10.84
N GLY H 250 37.30 42.92 11.20
CA GLY H 250 38.07 41.80 11.70
C GLY H 250 38.30 40.71 10.66
N SER H 251 38.55 41.10 9.42
CA SER H 251 38.75 40.16 8.33
C SER H 251 40.23 39.95 8.04
N GLY H 252 40.52 39.02 7.13
CA GLY H 252 41.87 38.72 6.75
C GLY H 252 41.98 38.54 5.24
N THR H 253 43.22 38.47 4.77
CA THR H 253 43.50 38.34 3.34
C THR H 253 43.94 36.90 3.06
N ALA H 254 42.94 36.05 2.83
CA ALA H 254 43.18 34.64 2.49
C ALA H 254 42.17 34.21 1.44
N ILE H 255 42.65 33.54 0.40
CA ILE H 255 41.78 33.07 -0.66
C ILE H 255 41.57 31.56 -0.60
N LEU H 256 42.53 30.79 -0.10
CA LEU H 256 42.39 29.35 0.06
C LEU H 256 42.83 28.99 1.46
N THR H 257 41.90 28.45 2.25
CA THR H 257 42.19 28.07 3.64
C THR H 257 41.33 26.86 3.95
N PHE H 258 41.72 26.10 4.97
CA PHE H 258 41.05 24.87 5.36
C PHE H 258 40.75 24.88 6.86
N LEU H 259 40.11 25.96 7.34
CA LEU H 259 39.75 26.05 8.75
C LEU H 259 38.77 24.96 9.15
N GLY H 260 37.79 24.68 8.29
CA GLY H 260 36.75 23.72 8.61
C GLY H 260 35.69 24.33 9.51
N GLY H 261 34.71 23.51 9.85
CA GLY H 261 33.63 23.97 10.69
C GLY H 261 32.70 24.93 9.96
N PHE H 262 32.18 25.90 10.71
CA PHE H 262 31.24 26.87 10.18
C PHE H 262 31.67 28.28 10.56
N HIS H 263 31.17 29.25 9.80
CA HIS H 263 31.39 30.64 10.13
C HIS H 263 30.64 30.98 11.42
N PRO H 264 31.28 31.66 12.38
CA PRO H 264 30.60 31.97 13.65
C PRO H 264 29.41 32.90 13.50
N GLN H 265 29.33 33.68 12.43
CA GLN H 265 28.23 34.62 12.23
C GLN H 265 27.15 34.09 11.30
N THR H 266 27.55 33.58 10.13
CA THR H 266 26.60 33.11 9.14
C THR H 266 26.18 31.66 9.32
N GLN H 267 26.84 30.94 10.24
CA GLN H 267 26.59 29.50 10.48
C GLN H 267 26.71 28.69 9.20
N SER H 268 27.73 29.01 8.40
CA SER H 268 27.94 28.36 7.11
C SER H 268 29.42 28.08 6.92
N LEU H 269 29.71 27.24 5.94
CA LEU H 269 31.09 26.89 5.63
C LEU H 269 31.84 28.11 5.11
N TRP H 270 33.15 28.15 5.39
CA TRP H 270 33.98 29.27 5.00
C TRP H 270 34.12 29.33 3.48
N LEU H 271 34.23 30.56 2.96
CA LEU H 271 34.38 30.75 1.52
C LEU H 271 35.72 30.22 1.03
N SER H 272 36.79 30.41 1.82
CA SER H 272 38.09 29.86 1.45
C SER H 272 38.11 28.35 1.53
N ASP H 273 37.30 27.76 2.42
CA ASP H 273 37.19 26.31 2.50
C ASP H 273 36.66 25.73 1.20
N MET H 274 35.53 26.25 0.71
CA MET H 274 34.99 25.77 -0.55
C MET H 274 35.83 26.22 -1.74
N ALA H 275 36.60 27.31 -1.60
CA ALA H 275 37.52 27.70 -2.67
C ALA H 275 38.61 26.66 -2.86
N HIS H 276 39.29 26.28 -1.77
CA HIS H 276 40.30 25.22 -1.86
C HIS H 276 39.65 23.89 -2.22
N HIS H 277 38.41 23.66 -1.79
CA HIS H 277 37.70 22.44 -2.14
C HIS H 277 37.51 22.32 -3.65
N HIS H 278 36.97 23.36 -4.26
CA HIS H 278 36.72 23.32 -5.70
C HIS H 278 38.01 23.35 -6.49
N LEU H 279 39.05 24.02 -5.96
CA LEU H 279 40.35 23.97 -6.64
C LEU H 279 40.95 22.58 -6.63
N ALA H 280 40.91 21.90 -5.48
CA ALA H 280 41.43 20.54 -5.38
C ALA H 280 40.61 19.57 -6.23
N ILE H 281 39.28 19.74 -6.23
CA ILE H 281 38.42 18.91 -7.05
C ILE H 281 38.72 19.14 -8.53
N ALA H 282 38.95 20.40 -8.91
CA ALA H 282 39.31 20.73 -10.29
C ALA H 282 40.62 20.06 -10.70
N VAL H 283 41.64 20.15 -9.85
CA VAL H 283 42.94 19.58 -10.18
C VAL H 283 42.84 18.06 -10.28
N LEU H 284 42.14 17.43 -9.33
CA LEU H 284 42.00 15.97 -9.34
C LEU H 284 41.18 15.49 -10.53
N PHE H 285 40.16 16.25 -10.93
CA PHE H 285 39.34 15.83 -12.07
C PHE H 285 40.03 16.08 -13.40
N ILE H 286 40.84 17.13 -13.50
CA ILE H 286 41.62 17.33 -14.72
C ILE H 286 42.69 16.24 -14.84
N VAL H 287 43.30 15.86 -13.72
CA VAL H 287 44.27 14.76 -13.73
C VAL H 287 43.59 13.45 -14.12
N ALA H 288 42.43 13.18 -13.52
CA ALA H 288 41.69 11.96 -13.84
C ALA H 288 41.09 11.99 -15.23
N GLY H 289 40.91 13.17 -15.81
CA GLY H 289 40.41 13.26 -17.17
C GLY H 289 41.41 12.89 -18.25
N HIS H 290 42.69 12.79 -17.91
CA HIS H 290 43.72 12.32 -18.82
C HIS H 290 44.01 10.84 -18.62
N MET H 291 42.99 9.98 -18.67
CA MET H 291 43.19 8.57 -18.37
C MET H 291 42.81 7.66 -19.53
N TYR H 292 41.66 7.88 -20.15
CA TYR H 292 41.17 6.96 -21.17
C TYR H 292 41.83 7.24 -22.52
N ARG H 293 41.76 6.24 -23.40
CA ARG H 293 42.54 6.27 -24.63
C ARG H 293 41.85 7.09 -25.71
N THR H 294 42.62 7.94 -26.37
CA THR H 294 42.13 8.80 -27.44
C THR H 294 43.04 8.57 -28.65
N ASN H 295 43.00 9.50 -29.60
CA ASN H 295 43.78 9.39 -30.84
C ASN H 295 45.27 9.26 -30.58
N PHE H 296 45.76 9.78 -29.45
CA PHE H 296 47.17 9.62 -29.09
C PHE H 296 47.44 8.21 -28.60
N GLY H 297 48.73 7.86 -28.53
CA GLY H 297 49.12 6.51 -28.20
C GLY H 297 48.89 6.11 -26.76
N ILE H 298 48.81 7.07 -25.85
CA ILE H 298 48.64 6.78 -24.44
C ILE H 298 47.15 6.74 -24.11
N GLY H 299 46.82 6.13 -22.97
CA GLY H 299 45.46 6.12 -22.46
C GLY H 299 45.04 4.73 -22.04
N HIS H 300 43.78 4.64 -21.62
CA HIS H 300 43.18 3.40 -21.15
C HIS H 300 41.99 3.04 -22.03
N ARG H 301 41.87 1.75 -22.36
CA ARG H 301 40.73 1.24 -23.11
C ARG H 301 39.75 0.57 -22.16
N LEU H 302 38.48 0.95 -22.25
CA LEU H 302 37.48 0.43 -21.33
C LEU H 302 37.21 -1.06 -21.53
N GLU H 303 37.20 -1.49 -22.80
CA GLU H 303 37.01 -2.91 -23.09
C GLU H 303 38.16 -3.75 -22.55
N ALA H 304 39.38 -3.24 -22.64
CA ALA H 304 40.54 -3.97 -22.12
C ALA H 304 40.47 -4.10 -20.61
N ILE H 305 40.07 -3.03 -19.91
CA ILE H 305 39.94 -3.09 -18.46
C ILE H 305 38.81 -4.03 -18.06
N LEU H 306 37.71 -4.03 -18.81
CA LEU H 306 36.58 -4.90 -18.48
C LEU H 306 36.92 -6.37 -18.70
N GLU H 307 37.57 -6.69 -19.82
CA GLU H 307 37.94 -8.08 -20.09
C GLU H 307 39.08 -8.55 -19.22
N ALA H 308 39.95 -7.64 -18.77
CA ALA H 308 41.08 -8.05 -17.95
C ALA H 308 40.68 -8.38 -16.52
N HIS H 309 39.67 -7.69 -15.98
CA HIS H 309 39.25 -7.89 -14.60
C HIS H 309 38.31 -9.09 -14.50
N THR H 310 38.89 -10.27 -14.72
CA THR H 310 38.21 -11.54 -14.52
C THR H 310 38.97 -12.32 -13.45
N PRO H 311 38.40 -12.51 -12.26
CA PRO H 311 39.18 -13.09 -11.16
C PRO H 311 39.47 -14.55 -11.43
N PRO H 312 40.58 -15.06 -10.91
CA PRO H 312 40.92 -16.48 -11.11
C PRO H 312 40.01 -17.39 -10.31
N ALA H 313 40.11 -18.68 -10.62
CA ALA H 313 39.34 -19.78 -10.02
C ALA H 313 37.83 -19.63 -10.24
N GLY H 314 37.41 -18.85 -11.23
CA GLY H 314 35.99 -18.74 -11.53
C GLY H 314 35.18 -18.07 -10.44
N GLY H 315 35.71 -17.02 -9.83
CA GLY H 315 34.98 -16.33 -8.79
C GLY H 315 33.74 -15.63 -9.31
N LEU H 316 33.87 -14.96 -10.45
CA LEU H 316 32.74 -14.32 -11.12
C LEU H 316 32.50 -14.93 -12.50
N GLY H 317 32.91 -16.18 -12.69
CA GLY H 317 32.77 -16.84 -13.97
C GLY H 317 33.66 -16.23 -15.04
N ALA H 318 33.06 -15.56 -16.01
CA ALA H 318 33.80 -14.83 -17.02
C ALA H 318 34.18 -13.43 -16.57
N GLY H 319 33.79 -13.03 -15.37
CA GLY H 319 34.09 -11.69 -14.91
C GLY H 319 33.26 -10.65 -15.63
N HIS H 320 33.91 -9.56 -16.02
CA HIS H 320 33.27 -8.49 -16.78
C HIS H 320 33.52 -8.64 -18.28
N LYS H 321 33.72 -9.86 -18.76
CA LYS H 321 33.98 -10.10 -20.17
C LYS H 321 32.70 -9.90 -20.98
N GLY H 322 32.83 -9.19 -22.10
CA GLY H 322 31.68 -8.93 -22.95
C GLY H 322 30.73 -7.88 -22.43
N LEU H 323 31.13 -7.12 -21.41
CA LEU H 323 30.28 -6.11 -20.82
C LEU H 323 30.40 -4.75 -21.49
N PHE H 324 31.52 -4.47 -22.16
CA PHE H 324 31.69 -3.19 -22.82
C PHE H 324 30.67 -2.99 -23.93
N HIS H 325 30.48 -4.02 -24.76
CA HIS H 325 29.48 -3.94 -25.82
C HIS H 325 28.07 -3.94 -25.24
N THR H 326 27.86 -4.62 -24.10
CA THR H 326 26.55 -4.61 -23.46
C THR H 326 26.19 -3.21 -22.96
N VAL H 327 27.13 -2.51 -22.33
CA VAL H 327 26.85 -1.16 -21.85
C VAL H 327 26.75 -0.19 -23.02
N ASN H 328 27.62 -0.32 -24.02
CA ASN H 328 27.65 0.65 -25.11
C ASN H 328 26.44 0.51 -26.03
N ASN H 329 26.07 -0.72 -26.38
CA ASN H 329 24.96 -0.93 -27.31
C ASN H 329 23.62 -0.61 -26.66
N SER H 330 23.47 -0.89 -25.37
CA SER H 330 22.21 -0.66 -24.67
C SER H 330 22.23 0.74 -24.07
N LEU H 331 21.37 1.61 -24.58
CA LEU H 331 21.24 2.96 -24.02
C LEU H 331 20.54 2.93 -22.67
N HIS H 332 19.69 1.93 -22.43
CA HIS H 332 18.99 1.84 -21.16
C HIS H 332 19.93 1.47 -20.02
N PHE H 333 20.98 0.70 -20.30
CA PHE H 333 21.99 0.42 -19.27
C PHE H 333 22.69 1.70 -18.82
N GLN H 334 23.11 2.52 -19.79
CA GLN H 334 23.76 3.79 -19.46
C GLN H 334 22.79 4.73 -18.76
N LEU H 335 21.53 4.75 -19.20
CA LEU H 335 20.53 5.59 -18.55
C LEU H 335 20.28 5.15 -17.11
N GLY H 336 20.20 3.85 -16.87
CA GLY H 336 20.01 3.35 -15.52
C GLY H 336 21.20 3.62 -14.62
N LEU H 337 22.42 3.46 -15.14
CA LEU H 337 23.61 3.78 -14.36
C LEU H 337 23.67 5.27 -14.03
N ALA H 338 23.39 6.13 -15.02
CA ALA H 338 23.40 7.56 -14.81
C ALA H 338 22.35 7.98 -13.80
N LEU H 339 21.14 7.43 -13.92
CA LEU H 339 20.08 7.76 -12.97
C LEU H 339 20.39 7.24 -11.58
N ALA H 340 21.02 6.06 -11.47
CA ALA H 340 21.40 5.54 -10.17
C ALA H 340 22.41 6.45 -9.49
N SER H 341 23.44 6.85 -10.23
CA SER H 341 24.45 7.74 -9.66
C SER H 341 23.87 9.11 -9.34
N VAL H 342 22.99 9.63 -10.20
CA VAL H 342 22.40 10.95 -9.98
C VAL H 342 21.49 10.93 -8.76
N GLY H 343 20.67 9.88 -8.61
CA GLY H 343 19.82 9.79 -7.44
C GLY H 343 20.60 9.58 -6.15
N THR H 344 21.64 8.74 -6.19
CA THR H 344 22.49 8.55 -5.02
C THR H 344 23.19 9.84 -4.63
N ILE H 345 23.67 10.60 -5.61
CA ILE H 345 24.36 11.85 -5.28
C ILE H 345 23.37 12.95 -4.91
N THR H 346 22.12 12.88 -5.37
CA THR H 346 21.11 13.81 -4.87
C THR H 346 20.77 13.52 -3.42
N SER H 347 20.70 12.24 -3.06
CA SER H 347 20.57 11.86 -1.66
C SER H 347 21.75 12.36 -0.84
N LEU H 348 22.97 12.23 -1.39
CA LEU H 348 24.16 12.73 -0.72
C LEU H 348 24.10 14.24 -0.53
N VAL H 349 23.64 14.96 -1.56
CA VAL H 349 23.50 16.41 -1.48
C VAL H 349 22.49 16.79 -0.42
N ALA H 350 21.37 16.08 -0.36
CA ALA H 350 20.36 16.35 0.67
C ALA H 350 20.92 16.10 2.07
N GLN H 351 21.64 15.00 2.25
CA GLN H 351 22.17 14.68 3.57
C GLN H 351 23.35 15.55 3.96
N HIS H 352 23.99 16.23 3.00
CA HIS H 352 25.14 17.06 3.31
C HIS H 352 24.85 18.56 3.32
N MET H 353 23.73 19.00 2.74
CA MET H 353 23.40 20.42 2.75
C MET H 353 22.97 20.89 4.13
N TYR H 354 22.11 20.13 4.80
CA TYR H 354 21.57 20.59 6.07
C TYR H 354 22.60 20.54 7.18
N SER H 355 23.44 19.50 7.20
CA SER H 355 24.44 19.37 8.23
C SER H 355 25.63 20.30 7.99
N LEU H 356 25.98 20.54 6.73
CA LEU H 356 27.05 21.46 6.36
C LEU H 356 26.48 22.49 5.40
N PRO H 357 25.89 23.55 5.91
CA PRO H 357 25.35 24.60 5.04
C PRO H 357 26.47 25.38 4.38
N PRO H 358 26.49 25.45 3.05
CA PRO H 358 27.52 26.23 2.37
C PRO H 358 27.14 27.67 2.08
N TYR H 359 25.89 28.06 2.35
CA TYR H 359 25.41 29.39 2.03
C TYR H 359 25.19 30.19 3.31
N ALA H 360 25.55 31.47 3.28
CA ALA H 360 25.43 32.32 4.45
C ALA H 360 23.98 32.51 4.85
N TYR H 361 23.71 32.38 6.16
CA TYR H 361 22.38 32.53 6.76
C TYR H 361 21.38 31.52 6.22
N LEU H 362 21.85 30.39 5.68
CA LEU H 362 20.94 29.33 5.25
C LEU H 362 20.41 28.54 6.44
N ALA H 363 21.26 28.31 7.45
CA ALA H 363 20.84 27.54 8.62
C ALA H 363 19.83 28.30 9.46
N VAL H 364 19.86 29.63 9.43
CA VAL H 364 18.88 30.43 10.16
C VAL H 364 17.50 30.28 9.53
N ASP H 365 17.45 30.20 8.20
CA ASP H 365 16.18 30.01 7.49
C ASP H 365 15.78 28.55 7.59
N PHE H 366 14.92 28.24 8.57
CA PHE H 366 14.57 26.86 8.85
C PHE H 366 13.66 26.27 7.77
N THR H 367 12.65 27.03 7.36
CA THR H 367 11.70 26.54 6.36
C THR H 367 12.37 26.31 5.02
N THR H 368 13.33 27.15 4.66
CA THR H 368 14.07 26.98 3.42
C THR H 368 14.89 25.69 3.43
N GLN H 369 15.59 25.42 4.54
CA GLN H 369 16.37 24.19 4.64
C GLN H 369 15.46 22.96 4.59
N ALA H 370 14.31 23.04 5.27
CA ALA H 370 13.37 21.91 5.25
C ALA H 370 12.84 21.65 3.86
N SER H 371 12.46 22.72 3.14
CA SER H 371 11.95 22.56 1.78
C SER H 371 13.03 22.03 0.85
N LEU H 372 14.27 22.52 0.99
CA LEU H 372 15.37 22.05 0.16
C LEU H 372 15.64 20.56 0.37
N TYR H 373 15.71 20.14 1.65
CA TYR H 373 15.96 18.74 1.95
C TYR H 373 14.85 17.85 1.42
N THR H 374 13.60 18.24 1.67
CA THR H 374 12.46 17.43 1.22
C THR H 374 12.42 17.34 -0.31
N HIS H 375 12.67 18.47 -0.99
CA HIS H 375 12.66 18.49 -2.45
C HIS H 375 13.73 17.57 -3.01
N HIS H 376 14.97 17.71 -2.56
CA HIS H 376 16.04 16.91 -3.16
C HIS H 376 15.94 15.44 -2.75
N GLN H 377 15.36 15.14 -1.58
CA GLN H 377 15.16 13.74 -1.21
C GLN H 377 14.09 13.08 -2.06
N TYR H 378 12.97 13.77 -2.31
CA TYR H 378 11.94 13.19 -3.16
C TYR H 378 12.43 13.07 -4.60
N ILE H 379 13.21 14.06 -5.06
CA ILE H 379 13.82 13.98 -6.39
C ILE H 379 14.73 12.77 -6.49
N ALA H 380 15.56 12.55 -5.46
CA ALA H 380 16.47 11.41 -5.44
C ALA H 380 15.71 10.09 -5.46
N GLY H 381 14.61 10.01 -4.69
CA GLY H 381 13.83 8.78 -4.67
C GLY H 381 13.19 8.47 -6.02
N PHE H 382 12.60 9.49 -6.64
CA PHE H 382 12.01 9.31 -7.98
C PHE H 382 13.08 8.91 -9.00
N ILE H 383 14.27 9.52 -8.89
CA ILE H 383 15.33 9.23 -9.85
C ILE H 383 15.87 7.82 -9.67
N MET H 384 15.97 7.35 -8.42
CA MET H 384 16.37 5.95 -8.21
C MET H 384 15.32 4.96 -8.71
N CYS H 385 14.03 5.30 -8.52
CA CYS H 385 12.98 4.46 -9.09
C CYS H 385 13.08 4.40 -10.60
N GLY H 386 13.35 5.54 -11.24
CA GLY H 386 13.57 5.54 -12.68
C GLY H 386 14.80 4.76 -13.10
N ALA H 387 15.86 4.80 -12.27
CA ALA H 387 17.05 4.02 -12.55
C ALA H 387 16.75 2.54 -12.59
N PHE H 388 16.03 2.05 -11.59
CA PHE H 388 15.69 0.63 -11.56
C PHE H 388 14.72 0.25 -12.67
N ALA H 389 13.78 1.15 -12.99
CA ALA H 389 12.85 0.89 -14.08
C ALA H 389 13.57 0.80 -15.42
N HIS H 390 14.52 1.70 -15.67
CA HIS H 390 15.24 1.66 -16.94
C HIS H 390 16.25 0.51 -16.98
N GLY H 391 16.74 0.06 -15.82
CA GLY H 391 17.50 -1.17 -15.79
C GLY H 391 16.66 -2.38 -16.16
N ALA H 392 15.41 -2.41 -15.68
CA ALA H 392 14.48 -3.46 -16.10
C ALA H 392 14.23 -3.39 -17.61
N ILE H 393 14.08 -2.16 -18.13
CA ILE H 393 13.90 -1.97 -19.57
C ILE H 393 15.10 -2.49 -20.35
N PHE H 394 16.31 -2.28 -19.80
CA PHE H 394 17.50 -2.86 -20.42
C PHE H 394 17.43 -4.38 -20.43
N PHE H 395 17.01 -4.97 -19.30
CA PHE H 395 16.97 -6.43 -19.21
C PHE H 395 15.99 -7.04 -20.19
N ILE H 396 14.86 -6.38 -20.44
CA ILE H 396 13.89 -7.02 -21.33
C ILE H 396 14.15 -6.64 -22.79
N ARG H 397 14.57 -5.42 -23.07
CA ARG H 397 14.63 -4.91 -24.44
C ARG H 397 15.90 -5.33 -25.17
N ASP H 398 17.05 -4.92 -24.66
CA ASP H 398 18.32 -5.05 -25.38
C ASP H 398 19.37 -5.76 -24.53
N TYR H 399 19.00 -6.90 -23.96
CA TYR H 399 19.94 -7.77 -23.26
C TYR H 399 20.15 -9.01 -24.10
N ASP H 400 21.41 -9.30 -24.44
CA ASP H 400 21.75 -10.44 -25.28
C ASP H 400 22.53 -11.45 -24.47
N PRO H 401 21.92 -12.54 -24.00
CA PRO H 401 22.65 -13.51 -23.18
C PRO H 401 23.81 -14.21 -23.88
N GLU H 402 23.72 -14.48 -25.19
CA GLU H 402 24.85 -15.10 -25.87
C GLU H 402 26.01 -14.14 -26.07
N GLN H 403 25.74 -12.82 -26.02
CA GLN H 403 26.83 -11.85 -26.14
C GLN H 403 27.75 -11.90 -24.93
N ASN H 404 27.18 -11.96 -23.73
CA ASN H 404 27.95 -12.06 -22.48
C ASN H 404 27.50 -13.32 -21.76
N LYS H 405 28.13 -14.45 -22.09
CA LYS H 405 27.82 -15.73 -21.49
C LYS H 405 28.76 -16.00 -20.33
N GLY H 406 28.20 -16.32 -19.16
CA GLY H 406 29.00 -16.64 -18.01
C GLY H 406 29.63 -15.45 -17.30
N ASN H 407 29.28 -14.23 -17.69
CA ASN H 407 29.84 -13.04 -17.06
C ASN H 407 29.07 -12.73 -15.78
N VAL H 408 29.31 -11.55 -15.21
CA VAL H 408 28.66 -11.17 -13.96
C VAL H 408 27.15 -10.99 -14.19
N LEU H 409 26.77 -10.47 -15.35
CA LEU H 409 25.36 -10.21 -15.63
C LEU H 409 24.57 -11.51 -15.76
N ALA H 410 25.08 -12.45 -16.56
CA ALA H 410 24.41 -13.72 -16.75
C ALA H 410 24.39 -14.55 -15.46
N ARG H 411 25.46 -14.46 -14.66
CA ARG H 411 25.47 -15.18 -13.39
C ARG H 411 24.50 -14.57 -12.39
N VAL H 412 24.38 -13.24 -12.38
CA VAL H 412 23.39 -12.59 -11.52
C VAL H 412 21.98 -13.00 -11.94
N LEU H 413 21.73 -13.03 -13.25
CA LEU H 413 20.44 -13.50 -13.75
C LEU H 413 20.22 -14.99 -13.47
N ASP H 414 21.29 -15.76 -13.28
CA ASP H 414 21.14 -17.19 -13.06
C ASP H 414 20.58 -17.48 -11.67
N HIS H 415 21.08 -16.81 -10.64
CA HIS H 415 20.60 -16.99 -9.27
C HIS H 415 19.76 -15.80 -8.82
N LYS H 416 18.94 -15.27 -9.73
CA LYS H 416 18.07 -14.15 -9.39
C LYS H 416 17.08 -14.49 -8.29
N GLU H 417 16.66 -15.76 -8.22
CA GLU H 417 15.73 -16.19 -7.18
C GLU H 417 16.36 -16.05 -5.79
N ALA H 418 17.66 -16.36 -5.67
CA ALA H 418 18.34 -16.20 -4.39
C ALA H 418 18.39 -14.76 -3.95
N ILE H 419 18.70 -13.84 -4.88
CA ILE H 419 18.78 -12.42 -4.55
C ILE H 419 17.41 -11.89 -4.14
N ILE H 420 16.37 -12.25 -4.91
CA ILE H 420 15.02 -11.79 -4.60
C ILE H 420 14.55 -12.35 -3.27
N SER H 421 14.84 -13.63 -3.01
CA SER H 421 14.42 -14.25 -1.76
C SER H 421 15.14 -13.66 -0.56
N HIS H 422 16.43 -13.35 -0.70
CA HIS H 422 17.16 -12.75 0.42
C HIS H 422 16.72 -11.32 0.67
N LEU H 423 16.42 -10.57 -0.39
CA LEU H 423 15.85 -9.24 -0.22
C LEU H 423 14.49 -9.30 0.47
N SER H 424 13.67 -10.30 0.09
CA SER H 424 12.39 -10.50 0.74
C SER H 424 12.57 -10.87 2.21
N TRP H 425 13.58 -11.68 2.52
CA TRP H 425 13.84 -12.07 3.90
C TRP H 425 14.24 -10.87 4.74
N VAL H 426 15.18 -10.05 4.25
CA VAL H 426 15.64 -8.93 5.06
C VAL H 426 14.55 -7.88 5.19
N SER H 427 13.76 -7.66 4.14
CA SER H 427 12.64 -6.74 4.23
C SER H 427 11.59 -7.24 5.22
N LEU H 428 11.25 -8.52 5.16
CA LEU H 428 10.25 -9.08 6.07
C LEU H 428 10.73 -9.04 7.51
N PHE H 429 12.01 -9.35 7.73
CA PHE H 429 12.56 -9.34 9.08
C PHE H 429 12.59 -7.92 9.66
N LEU H 430 13.04 -6.96 8.85
CA LEU H 430 13.07 -5.56 9.28
C LEU H 430 11.67 -5.05 9.61
N GLY H 431 10.71 -5.31 8.71
CA GLY H 431 9.36 -4.84 8.94
C GLY H 431 8.71 -5.51 10.14
N PHE H 432 8.87 -6.83 10.26
CA PHE H 432 8.32 -7.58 11.38
C PHE H 432 8.81 -7.02 12.71
N HIS H 433 10.13 -6.92 12.86
CA HIS H 433 10.62 -6.50 14.17
C HIS H 433 10.48 -5.00 14.41
N THR H 434 10.56 -4.17 13.36
CA THR H 434 10.34 -2.74 13.55
C THR H 434 8.91 -2.45 13.95
N LEU H 435 7.93 -3.04 13.26
CA LEU H 435 6.54 -2.87 13.65
C LEU H 435 6.28 -3.49 15.01
N GLY H 436 6.93 -4.62 15.32
CA GLY H 436 6.74 -5.24 16.61
C GLY H 436 7.21 -4.37 17.76
N LEU H 437 8.40 -3.78 17.63
CA LEU H 437 8.88 -2.89 18.67
C LEU H 437 8.09 -1.59 18.73
N TYR H 438 7.67 -1.06 17.58
CA TYR H 438 6.86 0.17 17.60
C TYR H 438 5.52 -0.06 18.28
N VAL H 439 4.84 -1.16 17.94
CA VAL H 439 3.56 -1.48 18.56
C VAL H 439 3.76 -1.82 20.04
N HIS H 440 4.85 -2.50 20.37
CA HIS H 440 5.17 -2.82 21.76
C HIS H 440 5.34 -1.55 22.59
N ASN H 441 6.18 -0.63 22.13
CA ASN H 441 6.41 0.62 22.85
C ASN H 441 5.14 1.46 22.91
N ASP H 442 4.31 1.40 21.87
CA ASP H 442 3.13 2.26 21.81
C ASP H 442 2.05 1.75 22.76
N VAL H 443 1.81 0.44 22.80
CA VAL H 443 0.87 -0.11 23.77
C VAL H 443 1.44 -0.08 25.18
N VAL H 444 2.77 -0.06 25.34
CA VAL H 444 3.36 0.10 26.66
C VAL H 444 3.16 1.52 27.17
N GLN H 445 3.32 2.51 26.30
CA GLN H 445 3.07 3.90 26.66
C GLN H 445 1.58 4.14 26.89
N ALA H 446 0.71 3.37 26.22
CA ALA H 446 -0.72 3.50 26.46
C ALA H 446 -1.11 3.10 27.87
N PHE H 447 -0.48 2.07 28.42
CA PHE H 447 -0.82 1.58 29.75
C PHE H 447 -0.23 2.41 30.88
N GLY H 448 0.27 3.62 30.59
CA GLY H 448 0.75 4.51 31.61
C GLY H 448 2.10 4.19 32.19
N THR H 449 2.85 3.28 31.58
CA THR H 449 4.16 2.85 32.08
C THR H 449 5.18 2.98 30.96
N PRO H 450 5.64 4.20 30.66
CA PRO H 450 6.55 4.40 29.53
C PRO H 450 7.95 3.84 29.75
N GLU H 451 8.30 3.41 30.96
CA GLU H 451 9.62 2.84 31.20
C GLU H 451 9.77 1.42 30.68
N LYS H 452 8.66 0.75 30.35
CA LYS H 452 8.70 -0.62 29.87
C LYS H 452 8.96 -0.73 28.38
N GLN H 453 9.04 0.39 27.66
CA GLN H 453 9.27 0.33 26.23
C GLN H 453 10.73 -0.04 25.95
N ILE H 454 10.94 -0.73 24.83
CA ILE H 454 12.27 -1.19 24.45
C ILE H 454 13.01 -0.01 23.81
N LEU H 455 14.01 0.49 24.51
CA LEU H 455 14.83 1.60 24.03
C LEU H 455 16.24 1.05 23.77
N ILE H 456 16.46 0.55 22.57
CA ILE H 456 17.78 0.08 22.19
C ILE H 456 18.62 1.28 21.79
N GLU H 457 19.67 1.55 22.55
CA GLU H 457 20.50 2.72 22.30
C GLU H 457 21.31 2.53 21.01
N PRO H 458 21.33 3.52 20.12
CA PRO H 458 22.12 3.38 18.90
C PRO H 458 23.62 3.45 19.16
N VAL H 459 24.20 2.34 19.64
CA VAL H 459 25.60 2.35 20.04
C VAL H 459 26.52 2.48 18.82
N PHE H 460 26.12 1.91 17.68
CA PHE H 460 27.00 1.92 16.51
C PHE H 460 27.19 3.33 15.96
N ALA H 461 26.10 4.06 15.75
CA ALA H 461 26.21 5.39 15.17
C ALA H 461 26.75 6.40 16.18
N GLN H 462 26.45 6.22 17.47
CA GLN H 462 27.07 7.06 18.49
C GLN H 462 28.57 6.80 18.58
N TRP H 463 28.97 5.54 18.40
CA TRP H 463 30.40 5.20 18.35
C TRP H 463 31.06 5.84 17.14
N ILE H 464 30.36 5.87 16.00
CA ILE H 464 30.88 6.55 14.81
C ILE H 464 31.00 8.05 15.05
N GLN H 465 29.99 8.65 15.69
CA GLN H 465 30.02 10.08 15.98
C GLN H 465 31.16 10.43 16.93
N ALA H 466 31.39 9.58 17.94
CA ALA H 466 32.53 9.77 18.81
C ALA H 466 33.85 9.56 18.07
N ALA H 467 33.87 8.69 17.07
CA ALA H 467 35.04 8.56 16.21
C ALA H 467 35.28 9.79 15.35
N GLN H 468 34.26 10.61 15.15
CA GLN H 468 34.37 11.85 14.38
C GLN H 468 34.63 13.06 15.26
N GLY H 469 34.70 12.90 16.58
CA GLY H 469 35.01 13.98 17.48
C GLY H 469 33.89 14.43 18.39
N LYS H 470 32.75 13.74 18.40
CA LYS H 470 31.65 14.10 19.29
C LYS H 470 31.92 13.52 20.67
N SER H 471 32.15 14.39 21.65
CA SER H 471 32.53 13.98 23.00
C SER H 471 31.33 13.82 23.93
N LEU H 472 30.11 13.93 23.41
CA LEU H 472 28.93 13.84 24.25
C LEU H 472 28.73 12.43 24.79
N TYR H 473 28.98 11.41 23.97
CA TYR H 473 28.71 10.03 24.38
C TYR H 473 29.80 9.46 25.27
N GLY H 474 30.96 10.11 25.36
CA GLY H 474 32.01 9.68 26.26
C GLY H 474 32.92 8.58 25.73
N PHE H 475 32.68 8.07 24.54
CA PHE H 475 33.59 7.09 23.94
C PHE H 475 34.90 7.78 23.57
N ASP H 476 35.96 7.50 24.33
CA ASP H 476 37.26 8.14 24.10
C ASP H 476 38.04 7.42 23.00
N LEU H 477 37.47 7.44 21.80
CA LEU H 477 38.07 6.79 20.65
C LEU H 477 38.97 7.80 19.93
N LEU H 478 39.45 7.45 18.74
CA LEU H 478 40.26 8.34 17.94
C LEU H 478 39.43 9.54 17.47
N LEU H 479 40.13 10.66 17.25
CA LEU H 479 39.62 12.00 16.95
C LEU H 479 38.87 12.62 18.12
N ALA H 480 38.72 11.91 19.24
CA ALA H 480 38.20 12.48 20.47
C ALA H 480 39.20 12.47 21.61
N SER H 481 40.25 11.67 21.52
CA SER H 481 41.33 11.65 22.50
C SER H 481 42.55 12.37 21.93
N SER H 482 43.29 13.05 22.80
CA SER H 482 44.44 13.81 22.35
C SER H 482 45.63 12.92 22.01
N SER H 483 45.64 11.68 22.47
CA SER H 483 46.75 10.77 22.23
C SER H 483 46.60 9.94 20.95
N SER H 484 45.45 10.02 20.28
CA SER H 484 45.25 9.25 19.07
C SER H 484 46.01 9.87 17.91
N PRO H 485 46.54 9.06 16.98
CA PRO H 485 47.25 9.63 15.83
C PRO H 485 46.35 10.37 14.87
N ALA H 486 45.06 10.02 14.80
CA ALA H 486 44.15 10.70 13.89
C ALA H 486 43.86 12.12 14.37
N TYR H 487 43.79 12.32 15.68
CA TYR H 487 43.61 13.67 16.20
C TYR H 487 44.86 14.52 16.00
N SER H 488 46.04 13.92 16.22
CA SER H 488 47.29 14.64 16.05
C SER H 488 47.53 15.00 14.59
N ALA H 489 47.19 14.10 13.67
CA ALA H 489 47.27 14.41 12.25
C ALA H 489 46.13 15.34 11.88
N GLY H 490 46.48 16.56 11.48
CA GLY H 490 45.45 17.57 11.24
C GLY H 490 45.03 18.33 12.47
N GLN H 491 45.78 18.23 13.58
CA GLN H 491 45.46 18.97 14.79
C GLN H 491 45.54 20.47 14.59
N SER H 492 46.41 20.92 13.69
CA SER H 492 46.54 22.33 13.37
C SER H 492 45.94 22.69 12.02
N LEU H 493 45.34 21.72 11.32
CA LEU H 493 44.81 21.99 9.98
C LEU H 493 43.34 22.36 10.02
N TRP H 494 42.47 21.43 10.45
CA TRP H 494 41.04 21.71 10.54
C TRP H 494 40.38 21.12 11.77
N LEU H 495 41.13 20.49 12.66
CA LEU H 495 40.54 19.92 13.87
C LEU H 495 39.91 20.93 14.82
N PRO H 496 40.52 22.09 15.14
CA PRO H 496 39.82 23.03 16.04
C PRO H 496 38.53 23.60 15.48
N GLY H 497 38.34 23.61 14.16
CA GLY H 497 37.10 24.08 13.59
C GLY H 497 36.04 22.98 13.57
N TRP H 498 36.44 21.79 13.12
CA TRP H 498 35.53 20.67 13.03
C TRP H 498 35.05 20.22 14.42
N LEU H 499 35.94 20.20 15.40
CA LEU H 499 35.56 19.81 16.75
C LEU H 499 34.62 20.84 17.37
N GLU H 500 34.88 22.13 17.14
CA GLU H 500 34.01 23.17 17.67
C GLU H 500 32.64 23.13 17.01
N ALA H 501 32.59 22.81 15.72
CA ALA H 501 31.31 22.73 15.03
C ALA H 501 30.54 21.47 15.37
N ILE H 502 31.23 20.36 15.67
CA ILE H 502 30.55 19.11 15.96
C ILE H 502 30.20 18.95 17.44
N ASN H 503 30.80 19.72 18.33
CA ASN H 503 30.46 19.69 19.74
C ASN H 503 29.40 20.72 20.11
N ASN H 504 28.93 21.50 19.14
CA ASN H 504 27.87 22.47 19.36
C ASN H 504 26.55 21.87 18.88
N ASN H 505 25.60 21.74 19.80
CA ASN H 505 24.32 21.11 19.48
C ASN H 505 23.33 22.07 18.83
N GLN H 506 23.66 23.35 18.73
CA GLN H 506 22.74 24.30 18.11
C GLN H 506 22.65 24.09 16.60
N ASN H 507 23.77 23.75 15.96
CA ASN H 507 23.77 23.51 14.53
C ASN H 507 23.23 22.11 14.23
N SER H 508 23.12 21.80 12.94
CA SER H 508 22.59 20.52 12.48
C SER H 508 23.70 19.51 12.18
N LEU H 509 24.94 19.80 12.56
CA LEU H 509 26.06 18.93 12.25
C LEU H 509 26.13 17.81 13.28
N PHE H 510 25.75 16.60 12.88
CA PHE H 510 25.86 15.38 13.68
C PHE H 510 25.08 15.51 15.00
N LEU H 511 23.76 15.61 14.84
CA LEU H 511 22.87 15.77 15.98
C LEU H 511 22.90 14.54 16.88
N THR H 512 22.64 14.77 18.17
CA THR H 512 22.53 13.67 19.12
C THR H 512 21.32 12.81 18.79
N ILE H 513 21.49 11.50 18.90
CA ILE H 513 20.51 10.52 18.44
C ILE H 513 20.15 9.60 19.59
N GLY H 514 18.86 9.36 19.79
CA GLY H 514 18.40 8.47 20.83
C GLY H 514 17.78 7.20 20.26
N PRO H 515 17.11 6.43 21.12
CA PRO H 515 16.45 5.20 20.65
C PRO H 515 15.37 5.43 19.62
N GLY H 516 14.63 6.55 19.70
CA GLY H 516 13.65 6.86 18.67
C GLY H 516 14.30 7.14 17.33
N ASP H 517 15.46 7.80 17.35
CA ASP H 517 16.24 8.03 16.14
C ASP H 517 16.68 6.70 15.52
N PHE H 518 17.10 5.76 16.35
CA PHE H 518 17.53 4.46 15.84
C PHE H 518 16.35 3.67 15.29
N LEU H 519 15.18 3.77 15.93
CA LEU H 519 13.99 3.07 15.44
C LEU H 519 13.53 3.64 14.10
N VAL H 520 13.51 4.97 13.97
CA VAL H 520 13.10 5.54 12.69
C VAL H 520 14.17 5.31 11.63
N HIS H 521 15.45 5.18 12.02
CA HIS H 521 16.48 4.78 11.09
C HIS H 521 16.24 3.37 10.57
N HIS H 522 15.81 2.47 11.45
CA HIS H 522 15.48 1.12 11.02
C HIS H 522 14.24 1.11 10.12
N ALA H 523 13.28 2.00 10.39
CA ALA H 523 12.15 2.15 9.48
C ALA H 523 12.61 2.63 8.10
N ILE H 524 13.56 3.55 8.08
CA ILE H 524 14.13 4.04 6.82
C ILE H 524 14.81 2.90 6.07
N ALA H 525 15.60 2.11 6.78
CA ALA H 525 16.26 0.96 6.18
C ALA H 525 15.26 -0.04 5.66
N LEU H 526 14.15 -0.23 6.39
CA LEU H 526 13.08 -1.11 5.93
C LEU H 526 12.48 -0.60 4.62
N GLY H 527 12.21 0.71 4.54
CA GLY H 527 11.66 1.26 3.31
C GLY H 527 12.61 1.11 2.13
N LEU H 528 13.89 1.41 2.35
CA LEU H 528 14.90 1.24 1.31
C LEU H 528 15.00 -0.21 0.87
N HIS H 529 15.01 -1.13 1.83
CA HIS H 529 15.14 -2.56 1.53
C HIS H 529 13.94 -3.07 0.75
N THR H 530 12.73 -2.65 1.13
CA THR H 530 11.55 -3.14 0.42
C THR H 530 11.45 -2.56 -0.99
N THR H 531 11.77 -1.27 -1.15
CA THR H 531 11.78 -0.68 -2.48
C THR H 531 12.84 -1.33 -3.36
N THR H 532 14.02 -1.60 -2.79
CA THR H 532 15.06 -2.32 -3.52
C THR H 532 14.60 -3.72 -3.88
N LEU H 533 13.91 -4.40 -2.97
CA LEU H 533 13.44 -5.76 -3.22
C LEU H 533 12.47 -5.79 -4.40
N ILE H 534 11.49 -4.90 -4.40
CA ILE H 534 10.49 -4.95 -5.47
C ILE H 534 11.10 -4.50 -6.80
N LEU H 535 11.94 -3.47 -6.78
CA LEU H 535 12.56 -3.02 -8.03
C LEU H 535 13.52 -4.06 -8.60
N VAL H 536 14.30 -4.72 -7.73
CA VAL H 536 15.21 -5.76 -8.16
C VAL H 536 14.45 -6.96 -8.71
N LYS H 537 13.36 -7.35 -8.04
CA LYS H 537 12.55 -8.48 -8.52
C LYS H 537 11.90 -8.16 -9.86
N GLY H 538 11.43 -6.92 -10.03
CA GLY H 538 10.88 -6.54 -11.32
C GLY H 538 11.93 -6.50 -12.41
N ALA H 539 13.14 -6.08 -12.08
CA ALA H 539 14.22 -6.03 -13.08
C ALA H 539 14.67 -7.43 -13.48
N LEU H 540 14.82 -8.33 -12.51
CA LEU H 540 15.32 -9.66 -12.83
C LEU H 540 14.27 -10.53 -13.51
N ASP H 541 13.00 -10.35 -13.15
CA ASP H 541 11.91 -11.07 -13.78
C ASP H 541 11.29 -10.31 -14.94
N ALA H 542 11.99 -9.30 -15.47
CA ALA H 542 11.44 -8.51 -16.56
C ALA H 542 11.35 -9.31 -17.85
N ARG H 543 12.31 -10.19 -18.10
CA ARG H 543 12.33 -10.95 -19.34
C ARG H 543 11.77 -12.36 -19.21
N GLY H 544 11.76 -12.92 -18.00
CA GLY H 544 11.28 -14.28 -17.83
C GLY H 544 10.84 -14.54 -16.41
N SER H 545 9.89 -15.45 -16.27
CA SER H 545 9.39 -15.88 -14.96
C SER H 545 8.82 -17.29 -15.11
N LYS H 546 8.59 -17.94 -13.97
CA LYS H 546 7.98 -19.26 -14.03
C LYS H 546 6.50 -19.18 -14.36
N LEU H 547 5.84 -18.09 -13.96
CA LEU H 547 4.45 -17.88 -14.36
C LEU H 547 4.36 -17.56 -15.84
N MET H 548 5.32 -16.79 -16.36
CA MET H 548 5.34 -16.41 -17.78
C MET H 548 6.78 -16.38 -18.28
N PRO H 549 7.22 -17.43 -18.97
CA PRO H 549 8.60 -17.44 -19.49
C PRO H 549 8.84 -16.46 -20.62
N ASP H 550 7.80 -16.05 -21.35
CA ASP H 550 7.94 -15.23 -22.55
C ASP H 550 7.55 -13.77 -22.29
N LYS H 551 7.91 -13.24 -21.11
CA LYS H 551 7.61 -11.85 -20.81
C LYS H 551 8.39 -10.89 -21.69
N LYS H 552 9.55 -11.30 -22.21
CA LYS H 552 10.33 -10.42 -23.08
C LYS H 552 9.66 -10.16 -24.42
N ASP H 553 8.76 -11.06 -24.86
CA ASP H 553 8.07 -10.87 -26.12
C ASP H 553 6.86 -9.95 -26.03
N PHE H 554 6.43 -9.59 -24.81
CA PHE H 554 5.23 -8.79 -24.62
C PHE H 554 5.53 -7.32 -24.36
N GLY H 555 6.78 -6.90 -24.48
CA GLY H 555 7.15 -5.53 -24.23
C GLY H 555 7.29 -5.23 -22.74
N TYR H 556 7.87 -4.08 -22.45
CA TYR H 556 8.11 -3.71 -21.06
C TYR H 556 6.82 -3.34 -20.34
N SER H 557 5.94 -2.60 -21.00
CA SER H 557 4.71 -2.10 -20.39
C SER H 557 3.52 -2.72 -21.11
N PHE H 558 3.06 -3.85 -20.60
CA PHE H 558 1.85 -4.49 -21.05
C PHE H 558 0.95 -4.77 -19.85
N PRO H 559 -0.37 -4.76 -20.02
CA PRO H 559 -1.28 -4.87 -18.86
C PRO H 559 -1.17 -6.18 -18.09
N CYS H 560 -1.38 -7.30 -18.77
CA CYS H 560 -1.46 -8.61 -18.12
C CYS H 560 -1.41 -9.68 -19.20
N ASP H 561 -1.61 -10.93 -18.80
CA ASP H 561 -1.76 -12.04 -19.73
C ASP H 561 -3.14 -12.66 -19.71
N GLY H 562 -4.03 -12.21 -18.82
CA GLY H 562 -5.38 -12.72 -18.75
C GLY H 562 -5.69 -13.39 -17.44
N PRO H 563 -6.91 -13.92 -17.31
CA PRO H 563 -7.28 -14.63 -16.08
C PRO H 563 -6.76 -16.06 -16.02
N GLY H 564 -6.18 -16.57 -17.10
CA GLY H 564 -5.66 -17.92 -17.09
C GLY H 564 -4.40 -18.04 -16.25
N ARG H 565 -4.07 -19.30 -15.95
CA ARG H 565 -2.94 -19.67 -15.08
C ARG H 565 -3.05 -18.99 -13.71
N GLY H 566 -4.27 -18.96 -13.17
CA GLY H 566 -4.53 -18.38 -11.88
C GLY H 566 -4.80 -16.90 -11.89
N GLY H 567 -4.20 -16.14 -12.79
CA GLY H 567 -4.37 -14.70 -12.82
C GLY H 567 -2.99 -14.05 -12.92
N THR H 568 -2.86 -13.13 -13.86
CA THR H 568 -1.57 -12.52 -14.19
C THR H 568 -1.65 -11.00 -14.15
N CYS H 569 -2.40 -10.45 -13.21
CA CYS H 569 -2.47 -9.00 -13.07
C CYS H 569 -1.17 -8.46 -12.50
N ASP H 570 -0.75 -7.31 -13.03
CA ASP H 570 0.48 -6.61 -12.62
C ASP H 570 1.71 -7.52 -12.73
N ILE H 571 1.79 -8.26 -13.83
CA ILE H 571 2.87 -9.22 -14.02
C ILE H 571 4.10 -8.60 -14.69
N SER H 572 3.96 -7.44 -15.33
CA SER H 572 5.07 -6.82 -16.02
C SER H 572 5.97 -6.08 -15.04
N ALA H 573 7.21 -5.80 -15.50
CA ALA H 573 8.13 -5.01 -14.71
C ALA H 573 7.69 -3.54 -14.61
N TYR H 574 6.88 -3.07 -15.56
CA TYR H 574 6.31 -1.74 -15.46
C TYR H 574 5.40 -1.63 -14.23
N ASP H 575 4.57 -2.65 -14.00
CA ASP H 575 3.73 -2.65 -12.81
C ASP H 575 4.56 -2.85 -11.55
N ALA H 576 5.71 -3.54 -11.65
CA ALA H 576 6.61 -3.62 -10.52
C ALA H 576 7.14 -2.24 -10.15
N PHE H 577 7.53 -1.45 -11.15
CA PHE H 577 7.92 -0.06 -10.89
C PHE H 577 6.77 0.73 -10.31
N TYR H 578 5.57 0.52 -10.85
CA TYR H 578 4.38 1.26 -10.42
C TYR H 578 4.04 0.98 -8.96
N LEU H 579 4.17 -0.28 -8.53
CA LEU H 579 3.99 -0.59 -7.12
C LEU H 579 5.16 -0.09 -6.29
N ALA H 580 6.36 -0.02 -6.87
CA ALA H 580 7.52 0.45 -6.13
C ALA H 580 7.50 1.95 -5.88
N VAL H 581 6.78 2.71 -6.70
CA VAL H 581 6.71 4.15 -6.48
C VAL H 581 5.97 4.45 -5.17
N PHE H 582 4.96 3.63 -4.83
CA PHE H 582 4.28 3.78 -3.54
C PHE H 582 5.25 3.58 -2.39
N TRP H 583 6.09 2.55 -2.47
CA TRP H 583 7.05 2.29 -1.40
C TRP H 583 8.13 3.36 -1.34
N MET H 584 8.52 3.90 -2.50
CA MET H 584 9.46 5.01 -2.53
C MET H 584 8.86 6.24 -1.87
N LEU H 585 7.59 6.54 -2.18
CA LEU H 585 6.92 7.69 -1.57
C LEU H 585 6.80 7.52 -0.07
N ASN H 586 6.48 6.31 0.39
CA ASN H 586 6.40 6.05 1.82
C ASN H 586 7.76 6.18 2.50
N THR H 587 8.82 5.71 1.84
CA THR H 587 10.15 5.78 2.42
C THR H 587 10.63 7.22 2.53
N ILE H 588 10.47 8.00 1.46
CA ILE H 588 10.90 9.39 1.52
C ILE H 588 10.00 10.18 2.47
N GLY H 589 8.72 9.80 2.59
CA GLY H 589 7.88 10.38 3.61
C GLY H 589 8.39 10.10 5.01
N TRP H 590 8.88 8.88 5.24
CA TRP H 590 9.47 8.54 6.54
C TRP H 590 10.72 9.36 6.83
N VAL H 591 11.62 9.46 5.84
CA VAL H 591 12.87 10.19 6.07
C VAL H 591 12.59 11.68 6.26
N THR H 592 11.60 12.23 5.55
CA THR H 592 11.29 13.64 5.69
C THR H 592 10.51 13.92 6.97
N PHE H 593 9.67 12.98 7.42
CA PHE H 593 9.04 13.09 8.72
C PHE H 593 10.08 13.13 9.82
N TYR H 594 11.07 12.24 9.75
CA TYR H 594 12.14 12.21 10.73
C TYR H 594 12.93 13.51 10.73
N TRP H 595 13.36 13.95 9.54
CA TRP H 595 14.12 15.20 9.44
C TRP H 595 13.32 16.38 9.98
N HIS H 596 12.07 16.51 9.53
CA HIS H 596 11.26 17.66 9.88
C HIS H 596 10.96 17.70 11.38
N TRP H 597 10.62 16.55 11.97
CA TRP H 597 10.30 16.56 13.39
C TRP H 597 11.54 16.80 14.25
N LYS H 598 12.65 16.13 13.92
CA LYS H 598 13.86 16.34 14.71
C LYS H 598 14.35 17.78 14.61
N HIS H 599 14.33 18.36 13.40
CA HIS H 599 14.79 19.73 13.24
C HIS H 599 13.80 20.72 13.85
N LEU H 600 12.51 20.44 13.80
CA LEU H 600 11.52 21.32 14.44
C LEU H 600 11.70 21.33 15.95
N THR H 601 11.94 20.16 16.54
CA THR H 601 12.19 20.12 17.98
C THR H 601 13.53 20.74 18.34
N LEU H 602 14.51 20.69 17.43
CA LEU H 602 15.76 21.39 17.67
C LEU H 602 15.57 22.91 17.64
N TRP H 603 14.83 23.41 16.64
CA TRP H 603 14.63 24.84 16.50
C TRP H 603 13.77 25.39 17.63
N GLN H 604 12.74 24.66 18.05
CA GLN H 604 11.92 25.09 19.17
C GLN H 604 12.64 24.93 20.50
N GLY H 605 13.70 24.12 20.56
CA GLY H 605 14.49 23.95 21.76
C GLY H 605 14.17 22.73 22.59
N ASN H 606 13.04 22.07 22.33
CA ASN H 606 12.64 20.89 23.11
C ASN H 606 13.03 19.62 22.36
N VAL H 607 14.35 19.37 22.36
CA VAL H 607 14.86 18.12 21.79
C VAL H 607 14.43 16.92 22.62
N SER H 608 14.21 17.13 23.93
CA SER H 608 13.73 16.04 24.79
C SER H 608 12.34 15.57 24.39
N GLN H 609 11.51 16.47 23.85
CA GLN H 609 10.19 16.07 23.37
C GLN H 609 10.30 15.07 22.23
N PHE H 610 11.19 15.32 21.28
CA PHE H 610 11.43 14.36 20.20
C PHE H 610 12.07 13.09 20.75
N ASP H 611 12.98 13.22 21.71
CA ASP H 611 13.69 12.06 22.23
C ASP H 611 12.75 11.10 22.96
N GLU H 612 11.79 11.64 23.72
CA GLU H 612 10.85 10.81 24.47
C GLU H 612 9.54 10.58 23.74
N SER H 613 9.34 11.19 22.57
CA SER H 613 8.08 11.06 21.85
C SER H 613 8.20 10.33 20.51
N SER H 614 9.40 10.18 19.96
CA SER H 614 9.57 9.48 18.69
C SER H 614 9.65 7.97 18.87
N THR H 615 9.66 7.48 20.11
CA THR H 615 9.72 6.04 20.33
C THR H 615 8.43 5.36 19.89
N TYR H 616 7.29 5.92 20.25
CA TYR H 616 5.98 5.32 20.01
C TYR H 616 5.23 6.09 18.94
N LEU H 617 4.47 5.35 18.13
CA LEU H 617 3.84 5.94 16.94
C LEU H 617 2.73 6.92 17.29
N MET H 618 2.07 6.73 18.43
CA MET H 618 1.04 7.68 18.83
C MET H 618 1.64 9.03 19.17
N GLY H 619 2.81 9.03 19.82
CA GLY H 619 3.51 10.29 20.05
C GLY H 619 3.96 10.94 18.77
N TRP H 620 4.43 10.12 17.81
CA TRP H 620 4.77 10.61 16.48
C TRP H 620 3.58 11.33 15.85
N LEU H 621 2.42 10.67 15.83
CA LEU H 621 1.23 11.25 15.23
C LEU H 621 0.80 12.52 15.95
N ARG H 622 0.65 12.44 17.29
CA ARG H 622 0.12 13.56 18.05
C ARG H 622 1.03 14.78 18.00
N ASP H 623 2.34 14.59 18.14
CA ASP H 623 3.25 15.71 18.21
C ASP H 623 3.85 16.10 16.87
N TYR H 624 3.52 15.40 15.77
CA TYR H 624 3.97 15.83 14.46
C TYR H 624 2.83 16.17 13.52
N LEU H 625 1.88 15.25 13.31
CA LEU H 625 0.82 15.48 12.34
C LEU H 625 -0.37 16.22 12.91
N TRP H 626 -0.42 16.41 14.23
CA TRP H 626 -1.52 17.11 14.89
C TRP H 626 -1.08 18.43 15.51
N LEU H 627 0.02 18.41 16.27
CA LEU H 627 0.48 19.64 16.93
C LEU H 627 1.00 20.65 15.92
N ASN H 628 1.75 20.20 14.91
CA ASN H 628 2.32 21.11 13.92
C ASN H 628 1.33 21.51 12.84
N SER H 629 0.16 20.88 12.79
CA SER H 629 -0.86 21.22 11.81
C SER H 629 -1.86 22.24 12.32
N SER H 630 -1.65 22.80 13.51
CA SER H 630 -2.58 23.76 14.07
C SER H 630 -2.58 25.05 13.26
N GLN H 631 -1.40 25.58 12.94
CA GLN H 631 -1.32 26.82 12.17
C GLN H 631 -1.64 26.59 10.70
N LEU H 632 -1.45 25.37 10.20
CA LEU H 632 -1.71 25.08 8.79
C LEU H 632 -3.20 25.18 8.47
N ILE H 633 -4.05 24.51 9.25
CA ILE H 633 -5.48 24.50 8.96
C ILE H 633 -6.19 25.77 9.37
N ASN H 634 -5.52 26.67 10.10
CA ASN H 634 -6.04 27.98 10.41
C ASN H 634 -5.70 29.01 9.34
N GLY H 635 -5.46 28.55 8.11
CA GLY H 635 -5.15 29.49 7.04
C GLY H 635 -6.31 30.39 6.69
N TYR H 636 -7.53 29.84 6.64
CA TYR H 636 -8.74 30.61 6.40
C TYR H 636 -9.84 30.09 7.33
N ASN H 637 -9.93 30.70 8.50
CA ASN H 637 -11.03 30.41 9.39
C ASN H 637 -12.28 31.18 8.96
N PRO H 638 -13.47 30.78 9.41
CA PRO H 638 -14.64 31.65 9.24
C PRO H 638 -14.47 32.98 9.95
N PHE H 639 -13.64 33.05 10.99
CA PHE H 639 -13.31 34.32 11.62
C PHE H 639 -12.50 35.20 10.69
N GLY H 640 -11.53 34.63 9.97
CA GLY H 640 -10.68 35.42 9.11
C GLY H 640 -9.67 34.56 8.40
N MET H 641 -8.85 35.23 7.59
CA MET H 641 -7.83 34.59 6.77
C MET H 641 -6.47 35.20 7.06
N ASN H 642 -5.41 34.40 6.96
CA ASN H 642 -4.05 34.84 7.15
C ASN H 642 -3.20 34.45 5.93
N SER H 643 -1.88 34.57 6.04
CA SER H 643 -0.96 34.26 4.94
C SER H 643 -0.87 32.76 4.66
N LEU H 644 -1.27 31.92 5.61
CA LEU H 644 -1.16 30.48 5.43
C LEU H 644 -2.41 29.91 4.77
N SER H 645 -3.25 30.79 4.21
CA SER H 645 -4.45 30.32 3.51
C SER H 645 -4.09 29.57 2.24
N VAL H 646 -3.00 29.97 1.57
CA VAL H 646 -2.56 29.25 0.38
C VAL H 646 -2.06 27.85 0.75
N TRP H 647 -1.44 27.71 1.91
CA TRP H 647 -0.90 26.41 2.30
C TRP H 647 -2.01 25.46 2.73
N ALA H 648 -3.05 25.96 3.40
CA ALA H 648 -4.18 25.11 3.73
C ALA H 648 -4.94 24.68 2.48
N TRP H 649 -5.10 25.59 1.53
CA TRP H 649 -5.75 25.23 0.26
C TRP H 649 -4.91 24.21 -0.50
N THR H 650 -3.58 24.37 -0.49
CA THR H 650 -2.71 23.38 -1.12
C THR H 650 -2.76 22.04 -0.39
N PHE H 651 -2.90 22.07 0.94
CA PHE H 651 -3.03 20.86 1.73
C PHE H 651 -4.26 20.07 1.34
N LEU H 652 -5.42 20.73 1.34
CA LEU H 652 -6.66 20.08 0.91
C LEU H 652 -6.63 19.72 -0.58
N PHE H 653 -5.91 20.50 -1.39
CA PHE H 653 -5.76 20.19 -2.80
C PHE H 653 -5.00 18.89 -2.99
N GLY H 654 -3.89 18.73 -2.26
CA GLY H 654 -3.15 17.48 -2.32
C GLY H 654 -3.95 16.30 -1.81
N HIS H 655 -4.77 16.53 -0.77
CA HIS H 655 -5.68 15.49 -0.30
C HIS H 655 -6.66 15.08 -1.40
N LEU H 656 -7.23 16.06 -2.12
CA LEU H 656 -8.19 15.75 -3.17
C LEU H 656 -7.53 15.03 -4.34
N VAL H 657 -6.32 15.41 -4.71
CA VAL H 657 -5.65 14.76 -5.83
C VAL H 657 -5.22 13.34 -5.44
N TYR H 658 -4.80 13.14 -4.19
CA TYR H 658 -4.51 11.79 -3.70
C TYR H 658 -5.77 10.93 -3.70
N ALA H 659 -6.91 11.53 -3.35
CA ALA H 659 -8.18 10.81 -3.38
C ALA H 659 -8.59 10.45 -4.80
N THR H 660 -8.35 11.34 -5.76
CA THR H 660 -8.61 10.99 -7.17
C THR H 660 -7.64 9.92 -7.67
N GLY H 661 -6.43 9.92 -7.14
CA GLY H 661 -5.53 8.81 -7.40
C GLY H 661 -6.10 7.50 -6.91
N PHE H 662 -6.71 7.51 -5.72
CA PHE H 662 -7.43 6.33 -5.25
C PHE H 662 -8.58 5.96 -6.19
N MET H 663 -9.27 6.97 -6.73
CA MET H 663 -10.35 6.73 -7.70
C MET H 663 -9.84 5.97 -8.90
N PHE H 664 -8.69 6.36 -9.44
CA PHE H 664 -8.13 5.64 -10.58
C PHE H 664 -7.49 4.32 -10.21
N LEU H 665 -7.06 4.17 -8.95
CA LEU H 665 -6.28 3.00 -8.56
C LEU H 665 -7.14 1.82 -8.13
N ILE H 666 -8.19 2.05 -7.35
CA ILE H 666 -9.00 0.93 -6.85
C ILE H 666 -9.84 0.34 -7.99
N SER H 667 -10.69 1.15 -8.60
CA SER H 667 -11.52 0.68 -9.70
C SER H 667 -10.66 0.45 -10.95
N TRP H 668 -11.01 -0.59 -11.71
CA TRP H 668 -10.25 -0.97 -12.89
C TRP H 668 -11.13 -0.91 -14.12
N ARG H 669 -10.50 -0.86 -15.29
CA ARG H 669 -11.22 -0.69 -16.55
C ARG H 669 -11.99 -1.95 -16.89
N GLY H 670 -13.24 -1.76 -17.31
CA GLY H 670 -14.12 -2.86 -17.66
C GLY H 670 -15.52 -2.60 -17.15
N TYR H 671 -15.60 -1.94 -16.00
CA TYR H 671 -16.86 -1.37 -15.54
C TYR H 671 -17.06 0.02 -16.15
N TRP H 672 -15.97 0.78 -16.24
CA TRP H 672 -15.99 2.09 -16.89
C TRP H 672 -16.29 1.99 -18.37
N GLN H 673 -15.91 0.88 -19.01
CA GLN H 673 -16.25 0.70 -20.42
C GLN H 673 -17.76 0.57 -20.62
N GLU H 674 -18.43 -0.19 -19.74
CA GLU H 674 -19.87 -0.30 -19.83
C GLU H 674 -20.56 1.02 -19.46
N LEU H 675 -20.02 1.74 -18.49
CA LEU H 675 -20.58 3.05 -18.15
C LEU H 675 -20.43 4.03 -19.31
N ILE H 676 -19.28 4.03 -19.97
CA ILE H 676 -19.05 4.87 -21.14
C ILE H 676 -19.95 4.43 -22.29
N GLU H 677 -20.22 3.14 -22.42
CA GLU H 677 -21.15 2.66 -23.43
C GLU H 677 -22.57 3.18 -23.17
N THR H 678 -22.99 3.18 -21.91
CA THR H 678 -24.30 3.74 -21.58
C THR H 678 -24.34 5.25 -21.86
N LEU H 679 -23.25 5.96 -21.57
CA LEU H 679 -23.17 7.37 -21.91
C LEU H 679 -23.20 7.59 -23.42
N VAL H 680 -22.59 6.68 -24.18
CA VAL H 680 -22.61 6.74 -25.64
C VAL H 680 -24.04 6.59 -26.15
N TRP H 681 -24.78 5.62 -25.59
CA TRP H 681 -26.18 5.47 -25.97
C TRP H 681 -26.99 6.71 -25.58
N ALA H 682 -26.67 7.30 -24.43
CA ALA H 682 -27.37 8.52 -24.00
C ALA H 682 -27.14 9.66 -24.96
N HIS H 683 -25.90 9.84 -25.42
CA HIS H 683 -25.61 10.94 -26.33
C HIS H 683 -26.17 10.69 -27.72
N GLU H 684 -26.13 9.44 -28.18
CA GLU H 684 -26.57 9.14 -29.54
C GLU H 684 -28.08 9.18 -29.68
N LYS H 685 -28.83 9.02 -28.60
CA LYS H 685 -30.28 8.89 -28.66
C LYS H 685 -30.97 10.00 -27.87
N THR H 686 -30.51 11.24 -28.03
CA THR H 686 -31.14 12.37 -27.39
C THR H 686 -31.36 13.49 -28.40
N PRO H 687 -32.43 14.27 -28.25
CA PRO H 687 -32.62 15.43 -29.12
C PRO H 687 -31.62 16.53 -28.80
N LEU H 688 -31.35 17.37 -29.82
CA LEU H 688 -30.55 18.58 -29.72
C LEU H 688 -29.09 18.34 -29.36
N ALA H 689 -28.68 17.07 -29.26
CA ALA H 689 -27.29 16.75 -28.97
C ALA H 689 -26.73 15.63 -29.83
N ASN H 690 -27.56 14.88 -30.56
CA ASN H 690 -27.04 13.89 -31.49
C ASN H 690 -26.44 14.52 -32.72
N LEU H 691 -26.75 15.79 -32.99
CA LEU H 691 -26.09 16.51 -34.08
C LEU H 691 -24.60 16.67 -33.82
N VAL H 692 -24.23 16.96 -32.58
CA VAL H 692 -22.83 17.04 -32.19
C VAL H 692 -22.34 15.63 -31.88
N TYR H 693 -21.36 15.16 -32.64
CA TYR H 693 -20.86 13.80 -32.52
C TYR H 693 -19.35 13.80 -32.39
N TRP H 694 -18.83 12.86 -31.61
CA TRP H 694 -17.39 12.76 -31.42
C TRP H 694 -16.72 12.22 -32.68
N LYS H 695 -15.49 12.68 -32.91
CA LYS H 695 -14.66 12.08 -33.95
C LYS H 695 -13.76 10.98 -33.40
N ASP H 696 -13.32 11.11 -32.15
CA ASP H 696 -12.61 10.06 -31.45
C ASP H 696 -13.60 9.33 -30.54
N LYS H 697 -13.66 8.01 -30.67
CA LYS H 697 -14.62 7.23 -29.92
C LYS H 697 -14.25 7.23 -28.44
N PRO H 698 -15.18 7.58 -27.55
CA PRO H 698 -14.87 7.56 -26.11
C PRO H 698 -14.64 6.13 -25.62
N VAL H 699 -13.46 5.91 -25.05
CA VAL H 699 -13.04 4.59 -24.60
C VAL H 699 -12.36 4.77 -23.25
N ALA H 700 -12.67 3.87 -22.31
CA ALA H 700 -12.14 3.97 -20.95
C ALA H 700 -10.63 3.78 -20.95
N LEU H 701 -10.00 4.31 -19.90
CA LEU H 701 -8.55 4.33 -19.80
C LEU H 701 -7.99 2.91 -19.69
N SER H 702 -6.91 2.64 -20.43
CA SER H 702 -6.31 1.32 -20.43
C SER H 702 -5.70 1.00 -19.07
N ILE H 703 -5.48 -0.30 -18.84
CA ILE H 703 -5.05 -0.77 -17.52
C ILE H 703 -3.66 -0.23 -17.17
N VAL H 704 -2.74 -0.27 -18.12
CA VAL H 704 -1.44 0.38 -17.93
C VAL H 704 -1.62 1.89 -17.77
N GLN H 705 -2.49 2.47 -18.60
CA GLN H 705 -2.81 3.89 -18.46
C GLN H 705 -3.48 4.19 -17.12
N ALA H 706 -4.35 3.27 -16.66
CA ALA H 706 -4.99 3.45 -15.36
C ALA H 706 -3.98 3.45 -14.23
N ARG H 707 -3.04 2.52 -14.27
CA ARG H 707 -1.98 2.50 -13.26
C ARG H 707 -1.15 3.76 -13.32
N LEU H 708 -0.84 4.24 -14.53
CA LEU H 708 -0.04 5.45 -14.67
C LEU H 708 -0.76 6.67 -14.12
N VAL H 709 -2.04 6.84 -14.45
CA VAL H 709 -2.75 8.04 -14.00
C VAL H 709 -3.04 7.97 -12.50
N GLY H 710 -3.32 6.78 -11.97
CA GLY H 710 -3.50 6.65 -10.53
C GLY H 710 -2.22 6.95 -9.77
N LEU H 711 -1.09 6.41 -10.26
CA LEU H 711 0.20 6.70 -9.65
C LEU H 711 0.54 8.18 -9.75
N ALA H 712 0.23 8.80 -10.91
CA ALA H 712 0.54 10.21 -11.12
C ALA H 712 -0.25 11.09 -10.17
N HIS H 713 -1.58 10.90 -10.12
CA HIS H 713 -2.43 11.66 -9.20
C HIS H 713 -2.02 11.44 -7.76
N PHE H 714 -1.76 10.18 -7.38
CA PHE H 714 -1.30 9.84 -6.04
C PHE H 714 -0.03 10.61 -5.68
N SER H 715 0.94 10.64 -6.60
CA SER H 715 2.23 11.26 -6.32
C SER H 715 2.12 12.77 -6.22
N VAL H 716 1.38 13.41 -7.14
CA VAL H 716 1.31 14.88 -7.08
C VAL H 716 0.52 15.30 -5.86
N GLY H 717 -0.56 14.58 -5.53
CA GLY H 717 -1.29 14.88 -4.32
C GLY H 717 -0.46 14.72 -3.07
N TYR H 718 0.31 13.62 -2.99
CA TYR H 718 1.24 13.37 -1.90
C TYR H 718 2.24 14.52 -1.75
N ILE H 719 2.89 14.87 -2.86
CA ILE H 719 3.93 15.90 -2.85
C ILE H 719 3.35 17.24 -2.42
N PHE H 720 2.18 17.60 -2.97
CA PHE H 720 1.60 18.90 -2.69
C PHE H 720 1.13 19.00 -1.24
N THR H 721 0.47 17.95 -0.72
CA THR H 721 -0.02 18.04 0.65
C THR H 721 1.13 18.04 1.65
N TYR H 722 2.20 17.27 1.37
CA TYR H 722 3.32 17.27 2.31
C TYR H 722 4.11 18.57 2.23
N ALA H 723 4.28 19.13 1.02
CA ALA H 723 4.97 20.40 0.89
C ALA H 723 4.20 21.51 1.59
N ALA H 724 2.86 21.52 1.44
CA ALA H 724 2.03 22.50 2.11
C ALA H 724 2.14 22.39 3.62
N PHE H 725 2.02 21.17 4.15
CA PHE H 725 2.13 20.99 5.60
C PHE H 725 3.52 21.37 6.12
N LEU H 726 4.57 20.97 5.39
CA LEU H 726 5.93 21.24 5.84
C LEU H 726 6.21 22.73 5.88
N ILE H 727 5.89 23.46 4.81
CA ILE H 727 6.20 24.88 4.77
C ILE H 727 5.26 25.66 5.69
N ALA H 728 4.04 25.17 5.93
CA ALA H 728 3.15 25.88 6.85
C ALA H 728 3.57 25.68 8.29
N SER H 729 4.02 24.48 8.65
CA SER H 729 4.45 24.23 10.01
C SER H 729 5.81 24.87 10.29
N THR H 730 6.67 24.99 9.28
CA THR H 730 7.94 25.65 9.48
C THR H 730 7.87 27.17 9.32
N ALA H 731 6.84 27.69 8.66
CA ALA H 731 6.70 29.13 8.48
C ALA H 731 5.72 29.76 9.45
N GLY H 732 4.86 28.96 10.10
CA GLY H 732 3.92 29.52 11.06
C GLY H 732 4.61 30.07 12.30
N ARG H 733 5.64 29.38 12.77
CA ARG H 733 6.38 29.80 13.95
C ARG H 733 7.65 30.56 13.62
N PHE H 734 8.40 30.11 12.62
CA PHE H 734 9.62 30.80 12.21
C PHE H 734 9.84 30.69 10.71
N ALA I 2 -4.66 -5.37 -36.19
CA ALA I 2 -5.16 -5.69 -34.86
C ALA I 2 -4.08 -6.40 -34.03
N HIS I 3 -4.52 -7.30 -33.15
CA HIS I 3 -3.59 -8.07 -32.34
C HIS I 3 -2.99 -9.21 -33.16
N VAL I 4 -1.96 -9.83 -32.58
CA VAL I 4 -1.25 -10.93 -33.23
C VAL I 4 -1.53 -12.20 -32.43
N VAL I 5 -2.08 -13.20 -33.10
CA VAL I 5 -2.36 -14.50 -32.49
C VAL I 5 -1.51 -15.54 -33.22
N LYS I 6 -0.69 -16.26 -32.46
CA LYS I 6 0.24 -17.24 -33.02
C LYS I 6 0.06 -18.57 -32.33
N ILE I 7 0.14 -19.66 -33.10
CA ILE I 7 0.01 -21.02 -32.60
C ILE I 7 1.31 -21.75 -32.85
N TYR I 8 1.87 -22.34 -31.80
CA TYR I 8 3.15 -23.03 -31.89
C TYR I 8 2.91 -24.54 -32.09
N ASP I 9 4.01 -25.26 -32.33
CA ASP I 9 3.91 -26.68 -32.66
C ASP I 9 3.63 -27.56 -31.44
N THR I 10 3.60 -26.99 -30.24
CA THR I 10 3.27 -27.75 -29.04
C THR I 10 1.80 -28.13 -28.96
N CYS I 11 0.96 -27.61 -29.86
CA CYS I 11 -0.46 -27.94 -29.85
C CYS I 11 -0.67 -29.41 -30.20
N ILE I 12 -1.61 -30.03 -29.51
CA ILE I 12 -1.92 -31.45 -29.70
C ILE I 12 -3.33 -31.67 -30.20
N GLY I 13 -4.02 -30.62 -30.65
CA GLY I 13 -5.32 -30.77 -31.27
C GLY I 13 -6.44 -31.21 -30.35
N CYS I 14 -6.56 -30.58 -29.18
CA CYS I 14 -7.70 -30.84 -28.31
C CYS I 14 -8.97 -30.11 -28.76
N THR I 15 -8.86 -29.27 -29.79
CA THR I 15 -9.93 -28.45 -30.39
C THR I 15 -10.90 -27.87 -29.36
N GLN I 16 -10.34 -27.34 -28.27
CA GLN I 16 -11.12 -26.60 -27.30
C GLN I 16 -10.74 -25.13 -27.22
N CYS I 17 -9.61 -24.73 -27.81
CA CYS I 17 -9.28 -23.32 -27.89
C CYS I 17 -10.21 -22.58 -28.87
N VAL I 18 -10.71 -23.29 -29.88
CA VAL I 18 -11.66 -22.67 -30.81
C VAL I 18 -13.05 -22.57 -30.22
N ARG I 19 -13.38 -23.39 -29.21
CA ARG I 19 -14.67 -23.28 -28.56
C ARG I 19 -14.70 -22.15 -27.54
N ALA I 20 -13.57 -21.86 -26.90
CA ALA I 20 -13.50 -20.82 -25.89
C ALA I 20 -13.41 -19.42 -26.48
N CYS I 21 -13.23 -19.29 -27.79
CA CYS I 21 -13.07 -17.99 -28.42
C CYS I 21 -14.40 -17.52 -28.97
N PRO I 22 -15.05 -16.51 -28.38
CA PRO I 22 -16.33 -16.06 -28.91
C PRO I 22 -16.19 -15.01 -30.00
N LEU I 23 -15.26 -15.21 -30.92
CA LEU I 23 -15.09 -14.30 -32.06
C LEU I 23 -14.73 -15.00 -33.35
N ASP I 24 -14.65 -16.34 -33.37
CA ASP I 24 -14.30 -17.13 -34.54
C ASP I 24 -12.95 -16.72 -35.11
N VAL I 25 -11.98 -16.46 -34.23
CA VAL I 25 -10.63 -16.14 -34.67
C VAL I 25 -9.88 -17.41 -35.02
N LEU I 26 -10.00 -18.45 -34.20
CA LEU I 26 -9.23 -19.67 -34.37
C LEU I 26 -9.99 -20.68 -35.21
N GLU I 27 -9.23 -21.58 -35.84
CA GLU I 27 -9.78 -22.66 -36.65
C GLU I 27 -8.87 -23.87 -36.53
N MET I 28 -9.42 -25.05 -36.80
CA MET I 28 -8.69 -26.30 -36.72
C MET I 28 -8.36 -26.79 -38.13
N VAL I 29 -7.07 -26.97 -38.40
CA VAL I 29 -6.61 -27.46 -39.69
C VAL I 29 -5.97 -28.84 -39.50
N PRO I 30 -5.95 -29.70 -40.51
CA PRO I 30 -5.25 -30.98 -40.36
C PRO I 30 -3.75 -30.79 -40.22
N TRP I 31 -3.13 -31.69 -39.48
CA TRP I 31 -1.70 -31.64 -39.21
C TRP I 31 -1.16 -33.06 -39.12
N ASP I 32 0.15 -33.18 -38.91
CA ASP I 32 0.79 -34.47 -38.74
C ASP I 32 1.76 -34.51 -37.56
N GLY I 33 1.95 -33.40 -36.86
CA GLY I 33 2.85 -33.32 -35.73
C GLY I 33 2.25 -33.69 -34.39
N CYS I 34 1.00 -34.14 -34.36
CA CYS I 34 0.34 -34.51 -33.12
C CYS I 34 -0.46 -35.78 -33.35
N LYS I 35 -0.85 -36.42 -32.25
CA LYS I 35 -1.63 -37.66 -32.33
C LYS I 35 -3.01 -37.40 -32.90
N ALA I 36 -3.62 -36.26 -32.56
CA ALA I 36 -4.96 -35.94 -33.04
C ALA I 36 -4.99 -35.47 -34.48
N ALA I 37 -3.82 -35.22 -35.09
CA ALA I 37 -3.69 -34.76 -36.48
C ALA I 37 -4.46 -33.46 -36.71
N GLN I 38 -4.40 -32.56 -35.72
CA GLN I 38 -5.06 -31.27 -35.81
C GLN I 38 -4.10 -30.19 -35.33
N MET I 39 -4.33 -28.97 -35.80
CA MET I 39 -3.53 -27.82 -35.39
C MET I 39 -4.40 -26.58 -35.44
N ALA I 40 -4.25 -25.73 -34.42
CA ALA I 40 -4.98 -24.48 -34.37
C ALA I 40 -4.39 -23.49 -35.36
N SER I 41 -5.27 -22.82 -36.10
CA SER I 41 -4.88 -21.76 -37.03
C SER I 41 -5.81 -20.58 -36.81
N SER I 42 -5.31 -19.38 -37.09
CA SER I 42 -6.03 -18.13 -36.85
C SER I 42 -6.14 -17.34 -38.15
N PRO I 43 -7.12 -17.66 -39.00
CA PRO I 43 -7.30 -16.88 -40.22
C PRO I 43 -7.89 -15.51 -39.97
N ARG I 44 -8.88 -15.40 -39.09
CA ARG I 44 -9.54 -14.13 -38.81
C ARG I 44 -8.91 -13.46 -37.59
N THR I 45 -7.60 -13.22 -37.70
CA THR I 45 -6.84 -12.66 -36.59
C THR I 45 -7.25 -11.22 -36.33
N GLU I 46 -7.63 -10.48 -37.37
CA GLU I 46 -8.03 -9.08 -37.23
C GLU I 46 -9.32 -8.91 -36.45
N ASP I 47 -10.10 -9.98 -36.26
CA ASP I 47 -11.32 -9.92 -35.47
C ASP I 47 -11.08 -10.16 -33.99
N CYS I 48 -9.86 -10.50 -33.60
CA CYS I 48 -9.55 -10.80 -32.21
C CYS I 48 -9.50 -9.51 -31.38
N VAL I 49 -9.95 -9.63 -30.13
CA VAL I 49 -9.85 -8.52 -29.19
C VAL I 49 -8.73 -8.71 -28.17
N GLY I 50 -8.23 -9.93 -28.00
CA GLY I 50 -7.20 -10.18 -27.01
C GLY I 50 -7.72 -10.63 -25.65
N CYS I 51 -8.86 -11.33 -25.62
CA CYS I 51 -9.47 -11.72 -24.36
C CYS I 51 -8.74 -12.88 -23.68
N LYS I 52 -7.83 -13.55 -24.38
CA LYS I 52 -6.97 -14.61 -23.84
C LYS I 52 -7.77 -15.78 -23.28
N ARG I 53 -8.96 -16.02 -23.83
CA ARG I 53 -9.73 -17.19 -23.42
C ARG I 53 -9.13 -18.47 -24.00
N CYS I 54 -8.52 -18.39 -25.17
CA CYS I 54 -7.82 -19.54 -25.73
C CYS I 54 -6.61 -19.93 -24.89
N GLU I 55 -5.90 -18.94 -24.34
CA GLU I 55 -4.79 -19.22 -23.44
C GLU I 55 -5.27 -19.86 -22.15
N THR I 56 -6.44 -19.45 -21.66
CA THR I 56 -7.04 -20.12 -20.50
C THR I 56 -7.40 -21.56 -20.84
N ALA I 57 -7.95 -21.79 -22.03
CA ALA I 57 -8.36 -23.13 -22.45
C ALA I 57 -7.19 -24.00 -22.89
N CYS I 58 -5.99 -23.45 -23.03
CA CYS I 58 -4.86 -24.23 -23.52
C CYS I 58 -4.32 -25.13 -22.42
N PRO I 59 -4.26 -26.44 -22.62
CA PRO I 59 -3.74 -27.35 -21.58
C PRO I 59 -2.23 -27.53 -21.61
N THR I 60 -1.56 -27.19 -22.70
CA THR I 60 -0.13 -27.40 -22.80
C THR I 60 0.64 -26.39 -21.95
N ASP I 61 1.79 -26.82 -21.47
CA ASP I 61 2.70 -25.97 -20.69
C ASP I 61 4.05 -25.96 -21.40
N PHE I 62 4.42 -24.83 -22.01
CA PHE I 62 3.65 -23.59 -22.00
C PHE I 62 2.57 -23.56 -23.09
N LEU I 63 1.90 -22.42 -23.21
CA LEU I 63 0.72 -22.31 -24.06
C LEU I 63 1.09 -22.46 -25.53
N SER I 64 0.31 -23.28 -26.25
CA SER I 64 0.53 -23.45 -27.68
C SER I 64 0.03 -22.25 -28.46
N VAL I 65 -1.12 -21.68 -28.07
CA VAL I 65 -1.66 -20.50 -28.71
C VAL I 65 -1.32 -19.28 -27.85
N ARG I 66 -0.72 -18.27 -28.47
CA ARG I 66 -0.31 -17.06 -27.79
C ARG I 66 -0.95 -15.85 -28.45
N VAL I 67 -1.47 -14.93 -27.63
CA VAL I 67 -2.11 -13.71 -28.10
C VAL I 67 -1.30 -12.53 -27.59
N TYR I 68 -0.90 -11.64 -28.50
CA TYR I 68 -0.06 -10.50 -28.18
C TYR I 68 -0.85 -9.22 -28.41
N LEU I 69 -0.92 -8.38 -27.39
CA LEU I 69 -1.68 -7.15 -27.48
C LEU I 69 -0.91 -6.08 -28.26
N GLY I 70 -1.65 -5.06 -28.69
CA GLY I 70 -1.06 -3.95 -29.43
C GLY I 70 -1.85 -3.68 -30.70
N ASN I 71 -1.78 -2.42 -31.14
CA ASN I 71 -2.41 -1.93 -32.37
C ASN I 71 -3.93 -2.17 -32.35
N GLU I 72 -4.58 -1.50 -31.39
CA GLU I 72 -6.02 -1.64 -31.22
C GLU I 72 -6.77 -0.99 -32.38
N SER I 73 -7.90 -1.58 -32.74
CA SER I 73 -8.74 -1.05 -33.81
C SER I 73 -10.19 -0.96 -33.36
N THR I 74 -11.11 -0.67 -34.28
CA THR I 74 -12.52 -0.60 -33.93
C THR I 74 -13.13 -1.97 -33.67
N ARG I 75 -12.50 -3.04 -34.15
CA ARG I 75 -12.97 -4.39 -33.87
C ARG I 75 -12.20 -5.06 -32.75
N SER I 76 -10.93 -4.70 -32.56
CA SER I 76 -10.12 -5.24 -31.49
C SER I 76 -10.45 -4.62 -30.14
N LEU I 77 -11.13 -3.48 -30.11
CA LEU I 77 -11.50 -2.83 -28.86
C LEU I 77 -12.90 -3.22 -28.39
N GLY I 78 -13.58 -4.10 -29.12
CA GLY I 78 -14.92 -4.55 -28.73
C GLY I 78 -15.95 -3.44 -28.70
N LEU I 79 -15.89 -2.52 -29.67
CA LEU I 79 -16.73 -1.35 -29.69
C LEU I 79 -17.94 -1.61 -30.58
N ALA I 80 -19.13 -1.45 -30.00
CA ALA I 80 -20.37 -1.49 -30.77
C ALA I 80 -20.80 -0.10 -31.25
N TYR I 81 -20.01 0.92 -30.95
CA TYR I 81 -20.32 2.28 -31.37
C TYR I 81 -19.21 2.85 -32.23
N PRO J 60 -19.54 -23.93 -46.72
CA PRO J 60 -20.09 -25.28 -46.91
C PRO J 60 -19.95 -25.76 -48.34
N TRP J 61 -20.90 -26.58 -48.80
CA TRP J 61 -20.90 -27.03 -50.19
C TRP J 61 -21.10 -25.85 -51.13
N LYS J 62 -22.01 -24.94 -50.79
CA LYS J 62 -22.21 -23.70 -51.52
C LYS J 62 -22.42 -22.58 -50.51
N GLN J 63 -21.78 -21.45 -50.75
CA GLN J 63 -21.90 -20.32 -49.83
C GLN J 63 -23.29 -19.71 -49.93
N PRO J 64 -24.06 -19.66 -48.85
CA PRO J 64 -25.42 -19.09 -48.92
C PRO J 64 -25.42 -17.59 -48.75
N GLU J 65 -26.31 -16.93 -49.49
CA GLU J 65 -26.51 -15.50 -49.41
C GLU J 65 -27.74 -15.23 -48.55
N LEU J 66 -27.65 -14.23 -47.68
CA LEU J 66 -28.76 -13.92 -46.79
C LEU J 66 -29.93 -13.35 -47.56
N ASP J 67 -31.14 -13.64 -47.08
CA ASP J 67 -32.36 -13.19 -47.75
C ASP J 67 -33.02 -12.11 -46.91
N PRO J 68 -33.28 -10.92 -47.48
CA PRO J 68 -34.01 -9.90 -46.71
C PRO J 68 -35.47 -10.24 -46.44
N ASP J 69 -36.02 -11.25 -47.12
CA ASP J 69 -37.43 -11.60 -46.98
C ASP J 69 -37.72 -12.50 -45.78
N THR J 70 -36.70 -13.00 -45.10
CA THR J 70 -36.93 -13.82 -43.91
C THR J 70 -37.49 -12.95 -42.78
N PRO J 71 -38.42 -13.49 -41.98
CA PRO J 71 -38.99 -12.69 -40.89
C PRO J 71 -38.03 -12.51 -39.72
N SER J 72 -38.48 -11.80 -38.69
CA SER J 72 -37.68 -11.51 -37.52
C SER J 72 -38.42 -11.98 -36.27
N PRO J 73 -37.69 -12.36 -35.22
CA PRO J 73 -38.35 -12.77 -33.98
C PRO J 73 -39.10 -11.62 -33.33
N ILE J 74 -40.18 -11.97 -32.63
CA ILE J 74 -40.99 -10.96 -31.96
C ILE J 74 -40.22 -10.44 -30.75
N PHE J 75 -40.02 -9.13 -30.70
CA PHE J 75 -39.26 -8.51 -29.62
C PHE J 75 -39.74 -7.08 -29.45
N GLY J 76 -39.69 -6.60 -28.21
CA GLY J 76 -40.01 -5.22 -27.91
C GLY J 76 -38.79 -4.33 -28.03
N GLY J 77 -39.01 -3.04 -27.75
CA GLY J 77 -37.94 -2.07 -27.83
C GLY J 77 -36.93 -2.22 -26.70
N SER J 78 -35.68 -2.52 -27.05
CA SER J 78 -34.60 -2.64 -26.08
C SER J 78 -33.55 -1.58 -26.38
N THR J 79 -33.11 -0.88 -25.33
CA THR J 79 -32.07 0.14 -25.50
C THR J 79 -30.73 -0.47 -25.90
N GLY J 80 -30.49 -1.72 -25.53
CA GLY J 80 -29.34 -2.43 -26.01
C GLY J 80 -29.59 -2.98 -27.40
N GLY J 81 -28.85 -2.47 -28.39
CA GLY J 81 -29.04 -2.89 -29.76
C GLY J 81 -28.15 -2.15 -30.73
N LEU J 82 -28.66 -1.86 -31.91
CA LEU J 82 -27.87 -1.19 -32.94
C LEU J 82 -27.66 0.29 -32.59
N LEU J 83 -26.52 0.81 -33.01
CA LEU J 83 -26.16 2.20 -32.76
C LEU J 83 -25.79 2.89 -34.07
N ARG J 84 -25.18 4.08 -33.99
CA ARG J 84 -24.74 4.79 -35.18
C ARG J 84 -23.63 4.04 -35.92
N LYS J 85 -22.93 3.12 -35.23
CA LYS J 85 -21.91 2.32 -35.90
C LYS J 85 -22.50 1.39 -36.96
N ALA J 86 -23.78 1.05 -36.82
CA ALA J 86 -24.44 0.24 -37.84
C ALA J 86 -24.64 1.02 -39.14
N GLN J 87 -24.58 2.35 -39.08
CA GLN J 87 -24.73 3.17 -40.28
C GLN J 87 -23.38 3.50 -40.90
N VAL J 88 -22.51 4.16 -40.15
CA VAL J 88 -21.23 4.61 -40.70
C VAL J 88 -20.29 3.45 -40.93
N GLU J 89 -20.34 2.42 -40.10
CA GLU J 89 -19.47 1.25 -40.22
C GLU J 89 -20.32 0.00 -40.44
N GLU J 90 -19.67 -1.15 -40.40
CA GLU J 90 -20.34 -2.41 -40.66
C GLU J 90 -21.22 -2.83 -39.48
N PHE J 91 -22.18 -3.72 -39.78
CA PHE J 91 -23.00 -4.35 -38.75
C PHE J 91 -23.21 -5.82 -39.15
N TYR J 92 -23.66 -6.61 -38.19
CA TYR J 92 -23.71 -8.05 -38.33
C TYR J 92 -25.14 -8.56 -38.31
N VAL J 93 -25.42 -9.56 -39.12
CA VAL J 93 -26.75 -10.15 -39.25
C VAL J 93 -26.64 -11.65 -39.05
N THR J 94 -27.46 -12.19 -38.15
CA THR J 94 -27.47 -13.61 -37.84
C THR J 94 -28.74 -14.25 -38.39
N THR J 95 -28.59 -15.46 -38.95
CA THR J 95 -29.69 -16.17 -39.59
C THR J 95 -29.73 -17.60 -39.08
N TRP J 96 -30.91 -18.07 -38.68
CA TRP J 96 -31.09 -19.45 -38.27
C TRP J 96 -32.49 -19.92 -38.65
N GLU J 97 -32.64 -21.25 -38.73
CA GLU J 97 -33.91 -21.88 -39.09
C GLU J 97 -34.42 -22.63 -37.86
N SER J 98 -35.66 -22.35 -37.48
CA SER J 98 -36.26 -22.94 -36.28
C SER J 98 -37.45 -23.82 -36.64
N PRO J 99 -37.64 -24.95 -35.94
CA PRO J 99 -38.81 -25.79 -36.23
C PRO J 99 -40.08 -25.36 -35.54
N LYS J 100 -39.99 -24.55 -34.49
CA LYS J 100 -41.16 -24.11 -33.75
C LYS J 100 -40.83 -22.77 -33.08
N GLU J 101 -41.83 -22.19 -32.43
CA GLU J 101 -41.67 -20.91 -31.75
C GLU J 101 -41.11 -21.16 -30.35
N GLN J 102 -39.87 -20.76 -30.12
CA GLN J 102 -39.21 -20.91 -28.84
C GLN J 102 -38.80 -19.54 -28.32
N ILE J 103 -38.43 -19.49 -27.04
CA ILE J 103 -38.04 -18.26 -26.37
C ILE J 103 -36.54 -18.30 -26.14
N PHE J 104 -35.83 -17.31 -26.65
CA PHE J 104 -34.39 -17.18 -26.48
C PHE J 104 -34.07 -15.80 -25.93
N GLU J 105 -32.91 -15.70 -25.29
CA GLU J 105 -32.45 -14.44 -24.72
C GLU J 105 -31.49 -13.78 -25.69
N MET J 106 -31.75 -12.52 -26.03
CA MET J 106 -30.85 -11.78 -26.90
C MET J 106 -29.54 -11.47 -26.17
N PRO J 107 -28.42 -11.48 -26.89
CA PRO J 107 -27.13 -11.18 -26.25
C PRO J 107 -27.02 -9.74 -25.78
N THR J 108 -27.84 -8.83 -26.31
CA THR J 108 -27.80 -7.42 -25.93
C THR J 108 -29.09 -6.92 -25.30
N GLY J 109 -30.13 -7.75 -25.22
CA GLY J 109 -31.40 -7.32 -24.67
C GLY J 109 -32.03 -8.34 -23.75
N GLY J 110 -33.35 -8.43 -23.77
CA GLY J 110 -34.07 -9.36 -22.92
C GLY J 110 -34.36 -10.68 -23.60
N ALA J 111 -35.64 -11.08 -23.60
CA ALA J 111 -36.07 -12.34 -24.18
C ALA J 111 -36.98 -12.08 -25.37
N ALA J 112 -36.82 -12.89 -26.42
CA ALA J 112 -37.61 -12.78 -27.63
C ALA J 112 -38.08 -14.15 -28.07
N ILE J 113 -39.18 -14.18 -28.83
CA ILE J 113 -39.75 -15.41 -29.35
C ILE J 113 -39.37 -15.51 -30.83
N MET J 114 -38.63 -16.56 -31.17
CA MET J 114 -38.26 -16.78 -32.56
C MET J 114 -39.44 -17.35 -33.35
N ARG J 115 -39.39 -17.17 -34.66
CA ARG J 115 -40.46 -17.63 -35.54
C ARG J 115 -40.20 -19.07 -35.98
N LYS J 116 -41.28 -19.75 -36.38
CA LYS J 116 -41.19 -21.10 -36.92
C LYS J 116 -40.69 -21.00 -38.36
N GLY J 117 -39.40 -21.25 -38.54
CA GLY J 117 -38.79 -21.15 -39.83
C GLY J 117 -37.54 -20.28 -39.81
N PRO J 118 -37.30 -19.54 -40.90
CA PRO J 118 -36.14 -18.66 -40.94
C PRO J 118 -36.29 -17.49 -39.98
N ASN J 119 -35.14 -16.98 -39.51
CA ASN J 119 -35.12 -15.87 -38.58
C ASN J 119 -33.97 -14.94 -38.94
N LEU J 120 -34.11 -13.68 -38.56
CA LEU J 120 -33.12 -12.66 -38.85
C LEU J 120 -32.91 -11.80 -37.62
N LEU J 121 -31.66 -11.66 -37.19
CA LEU J 121 -31.29 -10.80 -36.07
C LEU J 121 -30.12 -9.93 -36.48
N LYS J 122 -30.24 -8.63 -36.25
CA LYS J 122 -29.18 -7.68 -36.55
C LYS J 122 -28.48 -7.30 -35.25
N LEU J 123 -27.17 -7.54 -35.19
CA LEU J 123 -26.39 -7.27 -33.99
C LEU J 123 -25.19 -6.40 -34.35
N ALA J 124 -24.75 -5.60 -33.37
CA ALA J 124 -23.73 -4.60 -33.63
C ALA J 124 -22.33 -5.18 -33.75
N ARG J 125 -22.03 -6.27 -33.02
CA ARG J 125 -20.69 -6.82 -32.99
C ARG J 125 -20.72 -8.30 -33.34
N LYS J 126 -19.57 -8.80 -33.81
CA LYS J 126 -19.44 -10.21 -34.11
C LYS J 126 -19.47 -11.07 -32.84
N GLU J 127 -19.02 -10.50 -31.71
CA GLU J 127 -19.07 -11.22 -30.45
C GLU J 127 -20.51 -11.48 -30.02
N HIS J 128 -21.41 -10.52 -30.26
CA HIS J 128 -22.83 -10.75 -29.99
C HIS J 128 -23.37 -11.89 -30.85
N CYS J 129 -22.99 -11.90 -32.13
CA CYS J 129 -23.46 -12.95 -33.04
C CYS J 129 -22.97 -14.32 -32.62
N LEU J 130 -21.70 -14.43 -32.22
CA LEU J 130 -21.19 -15.73 -31.80
C LEU J 130 -21.70 -16.14 -30.43
N ALA J 131 -21.97 -15.18 -29.54
CA ALA J 131 -22.61 -15.52 -28.27
C ALA J 131 -24.01 -16.07 -28.49
N LEU J 132 -24.77 -15.44 -29.39
CA LEU J 132 -26.08 -15.95 -29.75
C LEU J 132 -25.97 -17.32 -30.42
N THR J 133 -24.97 -17.51 -31.26
CA THR J 133 -24.76 -18.79 -31.94
C THR J 133 -24.47 -19.90 -30.94
N THR J 134 -23.57 -19.63 -29.97
CA THR J 134 -23.24 -20.62 -28.95
C THR J 134 -24.43 -20.91 -28.05
N GLN J 135 -25.22 -19.88 -27.71
CA GLN J 135 -26.41 -20.08 -26.90
C GLN J 135 -27.43 -20.96 -27.64
N LEU J 136 -27.64 -20.70 -28.92
CA LEU J 136 -28.58 -21.49 -29.71
C LEU J 136 -28.10 -22.92 -29.87
N ARG J 137 -26.80 -23.11 -30.11
CA ARG J 137 -26.27 -24.46 -30.27
C ARG J 137 -26.30 -25.25 -28.97
N THR J 138 -26.08 -24.58 -27.84
CA THR J 138 -26.12 -25.26 -26.56
C THR J 138 -27.56 -25.58 -26.14
N LYS J 139 -28.50 -24.70 -26.45
CA LYS J 139 -29.87 -24.86 -25.97
C LYS J 139 -30.71 -25.72 -26.89
N PHE J 140 -30.82 -25.33 -28.17
CA PHE J 140 -31.75 -25.99 -29.09
C PHE J 140 -31.04 -26.63 -30.27
N ARG J 141 -29.72 -26.85 -30.16
CA ARG J 141 -28.83 -27.37 -31.22
C ARG J 141 -29.16 -26.78 -32.59
N MET J 142 -29.25 -25.45 -32.62
CA MET J 142 -29.77 -24.74 -33.80
C MET J 142 -28.81 -24.80 -34.97
N SER J 143 -27.51 -24.73 -34.71
CA SER J 143 -26.43 -24.59 -35.70
C SER J 143 -26.70 -23.40 -36.62
N PRO J 144 -26.58 -22.15 -36.12
CA PRO J 144 -26.86 -21.00 -36.96
C PRO J 144 -25.64 -20.48 -37.71
N CYS J 145 -25.83 -19.37 -38.44
CA CYS J 145 -24.74 -18.71 -39.14
C CYS J 145 -25.01 -17.21 -39.13
N PHE J 146 -23.95 -16.42 -39.08
CA PHE J 146 -24.09 -14.97 -39.11
C PHE J 146 -23.23 -14.37 -40.20
N TYR J 147 -23.64 -13.19 -40.66
CA TYR J 147 -23.01 -12.46 -41.75
C TYR J 147 -22.42 -11.16 -41.21
N ARG J 148 -21.87 -10.36 -42.13
CA ARG J 148 -21.42 -9.01 -41.82
C ARG J 148 -21.81 -8.11 -42.98
N VAL J 149 -22.63 -7.10 -42.71
CA VAL J 149 -23.09 -6.16 -43.72
C VAL J 149 -22.36 -4.84 -43.50
N TYR J 150 -21.63 -4.40 -44.52
CA TYR J 150 -20.84 -3.19 -44.43
C TYR J 150 -21.73 -1.96 -44.64
N ALA J 151 -21.13 -0.77 -44.52
CA ALA J 151 -21.87 0.46 -44.71
C ALA J 151 -22.27 0.67 -46.16
N ASP J 152 -21.45 0.19 -47.09
CA ASP J 152 -21.73 0.33 -48.52
C ASP J 152 -22.61 -0.78 -49.07
N GLY J 153 -23.02 -1.72 -48.23
CA GLY J 153 -23.89 -2.81 -48.66
C GLY J 153 -23.17 -4.12 -48.94
N LYS J 154 -21.87 -4.20 -48.71
CA LYS J 154 -21.15 -5.45 -48.94
C LYS J 154 -21.49 -6.45 -47.84
N VAL J 155 -21.77 -7.68 -48.25
CA VAL J 155 -22.17 -8.75 -47.34
C VAL J 155 -21.01 -9.74 -47.24
N GLU J 156 -20.55 -10.00 -46.02
CA GLU J 156 -19.43 -10.89 -45.77
C GLU J 156 -19.91 -12.13 -45.01
N TYR J 157 -19.37 -13.29 -45.38
CA TYR J 157 -19.66 -14.55 -44.73
C TYR J 157 -18.54 -14.85 -43.74
N LEU J 158 -18.90 -15.05 -42.47
CA LEU J 158 -17.88 -15.15 -41.44
C LEU J 158 -17.81 -16.51 -40.75
N HIS J 159 -18.92 -16.99 -40.19
CA HIS J 159 -18.79 -18.08 -39.23
C HIS J 159 -18.52 -19.43 -39.89
N PRO J 160 -19.41 -19.97 -40.78
CA PRO J 160 -19.09 -21.27 -41.38
C PRO J 160 -18.39 -21.12 -42.72
N LYS J 161 -17.10 -20.74 -42.71
CA LYS J 161 -16.37 -20.62 -43.97
C LYS J 161 -16.25 -21.95 -44.69
N ASP J 162 -15.95 -23.02 -43.95
CA ASP J 162 -15.98 -24.36 -44.50
C ASP J 162 -17.34 -25.04 -44.31
N GLY J 163 -18.23 -24.45 -43.53
CA GLY J 163 -19.54 -25.02 -43.27
C GLY J 163 -19.57 -26.13 -42.24
N VAL J 164 -18.43 -26.43 -41.61
CA VAL J 164 -18.35 -27.52 -40.64
C VAL J 164 -17.87 -27.04 -39.28
N TYR J 165 -17.81 -25.72 -39.06
CA TYR J 165 -17.46 -25.02 -37.82
C TYR J 165 -15.97 -25.19 -37.47
N PRO J 166 -15.38 -24.27 -36.70
CA PRO J 166 -13.95 -24.40 -36.37
C PRO J 166 -13.60 -25.60 -35.52
N GLU J 167 -14.58 -26.27 -34.90
CA GLU J 167 -14.28 -27.48 -34.13
C GLU J 167 -13.80 -28.62 -35.02
N LYS J 168 -14.32 -28.70 -36.24
CA LYS J 168 -13.86 -29.70 -37.20
C LYS J 168 -12.70 -29.16 -38.02
N VAL J 169 -12.22 -29.96 -38.97
CA VAL J 169 -11.06 -29.62 -39.78
C VAL J 169 -11.40 -29.57 -41.27
N ASN J 170 -12.17 -30.54 -41.76
CA ASN J 170 -12.68 -30.69 -43.13
C ASN J 170 -11.59 -30.95 -44.17
N ALA J 171 -10.31 -30.92 -43.79
CA ALA J 171 -9.18 -31.16 -44.69
C ALA J 171 -9.21 -30.26 -45.92
N GLY J 172 -9.57 -28.99 -45.71
CA GLY J 172 -9.67 -28.06 -46.82
C GLY J 172 -9.21 -26.65 -46.51
N ARG J 173 -8.61 -26.45 -45.34
CA ARG J 173 -8.13 -25.15 -44.92
C ARG J 173 -6.64 -25.23 -44.59
N VAL J 174 -5.91 -24.19 -44.97
CA VAL J 174 -4.46 -24.16 -44.79
C VAL J 174 -4.12 -23.59 -43.43
N GLY J 175 -2.89 -23.85 -42.99
CA GLY J 175 -2.42 -23.31 -41.72
C GLY J 175 -2.00 -21.86 -41.89
N VAL J 176 -2.39 -21.02 -40.93
CA VAL J 176 -2.11 -19.60 -40.97
C VAL J 176 -1.68 -19.14 -39.58
N ASN J 177 -0.63 -18.32 -39.52
CA ASN J 177 -0.05 -17.82 -38.27
C ASN J 177 0.38 -18.97 -37.35
N GLN J 178 1.03 -19.97 -37.94
CA GLN J 178 1.51 -21.13 -37.21
C GLN J 178 3.03 -21.14 -37.22
N ASN J 179 3.62 -21.31 -36.04
CA ASN J 179 5.07 -21.40 -35.89
C ASN J 179 5.46 -22.84 -35.63
N MET J 180 6.34 -23.39 -36.46
CA MET J 180 6.83 -24.74 -36.25
C MET J 180 7.83 -24.84 -35.12
N ARG J 181 8.32 -23.71 -34.60
CA ARG J 181 9.19 -23.72 -33.44
C ARG J 181 8.36 -23.76 -32.16
N SER J 182 9.00 -24.15 -31.07
CA SER J 182 8.33 -24.21 -29.78
C SER J 182 8.19 -22.81 -29.19
N ILE J 183 7.17 -22.64 -28.35
CA ILE J 183 7.01 -21.41 -27.60
C ILE J 183 8.15 -21.28 -26.60
N GLY J 184 8.79 -20.12 -26.56
CA GLY J 184 9.97 -19.93 -25.76
C GLY J 184 11.27 -20.12 -26.49
N LYS J 185 11.23 -20.67 -27.71
CA LYS J 185 12.39 -20.74 -28.59
C LYS J 185 12.54 -19.48 -29.44
N ASN J 186 11.69 -18.48 -29.22
CA ASN J 186 11.77 -17.23 -29.97
C ASN J 186 13.05 -16.49 -29.62
N VAL J 187 13.54 -15.70 -30.58
CA VAL J 187 14.74 -14.90 -30.34
C VAL J 187 14.42 -13.75 -29.40
N ASP J 188 15.47 -13.19 -28.80
CA ASP J 188 15.31 -12.06 -27.91
C ASP J 188 14.99 -10.80 -28.71
N PRO J 189 14.38 -9.80 -28.08
CA PRO J 189 14.09 -8.53 -28.80
C PRO J 189 15.34 -7.79 -29.27
N ILE J 190 16.50 -8.05 -28.67
CA ILE J 190 17.72 -7.43 -29.15
C ILE J 190 18.08 -7.93 -30.54
N LYS J 191 17.80 -9.21 -30.83
CA LYS J 191 18.11 -9.76 -32.13
C LYS J 191 17.22 -9.22 -33.24
N VAL J 192 16.06 -8.68 -32.91
CA VAL J 192 15.15 -8.12 -33.89
C VAL J 192 14.95 -6.62 -33.67
N LYS J 193 15.88 -5.98 -32.96
CA LYS J 193 15.77 -4.55 -32.72
C LYS J 193 16.00 -3.76 -33.99
N PHE J 194 15.22 -2.68 -34.15
CA PHE J 194 15.27 -1.79 -35.33
C PHE J 194 15.02 -2.54 -36.62
N THR J 195 14.17 -3.58 -36.58
CA THR J 195 13.82 -4.35 -37.77
C THR J 195 12.35 -4.28 -38.13
N GLY J 196 11.48 -3.86 -37.20
CA GLY J 196 10.07 -3.79 -37.46
C GLY J 196 9.33 -5.10 -37.33
N SER J 197 10.02 -6.18 -36.97
CA SER J 197 9.41 -7.50 -36.83
C SER J 197 9.58 -7.98 -35.40
N GLU J 198 8.48 -8.41 -34.80
CA GLU J 198 8.51 -8.94 -33.45
C GLU J 198 9.10 -10.35 -33.45
N PRO J 199 9.63 -10.81 -32.30
CA PRO J 199 10.15 -12.19 -32.24
C PRO J 199 9.13 -13.26 -32.56
N PHE J 200 7.87 -13.05 -32.18
CA PHE J 200 6.82 -14.03 -32.48
C PHE J 200 6.30 -13.91 -33.91
N GLU J 201 6.59 -12.82 -34.61
CA GLU J 201 6.15 -12.65 -35.98
C GLU J 201 7.05 -13.34 -36.99
N ILE J 202 8.19 -13.89 -36.56
CA ILE J 202 9.11 -14.55 -37.46
C ILE J 202 8.55 -15.92 -37.86
N GLU K 60 9.15 -47.52 -27.76
CA GLU K 60 10.40 -48.22 -28.07
C GLU K 60 11.56 -47.24 -28.22
N ILE K 61 11.28 -46.08 -28.82
CA ILE K 61 12.30 -45.07 -29.06
C ILE K 61 12.49 -44.10 -27.90
N GLY K 62 11.65 -44.17 -26.87
CA GLY K 62 11.74 -43.28 -25.74
C GLY K 62 12.03 -44.01 -24.46
N PRO K 63 11.80 -43.35 -23.32
CA PRO K 63 12.02 -44.00 -22.03
C PRO K 63 10.95 -45.04 -21.74
N LYS K 64 11.23 -45.88 -20.74
CA LYS K 64 10.31 -46.92 -20.33
C LYS K 64 9.05 -46.31 -19.72
N ARG K 65 7.90 -46.90 -20.01
CA ARG K 65 6.64 -46.43 -19.47
C ARG K 65 6.59 -46.67 -17.97
N GLY K 66 6.23 -45.64 -17.21
CA GLY K 66 6.21 -45.70 -15.77
C GLY K 66 7.50 -45.30 -15.09
N SER K 67 8.55 -45.01 -15.86
CA SER K 67 9.84 -44.62 -15.30
C SER K 67 9.87 -43.11 -15.07
N LEU K 68 10.55 -42.71 -13.99
CA LEU K 68 10.68 -41.30 -13.67
C LEU K 68 11.71 -40.65 -14.59
N VAL K 69 11.36 -39.48 -15.12
CA VAL K 69 12.24 -38.71 -15.98
C VAL K 69 12.31 -37.28 -15.47
N LYS K 70 13.37 -36.58 -15.86
CA LYS K 70 13.59 -35.19 -15.48
C LYS K 70 13.39 -34.31 -16.71
N VAL K 71 12.59 -33.27 -16.55
CA VAL K 71 12.26 -32.37 -17.65
C VAL K 71 13.24 -31.20 -17.66
N LEU K 72 13.92 -31.01 -18.80
CA LEU K 72 14.88 -29.92 -18.97
C LEU K 72 14.34 -28.80 -19.85
N ARG K 73 13.05 -28.79 -20.14
CA ARG K 73 12.47 -27.73 -20.95
C ARG K 73 12.43 -26.44 -20.13
N PRO K 74 13.02 -25.35 -20.61
CA PRO K 74 13.10 -24.14 -19.77
C PRO K 74 11.77 -23.45 -19.57
N GLU K 75 10.96 -23.32 -20.61
CA GLU K 75 9.69 -22.61 -20.51
C GLU K 75 8.60 -23.45 -19.83
N SER K 76 8.85 -24.72 -19.58
CA SER K 76 7.85 -25.54 -18.88
C SER K 76 7.80 -25.18 -17.40
N TYR K 77 6.64 -25.40 -16.79
CA TYR K 77 6.49 -25.19 -15.36
C TYR K 77 7.31 -26.19 -14.56
N TRP K 78 7.53 -27.38 -15.11
CA TRP K 78 8.22 -28.47 -14.42
C TRP K 78 9.68 -28.57 -14.85
N TYR K 79 10.33 -27.42 -15.09
CA TYR K 79 11.76 -27.42 -15.38
C TYR K 79 12.54 -27.90 -14.16
N ASN K 80 13.50 -28.81 -14.40
CA ASN K 80 14.29 -29.46 -13.35
C ASN K 80 13.40 -30.15 -12.32
N GLN K 81 12.34 -30.78 -12.80
CA GLN K 81 11.41 -31.53 -11.96
C GLN K 81 11.32 -32.96 -12.45
N VAL K 82 10.67 -33.80 -11.65
CA VAL K 82 10.58 -35.24 -11.93
C VAL K 82 9.14 -35.58 -12.25
N GLY K 83 8.93 -36.26 -13.38
CA GLY K 83 7.62 -36.71 -13.76
C GLY K 83 7.64 -38.18 -14.15
N LYS K 84 6.44 -38.77 -14.17
CA LYS K 84 6.28 -40.19 -14.46
C LYS K 84 5.73 -40.36 -15.86
N VAL K 85 6.41 -41.16 -16.68
CA VAL K 85 5.99 -41.39 -18.06
C VAL K 85 4.75 -42.26 -18.07
N VAL K 86 3.72 -41.82 -18.80
CA VAL K 86 2.48 -42.58 -18.93
C VAL K 86 2.30 -43.19 -20.32
N SER K 87 2.90 -42.60 -21.35
CA SER K 87 2.83 -43.12 -22.71
C SER K 87 3.86 -42.40 -23.56
N VAL K 88 4.44 -43.13 -24.52
CA VAL K 88 5.34 -42.57 -25.51
C VAL K 88 4.80 -42.93 -26.89
N ASP K 89 4.50 -41.92 -27.70
CA ASP K 89 3.92 -42.16 -29.00
C ASP K 89 4.98 -42.70 -29.97
N GLN K 90 4.58 -43.65 -30.81
CA GLN K 90 5.48 -44.29 -31.77
C GLN K 90 5.16 -43.92 -33.21
N SER K 91 4.33 -42.90 -33.43
CA SER K 91 3.96 -42.48 -34.78
C SER K 91 4.87 -41.39 -35.32
N GLY K 92 5.87 -40.95 -34.57
CA GLY K 92 6.79 -39.93 -35.03
C GLY K 92 6.18 -38.54 -35.03
N ILE K 93 5.78 -38.06 -33.86
CA ILE K 93 5.22 -36.73 -33.70
C ILE K 93 6.26 -35.84 -33.02
N ARG K 94 5.94 -34.55 -32.92
CA ARG K 94 6.90 -33.57 -32.42
C ARG K 94 7.25 -33.83 -30.95
N TYR K 95 6.25 -34.11 -30.12
CA TYR K 95 6.43 -34.33 -28.68
C TYR K 95 5.73 -35.62 -28.29
N PRO K 96 6.36 -36.77 -28.53
CA PRO K 96 5.67 -38.05 -28.28
C PRO K 96 5.66 -38.47 -26.81
N VAL K 97 6.60 -38.00 -26.00
CA VAL K 97 6.69 -38.43 -24.61
C VAL K 97 5.60 -37.72 -23.81
N VAL K 98 4.73 -38.49 -23.16
CA VAL K 98 3.67 -37.98 -22.31
C VAL K 98 4.00 -38.35 -20.88
N VAL K 99 4.05 -37.34 -19.99
CA VAL K 99 4.41 -37.54 -18.60
C VAL K 99 3.33 -36.93 -17.71
N ARG K 100 3.27 -37.41 -16.47
CA ARG K 100 2.31 -36.95 -15.49
C ARG K 100 3.05 -36.50 -14.25
N PHE K 101 2.68 -35.32 -13.75
CA PHE K 101 3.32 -34.72 -12.58
C PHE K 101 2.36 -34.73 -11.40
N GLU K 102 2.90 -34.96 -10.20
CA GLU K 102 2.08 -34.98 -8.99
C GLU K 102 1.62 -33.60 -8.58
N ASN K 103 2.31 -32.55 -9.00
CA ASN K 103 1.94 -31.17 -8.66
C ASN K 103 1.38 -30.48 -9.90
N GLN K 104 0.25 -29.80 -9.72
CA GLN K 104 -0.38 -29.11 -10.83
C GLN K 104 0.37 -27.83 -11.16
N ASN K 105 0.10 -27.29 -12.34
CA ASN K 105 0.65 -26.01 -12.75
C ASN K 105 -0.32 -24.91 -12.36
N TYR K 106 -0.08 -23.69 -12.85
CA TYR K 106 -1.00 -22.59 -12.56
C TYR K 106 -2.30 -22.74 -13.33
N ALA K 107 -2.26 -23.38 -14.50
CA ALA K 107 -3.48 -23.64 -15.25
C ALA K 107 -4.31 -24.76 -14.62
N GLY K 108 -3.69 -25.58 -13.77
CA GLY K 108 -4.38 -26.65 -13.07
C GLY K 108 -4.15 -28.03 -13.65
N VAL K 109 -3.47 -28.14 -14.79
CA VAL K 109 -3.23 -29.44 -15.38
C VAL K 109 -2.03 -30.11 -14.71
N SER K 110 -1.92 -31.42 -14.90
CA SER K 110 -0.84 -32.20 -14.32
C SER K 110 -0.04 -32.99 -15.33
N THR K 111 -0.47 -33.05 -16.60
CA THR K 111 0.21 -33.78 -17.64
C THR K 111 0.71 -32.83 -18.72
N ASN K 112 1.84 -33.18 -19.33
CA ASN K 112 2.41 -32.37 -20.40
C ASN K 112 3.17 -33.29 -21.34
N ASN K 113 3.44 -32.78 -22.54
CA ASN K 113 4.14 -33.52 -23.57
C ASN K 113 5.49 -32.86 -23.86
N TYR K 114 6.52 -33.69 -24.00
CA TYR K 114 7.87 -33.21 -24.24
C TYR K 114 8.53 -34.07 -25.31
N ALA K 115 9.58 -33.52 -25.91
CA ALA K 115 10.34 -34.24 -26.93
C ALA K 115 11.30 -35.22 -26.26
N LEU K 116 12.04 -35.96 -27.10
CA LEU K 116 12.99 -36.95 -26.59
C LEU K 116 14.17 -36.26 -25.90
N ASP K 117 14.62 -35.12 -26.43
CA ASP K 117 15.77 -34.42 -25.88
C ASP K 117 15.43 -33.61 -24.63
N GLU K 118 14.15 -33.48 -24.29
CA GLU K 118 13.74 -32.70 -23.13
C GLU K 118 13.53 -33.55 -21.89
N VAL K 119 13.80 -34.86 -21.96
CA VAL K 119 13.63 -35.75 -20.82
C VAL K 119 14.93 -36.52 -20.61
N THR K 120 15.36 -36.60 -19.34
CA THR K 120 16.53 -37.39 -18.95
C THR K 120 16.23 -38.10 -17.65
N ASP K 121 17.03 -39.12 -17.36
CA ASP K 121 16.90 -39.86 -16.11
C ASP K 121 17.41 -39.03 -14.95
N PRO K 122 16.62 -38.80 -13.90
CA PRO K 122 17.11 -38.01 -12.77
C PRO K 122 18.11 -38.81 -11.96
N PRO K 123 19.08 -38.13 -11.31
CA PRO K 123 20.08 -38.81 -10.49
C PRO K 123 19.64 -38.97 -9.04
N ASP L 68 28.10 3.55 32.65
CA ASP L 68 28.09 4.94 32.19
C ASP L 68 28.66 4.98 30.77
N ILE L 69 27.97 4.32 29.84
CA ILE L 69 28.37 4.31 28.43
C ILE L 69 27.32 5.06 27.62
N ALA L 70 27.76 5.61 26.49
CA ALA L 70 26.94 6.41 25.58
C ALA L 70 26.30 7.62 26.27
N GLY L 71 26.96 8.13 27.31
CA GLY L 71 26.43 9.26 28.06
C GLY L 71 25.14 8.96 28.79
N LEU L 72 24.98 7.75 29.29
CA LEU L 72 23.77 7.32 29.97
C LEU L 72 24.08 7.02 31.43
N THR L 73 23.30 7.61 32.33
CA THR L 73 23.44 7.36 33.75
C THR L 73 22.73 6.05 34.13
N PRO L 74 23.18 5.38 35.19
CA PRO L 74 22.46 4.18 35.65
C PRO L 74 21.08 4.52 36.17
N CYS L 75 20.18 3.52 36.09
CA CYS L 75 18.80 3.73 36.52
C CYS L 75 18.71 3.98 38.02
N SER L 76 19.64 3.44 38.81
CA SER L 76 19.61 3.65 40.25
C SER L 76 19.97 5.08 40.63
N GLU L 77 20.82 5.73 39.84
CA GLU L 77 21.31 7.08 40.14
C GLU L 77 20.78 8.11 39.14
N SER L 78 19.52 7.95 38.73
CA SER L 78 18.90 8.85 37.76
C SER L 78 17.77 9.62 38.44
N LYS L 79 17.81 10.95 38.30
CA LYS L 79 16.78 11.79 38.90
C LYS L 79 15.48 11.71 38.12
N ALA L 80 15.56 11.65 36.78
CA ALA L 80 14.37 11.57 35.95
C ALA L 80 13.65 10.24 36.13
N TYR L 81 14.40 9.17 36.40
CA TYR L 81 13.79 7.87 36.68
C TYR L 81 12.94 7.93 37.95
N ASN L 82 13.48 8.56 39.00
CA ASN L 82 12.71 8.72 40.24
C ASN L 82 11.55 9.68 40.06
N LYS L 83 11.72 10.71 39.23
CA LYS L 83 10.60 11.61 38.93
C LYS L 83 9.46 10.88 38.23
N LEU L 84 9.80 10.03 37.26
CA LEU L 84 8.78 9.24 36.58
C LEU L 84 8.12 8.26 37.55
N GLU L 85 8.91 7.66 38.44
CA GLU L 85 8.36 6.73 39.43
C GLU L 85 7.37 7.42 40.35
N ARG L 86 7.74 8.60 40.87
CA ARG L 86 6.83 9.29 41.78
C ARG L 86 5.64 9.89 41.05
N LYS L 87 5.78 10.25 39.77
CA LYS L 87 4.63 10.68 38.99
C LYS L 87 3.64 9.54 38.79
N GLU L 88 4.15 8.34 38.50
CA GLU L 88 3.28 7.17 38.36
C GLU L 88 2.61 6.82 39.68
N LEU L 89 3.36 6.91 40.79
CA LEU L 89 2.78 6.66 42.10
C LEU L 89 1.69 7.68 42.43
N LYS L 90 1.92 8.95 42.06
CA LYS L 90 0.92 9.99 42.32
C LYS L 90 -0.34 9.77 41.50
N VAL L 91 -0.22 9.46 40.21
CA VAL L 91 -1.41 9.26 39.40
C VAL L 91 -2.13 7.97 39.80
N LEU L 92 -1.41 6.96 40.27
CA LEU L 92 -2.06 5.76 40.78
C LEU L 92 -2.75 5.98 42.13
N ASP L 93 -2.18 6.82 42.99
CA ASP L 93 -2.81 7.15 44.26
C ASP L 93 -3.95 8.15 44.11
N LYS L 94 -4.03 8.83 42.97
CA LYS L 94 -5.16 9.71 42.71
C LYS L 94 -6.45 8.91 42.63
N ARG L 95 -6.42 7.75 41.99
CA ARG L 95 -7.58 6.88 41.91
C ARG L 95 -7.87 6.13 43.21
N LEU L 96 -6.92 6.13 44.16
CA LEU L 96 -7.14 5.43 45.42
C LEU L 96 -8.11 6.16 46.32
N LYS L 97 -8.22 7.48 46.17
CA LYS L 97 -9.07 8.27 47.06
C LYS L 97 -10.56 8.12 46.77
N LYS L 98 -10.91 7.50 45.64
CA LYS L 98 -12.31 7.36 45.26
C LYS L 98 -12.88 5.98 45.59
N TYR L 99 -12.16 5.19 46.37
CA TYR L 99 -12.64 3.88 46.79
C TYR L 99 -12.31 3.66 48.25
N GLU L 100 -13.21 2.95 48.94
CA GLU L 100 -12.95 2.57 50.32
C GLU L 100 -11.83 1.53 50.38
N PRO L 101 -11.02 1.55 51.44
CA PRO L 101 -9.85 0.64 51.51
C PRO L 101 -10.20 -0.83 51.53
N GLY L 102 -11.43 -1.20 51.91
CA GLY L 102 -11.82 -2.59 51.93
C GLY L 102 -12.64 -3.01 50.73
N SER L 103 -12.25 -2.55 49.55
CA SER L 103 -13.00 -2.83 48.32
C SER L 103 -12.13 -3.55 47.32
N ALA L 104 -12.78 -4.35 46.46
CA ALA L 104 -12.07 -5.04 45.40
C ALA L 104 -11.39 -4.12 44.39
N PRO L 105 -11.99 -3.02 43.91
CA PRO L 105 -11.19 -2.06 43.12
C PRO L 105 -10.02 -1.48 43.88
N TYR L 106 -10.16 -1.25 45.19
CA TYR L 106 -9.03 -0.79 45.99
C TYR L 106 -7.93 -1.84 46.05
N LEU L 107 -8.32 -3.12 46.18
CA LEU L 107 -7.33 -4.19 46.19
C LEU L 107 -6.62 -4.30 44.85
N ALA L 108 -7.37 -4.15 43.75
CA ALA L 108 -6.76 -4.18 42.42
C ALA L 108 -5.80 -3.02 42.21
N LEU L 109 -6.18 -1.82 42.68
CA LEU L 109 -5.29 -0.66 42.55
C LEU L 109 -4.06 -0.82 43.43
N GLN L 110 -4.21 -1.41 44.62
CA GLN L 110 -3.06 -1.67 45.47
C GLN L 110 -2.13 -2.70 44.84
N ALA L 111 -2.69 -3.72 44.19
CA ALA L 111 -1.86 -4.70 43.49
C ALA L 111 -1.14 -4.06 42.31
N THR L 112 -1.82 -3.15 41.60
CA THR L 112 -1.18 -2.43 40.50
C THR L 112 -0.04 -1.56 41.01
N LYS L 113 -0.25 -0.87 42.13
CA LYS L 113 0.80 -0.04 42.72
C LYS L 113 1.99 -0.89 43.19
N GLU L 114 1.71 -2.05 43.79
CA GLU L 114 2.76 -2.95 44.21
C GLU L 114 3.56 -3.47 43.02
N ARG L 115 2.86 -3.82 41.93
CA ARG L 115 3.54 -4.28 40.73
C ARG L 115 4.39 -3.16 40.12
N THR L 116 3.89 -1.93 40.12
CA THR L 116 4.67 -0.80 39.61
C THR L 116 5.92 -0.56 40.44
N GLU L 117 5.78 -0.62 41.78
CA GLU L 117 6.94 -0.44 42.66
C GLU L 117 7.94 -1.56 42.48
N ASN L 118 7.46 -2.80 42.33
CA ASN L 118 8.36 -3.93 42.11
C ASN L 118 9.08 -3.83 40.78
N ARG L 119 8.38 -3.37 39.74
CA ARG L 119 9.01 -3.19 38.43
C ARG L 119 10.06 -2.10 38.48
N PHE L 120 9.76 -0.98 39.16
CA PHE L 120 10.74 0.10 39.26
C PHE L 120 11.93 -0.29 40.12
N LYS L 121 11.72 -1.16 41.12
CA LYS L 121 12.84 -1.63 41.92
C LYS L 121 13.70 -2.62 41.17
N THR L 122 13.06 -3.54 40.42
CA THR L 122 13.81 -4.59 39.73
C THR L 122 14.53 -4.06 38.49
N TYR L 123 13.96 -3.04 37.83
CA TYR L 123 14.64 -2.45 36.68
C TYR L 123 15.90 -1.72 37.12
N ALA L 124 15.87 -1.07 38.27
CA ALA L 124 17.08 -0.54 38.86
C ALA L 124 17.93 -1.68 39.43
N LYS L 125 19.19 -1.33 39.75
CA LYS L 125 20.27 -2.23 40.21
C LYS L 125 20.33 -3.56 39.45
N GLN L 126 20.00 -3.52 38.16
CA GLN L 126 20.00 -4.70 37.30
C GLN L 126 20.85 -4.47 36.05
N GLY L 127 21.84 -3.60 36.15
CA GLY L 127 22.66 -3.25 35.00
C GLY L 127 21.88 -2.54 33.91
N LEU L 128 21.08 -1.55 34.32
CA LEU L 128 20.23 -0.80 33.41
C LEU L 128 20.61 0.67 33.45
N LEU L 129 20.64 1.30 32.28
CA LEU L 129 20.97 2.71 32.16
C LEU L 129 19.85 3.48 31.48
N CYS L 130 19.75 4.76 31.80
CA CYS L 130 18.79 5.66 31.18
C CYS L 130 19.41 7.04 31.07
N GLY L 131 19.09 7.75 29.99
CA GLY L 131 19.69 9.04 29.77
C GLY L 131 18.73 10.14 29.36
N ASN L 132 18.62 11.17 30.21
CA ASN L 132 17.92 12.42 29.95
C ASN L 132 16.42 12.26 29.73
N ASP L 133 15.86 11.08 29.97
CA ASP L 133 14.43 10.89 29.82
C ASP L 133 13.77 10.08 30.94
N GLY L 134 14.55 9.41 31.79
CA GLY L 134 13.98 8.57 32.82
C GLY L 134 13.49 7.21 32.35
N LEU L 135 13.66 6.90 31.07
CA LEU L 135 13.24 5.62 30.51
C LEU L 135 14.46 4.76 30.22
N PRO L 136 14.47 3.51 30.69
CA PRO L 136 15.67 2.68 30.57
C PRO L 136 16.07 2.41 29.13
N HIS L 137 17.38 2.35 28.90
CA HIS L 137 17.94 2.14 27.57
C HIS L 137 18.63 0.79 27.50
N LEU L 138 18.70 0.24 26.29
CA LEU L 138 19.29 -1.08 26.04
C LEU L 138 20.55 -0.94 25.22
N ILE L 139 21.58 -1.68 25.60
CA ILE L 139 22.87 -1.67 24.92
C ILE L 139 22.94 -2.89 24.02
N SER L 140 23.19 -2.66 22.73
CA SER L 140 23.04 -3.72 21.72
C SER L 140 24.35 -4.33 21.25
N ASP L 141 25.44 -3.58 21.27
CA ASP L 141 26.71 -4.10 20.77
C ASP L 141 27.26 -5.15 21.73
N PRO L 142 27.49 -6.38 21.28
CA PRO L 142 28.17 -7.36 22.12
C PRO L 142 29.61 -6.96 22.33
N GLY L 143 30.17 -7.38 23.48
CA GLY L 143 31.46 -6.89 23.89
C GLY L 143 31.31 -5.69 24.78
N LEU L 144 30.65 -4.64 24.28
CA LEU L 144 30.25 -3.54 25.14
C LEU L 144 29.20 -4.00 26.16
N ALA L 145 28.42 -5.01 25.80
CA ALA L 145 27.53 -5.68 26.73
C ALA L 145 28.21 -6.78 27.53
N LEU L 146 29.50 -7.06 27.25
CA LEU L 146 30.23 -8.09 27.97
C LEU L 146 31.14 -7.51 29.05
N ARG L 147 32.02 -6.58 28.68
CA ARG L 147 32.89 -5.95 29.67
C ARG L 147 32.09 -5.14 30.68
N PHE L 148 31.08 -4.42 30.21
CA PHE L 148 30.09 -3.81 31.09
C PHE L 148 28.93 -4.77 31.25
N ASN L 149 28.33 -4.78 32.44
CA ASN L 149 27.29 -5.75 32.77
C ASN L 149 26.00 -5.38 32.04
N HIS L 150 25.96 -5.71 30.75
CA HIS L 150 24.80 -5.43 29.92
C HIS L 150 24.45 -6.58 28.97
N ALA L 151 24.99 -7.77 29.19
CA ALA L 151 24.69 -8.89 28.31
C ALA L 151 23.23 -9.32 28.44
N GLY L 152 22.65 -9.17 29.63
CA GLY L 152 21.29 -9.59 29.88
C GLY L 152 20.24 -8.83 29.10
N GLU L 153 20.60 -7.68 28.52
CA GLU L 153 19.65 -6.92 27.71
C GLU L 153 19.29 -7.67 26.45
N VAL L 154 20.26 -7.96 25.57
CA VAL L 154 19.94 -8.53 24.26
C VAL L 154 20.84 -9.71 23.89
N PHE L 155 21.89 -9.96 24.67
CA PHE L 155 22.90 -10.93 24.23
C PHE L 155 22.38 -12.36 24.40
N ILE L 156 22.12 -12.78 25.64
CA ILE L 156 21.50 -14.09 25.87
C ILE L 156 20.11 -14.21 25.28
N PRO L 157 19.19 -13.24 25.38
CA PRO L 157 17.88 -13.41 24.74
C PRO L 157 17.92 -13.53 23.23
N THR L 158 18.98 -13.09 22.56
CA THR L 158 19.14 -13.35 21.14
C THR L 158 19.22 -14.85 20.86
N PHE L 159 20.12 -15.54 21.57
CA PHE L 159 20.17 -17.00 21.47
C PHE L 159 18.91 -17.65 22.01
N GLY L 160 18.26 -17.02 23.00
CA GLY L 160 17.01 -17.56 23.52
C GLY L 160 15.91 -17.56 22.48
N PHE L 161 15.81 -16.50 21.69
CA PHE L 161 14.87 -16.50 20.57
C PHE L 161 15.32 -17.45 19.47
N LEU L 162 16.62 -17.46 19.16
CA LEU L 162 17.12 -18.24 18.03
C LEU L 162 16.97 -19.73 18.26
N TYR L 163 17.07 -20.17 19.52
CA TYR L 163 16.84 -21.57 19.84
C TYR L 163 15.43 -21.99 19.50
N VAL L 164 14.44 -21.17 19.87
CA VAL L 164 13.05 -21.50 19.59
C VAL L 164 12.75 -21.37 18.09
N ALA L 165 13.35 -20.38 17.43
CA ALA L 165 13.13 -20.22 15.99
C ALA L 165 13.68 -21.41 15.21
N GLY L 166 14.89 -21.84 15.56
CA GLY L 166 15.44 -23.05 14.96
C GLY L 166 14.65 -24.29 15.33
N TYR L 167 14.11 -24.33 16.55
CA TYR L 167 13.22 -25.42 16.94
C TYR L 167 12.01 -25.51 16.02
N ILE L 168 11.34 -24.39 15.79
CA ILE L 168 10.14 -24.36 14.94
C ILE L 168 10.51 -24.74 13.51
N GLY L 169 11.59 -24.15 12.98
CA GLY L 169 12.00 -24.47 11.63
C GLY L 169 12.41 -25.93 11.46
N HIS L 170 13.09 -26.48 12.46
CA HIS L 170 13.56 -27.86 12.37
C HIS L 170 12.41 -28.85 12.47
N VAL L 171 11.45 -28.61 13.36
CA VAL L 171 10.31 -29.53 13.44
C VAL L 171 9.44 -29.40 12.20
N GLY L 172 9.31 -28.20 11.63
CA GLY L 172 8.59 -28.06 10.37
C GLY L 172 9.27 -28.78 9.24
N ARG L 173 10.60 -28.69 9.18
CA ARG L 173 11.36 -29.41 8.15
C ARG L 173 11.23 -30.91 8.32
N GLN L 174 11.31 -31.39 9.57
CA GLN L 174 11.17 -32.83 9.82
C GLN L 174 9.78 -33.32 9.41
N TYR L 175 8.74 -32.54 9.71
CA TYR L 175 7.40 -32.92 9.28
C TYR L 175 7.28 -32.89 7.76
N ILE L 176 7.95 -31.93 7.11
CA ILE L 176 7.86 -31.82 5.65
C ILE L 176 8.51 -33.02 4.97
N ILE L 177 9.71 -33.40 5.41
CA ILE L 177 10.35 -34.60 4.84
C ILE L 177 9.54 -35.86 5.16
N LEU L 178 9.11 -36.01 6.41
CA LEU L 178 8.42 -37.25 6.79
C LEU L 178 7.00 -37.31 6.23
N SER L 179 6.48 -36.20 5.70
CA SER L 179 5.19 -36.23 5.01
C SER L 179 5.34 -36.38 3.50
N LYS L 180 6.41 -35.84 2.92
CA LYS L 180 6.60 -35.93 1.46
C LYS L 180 6.91 -37.35 1.01
N GLU L 181 7.33 -38.24 1.91
CA GLU L 181 7.59 -39.64 1.60
C GLU L 181 6.37 -40.52 1.80
N ASP L 182 5.17 -39.96 1.71
CA ASP L 182 3.92 -40.67 1.95
C ASP L 182 3.03 -40.47 0.73
N ALA L 183 2.22 -41.49 0.44
CA ALA L 183 1.32 -41.42 -0.71
C ALA L 183 0.29 -40.30 -0.54
N LYS L 184 -0.03 -39.64 -1.66
CA LYS L 184 -0.77 -38.38 -1.79
C LYS L 184 -0.44 -37.42 -0.65
N PRO L 185 0.79 -36.89 -0.62
CA PRO L 185 1.24 -36.15 0.56
C PRO L 185 0.61 -34.77 0.73
N THR L 186 -0.25 -34.34 -0.19
CA THR L 186 -0.84 -33.01 -0.07
C THR L 186 -1.91 -32.94 1.00
N ASP L 187 -2.46 -34.09 1.43
CA ASP L 187 -3.49 -34.08 2.46
C ASP L 187 -2.93 -33.93 3.87
N LYS L 188 -1.65 -34.27 4.07
CA LYS L 188 -1.05 -34.20 5.40
C LYS L 188 -0.93 -32.77 5.90
N GLU L 189 -0.90 -31.78 4.99
CA GLU L 189 -0.82 -30.39 5.42
C GLU L 189 -2.17 -29.87 5.92
N ILE L 190 -3.28 -30.38 5.39
CA ILE L 190 -4.60 -29.96 5.85
C ILE L 190 -5.11 -30.96 6.89
N ILE L 191 -4.70 -32.22 6.78
CA ILE L 191 -5.04 -33.22 7.78
C ILE L 191 -3.75 -33.56 8.53
N LEU L 192 -3.48 -32.83 9.60
CA LEU L 192 -2.29 -33.07 10.38
C LEU L 192 -2.40 -34.41 11.10
N ASP L 193 -1.26 -35.02 11.37
CA ASP L 193 -1.19 -36.14 12.31
C ASP L 193 -0.55 -35.64 13.61
N VAL L 194 -1.19 -35.97 14.72
CA VAL L 194 -0.75 -35.48 16.03
C VAL L 194 0.34 -36.33 16.67
N PRO L 195 0.31 -37.68 16.64
CA PRO L 195 1.42 -38.43 17.29
C PRO L 195 2.79 -38.15 16.68
N LEU L 196 2.91 -38.12 15.35
CA LEU L 196 4.20 -37.90 14.74
C LEU L 196 4.65 -36.45 14.90
N ALA L 197 3.73 -35.50 14.81
CA ALA L 197 4.08 -34.09 15.01
C ALA L 197 4.50 -33.82 16.45
N LEU L 198 3.85 -34.49 17.41
CA LEU L 198 4.28 -34.35 18.80
C LEU L 198 5.59 -35.07 19.07
N LYS L 199 5.83 -36.19 18.39
CA LYS L 199 7.11 -36.88 18.52
C LYS L 199 8.26 -36.02 17.99
N LEU L 200 8.05 -35.36 16.86
CA LEU L 200 9.05 -34.41 16.37
C LEU L 200 9.11 -33.17 17.24
N ALA L 201 7.99 -32.80 17.88
CA ALA L 201 7.96 -31.63 18.74
C ALA L 201 8.80 -31.83 20.00
N PHE L 202 8.87 -33.06 20.50
CA PHE L 202 9.70 -33.37 21.65
C PHE L 202 11.03 -33.99 21.25
N GLN L 203 11.37 -33.97 19.97
CA GLN L 203 12.67 -34.39 19.48
C GLN L 203 13.47 -33.23 18.90
N GLY L 204 12.93 -32.02 18.94
CA GLY L 204 13.57 -30.84 18.39
C GLY L 204 14.42 -30.05 19.37
N TRP L 205 14.67 -30.57 20.57
CA TRP L 205 15.51 -29.85 21.52
C TRP L 205 16.93 -29.70 21.01
N ALA L 206 17.48 -30.75 20.40
CA ALA L 206 18.79 -30.69 19.77
C ALA L 206 18.66 -30.34 18.29
N TRP L 207 17.92 -29.27 18.00
CA TRP L 207 17.84 -28.79 16.62
C TRP L 207 19.18 -28.31 16.03
N PRO L 208 20.05 -27.55 16.73
CA PRO L 208 21.26 -27.09 16.03
C PRO L 208 22.22 -28.22 15.67
N LEU L 209 22.32 -29.25 16.51
CA LEU L 209 23.17 -30.39 16.19
C LEU L 209 22.65 -31.13 14.95
N ALA L 210 21.34 -31.34 14.89
CA ALA L 210 20.75 -32.02 13.73
C ALA L 210 20.88 -31.18 12.47
N SER L 211 20.69 -29.86 12.58
CA SER L 211 20.87 -29.00 11.42
C SER L 211 22.31 -28.98 10.93
N ILE L 212 23.27 -28.96 11.87
CA ILE L 212 24.68 -28.96 11.51
C ILE L 212 25.06 -30.27 10.84
N GLN L 213 24.60 -31.40 11.38
CA GLN L 213 24.95 -32.68 10.77
C GLN L 213 24.27 -32.86 9.42
N GLU L 214 23.06 -32.32 9.24
CA GLU L 214 22.38 -32.40 7.95
C GLU L 214 23.05 -31.51 6.91
N LEU L 215 23.54 -30.34 7.32
CA LEU L 215 24.33 -29.51 6.41
C LEU L 215 25.62 -30.20 6.01
N ARG L 216 26.28 -30.84 6.98
CA ARG L 216 27.53 -31.54 6.73
C ARG L 216 27.36 -32.73 5.78
N ASN L 217 26.31 -33.54 5.97
CA ASN L 217 26.16 -34.70 5.10
C ASN L 217 25.50 -34.36 3.77
N GLY L 218 25.02 -33.14 3.59
CA GLY L 218 24.45 -32.72 2.33
C GLY L 218 22.96 -32.96 2.18
N SER L 219 22.31 -33.61 3.15
CA SER L 219 20.88 -33.83 3.05
C SER L 219 20.06 -32.60 3.43
N LEU L 220 20.69 -31.58 4.01
CA LEU L 220 19.97 -30.34 4.30
C LEU L 220 19.60 -29.62 3.00
N LEU L 221 20.56 -29.47 2.10
CA LEU L 221 20.35 -28.78 0.84
C LEU L 221 20.04 -29.78 -0.27
N GLU L 222 19.60 -29.24 -1.40
CA GLU L 222 19.25 -30.09 -2.54
C GLU L 222 19.93 -29.59 -3.80
N LYS L 223 20.30 -30.49 -4.70
CA LYS L 223 20.94 -30.10 -5.94
C LYS L 223 20.04 -29.23 -6.82
N ASP L 224 20.55 -28.08 -7.24
CA ASP L 224 19.77 -27.20 -8.11
C ASP L 224 19.20 -27.98 -9.26
N GLU L 225 19.97 -28.90 -9.80
CA GLU L 225 19.48 -29.75 -10.87
C GLU L 225 18.08 -30.24 -10.58
N ASN L 226 17.72 -30.33 -9.31
CA ASN L 226 16.38 -30.81 -8.95
C ASN L 226 15.52 -29.70 -8.37
N ILE L 227 15.86 -28.45 -8.64
CA ILE L 227 15.15 -27.30 -8.11
C ILE L 227 14.56 -26.51 -9.27
N THR L 228 13.27 -26.17 -9.16
CA THR L 228 12.61 -25.39 -10.20
C THR L 228 13.25 -24.01 -10.30
N VAL L 229 13.72 -23.68 -11.51
CA VAL L 229 14.51 -22.49 -11.74
C VAL L 229 13.81 -21.65 -12.80
N SER L 230 13.70 -20.35 -12.53
CA SER L 230 13.08 -19.43 -13.46
C SER L 230 13.85 -19.37 -14.78
N PRO L 231 13.17 -19.38 -15.92
CA PRO L 231 13.87 -19.49 -17.21
C PRO L 231 14.44 -18.18 -17.73
N ARG L 232 14.49 -17.14 -16.91
CA ARG L 232 14.90 -15.76 -17.24
C ARG L 232 14.62 -15.30 -18.68
N LEU M 37 61.88 26.11 2.02
CA LEU M 37 60.85 26.35 1.02
C LEU M 37 61.14 25.52 -0.22
N ILE M 38 62.43 25.20 -0.40
CA ILE M 38 63.03 24.54 -1.57
C ILE M 38 62.91 25.43 -2.80
N ALA M 39 64.02 25.62 -3.50
CA ALA M 39 64.01 26.45 -4.71
C ALA M 39 63.16 25.80 -5.78
N ALA M 40 62.11 26.52 -6.19
CA ALA M 40 61.19 26.00 -7.20
C ALA M 40 61.84 25.62 -8.53
N PRO M 41 62.78 26.39 -9.12
CA PRO M 41 63.41 25.93 -10.36
C PRO M 41 64.15 24.60 -10.23
N VAL M 42 65.02 24.48 -9.21
CA VAL M 42 65.79 23.25 -9.08
C VAL M 42 64.87 22.08 -8.70
N ALA M 43 63.83 22.31 -7.91
CA ALA M 43 62.92 21.24 -7.52
C ALA M 43 62.11 20.74 -8.72
N ILE M 44 61.52 21.68 -9.47
CA ILE M 44 60.73 21.30 -10.64
C ILE M 44 61.61 20.62 -11.69
N GLY M 45 62.80 21.17 -11.93
CA GLY M 45 63.70 20.59 -12.91
C GLY M 45 64.18 19.20 -12.52
N GLY M 46 64.55 19.01 -11.24
CA GLY M 46 64.96 17.69 -10.80
C GLY M 46 63.83 16.67 -10.87
N SER M 47 62.62 17.08 -10.47
CA SER M 47 61.50 16.16 -10.52
C SER M 47 61.15 15.78 -11.96
N THR M 48 61.13 16.75 -12.88
CA THR M 48 60.78 16.41 -14.26
C THR M 48 61.91 15.65 -14.95
N ALA M 49 63.17 15.90 -14.59
CA ALA M 49 64.26 15.12 -15.14
C ALA M 49 64.22 13.68 -14.65
N ALA M 50 63.92 13.49 -13.36
CA ALA M 50 63.78 12.15 -12.81
C ALA M 50 62.62 11.40 -13.45
N LEU M 51 61.49 12.08 -13.64
CA LEU M 51 60.33 11.42 -14.24
C LEU M 51 60.57 11.08 -15.71
N LEU M 52 61.21 11.98 -16.46
CA LEU M 52 61.52 11.70 -17.85
C LEU M 52 62.55 10.58 -17.99
N ALA M 53 63.57 10.57 -17.13
CA ALA M 53 64.56 9.50 -17.15
C ALA M 53 63.93 8.16 -16.78
N LEU M 54 63.03 8.16 -15.80
CA LEU M 54 62.29 6.93 -15.47
C LEU M 54 61.47 6.46 -16.65
N GLY M 55 60.73 7.37 -17.28
CA GLY M 55 59.85 6.98 -18.37
C GLY M 55 60.58 6.53 -19.61
N ARG M 56 61.82 7.00 -19.79
CA ARG M 56 62.58 6.55 -20.96
C ARG M 56 63.39 5.29 -20.66
N PHE M 57 64.26 5.34 -19.67
CA PHE M 57 65.20 4.25 -19.44
C PHE M 57 64.63 3.12 -18.58
N VAL M 58 63.48 3.31 -17.94
CA VAL M 58 63.04 2.36 -16.93
C VAL M 58 61.70 1.73 -17.31
N PHE M 59 60.66 2.55 -17.42
CA PHE M 59 59.31 2.03 -17.61
C PHE M 59 58.88 1.99 -19.07
N LEU M 60 59.71 2.48 -20.00
CA LEU M 60 59.40 2.32 -21.42
C LEU M 60 59.36 0.87 -21.87
N PRO M 61 60.29 -0.03 -21.47
CA PRO M 61 60.05 -1.45 -21.75
C PRO M 61 58.80 -2.00 -21.08
N TYR M 62 58.46 -1.55 -19.88
CA TYR M 62 57.19 -1.96 -19.28
C TYR M 62 56.02 -1.31 -19.98
N GLN M 63 56.19 -0.09 -20.46
CA GLN M 63 55.19 0.51 -21.32
C GLN M 63 55.21 -0.20 -22.67
N ARG M 64 54.10 -0.08 -23.39
CA ARG M 64 53.79 -0.69 -24.69
C ARG M 64 53.56 -2.19 -24.58
N ARG M 65 53.90 -2.80 -23.44
CA ARG M 65 53.46 -4.17 -23.20
C ARG M 65 51.99 -4.18 -22.78
N ARG M 66 51.61 -3.18 -21.97
CA ARG M 66 50.21 -2.97 -21.65
C ARG M 66 49.41 -2.65 -22.91
N THR M 67 50.03 -1.94 -23.86
CA THR M 67 49.35 -1.70 -25.14
C THR M 67 49.35 -2.92 -26.05
N ASP M 68 50.33 -3.81 -25.95
CA ASP M 68 50.25 -5.06 -26.68
C ASP M 68 49.13 -5.95 -26.17
N MET M 69 48.84 -5.88 -24.86
CA MET M 69 47.69 -6.63 -24.37
C MET M 69 46.43 -5.79 -24.23
N GLU M 70 46.47 -4.52 -24.66
CA GLU M 70 45.30 -3.64 -24.69
C GLU M 70 44.75 -3.42 -26.09
N VAL M 71 45.59 -2.93 -27.00
CA VAL M 71 45.21 -2.60 -28.37
C VAL M 71 46.12 -3.34 -29.35
N GLY M 72 46.61 -4.51 -28.94
CA GLY M 72 47.60 -5.23 -29.71
C GLY M 72 47.06 -5.86 -30.98
N PRO M 73 47.92 -6.64 -31.66
CA PRO M 73 47.52 -7.23 -32.95
C PRO M 73 46.31 -8.15 -32.89
N GLY M 74 46.20 -8.95 -31.84
CA GLY M 74 45.05 -9.83 -31.67
C GLY M 74 44.00 -9.34 -30.71
N ARG M 75 44.20 -8.16 -30.14
CA ARG M 75 43.32 -7.58 -29.14
C ARG M 75 42.26 -6.71 -29.83
N LEU M 76 41.60 -5.83 -29.07
CA LEU M 76 40.50 -5.02 -29.58
C LEU M 76 40.91 -4.18 -30.79
N GLY M 77 42.10 -3.59 -30.73
CA GLY M 77 42.65 -2.91 -31.87
C GLY M 77 42.00 -1.57 -32.18
N PRO M 78 41.39 -1.45 -33.36
CA PRO M 78 40.80 -0.16 -33.76
C PRO M 78 39.57 0.18 -32.94
N LYS M 79 39.48 1.46 -32.56
CA LYS M 79 38.34 1.93 -31.79
C LYS M 79 37.09 2.02 -32.64
N THR M 80 37.22 2.54 -33.87
CA THR M 80 36.10 2.70 -34.78
C THR M 80 36.47 2.10 -36.14
N THR M 81 35.46 1.97 -36.99
CA THR M 81 35.61 1.34 -38.30
C THR M 81 35.07 2.20 -39.43
N GLY M 82 34.02 3.01 -39.18
CA GLY M 82 33.35 3.75 -40.22
C GLY M 82 34.21 4.83 -40.86
N ASP M 83 33.74 5.33 -41.99
CA ASP M 83 34.48 6.26 -42.83
C ASP M 83 33.69 7.54 -43.07
N THR M 84 33.14 8.10 -41.99
CA THR M 84 32.55 9.42 -42.02
C THR M 84 33.37 10.35 -41.12
N PHE M 85 33.10 11.65 -41.23
CA PHE M 85 33.91 12.65 -40.55
C PHE M 85 33.86 12.48 -39.04
N PHE M 86 32.70 12.09 -38.52
CA PHE M 86 32.56 11.86 -37.08
C PHE M 86 33.24 10.56 -36.63
N ASP M 87 33.69 9.73 -37.56
CA ASP M 87 34.48 8.54 -37.23
C ASP M 87 35.97 8.75 -37.37
N ARG M 88 36.40 9.67 -38.24
CA ARG M 88 37.83 9.98 -38.34
C ARG M 88 38.34 10.71 -37.11
N LEU M 89 37.46 11.34 -36.33
CA LEU M 89 37.86 11.95 -35.07
C LEU M 89 38.32 10.89 -34.08
N GLN M 90 37.66 9.74 -34.08
CA GLN M 90 38.05 8.64 -33.20
C GLN M 90 39.27 7.89 -33.72
N LYS M 91 39.61 8.08 -34.99
CA LYS M 91 40.79 7.45 -35.56
C LYS M 91 42.05 8.05 -34.93
N PRO M 92 43.13 7.28 -34.84
CA PRO M 92 44.34 7.79 -34.21
C PRO M 92 44.95 8.96 -34.97
N ALA M 93 45.68 9.80 -34.24
CA ALA M 93 46.25 11.02 -34.78
C ALA M 93 47.37 10.68 -35.76
N SER M 94 47.92 11.71 -36.41
CA SER M 94 48.94 11.52 -37.42
C SER M 94 50.36 11.79 -36.92
N PHE M 95 50.51 12.39 -35.74
CA PHE M 95 51.82 12.73 -35.20
C PHE M 95 52.23 11.82 -34.05
N VAL M 96 51.52 10.71 -33.82
CA VAL M 96 51.81 9.82 -32.71
C VAL M 96 52.40 8.50 -33.15
N GLU M 97 52.52 8.26 -34.47
CA GLU M 97 53.06 6.99 -34.97
C GLU M 97 54.22 7.20 -35.94
N THR M 98 54.85 8.38 -35.95
CA THR M 98 55.82 8.72 -36.98
C THR M 98 57.22 8.20 -36.71
N LYS M 99 57.38 7.27 -35.76
CA LYS M 99 58.67 6.66 -35.40
C LYS M 99 59.59 7.81 -34.96
N SER M 100 59.29 8.37 -33.78
CA SER M 100 60.05 9.47 -33.22
C SER M 100 61.54 9.16 -33.18
N LYS M 101 62.35 10.20 -33.43
CA LYS M 101 63.76 10.02 -33.71
C LYS M 101 64.59 9.65 -32.49
N ASP M 102 63.97 9.50 -31.33
CA ASP M 102 64.68 8.98 -30.17
C ASP M 102 65.05 7.52 -30.42
N PRO M 103 66.17 7.04 -29.86
CA PRO M 103 66.54 5.63 -30.04
C PRO M 103 65.50 4.65 -29.50
N SER M 104 64.83 5.01 -28.41
CA SER M 104 63.73 4.21 -27.90
C SER M 104 62.42 4.67 -28.53
N GLY M 105 61.31 4.19 -27.96
CA GLY M 105 60.00 4.56 -28.45
C GLY M 105 59.43 5.81 -27.83
N PHE M 106 60.28 6.59 -27.15
CA PHE M 106 59.85 7.78 -26.44
C PHE M 106 59.42 8.86 -27.45
N GLY M 107 58.12 9.02 -27.61
CA GLY M 107 57.57 10.01 -28.53
C GLY M 107 57.26 11.32 -27.83
N LEU M 108 56.62 12.21 -28.59
CA LEU M 108 56.25 13.52 -28.04
C LEU M 108 55.18 13.40 -26.96
N ILE M 109 54.20 12.51 -27.17
CA ILE M 109 53.12 12.34 -26.21
C ILE M 109 53.65 11.77 -24.90
N ASP M 110 54.56 10.80 -24.99
CA ASP M 110 55.19 10.26 -23.78
C ASP M 110 56.03 11.31 -23.07
N VAL M 111 56.72 12.17 -23.84
CA VAL M 111 57.48 13.26 -23.25
C VAL M 111 56.55 14.20 -22.47
N LEU M 112 55.40 14.54 -23.08
CA LEU M 112 54.44 15.41 -22.42
C LEU M 112 53.88 14.76 -21.15
N GLY M 113 53.54 13.48 -21.22
CA GLY M 113 52.98 12.81 -20.06
C GLY M 113 53.95 12.68 -18.90
N TRP M 114 55.19 12.27 -19.20
CA TRP M 114 56.17 12.12 -18.12
C TRP M 114 56.63 13.47 -17.59
N GLY M 115 56.68 14.50 -18.44
CA GLY M 115 56.93 15.84 -17.94
C GLY M 115 55.81 16.37 -17.07
N ALA M 116 54.56 16.00 -17.40
CA ALA M 116 53.43 16.36 -16.55
C ALA M 116 53.54 15.67 -15.19
N LEU M 117 53.95 14.40 -15.19
CA LEU M 117 54.20 13.70 -13.93
C LEU M 117 55.30 14.38 -13.13
N GLY M 118 56.37 14.80 -13.81
CA GLY M 118 57.45 15.49 -13.11
C GLY M 118 57.03 16.84 -12.53
N HIS M 119 56.27 17.61 -13.29
CA HIS M 119 55.74 18.88 -12.78
C HIS M 119 54.80 18.64 -11.61
N VAL M 120 53.98 17.59 -11.67
CA VAL M 120 53.07 17.26 -10.57
C VAL M 120 53.85 16.92 -9.31
N PHE M 121 54.89 16.10 -9.45
CA PHE M 121 55.68 15.70 -8.29
C PHE M 121 56.47 16.87 -7.71
N GLY M 122 57.01 17.72 -8.58
CA GLY M 122 57.74 18.89 -8.10
C GLY M 122 56.84 19.87 -7.38
N TYR M 123 55.63 20.09 -7.91
CA TYR M 123 54.68 20.96 -7.22
C TYR M 123 54.19 20.33 -5.93
N PHE M 124 54.07 19.01 -5.86
CA PHE M 124 53.72 18.34 -4.62
C PHE M 124 54.79 18.55 -3.56
N LEU M 125 56.06 18.39 -3.94
CA LEU M 125 57.15 18.61 -2.99
C LEU M 125 57.22 20.06 -2.55
N LEU M 126 57.05 20.99 -3.48
CA LEU M 126 57.05 22.41 -3.14
C LEU M 126 55.88 22.77 -2.23
N ALA M 127 54.71 22.17 -2.47
CA ALA M 127 53.55 22.40 -1.62
C ALA M 127 53.78 21.87 -0.21
N CYS M 128 54.38 20.68 -0.10
CA CYS M 128 54.71 20.15 1.23
C CYS M 128 55.72 21.03 1.95
N SER M 129 56.71 21.55 1.23
CA SER M 129 57.68 22.46 1.84
C SER M 129 57.02 23.76 2.28
N SER M 130 56.06 24.26 1.49
CA SER M 130 55.33 25.47 1.85
C SER M 130 54.49 25.26 3.11
N LEU M 131 53.85 24.10 3.22
CA LEU M 131 53.14 23.81 4.46
C LEU M 131 54.11 23.63 5.63
N GLN M 132 55.31 23.12 5.37
CA GLN M 132 56.26 22.89 6.45
C GLN M 132 56.82 24.19 7.01
N ASP M 133 57.26 25.10 6.15
CA ASP M 133 57.96 26.28 6.66
C ASP M 133 57.03 27.36 7.17
N ALA M 134 55.71 27.17 7.06
CA ALA M 134 54.74 28.12 7.60
C ALA M 134 54.45 27.87 9.07
N GLY M 135 55.11 26.90 9.70
CA GLY M 135 54.86 26.58 11.08
C GLY M 135 53.73 25.61 11.33
N ILE M 136 53.14 25.04 10.27
CA ILE M 136 52.01 24.13 10.40
C ILE M 136 52.50 22.71 10.14
N GLU M 137 52.21 21.80 11.06
CA GLU M 137 52.66 20.42 10.96
C GLU M 137 51.50 19.52 10.56
N PRO M 138 51.45 19.02 9.32
CA PRO M 138 50.36 18.10 8.94
C PRO M 138 50.58 16.67 9.39
N PHE M 139 51.81 16.29 9.75
CA PHE M 139 52.09 14.92 10.14
C PHE M 139 51.55 14.64 11.55
N PRO M 140 51.14 13.41 11.82
CA PRO M 140 50.77 13.05 13.19
C PRO M 140 51.98 13.12 14.12
N ARG M 141 51.74 13.55 15.36
CA ARG M 141 52.81 13.72 16.33
C ARG M 141 52.83 12.58 17.33
N LEU N 69 -37.25 39.80 -45.35
CA LEU N 69 -36.68 41.06 -44.88
C LEU N 69 -35.87 40.85 -43.61
N GLN N 70 -36.40 40.02 -42.70
CA GLN N 70 -35.69 39.71 -41.47
C GLN N 70 -34.43 38.90 -41.73
N GLU N 71 -34.49 37.98 -42.70
CA GLU N 71 -33.37 37.10 -42.97
C GLU N 71 -32.20 37.83 -43.62
N GLU N 72 -32.47 38.94 -44.32
CA GLU N 72 -31.45 39.61 -45.12
C GLU N 72 -30.43 40.32 -44.23
N PHE N 73 -30.90 40.96 -43.15
CA PHE N 73 -30.03 41.67 -42.21
C PHE N 73 -29.02 40.73 -41.57
N PHE N 74 -29.48 39.56 -41.13
CA PHE N 74 -28.61 38.53 -40.56
C PHE N 74 -27.80 37.78 -41.61
N GLN N 75 -28.32 37.64 -42.83
CA GLN N 75 -27.53 37.08 -43.93
C GLN N 75 -26.30 37.94 -44.20
N ARG N 76 -26.48 39.26 -44.26
CA ARG N 76 -25.31 40.12 -44.41
C ARG N 76 -24.48 40.20 -43.14
N ALA N 77 -25.08 39.95 -41.97
CA ALA N 77 -24.27 39.82 -40.75
C ALA N 77 -23.32 38.66 -40.86
N THR N 78 -23.80 37.52 -41.34
CA THR N 78 -23.00 36.31 -41.40
C THR N 78 -22.03 36.30 -42.57
N ASP N 79 -22.38 36.96 -43.68
CA ASP N 79 -21.59 36.86 -44.92
C ASP N 79 -20.18 37.39 -44.74
N ALA N 80 -19.97 38.35 -43.84
CA ALA N 80 -18.62 38.84 -43.59
C ALA N 80 -17.81 37.94 -42.66
N VAL N 81 -18.46 36.99 -41.98
CA VAL N 81 -17.80 36.17 -40.99
C VAL N 81 -18.19 34.70 -41.19
N SER N 82 -18.75 34.40 -42.37
CA SER N 82 -19.21 33.04 -42.66
C SER N 82 -18.07 32.04 -42.71
N ARG N 83 -16.93 32.43 -43.27
CA ARG N 83 -15.77 31.53 -43.31
C ARG N 83 -15.25 31.26 -41.91
N ARG N 84 -14.80 30.03 -41.68
CA ARG N 84 -14.25 29.67 -40.38
C ARG N 84 -12.95 30.41 -40.13
N GLU N 85 -12.23 30.79 -41.21
CA GLU N 85 -11.03 31.61 -41.07
C GLU N 85 -11.38 32.99 -40.51
N ALA N 86 -12.45 33.60 -41.05
CA ALA N 86 -12.88 34.90 -40.61
C ALA N 86 -13.35 34.87 -39.16
N LEU N 87 -14.09 33.84 -38.78
CA LEU N 87 -14.62 33.79 -37.43
C LEU N 87 -13.52 33.45 -36.43
N ASN N 88 -12.57 32.59 -36.81
CA ASN N 88 -11.41 32.36 -35.95
C ASN N 88 -10.61 33.64 -35.74
N GLY N 89 -10.37 34.40 -36.82
CA GLY N 89 -9.72 35.69 -36.66
C GLY N 89 -10.48 36.69 -35.81
N PHE N 90 -11.80 36.76 -35.98
CA PHE N 90 -12.63 37.66 -35.19
C PHE N 90 -12.61 37.30 -33.70
N VAL N 91 -12.77 36.02 -33.37
CA VAL N 91 -12.78 35.63 -31.97
C VAL N 91 -11.39 35.81 -31.36
N ALA N 92 -10.33 35.56 -32.14
CA ALA N 92 -8.98 35.81 -31.63
C ALA N 92 -8.75 37.29 -31.36
N LEU N 93 -9.13 38.16 -32.31
CA LEU N 93 -8.93 39.59 -32.14
C LEU N 93 -9.71 40.12 -30.94
N THR N 94 -10.99 39.73 -30.83
CA THR N 94 -11.79 40.18 -29.69
C THR N 94 -11.26 39.64 -28.38
N GLY N 95 -10.80 38.38 -28.35
CA GLY N 95 -10.28 37.82 -27.12
C GLY N 95 -9.02 38.51 -26.63
N VAL N 96 -8.05 38.70 -27.53
CA VAL N 96 -6.81 39.37 -27.12
C VAL N 96 -7.07 40.84 -26.79
N ALA N 97 -7.97 41.51 -27.53
CA ALA N 97 -8.29 42.89 -27.22
C ALA N 97 -8.95 43.01 -25.85
N SER N 98 -9.89 42.13 -25.54
CA SER N 98 -10.57 42.18 -24.24
C SER N 98 -9.63 41.83 -23.10
N ILE N 99 -8.75 40.85 -23.31
CA ILE N 99 -7.82 40.46 -22.25
C ILE N 99 -6.79 41.56 -22.01
N ALA N 100 -6.31 42.20 -23.08
CA ALA N 100 -5.38 43.31 -22.92
C ALA N 100 -6.06 44.52 -22.27
N LEU N 101 -7.34 44.74 -22.57
CA LEU N 101 -8.07 45.81 -21.89
C LEU N 101 -8.26 45.49 -20.42
N PHE N 102 -8.53 44.23 -20.09
CA PHE N 102 -8.65 43.82 -18.69
C PHE N 102 -7.29 43.90 -18.00
N GLY N 103 -7.29 44.39 -16.77
CA GLY N 103 -6.05 44.59 -16.05
C GLY N 103 -5.43 45.94 -16.34
N LEU N 104 -5.20 46.24 -17.62
CA LEU N 104 -4.67 47.54 -18.00
C LEU N 104 -5.72 48.63 -17.81
N LYS N 105 -6.94 48.37 -18.27
CA LYS N 105 -8.02 49.34 -18.13
C LYS N 105 -9.27 48.67 -17.56
N GLY N 106 -9.37 47.35 -17.74
CA GLY N 106 -10.49 46.63 -17.15
C GLY N 106 -10.47 46.63 -15.64
N ALA N 107 -9.29 46.40 -15.06
CA ALA N 107 -9.12 46.60 -13.62
C ALA N 107 -8.91 48.07 -13.31
N SER N 108 -9.00 48.41 -12.02
CA SER N 108 -8.87 49.74 -11.43
C SER N 108 -10.02 50.68 -11.82
N THR N 109 -10.94 50.24 -12.67
CA THR N 109 -12.19 50.96 -12.92
C THR N 109 -13.40 50.23 -12.34
N LEU N 110 -13.34 48.91 -12.26
CA LEU N 110 -14.32 48.11 -11.54
C LEU N 110 -13.99 48.00 -10.06
N GLU N 111 -12.89 48.62 -9.62
CA GLU N 111 -12.36 48.50 -8.26
C GLU N 111 -12.11 47.04 -7.89
N LEU N 112 -11.43 46.34 -8.79
CA LEU N 112 -11.09 44.95 -8.54
C LEU N 112 -10.08 44.87 -7.39
N PRO N 113 -10.31 43.98 -6.41
CA PRO N 113 -9.41 43.86 -5.25
C PRO N 113 -8.14 43.06 -5.55
N ILE N 114 -7.43 43.44 -6.61
CA ILE N 114 -6.11 42.90 -6.89
C ILE N 114 -5.16 44.06 -7.18
N THR N 115 -5.72 45.20 -7.61
CA THR N 115 -4.93 46.37 -7.99
C THR N 115 -5.08 47.52 -7.00
N LYS N 116 -5.48 47.24 -5.77
CA LYS N 116 -5.67 48.28 -4.76
C LYS N 116 -4.50 48.38 -3.79
N GLY N 117 -4.17 47.29 -3.10
CA GLY N 117 -3.08 47.29 -2.15
C GLY N 117 -3.56 47.30 -0.71
N PRO N 118 -2.65 47.04 0.21
CA PRO N 118 -3.01 46.99 1.63
C PRO N 118 -3.00 48.38 2.26
N ARG N 119 -3.53 48.43 3.49
CA ARG N 119 -3.53 49.70 4.24
C ARG N 119 -2.31 49.74 5.17
N MET N 120 -2.29 48.87 6.18
CA MET N 120 -1.02 48.46 6.82
C MET N 120 -1.26 47.06 7.40
N GLU N 121 -1.00 46.04 6.59
CA GLU N 121 -1.34 44.67 6.91
C GLU N 121 -0.20 43.72 6.58
N LYS N 122 0.10 42.81 7.51
CA LYS N 122 0.88 41.59 7.29
C LYS N 122 2.29 41.92 6.79
N THR N 123 3.06 42.49 7.71
CA THR N 123 4.50 42.65 7.55
C THR N 123 5.30 41.64 8.36
N GLU N 124 4.92 41.46 9.62
CA GLU N 124 5.55 40.47 10.49
C GLU N 124 4.95 39.08 10.24
N ASN N 125 5.75 38.05 10.49
CA ASN N 125 5.29 36.67 10.40
C ASN N 125 6.06 35.82 11.40
N GLY N 126 5.44 34.73 11.83
CA GLY N 126 6.04 33.84 12.79
C GLY N 126 5.48 34.05 14.19
N LYS N 127 4.54 33.19 14.59
CA LYS N 127 3.93 33.29 15.91
C LYS N 127 4.78 32.64 16.99
N GLY N 128 5.78 31.84 16.61
CA GLY N 128 6.66 31.21 17.57
C GLY N 128 7.95 31.97 17.75
N GLY N 129 7.88 33.29 17.65
CA GLY N 129 9.04 34.13 17.84
C GLY N 129 9.68 34.53 16.52
N ILE N 130 10.97 34.88 16.63
CA ILE N 130 11.91 35.20 15.54
C ILE N 130 11.53 36.49 14.81
N LEU N 131 10.24 36.71 14.53
CA LEU N 131 9.68 37.96 14.01
C LEU N 131 10.40 38.43 12.75
N ARG N 132 10.30 37.62 11.70
CA ARG N 132 10.93 37.98 10.44
C ARG N 132 10.19 39.13 9.76
N SER N 133 10.94 39.86 8.93
CA SER N 133 10.45 41.03 8.18
C SER N 133 9.83 42.09 9.08
N ALA O 68 18.00 55.65 -15.83
CA ALA O 68 18.13 54.89 -14.60
C ALA O 68 19.58 54.49 -14.34
N THR O 69 19.89 54.17 -13.08
CA THR O 69 21.24 53.75 -12.69
C THR O 69 21.39 52.28 -13.04
N GLU O 70 21.82 52.03 -14.29
CA GLU O 70 22.00 50.69 -14.85
C GLU O 70 20.74 49.84 -14.73
N GLY O 71 19.61 50.44 -15.13
CA GLY O 71 18.41 49.69 -15.44
C GLY O 71 18.39 49.16 -16.85
N TYR O 72 19.54 49.23 -17.52
CA TYR O 72 19.63 48.81 -18.92
C TYR O 72 19.41 47.31 -19.12
N PRO O 73 19.69 46.42 -18.15
CA PRO O 73 19.02 45.11 -18.17
C PRO O 73 17.56 45.30 -17.80
N PHE O 74 16.76 45.58 -18.83
CA PHE O 74 15.50 46.32 -18.76
C PHE O 74 14.56 45.83 -17.68
N VAL O 75 14.23 46.71 -16.74
CA VAL O 75 13.26 46.44 -15.69
C VAL O 75 11.87 46.53 -16.27
N PRO O 76 11.04 45.50 -16.15
CA PRO O 76 9.67 45.56 -16.66
C PRO O 76 8.84 46.52 -15.84
N PRO O 77 7.77 47.08 -16.43
CA PRO O 77 6.94 48.04 -15.70
C PRO O 77 6.19 47.38 -14.55
N ASP O 78 5.76 48.22 -13.60
CA ASP O 78 5.02 47.77 -12.42
C ASP O 78 3.57 47.44 -12.73
N TRP O 79 3.14 47.62 -13.97
CA TRP O 79 1.81 47.23 -14.40
C TRP O 79 1.81 46.03 -15.35
N ALA O 80 2.97 45.47 -15.65
CA ALA O 80 3.14 44.30 -16.51
C ALA O 80 2.39 43.04 -16.07
N PRO O 81 2.28 42.71 -14.77
CA PRO O 81 1.46 41.53 -14.40
C PRO O 81 0.01 41.60 -14.85
N ALA O 82 -0.59 42.79 -14.84
CA ALA O 82 -2.00 42.93 -15.22
C ALA O 82 -2.24 42.59 -16.69
N LEU O 83 -1.22 42.69 -17.53
CA LEU O 83 -1.34 42.30 -18.93
C LEU O 83 -0.85 40.89 -19.17
N PHE O 84 0.23 40.48 -18.50
CA PHE O 84 0.89 39.22 -18.80
C PHE O 84 0.25 38.01 -18.13
N VAL O 85 -0.27 38.17 -16.91
CA VAL O 85 -0.93 37.04 -16.24
C VAL O 85 -2.17 36.56 -16.98
N PRO O 86 -3.13 37.43 -17.38
CA PRO O 86 -4.24 36.90 -18.18
C PRO O 86 -3.86 36.48 -19.58
N LEU O 87 -2.76 37.01 -20.12
CA LEU O 87 -2.30 36.60 -21.45
C LEU O 87 -1.91 35.13 -21.47
N THR O 88 -1.21 34.67 -20.45
CA THR O 88 -0.79 33.27 -20.35
C THR O 88 -1.75 32.42 -19.55
N GLY O 89 -2.76 33.01 -18.93
CA GLY O 89 -3.75 32.23 -18.21
C GLY O 89 -5.01 31.99 -19.00
N LEU O 90 -5.31 32.87 -19.96
CA LEU O 90 -6.57 32.82 -20.69
C LEU O 90 -6.38 32.71 -22.20
N VAL O 91 -5.43 33.43 -22.77
CA VAL O 91 -5.25 33.45 -24.23
C VAL O 91 -4.34 32.33 -24.69
N LEU O 92 -3.18 32.18 -24.06
CA LEU O 92 -2.27 31.09 -24.41
C LEU O 92 -2.88 29.71 -24.18
N PRO O 93 -3.59 29.41 -23.09
CA PRO O 93 -4.33 28.14 -23.05
C PRO O 93 -5.38 27.99 -24.14
N ALA O 94 -6.05 29.08 -24.54
CA ALA O 94 -7.03 28.99 -25.61
C ALA O 94 -6.37 28.63 -26.93
N VAL O 95 -5.23 29.26 -27.25
CA VAL O 95 -4.48 28.91 -28.45
C VAL O 95 -3.98 27.48 -28.37
N GLY O 96 -3.58 27.04 -27.17
CA GLY O 96 -3.13 25.66 -27.01
C GLY O 96 -4.23 24.65 -27.27
N MET O 97 -5.42 24.87 -26.70
CA MET O 97 -6.54 23.96 -26.96
C MET O 97 -6.94 23.97 -28.43
N ALA O 98 -7.01 25.15 -29.05
CA ALA O 98 -7.42 25.23 -30.45
C ALA O 98 -6.41 24.53 -31.36
N TRP O 99 -5.12 24.79 -31.15
CA TRP O 99 -4.08 24.19 -31.97
C TRP O 99 -4.03 22.67 -31.78
N ALA O 100 -4.11 22.21 -30.53
CA ALA O 100 -4.09 20.77 -30.28
C ALA O 100 -5.33 20.08 -30.84
N PHE O 101 -6.50 20.71 -30.73
CA PHE O 101 -7.72 20.11 -31.25
C PHE O 101 -7.73 20.09 -32.78
N THR O 102 -7.10 21.06 -33.42
CA THR O 102 -6.91 20.96 -34.86
C THR O 102 -5.91 19.87 -35.20
N TYR O 103 -4.91 19.65 -34.35
CA TYR O 103 -3.92 18.61 -34.60
C TYR O 103 -4.54 17.22 -34.53
N ILE O 104 -5.30 16.94 -33.46
CA ILE O 104 -5.81 15.58 -33.24
C ILE O 104 -6.80 15.18 -34.33
N GLN O 105 -7.74 16.07 -34.65
CA GLN O 105 -8.76 15.76 -35.65
C GLN O 105 -8.27 16.22 -37.03
N LYS O 106 -7.21 15.55 -37.49
CA LYS O 106 -6.64 15.78 -38.81
C LYS O 106 -6.50 14.43 -39.50
N GLU O 107 -7.23 14.25 -40.60
CA GLU O 107 -7.29 12.97 -41.29
C GLU O 107 -6.31 13.00 -42.46
N ARG O 108 -5.14 12.40 -42.24
CA ARG O 108 -4.08 12.24 -43.24
C ARG O 108 -3.66 13.55 -43.90
N MET P 1 -15.51 -42.35 17.38
CA MET P 1 -14.40 -41.53 17.84
C MET P 1 -13.36 -41.40 16.75
N LYS P 2 -13.24 -42.44 15.92
CA LYS P 2 -12.29 -42.43 14.81
C LYS P 2 -12.61 -41.31 13.83
N ASP P 3 -13.88 -41.19 13.45
CA ASP P 3 -14.32 -40.13 12.55
C ASP P 3 -14.17 -38.75 13.20
N PHE P 4 -14.45 -38.67 14.51
CA PHE P 4 -14.30 -37.41 15.23
C PHE P 4 -12.84 -37.03 15.40
N THR P 5 -11.98 -37.99 15.73
CA THR P 5 -10.57 -37.67 15.92
C THR P 5 -9.86 -37.44 14.59
N THR P 6 -10.44 -37.89 13.48
CA THR P 6 -9.89 -37.49 12.18
C THR P 6 -10.20 -36.02 11.89
N TYR P 7 -11.38 -35.56 12.28
CA TYR P 7 -11.71 -34.14 12.13
C TYR P 7 -10.89 -33.28 13.09
N LEU P 8 -10.68 -33.76 14.32
CA LEU P 8 -9.99 -32.98 15.34
C LEU P 8 -8.50 -32.84 15.06
N SER P 9 -7.96 -33.61 14.12
CA SER P 9 -6.57 -33.49 13.71
C SER P 9 -6.38 -32.54 12.54
N THR P 10 -7.46 -31.95 12.03
CA THR P 10 -7.42 -30.90 11.01
C THR P 10 -7.14 -29.55 11.67
N ALA P 11 -7.53 -28.45 11.01
CA ALA P 11 -7.21 -27.06 11.37
C ALA P 11 -7.23 -26.67 12.86
N PRO P 12 -8.18 -27.12 13.71
CA PRO P 12 -8.10 -26.71 15.12
C PRO P 12 -6.96 -27.34 15.92
N VAL P 13 -6.28 -28.38 15.44
CA VAL P 13 -5.17 -28.90 16.24
C VAL P 13 -3.97 -27.96 16.12
N VAL P 14 -3.92 -27.16 15.05
CA VAL P 14 -2.80 -26.27 14.81
C VAL P 14 -3.26 -24.83 14.95
N GLY P 15 -4.55 -24.59 14.71
CA GLY P 15 -5.08 -23.25 14.79
C GLY P 15 -5.65 -22.89 16.14
N LEU P 16 -6.03 -23.90 16.92
CA LEU P 16 -6.60 -23.66 18.24
C LEU P 16 -5.77 -24.25 19.36
N GLY P 17 -5.36 -25.51 19.25
CA GLY P 17 -4.58 -26.12 20.32
C GLY P 17 -3.23 -25.46 20.52
N TRP P 18 -2.51 -25.23 19.43
CA TRP P 18 -1.25 -24.49 19.54
C TRP P 18 -1.49 -23.07 20.01
N ALA P 19 -2.53 -22.41 19.48
CA ALA P 19 -2.80 -21.03 19.84
C ALA P 19 -3.15 -20.90 21.32
N ILE P 20 -4.06 -21.75 21.80
CA ILE P 20 -4.46 -21.71 23.20
C ILE P 20 -3.28 -22.06 24.11
N PHE P 21 -2.52 -23.09 23.74
CA PHE P 21 -1.39 -23.50 24.58
C PHE P 21 -0.33 -22.40 24.67
N THR P 22 0.13 -21.90 23.51
CA THR P 22 1.18 -20.89 23.50
C THR P 22 0.71 -19.60 24.16
N SER P 23 -0.53 -19.18 23.85
CA SER P 23 -1.11 -18.01 24.48
C SER P 23 -1.13 -18.16 26.00
N GLY P 24 -1.87 -19.15 26.52
CA GLY P 24 -2.07 -19.26 27.95
C GLY P 24 -0.79 -19.50 28.73
N LEU P 25 0.11 -20.36 28.22
CA LEU P 25 1.52 -20.34 28.61
C LEU P 25 2.08 -18.93 28.81
N LEU P 26 2.13 -18.12 27.74
CA LEU P 26 2.73 -16.79 27.82
C LEU P 26 1.99 -15.89 28.80
N ILE P 27 0.67 -16.05 28.89
CA ILE P 27 -0.14 -15.32 29.87
C ILE P 27 0.33 -15.64 31.28
N GLU P 28 0.60 -16.93 31.55
CA GLU P 28 0.98 -17.28 32.91
C GLU P 28 2.42 -16.89 33.25
N ILE P 29 3.34 -16.89 32.26
CA ILE P 29 4.64 -16.28 32.52
C ILE P 29 4.49 -14.78 32.80
N ASN P 30 3.68 -14.08 32.01
CA ASN P 30 3.49 -12.65 32.24
C ASN P 30 2.69 -12.35 33.51
N ARG P 31 1.98 -13.33 34.05
CA ARG P 31 1.19 -13.15 35.27
C ARG P 31 2.00 -13.44 36.52
N PHE P 32 2.52 -14.66 36.62
CA PHE P 32 3.28 -15.04 37.82
C PHE P 32 4.58 -14.24 37.93
N PHE P 33 5.26 -14.04 36.82
CA PHE P 33 6.41 -13.14 36.85
C PHE P 33 5.97 -11.74 36.41
N PRO P 34 6.53 -10.68 36.98
CA PRO P 34 6.17 -9.33 36.52
C PRO P 34 6.85 -9.01 35.20
N ASP P 35 6.69 -7.79 34.72
CA ASP P 35 7.22 -7.42 33.41
C ASP P 35 8.75 -7.28 33.42
N PRO P 36 9.49 -8.14 32.71
CA PRO P 36 10.95 -8.01 32.72
C PRO P 36 11.50 -7.22 31.55
N LEU P 37 12.72 -6.73 31.69
CA LEU P 37 13.44 -6.05 30.61
C LEU P 37 14.84 -6.61 30.39
N VAL P 38 15.53 -7.00 31.45
CA VAL P 38 16.91 -7.48 31.40
C VAL P 38 16.93 -8.92 31.88
N PHE P 39 17.59 -9.80 31.11
CA PHE P 39 17.70 -11.20 31.47
C PHE P 39 18.84 -11.35 32.48
N SER P 40 18.51 -11.13 33.76
CA SER P 40 19.46 -11.30 34.85
C SER P 40 19.15 -12.54 35.68
N PHE P 41 18.54 -13.55 35.05
CA PHE P 41 18.08 -14.78 35.69
C PHE P 41 17.23 -14.53 36.93
N SER Q 41 -70.92 -3.54 27.21
CA SER Q 41 -71.45 -4.83 26.77
C SER Q 41 -72.71 -5.19 27.54
N PHE Q 42 -73.24 -4.22 28.28
CA PHE Q 42 -74.48 -4.41 29.03
C PHE Q 42 -75.64 -4.58 28.06
N ILE Q 43 -76.58 -5.45 28.41
CA ILE Q 43 -77.71 -5.76 27.53
C ILE Q 43 -78.61 -4.54 27.45
N GLY Q 44 -78.78 -4.01 26.24
CA GLY Q 44 -79.52 -2.78 26.02
C GLY Q 44 -78.66 -1.55 25.82
N SER Q 45 -77.36 -1.65 26.13
CA SER Q 45 -76.46 -0.54 25.89
C SER Q 45 -76.28 -0.34 24.39
N PRO Q 46 -76.09 0.91 23.95
CA PRO Q 46 -75.98 1.17 22.49
C PRO Q 46 -74.81 0.47 21.82
N THR Q 47 -73.67 0.31 22.51
CA THR Q 47 -72.55 -0.41 21.92
C THR Q 47 -72.86 -1.89 21.76
N ASN Q 48 -73.59 -2.46 22.72
CA ASN Q 48 -74.07 -3.83 22.60
C ASN Q 48 -74.96 -3.99 21.38
N LEU Q 49 -75.89 -3.06 21.19
CA LEU Q 49 -76.78 -3.11 20.02
C LEU Q 49 -76.00 -2.97 18.73
N ILE Q 50 -74.98 -2.09 18.72
CA ILE Q 50 -74.21 -1.84 17.50
C ILE Q 50 -73.41 -3.09 17.12
N MET Q 51 -72.72 -3.70 18.07
CA MET Q 51 -71.94 -4.89 17.72
C MET Q 51 -72.84 -6.08 17.42
N VAL Q 52 -73.99 -6.19 18.10
CA VAL Q 52 -74.93 -7.27 17.79
C VAL Q 52 -75.44 -7.13 16.35
N SER Q 53 -75.81 -5.90 15.96
CA SER Q 53 -76.27 -5.66 14.60
C SER Q 53 -75.16 -5.88 13.59
N SER Q 54 -73.93 -5.50 13.93
CA SER Q 54 -72.81 -5.66 12.99
C SER Q 54 -72.50 -7.14 12.77
N ILE Q 55 -72.44 -7.92 13.85
CA ILE Q 55 -72.17 -9.35 13.74
C ILE Q 55 -73.30 -10.04 13.00
N GLY Q 56 -74.55 -9.68 13.31
CA GLY Q 56 -75.68 -10.26 12.62
C GLY Q 56 -75.70 -9.93 11.14
N ALA Q 57 -75.35 -8.69 10.78
CA ALA Q 57 -75.32 -8.29 9.38
C ALA Q 57 -74.20 -8.99 8.63
N CYS Q 58 -73.04 -9.15 9.27
CA CYS Q 58 -71.93 -9.83 8.62
C CYS Q 58 -72.21 -11.32 8.45
N LEU Q 59 -72.94 -11.92 9.40
CA LEU Q 59 -73.29 -13.33 9.27
C LEU Q 59 -74.41 -13.52 8.25
N PHE Q 60 -75.37 -12.59 8.22
CA PHE Q 60 -76.52 -12.73 7.32
C PHE Q 60 -76.15 -12.41 5.89
N ALA Q 61 -75.19 -11.52 5.68
CA ALA Q 61 -74.75 -11.17 4.34
C ALA Q 61 -74.14 -12.38 3.64
N SER Q 62 -73.18 -13.04 4.30
CA SER Q 62 -72.48 -14.15 3.69
C SER Q 62 -73.36 -15.39 3.59
N ARG Q 63 -74.51 -15.38 4.26
CA ARG Q 63 -75.45 -16.50 4.16
C ARG Q 63 -76.01 -16.65 2.75
N PHE Q 64 -76.33 -15.54 2.09
CA PHE Q 64 -76.87 -15.57 0.73
C PHE Q 64 -76.04 -14.61 -0.13
N GLY Q 65 -74.92 -15.09 -0.64
CA GLY Q 65 -74.01 -14.26 -1.42
C GLY Q 65 -73.45 -13.09 -0.63
N LEU Q 66 -73.53 -11.89 -1.19
CA LEU Q 66 -73.32 -10.60 -0.53
C LEU Q 66 -72.00 -10.45 0.23
N ALA Q 67 -71.05 -11.38 0.05
CA ALA Q 67 -69.80 -11.40 0.81
C ALA Q 67 -68.86 -12.43 0.23
N PRO Q 68 -67.56 -12.16 0.24
CA PRO Q 68 -66.59 -13.19 -0.20
C PRO Q 68 -66.35 -14.24 0.88
N SER Q 69 -67.25 -15.22 0.95
CA SER Q 69 -67.20 -16.28 1.95
C SER Q 69 -66.30 -17.42 1.45
N VAL Q 70 -66.37 -18.56 2.15
CA VAL Q 70 -65.60 -19.72 1.73
C VAL Q 70 -66.10 -20.25 0.39
N ARG Q 71 -67.41 -20.25 0.19
CA ARG Q 71 -67.99 -20.68 -1.08
C ARG Q 71 -68.02 -19.56 -2.11
N LYS Q 72 -67.89 -18.41 -1.54
CA LYS Q 72 -67.81 -17.40 -2.60
C LYS Q 72 -66.40 -16.83 -2.65
N VAL Q 73 -65.62 -17.23 -3.65
CA VAL Q 73 -64.33 -16.58 -3.87
C VAL Q 73 -64.58 -15.21 -4.47
N ALA Q 74 -63.65 -14.30 -4.26
CA ALA Q 74 -63.89 -12.90 -4.60
C ALA Q 74 -63.01 -12.48 -5.77
N GLN Q 75 -63.65 -12.05 -6.84
CA GLN Q 75 -63.10 -11.29 -7.95
C GLN Q 75 -63.24 -9.82 -7.54
N PRO Q 76 -62.90 -8.85 -8.40
CA PRO Q 76 -63.37 -7.47 -8.16
C PRO Q 76 -64.86 -7.33 -7.87
N LEU Q 77 -65.71 -8.24 -8.36
CA LEU Q 77 -67.13 -8.19 -8.05
C LEU Q 77 -67.65 -9.52 -7.45
N LYS Q 78 -66.74 -10.42 -7.04
CA LYS Q 78 -67.02 -11.51 -6.09
C LYS Q 78 -68.03 -12.52 -6.62
N LEU Q 79 -67.56 -13.42 -7.49
CA LEU Q 79 -68.40 -14.41 -8.18
C LEU Q 79 -67.95 -15.85 -8.00
N SER Q 80 -68.50 -16.74 -8.84
CA SER Q 80 -68.12 -18.11 -9.23
C SER Q 80 -68.47 -19.25 -8.27
N ASP Q 81 -68.90 -18.95 -7.03
CA ASP Q 81 -69.70 -19.86 -6.18
C ASP Q 81 -69.04 -21.26 -6.06
N ARG Q 82 -67.92 -21.35 -5.35
CA ARG Q 82 -67.24 -22.63 -5.23
C ARG Q 82 -67.68 -23.37 -3.96
N GLU Q 83 -67.09 -24.54 -3.72
CA GLU Q 83 -67.54 -25.40 -2.64
C GLU Q 83 -66.33 -26.19 -2.14
N VAL Q 84 -66.11 -26.14 -0.82
CA VAL Q 84 -65.06 -26.93 -0.17
C VAL Q 84 -65.51 -27.20 1.25
N LEU Q 85 -65.02 -28.31 1.82
CA LEU Q 85 -65.30 -28.75 3.19
C LEU Q 85 -66.80 -29.05 3.27
N GLN Q 86 -67.45 -28.94 4.43
CA GLN Q 86 -68.90 -29.13 4.47
C GLN Q 86 -69.53 -28.19 5.50
N THR Q 87 -70.80 -27.87 5.27
CA THR Q 87 -71.46 -26.83 6.07
C THR Q 87 -71.90 -27.32 7.44
N THR Q 88 -72.06 -28.64 7.63
CA THR Q 88 -72.38 -29.28 8.90
C THR Q 88 -73.69 -28.73 9.49
N GLY Q 89 -74.78 -29.03 8.79
CA GLY Q 89 -76.08 -28.58 9.26
C GLY Q 89 -76.86 -27.73 8.28
N ASP Q 90 -76.98 -26.44 8.58
CA ASP Q 90 -77.74 -25.51 7.76
C ASP Q 90 -77.11 -25.42 6.36
N PRO Q 91 -77.92 -25.11 5.33
CA PRO Q 91 -77.38 -25.12 3.95
C PRO Q 91 -76.43 -23.98 3.65
N ALA Q 92 -76.06 -23.84 2.38
CA ALA Q 92 -75.15 -22.74 1.97
C ALA Q 92 -73.81 -22.74 2.70
N GLY Q 93 -72.75 -23.07 1.98
CA GLY Q 93 -71.39 -22.98 2.49
C GLY Q 93 -71.27 -22.07 3.69
N PHE Q 94 -71.15 -22.66 4.88
CA PHE Q 94 -71.05 -21.88 6.11
C PHE Q 94 -70.54 -22.78 7.23
N THR Q 95 -69.24 -23.05 7.18
CA THR Q 95 -68.60 -23.98 8.10
C THR Q 95 -68.05 -23.24 9.31
N ALA Q 96 -67.21 -23.92 10.09
CA ALA Q 96 -66.60 -23.30 11.27
C ALA Q 96 -65.67 -22.16 10.88
N THR Q 97 -64.89 -22.35 9.81
CA THR Q 97 -64.01 -21.28 9.36
C THR Q 97 -64.82 -20.08 8.85
N ASP Q 98 -66.02 -20.34 8.31
CA ASP Q 98 -66.85 -19.24 7.83
C ASP Q 98 -67.40 -18.41 8.98
N VAL Q 99 -67.92 -19.08 10.02
CA VAL Q 99 -68.46 -18.34 11.15
C VAL Q 99 -67.34 -17.64 11.92
N LEU Q 100 -66.15 -18.25 12.01
CA LEU Q 100 -65.03 -17.58 12.66
C LEU Q 100 -64.59 -16.34 11.90
N ALA Q 101 -64.44 -16.44 10.56
CA ALA Q 101 -64.04 -15.30 9.76
C ALA Q 101 -65.07 -14.18 9.82
N MET Q 102 -66.35 -14.53 9.68
CA MET Q 102 -67.38 -13.50 9.61
C MET Q 102 -67.63 -12.89 10.99
N GLY Q 103 -67.47 -13.69 12.06
CA GLY Q 103 -67.57 -13.14 13.40
C GLY Q 103 -66.42 -12.20 13.73
N ALA Q 104 -65.20 -12.55 13.29
CA ALA Q 104 -64.08 -11.65 13.47
C ALA Q 104 -64.28 -10.35 12.72
N ALA Q 105 -64.79 -10.44 11.48
CA ALA Q 105 -65.08 -9.23 10.71
C ALA Q 105 -66.17 -8.39 11.38
N GLY Q 106 -67.22 -9.03 11.88
CA GLY Q 106 -68.29 -8.29 12.53
C GLY Q 106 -67.86 -7.64 13.83
N HIS Q 107 -67.06 -8.35 14.63
CA HIS Q 107 -66.50 -7.78 15.84
C HIS Q 107 -65.62 -6.58 15.52
N ALA Q 108 -64.79 -6.69 14.48
CA ALA Q 108 -63.90 -5.60 14.11
C ALA Q 108 -64.68 -4.38 13.61
N ILE Q 109 -65.69 -4.61 12.76
CA ILE Q 109 -66.50 -3.50 12.25
C ILE Q 109 -67.27 -2.83 13.38
N GLY Q 110 -67.84 -3.63 14.29
CA GLY Q 110 -68.55 -3.05 15.42
C GLY Q 110 -67.65 -2.27 16.36
N VAL Q 111 -66.44 -2.77 16.61
CA VAL Q 111 -65.50 -2.03 17.46
C VAL Q 111 -65.10 -0.72 16.80
N GLY Q 112 -64.83 -0.75 15.50
CA GLY Q 112 -64.50 0.47 14.78
C GLY Q 112 -65.64 1.49 14.82
N ILE Q 113 -66.87 1.01 14.62
CA ILE Q 113 -68.03 1.90 14.66
C ILE Q 113 -68.23 2.49 16.06
N VAL Q 114 -68.07 1.66 17.09
CA VAL Q 114 -68.30 2.12 18.47
C VAL Q 114 -67.26 3.16 18.87
N LEU Q 115 -65.98 2.88 18.61
CA LEU Q 115 -64.96 3.86 18.96
C LEU Q 115 -65.02 5.11 18.08
N GLY Q 116 -65.43 4.97 16.82
CA GLY Q 116 -65.60 6.14 15.98
C GLY Q 116 -66.74 7.03 16.45
N LEU Q 117 -67.86 6.42 16.84
CA LEU Q 117 -68.98 7.21 17.35
C LEU Q 117 -68.64 7.83 18.70
N LYS Q 118 -67.83 7.15 19.50
CA LYS Q 118 -67.33 7.74 20.73
C LYS Q 118 -66.43 8.94 20.43
N GLY Q 119 -65.60 8.84 19.40
CA GLY Q 119 -64.73 9.95 19.06
C GLY Q 119 -65.48 11.15 18.49
N ILE Q 120 -66.50 10.91 17.67
CA ILE Q 120 -67.17 12.01 16.96
C ILE Q 120 -68.33 12.60 17.75
N GLY Q 121 -68.49 12.25 19.02
CA GLY Q 121 -69.45 12.92 19.89
C GLY Q 121 -70.66 12.11 20.26
N GLN Q 122 -70.89 10.97 19.62
CA GLN Q 122 -72.02 10.11 19.94
C GLN Q 122 -71.66 9.15 21.07
N LEU Q 123 -72.49 8.12 21.23
CA LEU Q 123 -72.32 6.99 22.14
C LEU Q 123 -70.89 6.50 22.36
N GLN R 47 -50.78 -1.51 -26.23
CA GLN R 47 -49.34 -1.48 -26.01
C GLN R 47 -48.75 -0.13 -26.39
N VAL R 48 -48.68 0.78 -25.42
CA VAL R 48 -48.12 2.10 -25.66
C VAL R 48 -46.62 2.00 -25.89
N ILE R 49 -45.93 1.18 -25.11
CA ILE R 49 -44.48 1.05 -25.21
C ILE R 49 -44.16 0.14 -26.40
N GLN R 50 -43.45 0.71 -27.38
CA GLN R 50 -43.05 -0.01 -28.58
C GLN R 50 -41.86 0.70 -29.19
N PRO R 51 -41.06 0.02 -30.00
CA PRO R 51 -40.00 0.72 -30.73
C PRO R 51 -40.55 1.44 -31.95
N ILE R 52 -39.75 2.38 -32.46
CA ILE R 52 -40.18 3.18 -33.61
C ILE R 52 -40.12 2.32 -34.87
N ASN R 53 -41.13 2.47 -35.73
CA ASN R 53 -41.24 1.82 -37.03
C ASN R 53 -41.29 0.29 -36.94
N GLY R 54 -41.64 -0.24 -35.77
CA GLY R 54 -41.87 -1.67 -35.63
C GLY R 54 -40.65 -2.55 -35.71
N ASP R 55 -39.44 -1.98 -35.57
CA ASP R 55 -38.24 -2.80 -35.52
C ASP R 55 -37.55 -2.79 -34.16
N PRO R 56 -37.19 -3.94 -33.61
CA PRO R 56 -36.63 -3.98 -32.25
C PRO R 56 -35.10 -3.98 -32.20
N PHE R 57 -34.42 -4.08 -33.34
CA PHE R 57 -32.98 -4.27 -33.33
C PHE R 57 -32.24 -3.00 -32.93
N VAL R 58 -32.89 -1.86 -33.07
CA VAL R 58 -32.37 -0.55 -32.67
C VAL R 58 -32.37 -0.39 -31.16
N GLY R 59 -31.82 0.72 -30.69
CA GLY R 59 -31.68 1.05 -29.29
C GLY R 59 -32.87 1.87 -28.83
N MET R 60 -32.77 3.19 -28.96
CA MET R 60 -33.87 4.16 -28.80
C MET R 60 -35.22 3.60 -29.25
N LEU R 61 -36.22 3.66 -28.36
CA LEU R 61 -37.54 3.11 -28.63
C LEU R 61 -38.58 4.19 -28.40
N GLU R 62 -39.75 4.03 -29.02
CA GLU R 62 -40.77 5.06 -29.02
C GLU R 62 -41.48 5.05 -27.67
N THR R 63 -41.45 6.18 -26.97
CA THR R 63 -42.05 6.32 -25.66
C THR R 63 -43.10 7.43 -25.69
N PRO R 64 -44.07 7.41 -24.77
CA PRO R 64 -45.02 8.54 -24.69
C PRO R 64 -44.36 9.87 -24.36
N VAL R 65 -43.14 9.85 -23.81
CA VAL R 65 -42.35 11.07 -23.72
C VAL R 65 -42.02 11.59 -25.11
N THR R 66 -41.76 10.69 -26.06
CA THR R 66 -41.41 11.07 -27.42
C THR R 66 -42.55 10.92 -28.42
N SER R 67 -43.53 10.05 -28.14
CA SER R 67 -44.66 9.87 -29.05
C SER R 67 -45.78 10.86 -28.78
N ALA R 68 -45.63 11.73 -27.81
CA ALA R 68 -46.61 12.80 -27.60
C ALA R 68 -46.55 13.76 -28.78
N PRO R 69 -47.70 14.12 -29.38
CA PRO R 69 -47.66 15.05 -30.52
C PRO R 69 -47.09 16.42 -30.18
N ILE R 70 -47.30 16.89 -28.95
CA ILE R 70 -46.77 18.19 -28.54
C ILE R 70 -45.24 18.16 -28.56
N VAL R 71 -44.64 17.09 -28.01
CA VAL R 71 -43.19 16.97 -27.98
C VAL R 71 -42.63 16.84 -29.39
N ALA R 72 -43.28 16.04 -30.25
CA ALA R 72 -42.79 15.84 -31.61
C ALA R 72 -42.86 17.13 -32.42
N ASN R 73 -43.98 17.86 -32.34
CA ASN R 73 -44.07 19.11 -33.09
C ASN R 73 -43.22 20.21 -32.49
N TYR R 74 -42.90 20.13 -31.20
CA TYR R 74 -41.99 21.11 -30.61
C TYR R 74 -40.56 20.84 -31.03
N LEU R 75 -40.18 19.56 -31.13
CA LEU R 75 -38.82 19.22 -31.53
C LEU R 75 -38.61 19.43 -33.02
N SER R 76 -39.63 19.16 -33.84
CA SER R 76 -39.50 19.33 -35.27
C SER R 76 -39.42 20.81 -35.66
N ASN R 77 -40.10 21.66 -34.91
CA ASN R 77 -40.11 23.09 -35.21
C ASN R 77 -38.94 23.85 -34.58
N LEU R 78 -38.09 23.16 -33.83
CA LEU R 78 -36.89 23.80 -33.30
C LEU R 78 -35.92 24.14 -34.43
N PRO R 79 -35.17 25.24 -34.29
CA PRO R 79 -34.26 25.64 -35.37
C PRO R 79 -33.19 24.62 -35.71
N ALA R 80 -32.73 23.83 -34.74
CA ALA R 80 -31.70 22.84 -35.01
C ALA R 80 -32.21 21.72 -35.91
N TYR R 81 -33.51 21.45 -35.89
CA TYR R 81 -34.11 20.40 -36.71
C TYR R 81 -34.88 20.95 -37.89
N ARG R 82 -34.71 22.23 -38.21
CA ARG R 82 -35.35 22.84 -39.37
C ARG R 82 -34.41 22.68 -40.57
N THR R 83 -34.63 21.62 -41.34
CA THR R 83 -33.71 21.29 -42.43
C THR R 83 -33.83 22.25 -43.60
N GLY R 84 -35.00 22.85 -43.80
CA GLY R 84 -35.23 23.74 -44.93
C GLY R 84 -34.71 25.15 -44.77
N VAL R 85 -34.10 25.46 -43.64
CA VAL R 85 -33.59 26.79 -43.35
C VAL R 85 -32.07 26.77 -43.44
N ALA R 86 -31.48 27.90 -43.83
CA ALA R 86 -30.04 28.02 -43.90
C ALA R 86 -29.42 27.87 -42.52
N PRO R 87 -28.20 27.31 -42.44
CA PRO R 87 -27.55 27.14 -41.12
C PRO R 87 -27.29 28.45 -40.39
N ASN R 88 -27.06 29.55 -41.11
CA ASN R 88 -26.78 30.81 -40.44
C ASN R 88 -28.01 31.37 -39.73
N LEU R 89 -29.22 31.17 -40.28
CA LEU R 89 -30.43 31.67 -39.64
C LEU R 89 -30.75 30.91 -38.37
N ARG R 90 -30.71 29.58 -38.42
CA ARG R 90 -30.94 28.78 -37.21
C ARG R 90 -29.83 29.02 -36.20
N GLY R 91 -28.61 29.27 -36.68
CA GLY R 91 -27.54 29.67 -35.77
C GLY R 91 -27.83 31.00 -35.10
N VAL R 92 -28.41 31.94 -35.85
CA VAL R 92 -28.76 33.24 -35.28
C VAL R 92 -29.80 33.08 -34.18
N GLU R 93 -30.84 32.26 -34.44
CA GLU R 93 -31.88 32.05 -33.42
C GLU R 93 -31.32 31.34 -32.19
N ILE R 94 -30.52 30.29 -32.39
CA ILE R 94 -29.95 29.53 -31.28
C ILE R 94 -29.00 30.41 -30.46
N GLY R 95 -28.15 31.18 -31.13
CA GLY R 95 -27.24 32.07 -30.44
C GLY R 95 -27.96 33.18 -29.70
N LEU R 96 -29.06 33.69 -30.28
CA LEU R 96 -29.85 34.71 -29.59
C LEU R 96 -30.42 34.16 -28.29
N ALA R 97 -31.02 32.96 -28.35
CA ALA R 97 -31.59 32.36 -27.15
C ALA R 97 -30.52 32.07 -26.10
N HIS R 98 -29.40 31.48 -26.52
CA HIS R 98 -28.39 31.07 -25.55
C HIS R 98 -27.64 32.27 -24.98
N GLY R 99 -27.34 33.27 -25.80
CA GLY R 99 -26.72 34.48 -25.27
C GLY R 99 -27.65 35.32 -24.43
N PHE R 100 -28.96 35.20 -24.64
CA PHE R 100 -29.90 35.87 -23.75
C PHE R 100 -29.97 35.16 -22.41
N LEU R 101 -29.95 33.82 -22.40
CA LEU R 101 -30.03 33.11 -21.13
C LEU R 101 -28.70 33.18 -20.36
N LEU R 102 -27.57 33.29 -21.06
CA LEU R 102 -26.28 33.26 -20.38
C LEU R 102 -25.98 34.53 -19.61
N ALA R 103 -26.67 35.64 -19.91
CA ALA R 103 -26.39 36.89 -19.21
C ALA R 103 -26.94 36.87 -17.78
N GLY R 104 -27.97 36.07 -17.54
CA GLY R 104 -28.63 36.00 -16.25
C GLY R 104 -27.76 35.62 -15.06
N PRO R 105 -27.19 34.41 -15.07
CA PRO R 105 -26.36 33.99 -13.93
C PRO R 105 -25.13 34.86 -13.69
N PHE R 106 -24.55 35.43 -14.75
CA PHE R 106 -23.37 36.27 -14.57
C PHE R 106 -23.72 37.60 -13.91
N ILE R 107 -24.87 38.18 -14.28
CA ILE R 107 -25.31 39.41 -13.63
C ILE R 107 -25.73 39.14 -12.19
N LYS R 108 -26.51 38.08 -11.98
CA LYS R 108 -27.12 37.88 -10.67
C LYS R 108 -26.12 37.38 -9.63
N LEU R 109 -25.20 36.49 -10.03
CA LEU R 109 -24.29 35.85 -9.10
C LEU R 109 -22.83 36.19 -9.37
N GLY R 110 -22.55 37.31 -10.03
CA GLY R 110 -21.21 37.70 -10.33
C GLY R 110 -20.44 38.19 -9.11
N PRO R 111 -19.13 38.35 -9.25
CA PRO R 111 -18.32 38.89 -8.14
C PRO R 111 -18.72 40.28 -7.72
N LEU R 112 -19.17 41.12 -8.66
CA LEU R 112 -19.58 42.49 -8.37
C LEU R 112 -21.10 42.64 -8.35
N ARG R 113 -21.81 41.60 -7.90
CA ARG R 113 -23.27 41.64 -7.88
C ARG R 113 -23.80 42.64 -6.86
N ASP R 114 -23.02 42.92 -5.81
CA ASP R 114 -23.45 43.89 -4.80
C ASP R 114 -23.19 45.33 -5.23
N VAL R 115 -22.39 45.54 -6.26
CA VAL R 115 -22.11 46.89 -6.75
C VAL R 115 -23.27 47.32 -7.63
N PRO R 116 -23.95 48.43 -7.31
CA PRO R 116 -25.10 48.86 -8.12
C PRO R 116 -24.65 49.56 -9.39
N GLY R 117 -25.20 49.13 -10.52
CA GLY R 117 -24.93 49.74 -11.81
C GLY R 117 -23.79 49.12 -12.59
N THR R 118 -22.91 48.37 -11.92
CA THR R 118 -21.80 47.71 -12.59
C THR R 118 -21.95 46.19 -12.63
N ALA R 119 -22.90 45.63 -11.89
CA ALA R 119 -23.13 44.19 -11.94
C ALA R 119 -23.62 43.75 -13.32
N GLU R 120 -24.55 44.51 -13.90
CA GLU R 120 -25.11 44.17 -15.20
C GLU R 120 -24.07 44.26 -16.31
N VAL R 121 -23.23 45.30 -16.28
CA VAL R 121 -22.21 45.47 -17.31
C VAL R 121 -21.20 44.33 -17.27
N VAL R 122 -20.69 44.01 -16.08
CA VAL R 122 -19.71 42.96 -15.92
C VAL R 122 -20.31 41.60 -16.28
N GLY R 123 -21.55 41.35 -15.83
CA GLY R 123 -22.21 40.10 -16.17
C GLY R 123 -22.43 39.94 -17.67
N CYS R 124 -22.82 41.02 -18.33
CA CYS R 124 -23.08 40.93 -19.78
C CYS R 124 -21.79 40.77 -20.56
N MET R 125 -20.71 41.44 -20.16
CA MET R 125 -19.46 41.25 -20.91
C MET R 125 -18.85 39.87 -20.65
N SER R 126 -19.04 39.33 -19.45
CA SER R 126 -18.60 37.96 -19.21
C SER R 126 -19.45 36.97 -20.00
N ALA R 127 -20.75 37.24 -20.14
CA ALA R 127 -21.60 36.40 -20.98
C ALA R 127 -21.17 36.47 -22.44
N ALA R 128 -20.79 37.67 -22.90
CA ALA R 128 -20.30 37.81 -24.27
C ALA R 128 -18.97 37.07 -24.47
N GLY R 129 -18.10 37.11 -23.47
CA GLY R 129 -16.86 36.33 -23.55
C GLY R 129 -17.12 34.84 -23.60
N LEU R 130 -18.08 34.37 -22.79
CA LEU R 130 -18.46 32.96 -22.84
C LEU R 130 -19.06 32.60 -24.20
N VAL R 131 -19.83 33.52 -24.78
CA VAL R 131 -20.39 33.32 -26.11
C VAL R 131 -19.27 33.19 -27.15
N LEU R 132 -18.24 34.03 -27.03
CA LEU R 132 -17.10 33.94 -27.94
C LEU R 132 -16.35 32.61 -27.76
N ILE R 133 -16.24 32.14 -26.52
CA ILE R 133 -15.59 30.85 -26.26
C ILE R 133 -16.38 29.72 -26.91
N LEU R 134 -17.71 29.76 -26.77
CA LEU R 134 -18.56 28.75 -27.42
C LEU R 134 -18.51 28.85 -28.94
N ALA R 135 -18.36 30.07 -29.48
CA ALA R 135 -18.21 30.23 -30.92
C ALA R 135 -16.90 29.64 -31.41
N LEU R 136 -15.82 29.83 -30.65
CA LEU R 136 -14.55 29.19 -30.98
C LEU R 136 -14.67 27.66 -30.93
N CYS R 137 -15.39 27.15 -29.93
CA CYS R 137 -15.65 25.72 -29.85
C CYS R 137 -16.44 25.23 -31.06
N LEU R 138 -17.44 26.00 -31.49
CA LEU R 138 -18.25 25.63 -32.65
C LEU R 138 -17.41 25.62 -33.93
N SER R 139 -16.54 26.61 -34.10
CA SER R 139 -15.67 26.65 -35.27
C SER R 139 -14.68 25.49 -35.26
N LEU R 140 -14.12 25.16 -34.10
CA LEU R 140 -13.21 24.03 -34.00
C LEU R 140 -13.92 22.72 -34.29
N TYR R 141 -15.16 22.56 -33.80
CA TYR R 141 -15.92 21.35 -34.10
C TYR R 141 -16.26 21.27 -35.59
N GLY R 142 -16.55 22.41 -36.22
CA GLY R 142 -16.81 22.40 -37.65
C GLY R 142 -15.59 22.04 -38.46
N ASN R 143 -14.41 22.51 -38.04
CA ASN R 143 -13.17 22.12 -38.71
C ASN R 143 -12.87 20.65 -38.47
N ALA R 144 -13.24 20.13 -37.30
CA ALA R 144 -12.87 18.77 -36.93
C ALA R 144 -13.79 17.73 -37.57
N ALA R 145 -15.09 17.79 -37.27
CA ALA R 145 -16.02 16.73 -37.62
C ALA R 145 -16.39 16.73 -39.09
N PHE R 146 -16.04 17.76 -39.86
CA PHE R 146 -16.46 17.87 -41.25
C PHE R 146 -15.28 18.03 -42.19
N GLN R 147 -14.13 17.46 -41.82
CA GLN R 147 -13.01 17.37 -42.75
C GLN R 147 -13.20 16.25 -43.76
N ASN R 148 -14.12 15.33 -43.50
CA ASN R 148 -14.50 14.27 -44.42
C ASN R 148 -15.89 14.55 -44.97
N GLN R 149 -16.41 13.61 -45.74
CA GLN R 149 -17.70 13.76 -46.39
C GLN R 149 -18.66 12.66 -45.95
N PRO R 150 -19.87 13.00 -45.50
CA PRO R 150 -20.85 11.96 -45.19
C PRO R 150 -21.31 11.24 -46.44
N SER R 151 -21.74 9.98 -46.26
CA SER R 151 -22.14 9.14 -47.38
C SER R 151 -23.60 8.71 -47.35
N MET R 152 -24.34 8.99 -46.28
CA MET R 152 -25.72 8.56 -46.16
C MET R 152 -26.56 9.69 -45.58
N GLY R 153 -27.87 9.64 -45.89
CA GLY R 153 -28.82 10.60 -45.37
C GLY R 153 -29.33 10.21 -44.00
N LYS R 154 -30.31 10.98 -43.53
CA LYS R 154 -30.88 10.76 -42.21
C LYS R 154 -32.00 9.73 -42.20
N LYS R 155 -32.65 9.49 -43.34
CA LYS R 155 -33.71 8.48 -43.51
C LYS R 155 -34.87 8.75 -42.54
N THR R 156 -35.55 9.87 -42.80
CA THR R 156 -36.68 10.28 -41.99
C THR R 156 -37.85 9.30 -42.14
N LEU R 157 -38.90 9.55 -41.34
CA LEU R 157 -40.04 8.66 -41.30
C LEU R 157 -40.80 8.68 -42.62
N SER R 158 -41.30 7.49 -43.03
CA SER R 158 -42.04 7.30 -44.27
C SER R 158 -41.24 7.73 -45.50
N GLY R 159 -39.93 7.49 -45.46
CA GLY R 159 -39.09 7.82 -46.59
C GLY R 159 -38.89 9.32 -46.73
N ARG R 160 -39.08 9.82 -47.96
CA ARG R 160 -38.88 11.18 -48.47
C ARG R 160 -37.70 11.91 -47.81
N PRO R 161 -36.47 11.46 -48.01
CA PRO R 161 -35.33 12.15 -47.39
C PRO R 161 -34.73 13.24 -48.27
N LEU R 162 -34.27 14.30 -47.62
CA LEU R 162 -33.55 15.35 -48.33
C LEU R 162 -32.16 14.81 -48.73
N PRO R 163 -31.58 15.36 -49.81
CA PRO R 163 -30.27 14.86 -50.27
C PRO R 163 -29.16 15.01 -49.24
N GLN R 164 -28.95 16.21 -48.71
CA GLN R 164 -27.91 16.43 -47.72
C GLN R 164 -28.29 17.63 -46.86
N ASP R 165 -28.14 17.48 -45.54
CA ASP R 165 -28.36 18.58 -44.62
C ASP R 165 -27.21 19.58 -44.77
N PRO R 166 -27.47 20.85 -45.09
CA PRO R 166 -26.38 21.83 -45.17
C PRO R 166 -25.70 22.10 -43.84
N LEU R 167 -26.34 21.76 -42.72
CA LEU R 167 -25.69 21.90 -41.42
C LEU R 167 -24.50 20.96 -41.29
N MET R 168 -24.61 19.76 -41.84
CA MET R 168 -23.61 18.71 -41.67
C MET R 168 -22.43 18.83 -42.63
N SER R 169 -22.20 20.00 -43.21
CA SER R 169 -21.05 20.26 -44.06
C SER R 169 -20.06 21.15 -43.32
N GLU R 170 -18.90 21.38 -43.94
CA GLU R 170 -17.86 22.20 -43.32
C GLU R 170 -18.22 23.68 -43.37
N GLU R 171 -18.45 24.21 -44.57
CA GLU R 171 -18.82 25.61 -44.69
C GLU R 171 -20.22 25.87 -44.14
N GLY R 172 -21.09 24.87 -44.15
CA GLY R 172 -22.38 25.01 -43.51
C GLY R 172 -22.29 25.17 -42.02
N TRP R 173 -21.43 24.36 -41.38
CA TRP R 173 -21.21 24.52 -39.95
C TRP R 173 -20.44 25.79 -39.62
N ALA R 174 -19.58 26.25 -40.53
CA ALA R 174 -18.93 27.54 -40.33
C ALA R 174 -19.95 28.68 -40.36
N LYS R 175 -20.90 28.62 -41.31
CA LYS R 175 -21.98 29.61 -41.33
C LYS R 175 -22.86 29.49 -40.09
N PHE R 176 -23.06 28.26 -39.61
CA PHE R 176 -23.83 28.05 -38.38
C PHE R 176 -23.13 28.69 -37.18
N ALA R 177 -21.80 28.56 -37.11
CA ALA R 177 -21.05 29.17 -36.02
C ALA R 177 -21.07 30.70 -36.13
N ALA R 178 -21.03 31.22 -37.36
CA ALA R 178 -21.15 32.66 -37.57
C ALA R 178 -22.50 33.19 -37.11
N GLY R 179 -23.57 32.49 -37.48
CA GLY R 179 -24.89 32.85 -36.97
C GLY R 179 -24.97 32.74 -35.47
N PHE R 180 -24.33 31.72 -34.89
CA PHE R 180 -24.36 31.53 -33.45
C PHE R 180 -23.70 32.69 -32.72
N THR R 181 -22.53 33.14 -33.19
CA THR R 181 -21.86 34.22 -32.48
C THR R 181 -22.56 35.56 -32.71
N VAL R 182 -23.12 35.78 -33.91
CA VAL R 182 -23.88 37.01 -34.16
C VAL R 182 -25.10 37.05 -33.23
N GLY R 183 -25.82 35.93 -33.15
CA GLY R 183 -26.92 35.83 -32.21
C GLY R 183 -26.48 35.98 -30.77
N GLY R 184 -25.28 35.49 -30.44
CA GLY R 184 -24.81 35.56 -29.07
C GLY R 184 -24.54 36.98 -28.60
N LEU R 185 -23.75 37.74 -29.37
CA LEU R 185 -23.55 39.14 -28.98
C LEU R 185 -24.82 39.97 -29.09
N SER R 186 -25.69 39.70 -30.08
CA SER R 186 -26.91 40.50 -30.15
C SER R 186 -27.84 40.20 -28.98
N GLY R 187 -27.93 38.93 -28.57
CA GLY R 187 -28.73 38.59 -27.40
C GLY R 187 -28.15 39.13 -26.11
N VAL R 188 -26.82 39.14 -26.00
CA VAL R 188 -26.17 39.72 -24.83
C VAL R 188 -26.43 41.21 -24.75
N ALA R 189 -26.33 41.91 -25.89
CA ALA R 189 -26.60 43.34 -25.92
C ALA R 189 -28.05 43.64 -25.62
N TRP R 190 -28.97 42.80 -26.09
CA TRP R 190 -30.38 42.98 -25.75
C TRP R 190 -30.64 42.74 -24.28
N ALA R 191 -29.97 41.74 -23.69
CA ALA R 191 -30.13 41.48 -22.26
C ALA R 191 -29.53 42.59 -21.42
N TYR R 192 -28.52 43.30 -21.93
CA TYR R 192 -27.99 44.44 -21.22
C TYR R 192 -29.00 45.59 -21.18
N ILE R 193 -29.58 45.94 -22.33
CA ILE R 193 -30.47 47.09 -22.36
C ILE R 193 -31.82 46.76 -21.75
N LEU R 194 -32.15 45.46 -21.62
CA LEU R 194 -33.32 45.08 -20.85
C LEU R 194 -33.12 45.33 -19.36
N THR R 195 -31.88 45.45 -18.91
CA THR R 195 -31.58 45.95 -17.57
C THR R 195 -31.39 47.46 -17.53
N GLN R 196 -31.45 48.13 -18.68
CA GLN R 196 -31.34 49.58 -18.75
C GLN R 196 -32.69 50.27 -18.72
N ILE R 197 -33.69 49.76 -19.43
CA ILE R 197 -35.08 50.15 -19.24
C ILE R 197 -35.81 49.00 -18.55
N LEU R 198 -36.61 49.33 -17.56
CA LEU R 198 -37.13 48.31 -16.67
C LEU R 198 -38.34 48.79 -15.88
N PRO R 199 -39.43 48.02 -15.86
CA PRO R 199 -40.54 48.34 -14.95
C PRO R 199 -40.44 47.58 -13.63
N TYR R 200 -39.52 46.61 -13.56
CA TYR R 200 -39.42 45.77 -12.37
C TYR R 200 -38.03 45.14 -12.31
N TYR R 201 -37.45 45.12 -11.10
CA TYR R 201 -36.21 44.43 -10.77
C TYR R 201 -35.03 44.88 -11.63
N SER R 202 -34.76 44.15 -12.71
CA SER R 202 -33.67 44.48 -13.61
C SER R 202 -34.13 44.45 -15.06
#